data_6D7J
#
_entry.id   6D7J
#
_cell.length_a   92.920
_cell.length_b   171.968
_cell.length_c   125.322
_cell.angle_alpha   90.000
_cell.angle_beta   107.840
_cell.angle_gamma   90.000
#
_symmetry.space_group_name_H-M   'P 1 21 1'
#
loop_
_entity.id
_entity.type
_entity.pdbx_description
1 polymer Beta-Glucuronidase
2 non-polymer 'POTASSIUM ION'
3 non-polymer GLYCEROL
4 non-polymer PROLINE
5 non-polymer 'SODIUM ION'
6 water water
#
_entity_poly.entity_id   1
_entity_poly.type   'polypeptide(L)'
_entity_poly.pdbx_seq_one_letter_code
;HHHHHHSSGVDLGTENLYFQSNAKVPAMNKIRLTNNWEYLKGDLGGIWEAVRPAAPGSSEAVPIWQPVTLPHCFNAEDAV
DPDVNYYEGPGWYKTLLAIDNPYRNGRIVLDFDGAGQKTDVYVYTTHVGSHVGGYDSWNVDITDAVKAFLGSKDAERFKG
KVPLSIRCDNSRDLEMIPSDLADFNIYGGLYRYLNLVYLPEVSFEQIHLESSLSSNLKEGILKVKTSFYNPEDIRKADVT
VSVYDVDRKPVFSKTLEGILPLGDQLLAKMKIKNPVLWDVDVPQLYTCELTVKTPDQTFTTEERFGFRHTEFKDKGPFFL
NGKRLLLRGTHRHEDHAGVAQAMTEDMMRREMRMMKDMGVNFIRLGHYQQSEIILDLCDELGILVWEEIPWCRGGLGGDV
YKKQARRMLANMIVQHHNHPAVIIWGLGNENDWPNDFNTFDKSAIRAFMKELHDMAHRLDDTRMTAIRRCEFCNDIVDVY
SPSIWAGWYRGVFTDYKSISEQEMQKVKHFLHVEWGGDSHARRHSEDAFYNLKNIEAGKGGDERAGDASLYGGVPRASRD
GDWSESYVVRLIDWHLKEQETMPWLTGTAYWPFKDFSTPVRPDNPVPYVNQKGVVERDFTPKESYYVFQSYWTEKPMIHI
YGHTWPVRWGGKDDRKEILVYSNCDEVELFVNGVSQGVKRRNSQDYPAAGLRWNCVYQEGMNEIRAVGVKKKEKKEVSDV
IRQEYQTAKWDKEAACQVSLLSEEGDTALVQVQLIDKNGIRCLSSKKQITFEIAGDGSLICNLGTSTGSRKVQAYNGRAL
IRIKRNEGNSVVAVKSEGLPTAFLELKSPK
;
_entity_poly.pdbx_strand_id   A,B,C,D
#
# COMPACT_ATOMS: atom_id res chain seq x y z
N ASN A 22 -19.71 -11.81 -20.10
CA ASN A 22 -20.27 -12.05 -21.43
C ASN A 22 -21.40 -13.08 -21.41
N ALA A 23 -21.66 -13.66 -22.60
CA ALA A 23 -22.67 -14.71 -22.84
C ALA A 23 -24.09 -14.14 -22.93
N LYS A 24 -24.82 -14.47 -23.99
CA LYS A 24 -24.46 -15.45 -25.04
C LYS A 24 -23.86 -14.83 -26.34
N VAL A 25 -22.99 -13.83 -26.20
CA VAL A 25 -22.53 -12.99 -27.32
C VAL A 25 -21.53 -13.57 -28.35
N PRO A 26 -21.02 -14.87 -28.29
CA PRO A 26 -20.33 -15.44 -29.50
C PRO A 26 -21.00 -16.59 -30.27
N ALA A 27 -20.87 -17.86 -29.82
CA ALA A 27 -21.52 -19.07 -30.41
C ALA A 27 -20.63 -20.26 -30.80
N MET A 28 -20.08 -20.27 -32.03
CA MET A 28 -19.32 -21.44 -32.51
C MET A 28 -17.81 -21.29 -32.41
N ASN A 29 -17.26 -20.08 -32.38
CA ASN A 29 -15.84 -19.91 -32.11
C ASN A 29 -15.54 -20.06 -30.61
N LYS A 30 -16.55 -20.56 -29.88
CA LYS A 30 -16.52 -20.80 -28.44
C LYS A 30 -16.20 -22.27 -28.18
N ILE A 31 -15.05 -22.54 -27.58
CA ILE A 31 -14.58 -23.90 -27.30
C ILE A 31 -14.60 -24.13 -25.79
N ARG A 32 -15.35 -25.14 -25.34
CA ARG A 32 -15.29 -25.52 -23.93
C ARG A 32 -13.98 -26.26 -23.68
N LEU A 33 -13.18 -25.76 -22.74
CA LEU A 33 -11.91 -26.37 -22.36
C LEU A 33 -12.18 -27.40 -21.28
N THR A 34 -12.53 -28.60 -21.70
CA THR A 34 -12.91 -29.62 -20.74
C THR A 34 -11.79 -30.61 -20.44
N ASN A 35 -10.92 -30.89 -21.40
CA ASN A 35 -9.92 -31.94 -21.30
C ASN A 35 -8.51 -31.41 -21.06
N ASN A 36 -7.64 -32.30 -20.57
CA ASN A 36 -6.21 -32.04 -20.47
C ASN A 36 -5.90 -31.01 -19.39
N TRP A 37 -6.55 -31.11 -18.24
CA TRP A 37 -6.28 -30.27 -17.10
C TRP A 37 -5.65 -31.09 -15.98
N GLU A 38 -4.85 -30.42 -15.16
CA GLU A 38 -4.34 -30.98 -13.91
C GLU A 38 -4.76 -30.07 -12.77
N TYR A 39 -5.08 -30.68 -11.63
CA TYR A 39 -5.61 -29.99 -10.46
C TYR A 39 -4.72 -30.24 -9.26
N LEU A 40 -4.41 -29.18 -8.53
CA LEU A 40 -3.66 -29.27 -7.29
C LEU A 40 -4.50 -28.68 -6.18
N LYS A 41 -4.84 -29.50 -5.20
CA LYS A 41 -5.48 -29.03 -3.99
C LYS A 41 -4.40 -28.41 -3.08
N GLY A 42 -4.38 -27.09 -3.00
CA GLY A 42 -3.39 -26.35 -2.25
C GLY A 42 -2.86 -25.20 -3.07
N ASP A 43 -1.81 -24.56 -2.54
CA ASP A 43 -1.23 -23.36 -3.10
C ASP A 43 0.21 -23.62 -3.57
N LEU A 44 0.60 -22.94 -4.64
CA LEU A 44 1.98 -22.94 -5.11
C LEU A 44 2.80 -21.86 -4.40
N GLY A 45 4.12 -22.02 -4.40
CA GLY A 45 4.93 -20.99 -3.80
C GLY A 45 5.03 -19.72 -4.62
N GLY A 46 4.56 -19.74 -5.85
CA GLY A 46 4.69 -18.67 -6.81
C GLY A 46 4.44 -19.20 -8.20
N ILE A 47 4.14 -18.28 -9.13
CA ILE A 47 3.73 -18.72 -10.48
C ILE A 47 4.81 -19.54 -11.15
N TRP A 48 6.07 -19.31 -10.79
CA TRP A 48 7.18 -20.06 -11.40
C TRP A 48 7.04 -21.57 -11.19
N GLU A 49 6.50 -22.00 -10.05
CA GLU A 49 6.35 -23.44 -9.80
C GLU A 49 5.37 -24.10 -10.76
N ALA A 50 4.47 -23.32 -11.37
CA ALA A 50 3.51 -23.88 -12.31
C ALA A 50 4.11 -24.14 -13.68
N VAL A 51 5.20 -23.47 -14.03
CA VAL A 51 5.67 -23.46 -15.41
C VAL A 51 7.16 -23.75 -15.53
N ARG A 52 7.89 -23.95 -14.43
CA ARG A 52 9.33 -24.16 -14.48
C ARG A 52 9.68 -25.57 -15.00
N PRO A 53 10.88 -25.74 -15.56
CA PRO A 53 11.33 -27.07 -15.96
C PRO A 53 11.29 -28.04 -14.77
N ALA A 54 10.89 -29.27 -15.06
CA ALA A 54 10.78 -30.31 -14.05
C ALA A 54 11.13 -31.64 -14.69
N ALA A 55 12.09 -32.31 -14.17
CA ALA A 55 12.46 -33.64 -14.62
C ALA A 55 11.84 -34.70 -13.73
N PRO A 56 11.57 -35.88 -14.28
CA PRO A 56 11.00 -36.96 -13.46
C PRO A 56 11.91 -37.31 -12.29
N GLY A 57 11.30 -37.54 -11.13
CA GLY A 57 12.04 -37.84 -9.92
C GLY A 57 12.70 -36.66 -9.24
N SER A 58 12.55 -35.45 -9.78
CA SER A 58 13.21 -34.27 -9.23
C SER A 58 12.38 -33.66 -8.08
N SER A 59 12.96 -32.67 -7.41
CA SER A 59 12.19 -31.97 -6.39
C SER A 59 11.02 -31.21 -7.01
N GLU A 60 11.15 -30.81 -8.28
CA GLU A 60 10.07 -30.12 -8.97
C GLU A 60 8.91 -31.04 -9.31
N ALA A 61 9.13 -32.35 -9.29
CA ALA A 61 8.09 -33.30 -9.64
C ALA A 61 7.09 -33.49 -8.51
N VAL A 62 7.29 -32.88 -7.35
CA VAL A 62 6.25 -32.86 -6.32
C VAL A 62 5.97 -31.38 -6.03
N PRO A 63 4.78 -31.05 -5.53
CA PRO A 63 3.66 -31.94 -5.22
C PRO A 63 3.08 -32.59 -6.47
N ILE A 64 2.33 -33.68 -6.30
CA ILE A 64 1.76 -34.43 -7.40
C ILE A 64 0.36 -33.90 -7.68
N TRP A 65 0.11 -33.58 -8.95
CA TRP A 65 -1.19 -33.06 -9.38
C TRP A 65 -2.10 -34.20 -9.83
N GLN A 66 -3.38 -33.89 -9.93
CA GLN A 66 -4.33 -34.89 -10.36
C GLN A 66 -4.91 -34.51 -11.72
N PRO A 67 -4.92 -35.44 -12.68
CA PRO A 67 -5.63 -35.17 -13.93
C PRO A 67 -7.13 -35.07 -13.70
N VAL A 68 -7.76 -34.07 -14.31
CA VAL A 68 -9.18 -33.83 -14.13
C VAL A 68 -9.80 -33.37 -15.43
N THR A 69 -11.12 -33.49 -15.50
CA THR A 69 -11.92 -32.90 -16.56
C THR A 69 -12.72 -31.73 -15.98
N LEU A 70 -12.91 -30.68 -16.78
CA LEU A 70 -13.79 -29.59 -16.33
C LEU A 70 -15.17 -29.77 -16.92
N PRO A 71 -16.21 -29.25 -16.26
CA PRO A 71 -16.02 -28.48 -15.01
C PRO A 71 -15.63 -29.32 -13.80
N HIS A 72 -14.98 -28.68 -12.84
CA HIS A 72 -14.44 -29.39 -11.68
C HIS A 72 -14.68 -28.56 -10.42
N CYS A 73 -14.99 -29.24 -9.32
CA CYS A 73 -15.21 -28.58 -8.04
C CYS A 73 -14.33 -29.22 -6.96
N PHE A 74 -13.65 -28.37 -6.17
CA PHE A 74 -12.82 -28.86 -5.06
C PHE A 74 -13.56 -29.85 -4.19
N ASN A 75 -14.89 -29.71 -4.08
CA ASN A 75 -15.65 -30.32 -3.02
C ASN A 75 -16.55 -31.45 -3.53
N ALA A 76 -16.23 -31.99 -4.72
CA ALA A 76 -17.08 -33.02 -5.31
C ALA A 76 -17.34 -34.16 -4.35
N GLU A 77 -16.37 -34.50 -3.51
CA GLU A 77 -16.48 -35.58 -2.54
C GLU A 77 -16.55 -35.12 -1.10
N ASP A 78 -15.71 -34.14 -0.70
CA ASP A 78 -15.56 -33.83 0.71
C ASP A 78 -16.71 -33.00 1.27
N ALA A 79 -17.56 -32.42 0.42
CA ALA A 79 -18.74 -31.73 0.93
C ALA A 79 -19.62 -32.66 1.75
N VAL A 80 -19.84 -33.88 1.27
CA VAL A 80 -20.71 -34.83 1.98
C VAL A 80 -19.92 -35.94 2.67
N ASP A 81 -18.61 -36.02 2.48
CA ASP A 81 -17.81 -36.89 3.31
C ASP A 81 -18.13 -36.66 4.79
N PRO A 82 -18.57 -37.68 5.53
CA PRO A 82 -19.07 -37.45 6.90
C PRO A 82 -18.00 -37.12 7.94
N ASP A 83 -16.71 -37.28 7.66
CA ASP A 83 -15.69 -37.15 8.69
C ASP A 83 -14.76 -35.94 8.51
N VAL A 84 -15.01 -35.05 7.55
CA VAL A 84 -14.12 -33.92 7.32
C VAL A 84 -14.93 -32.65 7.09
N ASN A 85 -14.35 -31.52 7.51
CA ASN A 85 -14.84 -30.21 7.07
C ASN A 85 -14.53 -30.04 5.59
N TYR A 86 -15.50 -29.57 4.81
CA TYR A 86 -15.24 -29.40 3.39
C TYR A 86 -14.17 -28.34 3.18
N TYR A 87 -13.39 -28.54 2.12
CA TYR A 87 -12.20 -27.75 1.86
C TYR A 87 -12.58 -26.32 1.44
N GLU A 88 -12.06 -25.34 2.17
CA GLU A 88 -12.15 -23.92 1.83
C GLU A 88 -10.73 -23.38 1.82
N GLY A 89 -10.20 -23.12 0.63
CA GLY A 89 -8.82 -22.74 0.51
C GLY A 89 -8.44 -22.65 -0.95
N PRO A 90 -7.14 -22.52 -1.23
CA PRO A 90 -6.69 -22.36 -2.62
C PRO A 90 -6.56 -23.69 -3.36
N GLY A 91 -6.62 -23.59 -4.69
CA GLY A 91 -6.34 -24.71 -5.56
C GLY A 91 -5.92 -24.20 -6.91
N TRP A 92 -5.16 -25.00 -7.66
CA TRP A 92 -4.61 -24.57 -8.94
C TRP A 92 -5.02 -25.54 -10.05
N TYR A 93 -5.17 -24.99 -11.27
CA TYR A 93 -5.38 -25.75 -12.49
C TYR A 93 -4.35 -25.34 -13.52
N LYS A 94 -3.95 -26.28 -14.38
CA LYS A 94 -3.03 -25.92 -15.44
C LYS A 94 -3.28 -26.76 -16.68
N THR A 95 -3.02 -26.17 -17.84
CA THR A 95 -3.16 -26.85 -19.11
C THR A 95 -2.24 -26.17 -20.11
N LEU A 96 -2.10 -26.77 -21.27
CA LEU A 96 -1.35 -26.18 -22.37
C LEU A 96 -2.33 -25.88 -23.51
N LEU A 97 -2.45 -24.60 -23.87
CA LEU A 97 -3.38 -24.19 -24.90
C LEU A 97 -2.72 -24.31 -26.26
N ALA A 98 -3.40 -25.00 -27.17
CA ALA A 98 -2.99 -25.01 -28.58
C ALA A 98 -3.78 -23.91 -29.28
N ILE A 99 -3.14 -22.75 -29.48
CA ILE A 99 -3.82 -21.58 -30.00
C ILE A 99 -3.62 -21.49 -31.51
N ASP A 100 -4.72 -21.30 -32.22
CA ASP A 100 -4.71 -21.11 -33.67
C ASP A 100 -5.98 -20.32 -34.01
N ASN A 101 -5.84 -19.00 -34.02
CA ASN A 101 -6.99 -18.12 -34.18
C ASN A 101 -7.45 -18.14 -35.63
N PRO A 102 -8.72 -18.46 -35.91
CA PRO A 102 -9.21 -18.42 -37.29
C PRO A 102 -9.39 -17.02 -37.84
N TYR A 103 -9.46 -16.00 -36.99
CA TYR A 103 -9.71 -14.65 -37.48
C TYR A 103 -8.41 -13.92 -37.72
N ARG A 104 -8.41 -13.10 -38.75
CA ARG A 104 -7.25 -12.25 -39.06
C ARG A 104 -7.11 -11.18 -37.98
N ASN A 105 -5.93 -11.11 -37.35
CA ASN A 105 -5.69 -10.12 -36.31
C ASN A 105 -6.74 -10.20 -35.20
N GLY A 106 -7.18 -11.42 -34.89
CA GLY A 106 -8.24 -11.60 -33.93
C GLY A 106 -7.75 -11.61 -32.48
N ARG A 107 -8.73 -11.74 -31.59
CA ARG A 107 -8.57 -11.76 -30.14
C ARG A 107 -8.68 -13.17 -29.61
N ILE A 108 -8.02 -13.41 -28.47
CA ILE A 108 -8.15 -14.64 -27.70
C ILE A 108 -8.72 -14.24 -26.34
N VAL A 109 -9.88 -14.82 -25.99
CA VAL A 109 -10.59 -14.49 -24.75
C VAL A 109 -10.85 -15.76 -23.96
N LEU A 110 -10.57 -15.71 -22.66
CA LEU A 110 -10.96 -16.75 -21.72
C LEU A 110 -12.26 -16.31 -21.06
N ASP A 111 -13.31 -17.13 -21.22
CA ASP A 111 -14.65 -16.75 -20.82
C ASP A 111 -15.16 -17.69 -19.74
N PHE A 112 -15.35 -17.14 -18.53
CA PHE A 112 -15.72 -17.93 -17.36
C PHE A 112 -17.22 -17.89 -17.13
N ASP A 113 -17.90 -19.03 -17.32
CA ASP A 113 -19.29 -19.14 -16.88
C ASP A 113 -19.40 -18.91 -15.38
N GLY A 114 -18.36 -19.26 -14.62
CA GLY A 114 -18.39 -19.12 -13.19
C GLY A 114 -17.31 -19.95 -12.49
N ALA A 115 -16.68 -19.37 -11.47
CA ALA A 115 -15.64 -20.06 -10.74
C ALA A 115 -15.64 -19.54 -9.32
N GLY A 116 -15.42 -20.42 -8.35
CA GLY A 116 -15.51 -20.07 -6.92
C GLY A 116 -14.15 -20.10 -6.26
N GLN A 117 -13.85 -19.09 -5.44
CA GLN A 117 -14.64 -17.85 -5.29
C GLN A 117 -13.83 -16.67 -5.78
N LYS A 118 -12.54 -16.68 -5.45
CA LYS A 118 -11.57 -15.71 -5.93
C LYS A 118 -10.64 -16.41 -6.93
N THR A 119 -10.46 -15.82 -8.11
CA THR A 119 -9.72 -16.48 -9.18
C THR A 119 -8.64 -15.57 -9.73
N ASP A 120 -7.45 -16.16 -9.95
CA ASP A 120 -6.36 -15.47 -10.63
C ASP A 120 -5.90 -16.30 -11.81
N VAL A 121 -5.59 -15.62 -12.91
CA VAL A 121 -5.34 -16.27 -14.20
C VAL A 121 -3.96 -15.86 -14.67
N TYR A 122 -3.19 -16.84 -15.14
CA TYR A 122 -1.82 -16.61 -15.56
C TYR A 122 -1.58 -17.22 -16.93
N VAL A 123 -0.94 -16.44 -17.80
CA VAL A 123 -0.38 -16.91 -19.07
C VAL A 123 1.13 -16.93 -18.90
N TYR A 124 1.72 -18.11 -18.95
CA TYR A 124 3.10 -18.32 -18.48
C TYR A 124 3.22 -17.70 -17.10
N THR A 125 4.16 -16.76 -16.91
CA THR A 125 4.35 -16.12 -15.60
C THR A 125 3.63 -14.79 -15.47
N THR A 126 2.83 -14.41 -16.46
CA THR A 126 2.18 -13.09 -16.46
C THR A 126 0.78 -13.20 -15.87
N HIS A 127 0.53 -12.44 -14.81
CA HIS A 127 -0.82 -12.33 -14.28
C HIS A 127 -1.68 -11.51 -15.24
N VAL A 128 -2.76 -12.10 -15.75
CA VAL A 128 -3.55 -11.45 -16.79
C VAL A 128 -4.96 -11.07 -16.32
N GLY A 129 -5.41 -11.54 -15.17
CA GLY A 129 -6.74 -11.18 -14.71
C GLY A 129 -7.07 -11.83 -13.38
N SER A 130 -8.10 -11.28 -12.73
CA SER A 130 -8.56 -11.79 -11.45
C SER A 130 -10.05 -11.50 -11.31
N HIS A 131 -10.69 -12.16 -10.34
CA HIS A 131 -12.13 -12.01 -10.16
C HIS A 131 -12.49 -12.47 -8.75
N VAL A 132 -13.36 -11.71 -8.10
CA VAL A 132 -13.93 -12.09 -6.81
C VAL A 132 -15.45 -12.19 -6.99
N GLY A 133 -15.98 -13.39 -6.77
CA GLY A 133 -17.39 -13.63 -6.99
C GLY A 133 -17.58 -15.00 -7.61
N GLY A 134 -18.31 -15.88 -6.93
CA GLY A 134 -18.35 -17.23 -7.44
C GLY A 134 -19.45 -17.52 -8.42
N TYR A 135 -20.32 -16.56 -8.71
CA TYR A 135 -21.57 -16.90 -9.37
C TYR A 135 -21.87 -16.05 -10.59
N ASP A 136 -21.11 -14.99 -10.82
CA ASP A 136 -21.27 -14.18 -12.02
C ASP A 136 -20.27 -14.60 -13.07
N SER A 137 -20.57 -14.25 -14.31
CA SER A 137 -19.73 -14.51 -15.47
C SER A 137 -18.73 -13.38 -15.64
N TRP A 138 -17.59 -13.70 -16.25
CA TRP A 138 -16.52 -12.73 -16.45
C TRP A 138 -15.55 -13.32 -17.47
N ASN A 139 -14.66 -12.46 -18.00
CA ASN A 139 -13.72 -12.91 -19.02
C ASN A 139 -12.45 -12.07 -18.99
N VAL A 140 -11.42 -12.58 -19.67
CA VAL A 140 -10.11 -11.94 -19.77
C VAL A 140 -9.65 -12.08 -21.22
N ASP A 141 -9.28 -10.96 -21.84
CA ASP A 141 -8.66 -10.99 -23.16
C ASP A 141 -7.17 -11.24 -22.99
N ILE A 142 -6.67 -12.38 -23.47
CA ILE A 142 -5.27 -12.73 -23.24
C ILE A 142 -4.42 -12.59 -24.50
N THR A 143 -4.93 -11.87 -25.51
CA THR A 143 -4.22 -11.74 -26.79
C THR A 143 -2.78 -11.27 -26.61
N ASP A 144 -2.59 -10.15 -25.92
CA ASP A 144 -1.26 -9.56 -25.82
C ASP A 144 -0.31 -10.46 -25.02
N ALA A 145 -0.76 -11.01 -23.90
CA ALA A 145 0.09 -11.90 -23.12
C ALA A 145 0.46 -13.13 -23.93
N VAL A 146 -0.47 -13.65 -24.74
CA VAL A 146 -0.15 -14.82 -25.56
C VAL A 146 0.92 -14.44 -26.59
N LYS A 147 0.72 -13.31 -27.26
CA LYS A 147 1.70 -12.84 -28.25
C LYS A 147 3.06 -12.59 -27.61
N ALA A 148 3.08 -11.93 -26.45
CA ALA A 148 4.37 -11.68 -25.77
C ALA A 148 5.07 -12.98 -25.42
N PHE A 149 4.32 -13.97 -24.92
CA PHE A 149 4.95 -15.23 -24.57
C PHE A 149 5.50 -15.93 -25.79
N LEU A 150 4.68 -16.05 -26.84
CA LEU A 150 5.09 -16.76 -28.04
C LEU A 150 6.29 -16.11 -28.72
N GLY A 151 6.48 -14.82 -28.52
CA GLY A 151 7.63 -14.18 -29.11
C GLY A 151 8.90 -14.25 -28.29
N SER A 152 8.88 -14.94 -27.15
CA SER A 152 10.02 -15.00 -26.25
C SER A 152 10.76 -16.32 -26.42
N LYS A 153 12.00 -16.34 -25.92
CA LYS A 153 12.82 -17.55 -25.93
C LYS A 153 12.23 -18.64 -25.04
N ASP A 154 11.37 -18.27 -24.08
CA ASP A 154 10.81 -19.26 -23.17
C ASP A 154 9.74 -20.10 -23.85
N ALA A 155 9.25 -19.67 -25.02
CA ALA A 155 8.18 -20.40 -25.67
C ALA A 155 8.64 -21.74 -26.21
N GLU A 156 9.93 -21.87 -26.54
CA GLU A 156 10.39 -23.02 -27.32
C GLU A 156 10.13 -24.34 -26.60
N ARG A 157 10.42 -24.41 -25.30
CA ARG A 157 10.26 -25.69 -24.61
C ARG A 157 8.81 -26.09 -24.42
N PHE A 158 7.86 -25.24 -24.74
CA PHE A 158 6.45 -25.62 -24.69
C PHE A 158 5.92 -26.04 -26.05
N LYS A 159 6.77 -26.10 -27.07
CA LYS A 159 6.48 -26.77 -28.34
C LYS A 159 5.28 -26.16 -29.05
N GLY A 160 5.16 -24.83 -28.99
CA GLY A 160 4.11 -24.13 -29.69
C GLY A 160 2.82 -23.97 -28.92
N LYS A 161 2.71 -24.57 -27.73
CA LYS A 161 1.55 -24.37 -26.87
C LYS A 161 1.85 -23.27 -25.87
N VAL A 162 0.79 -22.80 -25.22
CA VAL A 162 0.87 -21.69 -24.25
C VAL A 162 0.43 -22.23 -22.89
N PRO A 163 1.27 -22.15 -21.85
CA PRO A 163 0.85 -22.66 -20.52
C PRO A 163 -0.18 -21.74 -19.88
N LEU A 164 -1.31 -22.32 -19.50
CA LEU A 164 -2.37 -21.60 -18.81
C LEU A 164 -2.48 -22.14 -17.38
N SER A 165 -2.33 -21.25 -16.40
CA SER A 165 -2.41 -21.62 -14.99
C SER A 165 -3.44 -20.76 -14.30
N ILE A 166 -4.31 -21.36 -13.51
CA ILE A 166 -5.41 -20.64 -12.88
C ILE A 166 -5.48 -21.03 -11.41
N ARG A 167 -5.56 -20.03 -10.54
CA ARG A 167 -5.73 -20.24 -9.11
C ARG A 167 -7.16 -19.90 -8.74
N CYS A 168 -7.86 -20.84 -8.14
CA CYS A 168 -9.15 -20.57 -7.54
C CYS A 168 -9.01 -20.73 -6.02
N ASP A 169 -9.77 -19.93 -5.29
CA ASP A 169 -9.68 -19.93 -3.84
C ASP A 169 -11.07 -19.74 -3.25
N ASN A 170 -11.49 -20.65 -2.39
CA ASN A 170 -12.73 -20.47 -1.64
C ASN A 170 -12.45 -20.41 -0.14
N SER A 171 -11.30 -19.81 0.25
CA SER A 171 -11.05 -19.58 1.66
C SER A 171 -12.24 -18.84 2.29
N ARG A 172 -12.55 -19.19 3.52
CA ARG A 172 -13.52 -18.42 4.28
C ARG A 172 -13.09 -16.97 4.32
N ASP A 173 -14.04 -16.06 4.22
CA ASP A 173 -13.72 -14.64 4.17
C ASP A 173 -14.93 -13.85 4.63
N LEU A 174 -14.86 -13.31 5.85
CA LEU A 174 -16.00 -12.57 6.39
C LEU A 174 -16.30 -11.31 5.59
N GLU A 175 -15.35 -10.79 4.84
CA GLU A 175 -15.55 -9.59 4.05
C GLU A 175 -15.98 -9.91 2.63
N MET A 176 -16.40 -11.15 2.37
CA MET A 176 -16.84 -11.60 1.07
C MET A 176 -18.22 -12.25 1.18
N ILE A 177 -19.12 -11.94 0.26
CA ILE A 177 -20.40 -12.64 0.23
C ILE A 177 -20.27 -13.83 -0.70
N PRO A 178 -20.94 -14.96 -0.42
CA PRO A 178 -21.84 -15.14 0.72
C PRO A 178 -21.14 -15.43 2.05
N SER A 179 -21.94 -15.47 3.10
CA SER A 179 -21.47 -15.75 4.45
C SER A 179 -21.36 -17.26 4.70
N ASP A 180 -20.34 -17.65 5.48
CA ASP A 180 -20.22 -19.05 5.89
C ASP A 180 -21.29 -19.43 6.91
N LEU A 181 -22.09 -18.47 7.37
CA LEU A 181 -23.28 -18.86 8.14
C LEU A 181 -24.36 -19.48 7.25
N ALA A 182 -24.20 -19.35 5.92
CA ALA A 182 -25.22 -19.83 5.00
C ALA A 182 -25.39 -21.34 5.07
N ASP A 183 -26.60 -21.79 4.74
CA ASP A 183 -26.97 -23.20 4.71
C ASP A 183 -26.67 -23.82 3.35
N PHE A 184 -25.47 -23.54 2.83
CA PHE A 184 -25.01 -24.20 1.63
C PHE A 184 -23.50 -24.04 1.56
N ASN A 185 -22.87 -24.90 0.75
CA ASN A 185 -21.42 -24.86 0.60
C ASN A 185 -21.01 -23.71 -0.28
N ILE A 186 -20.01 -22.95 0.17
CA ILE A 186 -19.36 -21.94 -0.67
C ILE A 186 -18.25 -22.69 -1.42
N TYR A 187 -18.61 -23.21 -2.59
CA TYR A 187 -17.74 -24.15 -3.30
C TYR A 187 -16.56 -23.45 -3.95
N GLY A 188 -15.52 -24.23 -4.27
CA GLY A 188 -14.34 -23.71 -4.95
C GLY A 188 -14.04 -24.45 -6.25
N GLY A 189 -13.39 -23.75 -7.19
CA GLY A 189 -12.90 -24.40 -8.39
C GLY A 189 -13.59 -23.88 -9.64
N LEU A 190 -13.16 -24.44 -10.78
CA LEU A 190 -13.70 -24.12 -12.10
C LEU A 190 -14.96 -24.94 -12.36
N TYR A 191 -15.98 -24.66 -11.57
CA TYR A 191 -17.14 -25.54 -11.51
C TYR A 191 -18.22 -25.19 -12.51
N ARG A 192 -18.01 -24.18 -13.36
CA ARG A 192 -18.80 -23.95 -14.56
C ARG A 192 -17.85 -23.91 -15.75
N TYR A 193 -18.41 -24.12 -16.95
CA TYR A 193 -17.60 -24.19 -18.17
C TYR A 193 -16.64 -23.01 -18.30
N LEU A 194 -15.42 -23.31 -18.73
CA LEU A 194 -14.42 -22.32 -19.09
C LEU A 194 -14.24 -22.42 -20.60
N ASN A 195 -14.47 -21.31 -21.29
CA ASN A 195 -14.51 -21.31 -22.75
C ASN A 195 -13.33 -20.54 -23.29
N LEU A 196 -12.71 -21.10 -24.31
CA LEU A 196 -11.79 -20.37 -25.16
C LEU A 196 -12.60 -19.73 -26.28
N VAL A 197 -12.53 -18.42 -26.40
CA VAL A 197 -13.33 -17.70 -27.39
C VAL A 197 -12.38 -16.97 -28.32
N TYR A 198 -12.42 -17.34 -29.59
CA TYR A 198 -11.73 -16.58 -30.62
C TYR A 198 -12.65 -15.47 -31.14
N LEU A 199 -12.09 -14.28 -31.35
CA LEU A 199 -12.90 -13.19 -31.85
C LEU A 199 -12.20 -12.48 -32.99
N PRO A 200 -12.96 -11.91 -33.95
CA PRO A 200 -12.36 -10.99 -34.91
C PRO A 200 -12.05 -9.66 -34.25
N GLU A 201 -11.55 -8.69 -35.02
CA GLU A 201 -11.21 -7.39 -34.46
C GLU A 201 -12.40 -6.74 -33.78
N VAL A 202 -13.58 -6.80 -34.41
CA VAL A 202 -14.74 -6.06 -33.93
C VAL A 202 -15.82 -7.06 -33.53
N SER A 203 -16.27 -6.98 -32.29
CA SER A 203 -17.32 -7.87 -31.81
C SER A 203 -18.17 -7.10 -30.81
N PHE A 204 -19.14 -7.78 -30.20
CA PHE A 204 -20.04 -7.16 -29.24
C PHE A 204 -19.60 -7.49 -27.81
N GLU A 205 -19.48 -6.46 -26.98
CA GLU A 205 -19.23 -6.71 -25.57
C GLU A 205 -20.52 -6.96 -24.81
N GLN A 206 -21.62 -6.37 -25.26
CA GLN A 206 -22.93 -6.54 -24.65
C GLN A 206 -24.00 -6.27 -25.68
N ILE A 207 -25.09 -7.06 -25.59
CA ILE A 207 -26.29 -6.90 -26.41
C ILE A 207 -27.47 -6.79 -25.45
N HIS A 208 -28.15 -5.65 -25.49
CA HIS A 208 -29.27 -5.37 -24.59
C HIS A 208 -30.54 -5.32 -25.44
N LEU A 209 -31.46 -6.26 -25.21
CA LEU A 209 -32.73 -6.33 -25.94
C LEU A 209 -33.86 -5.92 -25.01
N GLU A 210 -34.27 -4.66 -25.11
CA GLU A 210 -35.28 -4.10 -24.21
C GLU A 210 -36.63 -4.12 -24.92
N SER A 211 -37.57 -4.89 -24.39
CA SER A 211 -38.87 -5.02 -25.01
C SER A 211 -39.95 -4.62 -24.02
N SER A 212 -41.01 -4.01 -24.54
CA SER A 212 -42.18 -3.64 -23.76
C SER A 212 -43.43 -3.87 -24.60
N LEU A 213 -44.58 -3.88 -23.94
CA LEU A 213 -45.88 -4.17 -24.52
C LEU A 213 -46.89 -3.07 -24.20
N SER A 214 -47.67 -2.69 -25.21
CA SER A 214 -48.78 -1.78 -24.99
C SER A 214 -49.77 -2.40 -23.99
N SER A 215 -50.65 -1.56 -23.44
CA SER A 215 -51.59 -2.03 -22.41
C SER A 215 -52.48 -3.16 -22.93
N ASN A 216 -52.87 -3.12 -24.21
CA ASN A 216 -53.72 -4.18 -24.73
C ASN A 216 -52.94 -5.36 -25.31
N LEU A 217 -51.62 -5.37 -25.17
CA LEU A 217 -50.75 -6.48 -25.58
C LEU A 217 -50.67 -6.70 -27.09
N LYS A 218 -51.23 -5.79 -27.89
CA LYS A 218 -51.26 -5.97 -29.34
C LYS A 218 -50.06 -5.37 -30.06
N GLU A 219 -49.25 -4.55 -29.38
CA GLU A 219 -48.07 -3.94 -29.96
C GLU A 219 -46.86 -4.12 -29.05
N GLY A 220 -45.76 -4.61 -29.61
CA GLY A 220 -44.50 -4.73 -28.88
C GLY A 220 -43.45 -3.77 -29.39
N ILE A 221 -42.67 -3.19 -28.47
CA ILE A 221 -41.54 -2.33 -28.81
C ILE A 221 -40.26 -3.06 -28.43
N LEU A 222 -39.31 -3.10 -29.35
CA LEU A 222 -38.00 -3.68 -29.11
C LEU A 222 -36.93 -2.65 -29.43
N LYS A 223 -36.06 -2.39 -28.44
CA LYS A 223 -34.86 -1.58 -28.61
C LYS A 223 -33.63 -2.47 -28.55
N VAL A 224 -32.75 -2.35 -29.56
CA VAL A 224 -31.53 -3.14 -29.66
C VAL A 224 -30.34 -2.22 -29.36
N LYS A 225 -29.76 -2.38 -28.17
CA LYS A 225 -28.59 -1.62 -27.72
C LYS A 225 -27.38 -2.52 -27.62
N THR A 226 -26.22 -2.02 -28.03
CA THR A 226 -25.02 -2.82 -28.00
C THR A 226 -23.84 -2.01 -27.51
N SER A 227 -22.85 -2.72 -26.97
CA SER A 227 -21.53 -2.19 -26.66
C SER A 227 -20.54 -2.93 -27.53
N PHE A 228 -19.65 -2.19 -28.19
CA PHE A 228 -18.69 -2.83 -29.07
C PHE A 228 -17.40 -3.13 -28.33
N TYR A 229 -16.78 -4.24 -28.70
CA TYR A 229 -15.42 -4.53 -28.28
C TYR A 229 -14.55 -4.27 -29.50
N ASN A 230 -13.68 -3.28 -29.39
CA ASN A 230 -12.98 -2.82 -30.58
C ASN A 230 -11.58 -2.36 -30.19
N PRO A 231 -10.73 -3.28 -29.71
CA PRO A 231 -9.40 -2.87 -29.21
C PRO A 231 -8.47 -2.36 -30.30
N GLU A 232 -8.71 -2.65 -31.57
CA GLU A 232 -7.89 -2.09 -32.64
C GLU A 232 -8.41 -0.77 -33.15
N ASP A 233 -9.47 -0.23 -32.56
CA ASP A 233 -9.96 1.10 -32.93
C ASP A 233 -10.30 1.17 -34.42
N ILE A 234 -11.00 0.15 -34.91
CA ILE A 234 -11.53 0.21 -36.27
C ILE A 234 -12.59 1.31 -36.31
N ARG A 235 -12.54 2.15 -37.36
CA ARG A 235 -13.35 3.36 -37.42
C ARG A 235 -14.78 3.15 -37.92
N LYS A 236 -15.01 2.19 -38.81
CA LYS A 236 -16.32 2.06 -39.40
C LYS A 236 -16.63 0.60 -39.65
N ALA A 237 -17.92 0.26 -39.54
CA ALA A 237 -18.35 -1.09 -39.87
C ALA A 237 -19.78 -1.05 -40.36
N ASP A 238 -20.20 -2.13 -41.00
CA ASP A 238 -21.59 -2.30 -41.40
C ASP A 238 -22.21 -3.31 -40.44
N VAL A 239 -23.26 -2.90 -39.75
CA VAL A 239 -23.91 -3.70 -38.73
C VAL A 239 -25.33 -3.97 -39.21
N THR A 240 -25.71 -5.25 -39.26
CA THR A 240 -27.06 -5.65 -39.64
C THR A 240 -27.79 -6.16 -38.42
N VAL A 241 -29.00 -5.65 -38.21
CA VAL A 241 -29.92 -6.15 -37.20
C VAL A 241 -31.06 -6.85 -37.91
N SER A 242 -31.32 -8.10 -37.53
CA SER A 242 -32.46 -8.87 -38.02
C SER A 242 -33.18 -9.49 -36.83
N VAL A 243 -34.51 -9.47 -36.88
CA VAL A 243 -35.34 -10.08 -35.86
C VAL A 243 -36.20 -11.13 -36.54
N TYR A 244 -36.20 -12.34 -35.99
CA TYR A 244 -36.98 -13.46 -36.51
C TYR A 244 -38.05 -13.84 -35.49
N ASP A 245 -39.21 -14.26 -35.99
CA ASP A 245 -40.29 -14.57 -35.09
C ASP A 245 -40.17 -16.02 -34.60
N VAL A 246 -41.15 -16.44 -33.82
CA VAL A 246 -41.10 -17.75 -33.18
C VAL A 246 -41.03 -18.88 -34.19
N ASP A 247 -41.43 -18.63 -35.45
CA ASP A 247 -41.32 -19.60 -36.53
C ASP A 247 -40.07 -19.37 -37.39
N ARG A 248 -39.12 -18.58 -36.90
CA ARG A 248 -37.88 -18.24 -37.60
C ARG A 248 -38.12 -17.43 -38.88
N LYS A 249 -39.23 -16.71 -38.95
CA LYS A 249 -39.49 -15.84 -40.08
C LYS A 249 -39.04 -14.41 -39.79
N PRO A 250 -38.43 -13.73 -40.75
CA PRO A 250 -37.99 -12.33 -40.54
C PRO A 250 -39.17 -11.39 -40.36
N VAL A 251 -39.08 -10.53 -39.35
CA VAL A 251 -40.05 -9.45 -39.15
C VAL A 251 -39.41 -8.07 -39.21
N PHE A 252 -38.08 -7.99 -39.31
CA PHE A 252 -37.34 -6.74 -39.36
C PHE A 252 -35.93 -7.06 -39.80
N SER A 253 -35.39 -6.27 -40.71
CA SER A 253 -34.00 -6.43 -41.14
C SER A 253 -33.49 -5.07 -41.59
N LYS A 254 -32.31 -4.69 -41.11
CA LYS A 254 -31.82 -3.34 -41.35
C LYS A 254 -30.29 -3.34 -41.23
N THR A 255 -29.63 -2.70 -42.18
CA THR A 255 -28.19 -2.55 -42.15
C THR A 255 -27.83 -1.09 -41.93
N LEU A 256 -26.96 -0.82 -40.95
CA LEU A 256 -26.41 0.51 -40.71
C LEU A 256 -25.03 0.53 -41.32
N GLU A 257 -24.86 1.32 -42.38
CA GLU A 257 -23.59 1.36 -43.10
C GLU A 257 -22.69 2.44 -42.50
N GLY A 258 -21.42 2.09 -42.31
CA GLY A 258 -20.45 3.06 -41.83
C GLY A 258 -20.68 3.55 -40.42
N ILE A 259 -21.28 2.71 -39.57
CA ILE A 259 -21.45 3.11 -38.19
C ILE A 259 -20.12 3.02 -37.43
N LEU A 260 -20.01 3.79 -36.35
CA LEU A 260 -18.84 3.77 -35.49
C LEU A 260 -18.94 2.61 -34.49
N PRO A 261 -18.16 1.53 -34.66
CA PRO A 261 -18.29 0.38 -33.75
C PRO A 261 -17.43 0.55 -32.50
N LEU A 262 -17.75 1.57 -31.70
CA LEU A 262 -16.97 1.92 -30.53
C LEU A 262 -17.92 2.27 -29.39
N GLY A 263 -17.73 1.67 -28.23
CA GLY A 263 -18.60 1.95 -27.10
C GLY A 263 -20.06 1.58 -27.41
N ASP A 264 -20.97 2.37 -26.84
CA ASP A 264 -22.39 2.08 -26.94
C ASP A 264 -22.97 2.59 -28.26
N GLN A 265 -23.88 1.81 -28.84
CA GLN A 265 -24.65 2.26 -30.00
C GLN A 265 -26.06 1.70 -29.87
N LEU A 266 -27.04 2.56 -30.07
CA LEU A 266 -28.41 2.11 -30.27
C LEU A 266 -28.55 1.68 -31.71
N LEU A 267 -28.86 0.41 -31.93
CA LEU A 267 -28.86 -0.12 -33.29
C LEU A 267 -30.23 -0.06 -33.94
N ALA A 268 -31.31 -0.18 -33.17
CA ALA A 268 -32.63 -0.27 -33.76
C ALA A 268 -33.69 -0.07 -32.70
N LYS A 269 -34.79 0.56 -33.10
CA LYS A 269 -36.02 0.65 -32.34
C LYS A 269 -37.15 0.33 -33.30
N MET A 270 -37.99 -0.64 -32.93
CA MET A 270 -38.98 -1.15 -33.86
C MET A 270 -40.26 -1.46 -33.11
N LYS A 271 -41.36 -1.48 -33.86
CA LYS A 271 -42.65 -1.90 -33.33
C LYS A 271 -43.03 -3.21 -34.00
N ILE A 272 -43.39 -4.18 -33.20
CA ILE A 272 -43.83 -5.48 -33.71
C ILE A 272 -45.30 -5.59 -33.34
N LYS A 273 -46.16 -5.58 -34.36
CA LYS A 273 -47.59 -5.64 -34.14
C LYS A 273 -48.02 -7.08 -33.98
N ASN A 274 -48.98 -7.31 -33.08
CA ASN A 274 -49.50 -8.64 -32.80
C ASN A 274 -48.37 -9.59 -32.42
N PRO A 275 -47.49 -9.22 -31.50
CA PRO A 275 -46.36 -10.12 -31.18
C PRO A 275 -46.86 -11.42 -30.55
N VAL A 276 -46.18 -12.51 -30.86
CA VAL A 276 -46.41 -13.75 -30.12
C VAL A 276 -45.83 -13.58 -28.72
N LEU A 277 -46.65 -13.86 -27.71
CA LEU A 277 -46.25 -13.58 -26.34
C LEU A 277 -45.58 -14.79 -25.72
N TRP A 278 -44.66 -14.52 -24.78
CA TRP A 278 -44.04 -15.57 -24.00
C TRP A 278 -44.93 -15.89 -22.80
N ASP A 279 -45.07 -17.18 -22.52
CA ASP A 279 -46.03 -17.70 -21.54
C ASP A 279 -45.43 -18.94 -20.87
N VAL A 280 -45.93 -19.27 -19.68
CA VAL A 280 -45.36 -20.42 -18.97
C VAL A 280 -45.82 -21.75 -19.57
N ASP A 281 -46.97 -21.79 -20.26
CA ASP A 281 -47.41 -23.00 -20.96
C ASP A 281 -46.90 -23.09 -22.38
N VAL A 282 -46.75 -21.95 -23.07
CA VAL A 282 -46.27 -21.91 -24.45
C VAL A 282 -45.13 -20.91 -24.53
N PRO A 283 -43.92 -21.25 -24.06
CA PRO A 283 -42.82 -20.27 -24.13
C PRO A 283 -42.43 -20.03 -25.57
N GLN A 284 -42.51 -18.79 -26.01
CA GLN A 284 -42.18 -18.44 -27.38
C GLN A 284 -41.22 -17.27 -27.38
N LEU A 285 -40.15 -17.41 -28.15
CA LEU A 285 -39.03 -16.49 -28.16
C LEU A 285 -38.81 -15.95 -29.55
N TYR A 286 -38.50 -14.66 -29.62
CA TYR A 286 -37.94 -14.04 -30.80
C TYR A 286 -36.43 -14.13 -30.76
N THR A 287 -35.82 -14.06 -31.94
CA THR A 287 -34.37 -14.10 -32.07
C THR A 287 -33.91 -12.84 -32.78
N CYS A 288 -32.99 -12.11 -32.16
CA CYS A 288 -32.31 -10.98 -32.78
C CYS A 288 -30.93 -11.44 -33.22
N GLU A 289 -30.62 -11.20 -34.49
CA GLU A 289 -29.36 -11.62 -35.10
C GLU A 289 -28.57 -10.39 -35.51
N LEU A 290 -27.33 -10.28 -35.05
CA LEU A 290 -26.50 -9.12 -35.31
C LEU A 290 -25.24 -9.53 -36.07
N THR A 291 -24.91 -8.77 -37.12
CA THR A 291 -23.72 -9.02 -37.93
C THR A 291 -22.88 -7.75 -38.00
N VAL A 292 -21.57 -7.89 -37.78
CA VAL A 292 -20.60 -6.78 -37.89
C VAL A 292 -19.67 -7.10 -39.04
N LYS A 293 -19.65 -6.24 -40.05
CA LYS A 293 -18.84 -6.47 -41.24
C LYS A 293 -17.83 -5.33 -41.40
N THR A 294 -16.61 -5.71 -41.73
CA THR A 294 -15.55 -4.85 -42.21
C THR A 294 -14.92 -5.55 -43.41
N PRO A 295 -13.92 -4.94 -44.06
CA PRO A 295 -13.26 -5.65 -45.16
C PRO A 295 -12.62 -6.97 -44.75
N ASP A 296 -12.29 -7.17 -43.47
CA ASP A 296 -11.59 -8.39 -43.07
C ASP A 296 -12.41 -9.27 -42.14
N GLN A 297 -13.71 -9.05 -42.02
CA GLN A 297 -14.44 -9.88 -41.08
C GLN A 297 -15.93 -9.83 -41.36
N THR A 298 -16.60 -10.94 -41.05
CA THR A 298 -18.04 -10.99 -40.97
C THR A 298 -18.34 -11.76 -39.70
N PHE A 299 -18.95 -11.12 -38.72
CA PHE A 299 -19.14 -11.73 -37.41
C PHE A 299 -20.61 -11.63 -37.06
N THR A 300 -21.23 -12.78 -36.76
CA THR A 300 -22.66 -12.89 -36.56
C THR A 300 -22.91 -13.62 -35.24
N THR A 301 -23.81 -13.08 -34.42
CA THR A 301 -24.20 -13.73 -33.18
C THR A 301 -25.71 -13.57 -33.01
N GLU A 302 -26.26 -14.29 -32.03
CA GLU A 302 -27.70 -14.29 -31.82
C GLU A 302 -28.00 -14.06 -30.34
N GLU A 303 -29.12 -13.41 -30.10
CA GLU A 303 -29.63 -13.18 -28.77
C GLU A 303 -31.15 -13.28 -28.84
N ARG A 304 -31.73 -13.93 -27.85
CA ARG A 304 -33.16 -14.21 -27.81
C ARG A 304 -33.85 -13.32 -26.79
N PHE A 305 -35.15 -13.13 -26.99
CA PHE A 305 -35.93 -12.37 -26.05
C PHE A 305 -37.38 -12.81 -26.23
N GLY A 306 -38.23 -12.39 -25.31
CA GLY A 306 -39.64 -12.69 -25.41
C GLY A 306 -40.47 -11.52 -24.94
N PHE A 307 -41.64 -11.37 -25.55
CA PHE A 307 -42.61 -10.35 -25.15
C PHE A 307 -43.52 -10.91 -24.06
N ARG A 308 -43.63 -10.21 -22.95
CA ARG A 308 -44.63 -10.62 -21.98
C ARG A 308 -44.85 -9.48 -21.02
N HIS A 309 -46.05 -9.45 -20.43
CA HIS A 309 -46.44 -8.39 -19.50
C HIS A 309 -46.65 -9.01 -18.13
N THR A 310 -46.10 -8.39 -17.10
CA THR A 310 -46.23 -8.89 -15.73
C THR A 310 -46.78 -7.79 -14.84
N GLU A 311 -47.54 -8.19 -13.82
CA GLU A 311 -48.11 -7.20 -12.92
C GLU A 311 -48.35 -7.84 -11.55
N PHE A 312 -47.85 -7.19 -10.50
CA PHE A 312 -48.16 -7.52 -9.13
C PHE A 312 -49.23 -6.54 -8.62
N LYS A 313 -50.39 -7.07 -8.19
CA LYS A 313 -51.46 -6.23 -7.67
C LYS A 313 -51.20 -5.85 -6.22
N ASP A 314 -51.47 -4.59 -5.87
CA ASP A 314 -51.34 -4.17 -4.48
C ASP A 314 -52.25 -5.00 -3.58
N LYS A 315 -51.66 -5.69 -2.62
CA LYS A 315 -52.41 -6.56 -1.70
C LYS A 315 -53.20 -7.59 -2.49
N GLY A 316 -52.68 -7.99 -3.65
CA GLY A 316 -53.35 -8.91 -4.53
C GLY A 316 -52.40 -9.86 -5.23
N PRO A 317 -52.92 -10.58 -6.23
CA PRO A 317 -52.14 -11.66 -6.86
C PRO A 317 -51.25 -11.19 -7.99
N PHE A 318 -50.72 -12.13 -8.76
CA PHE A 318 -49.76 -11.88 -9.83
C PHE A 318 -50.42 -12.18 -11.17
N PHE A 319 -50.13 -11.34 -12.17
CA PHE A 319 -50.75 -11.44 -13.49
C PHE A 319 -49.66 -11.59 -14.54
N LEU A 320 -49.81 -12.58 -15.42
CA LEU A 320 -48.93 -12.74 -16.56
C LEU A 320 -49.78 -12.54 -17.82
N ASN A 321 -49.42 -11.56 -18.64
CA ASN A 321 -50.15 -11.30 -19.88
C ASN A 321 -51.64 -11.05 -19.60
N GLY A 322 -51.93 -10.33 -18.53
CA GLY A 322 -53.28 -9.95 -18.23
C GLY A 322 -54.11 -10.99 -17.53
N LYS A 323 -53.58 -12.18 -17.30
CA LYS A 323 -54.33 -13.26 -16.66
C LYS A 323 -53.70 -13.62 -15.32
N ARG A 324 -54.54 -13.81 -14.29
CA ARG A 324 -54.05 -14.24 -13.00
C ARG A 324 -53.31 -15.57 -13.13
N LEU A 325 -52.07 -15.60 -12.63
CA LEU A 325 -51.25 -16.81 -12.63
C LEU A 325 -50.76 -17.05 -11.20
N LEU A 326 -51.14 -18.19 -10.65
CA LEU A 326 -50.63 -18.62 -9.36
C LEU A 326 -49.23 -19.17 -9.58
N LEU A 327 -48.23 -18.53 -8.96
CA LEU A 327 -46.85 -18.98 -9.13
C LEU A 327 -46.69 -20.31 -8.40
N ARG A 328 -46.29 -21.33 -9.15
CA ARG A 328 -46.09 -22.69 -8.64
C ARG A 328 -44.58 -22.91 -8.61
N GLY A 329 -43.96 -22.64 -7.48
CA GLY A 329 -42.52 -22.48 -7.47
C GLY A 329 -41.70 -23.53 -6.76
N THR A 330 -40.40 -23.54 -7.07
CA THR A 330 -39.42 -24.33 -6.34
C THR A 330 -38.14 -23.50 -6.24
N HIS A 331 -37.08 -24.11 -5.72
CA HIS A 331 -35.73 -23.55 -5.73
C HIS A 331 -34.76 -24.63 -6.20
N ARG A 332 -33.55 -24.21 -6.54
CA ARG A 332 -32.48 -25.18 -6.77
C ARG A 332 -31.15 -24.54 -6.40
N HIS A 333 -30.23 -25.40 -5.94
CA HIS A 333 -28.83 -25.04 -5.76
C HIS A 333 -28.01 -25.64 -6.91
N GLU A 334 -26.88 -25.00 -7.22
CA GLU A 334 -25.94 -25.60 -8.17
C GLU A 334 -25.12 -26.62 -7.38
N ASP A 335 -25.65 -27.84 -7.35
CA ASP A 335 -25.09 -28.93 -6.56
C ASP A 335 -25.68 -30.23 -7.05
N HIS A 336 -24.87 -31.28 -7.12
CA HIS A 336 -25.34 -32.57 -7.60
C HIS A 336 -24.42 -33.69 -7.13
N ALA A 337 -25.01 -34.90 -7.02
CA ALA A 337 -24.28 -36.08 -6.57
C ALA A 337 -23.02 -36.30 -7.40
N GLY A 338 -21.90 -36.52 -6.71
CA GLY A 338 -20.64 -36.84 -7.37
C GLY A 338 -19.84 -35.67 -7.90
N VAL A 339 -20.45 -34.49 -8.09
CA VAL A 339 -19.74 -33.37 -8.70
C VAL A 339 -19.86 -32.06 -7.94
N ALA A 340 -20.63 -32.00 -6.86
CA ALA A 340 -20.87 -30.74 -6.16
C ALA A 340 -21.38 -29.74 -7.21
N GLN A 341 -20.79 -28.57 -7.32
CA GLN A 341 -21.29 -27.53 -8.23
C GLN A 341 -20.96 -27.81 -9.69
N ALA A 342 -20.07 -28.77 -9.99
CA ALA A 342 -19.60 -28.97 -11.37
C ALA A 342 -20.60 -29.79 -12.20
N MET A 343 -21.81 -29.27 -12.31
CA MET A 343 -22.81 -29.93 -13.14
C MET A 343 -22.55 -29.65 -14.62
N THR A 344 -22.88 -30.64 -15.46
CA THR A 344 -22.77 -30.48 -16.90
C THR A 344 -24.09 -29.95 -17.48
N GLU A 345 -24.04 -29.55 -18.75
CA GLU A 345 -25.25 -29.09 -19.41
C GLU A 345 -26.31 -30.19 -19.43
N ASP A 346 -25.91 -31.43 -19.72
CA ASP A 346 -26.89 -32.52 -19.75
C ASP A 346 -27.52 -32.71 -18.37
N MET A 347 -26.74 -32.62 -17.29
CA MET A 347 -27.32 -32.73 -15.98
C MET A 347 -28.33 -31.61 -15.74
N MET A 348 -28.00 -30.38 -16.14
CA MET A 348 -28.92 -29.26 -15.96
C MET A 348 -30.18 -29.44 -16.81
N ARG A 349 -30.03 -29.91 -18.05
CA ARG A 349 -31.22 -30.13 -18.89
C ARG A 349 -32.14 -31.17 -18.28
N ARG A 350 -31.58 -32.25 -17.73
CA ARG A 350 -32.40 -33.27 -17.09
C ARG A 350 -33.13 -32.71 -15.89
N GLU A 351 -32.45 -31.94 -15.06
CA GLU A 351 -33.07 -31.44 -13.83
C GLU A 351 -34.20 -30.45 -14.14
N MET A 352 -33.98 -29.50 -15.05
CA MET A 352 -35.01 -28.51 -15.38
C MET A 352 -36.20 -29.16 -16.08
N ARG A 353 -35.92 -30.13 -16.96
CA ARG A 353 -36.99 -30.90 -17.59
C ARG A 353 -37.82 -31.63 -16.55
N MET A 354 -37.14 -32.19 -15.55
CA MET A 354 -37.81 -32.85 -14.44
C MET A 354 -38.71 -31.89 -13.66
N MET A 355 -38.26 -30.64 -13.45
CA MET A 355 -39.12 -29.64 -12.81
C MET A 355 -40.36 -29.35 -13.63
N LYS A 356 -40.18 -29.15 -14.94
CA LYS A 356 -41.33 -28.84 -15.77
C LYS A 356 -42.33 -30.00 -15.74
N ASP A 357 -41.84 -31.24 -15.77
CA ASP A 357 -42.72 -32.41 -15.70
C ASP A 357 -43.46 -32.49 -14.37
N MET A 358 -43.00 -31.79 -13.33
CA MET A 358 -43.72 -31.71 -12.06
C MET A 358 -44.72 -30.57 -12.01
N GLY A 359 -44.74 -29.70 -13.03
CA GLY A 359 -45.67 -28.61 -13.10
C GLY A 359 -45.16 -27.29 -12.59
N VAL A 360 -43.87 -27.17 -12.29
CA VAL A 360 -43.33 -25.90 -11.83
C VAL A 360 -43.45 -24.85 -12.93
N ASN A 361 -43.85 -23.63 -12.54
CA ASN A 361 -43.83 -22.49 -13.43
C ASN A 361 -43.04 -21.32 -12.84
N PHE A 362 -42.37 -21.51 -11.70
CA PHE A 362 -41.64 -20.43 -11.05
C PHE A 362 -40.50 -21.02 -10.24
N ILE A 363 -39.36 -20.33 -10.24
CA ILE A 363 -38.19 -20.77 -9.49
C ILE A 363 -37.41 -19.56 -8.99
N ARG A 364 -36.99 -19.65 -7.74
CA ARG A 364 -35.96 -18.79 -7.16
C ARG A 364 -34.66 -19.57 -7.22
N LEU A 365 -33.66 -19.04 -7.93
CA LEU A 365 -32.46 -19.80 -8.27
C LEU A 365 -31.48 -19.83 -7.08
N GLY A 366 -31.97 -20.29 -5.93
CA GLY A 366 -31.14 -20.32 -4.74
C GLY A 366 -30.75 -18.91 -4.31
N HIS A 367 -29.51 -18.76 -3.84
CA HIS A 367 -29.05 -17.49 -3.28
C HIS A 367 -27.98 -16.82 -4.12
N TYR A 368 -27.99 -17.02 -5.44
CA TYR A 368 -26.93 -16.47 -6.26
C TYR A 368 -27.31 -16.57 -7.74
N GLN A 369 -26.63 -15.76 -8.57
CA GLN A 369 -26.71 -15.94 -10.01
C GLN A 369 -26.32 -17.36 -10.37
N GLN A 370 -27.04 -17.95 -11.33
CA GLN A 370 -26.72 -19.31 -11.74
C GLN A 370 -26.30 -19.33 -13.20
N SER A 371 -25.85 -20.50 -13.61
CA SER A 371 -25.38 -20.70 -14.97
C SER A 371 -26.39 -20.17 -15.98
N GLU A 372 -25.87 -19.52 -17.02
CA GLU A 372 -26.70 -19.07 -18.14
C GLU A 372 -27.49 -20.22 -18.76
N ILE A 373 -26.97 -21.45 -18.68
CA ILE A 373 -27.70 -22.60 -19.19
C ILE A 373 -29.03 -22.73 -18.47
N ILE A 374 -29.03 -22.55 -17.15
CA ILE A 374 -30.28 -22.63 -16.39
C ILE A 374 -31.26 -21.57 -16.88
N LEU A 375 -30.78 -20.33 -17.08
CA LEU A 375 -31.65 -19.27 -17.56
C LEU A 375 -32.20 -19.58 -18.94
N ASP A 376 -31.37 -20.15 -19.83
CA ASP A 376 -31.85 -20.53 -21.16
C ASP A 376 -32.94 -21.58 -21.06
N LEU A 377 -32.77 -22.58 -20.16
CA LEU A 377 -33.78 -23.61 -19.93
C LEU A 377 -35.06 -23.03 -19.36
N CYS A 378 -34.95 -22.00 -18.51
CA CYS A 378 -36.18 -21.39 -18.00
C CYS A 378 -36.94 -20.66 -19.10
N ASP A 379 -36.21 -19.98 -20.01
CA ASP A 379 -36.86 -19.32 -21.14
C ASP A 379 -37.55 -20.34 -22.06
N GLU A 380 -36.92 -21.50 -22.26
CA GLU A 380 -37.44 -22.47 -23.22
C GLU A 380 -38.55 -23.32 -22.63
N LEU A 381 -38.51 -23.55 -21.32
CA LEU A 381 -39.48 -24.41 -20.66
C LEU A 381 -40.67 -23.66 -20.08
N GLY A 382 -40.61 -22.34 -19.95
CA GLY A 382 -41.69 -21.57 -19.38
C GLY A 382 -41.71 -21.57 -17.87
N ILE A 383 -40.61 -21.09 -17.28
CA ILE A 383 -40.46 -21.03 -15.84
C ILE A 383 -39.99 -19.63 -15.49
N LEU A 384 -40.84 -18.88 -14.78
CA LEU A 384 -40.50 -17.56 -14.31
C LEU A 384 -39.40 -17.67 -13.26
N VAL A 385 -38.62 -16.59 -13.13
CA VAL A 385 -37.36 -16.62 -12.40
C VAL A 385 -37.26 -15.45 -11.42
N TRP A 386 -36.92 -15.79 -10.18
CA TRP A 386 -36.37 -14.84 -9.21
C TRP A 386 -34.91 -15.20 -9.02
N GLU A 387 -34.02 -14.24 -9.22
CA GLU A 387 -32.58 -14.44 -9.15
C GLU A 387 -31.98 -13.34 -8.28
N GLU A 388 -31.12 -13.72 -7.33
CA GLU A 388 -30.63 -12.80 -6.30
C GLU A 388 -29.12 -12.89 -6.17
N ILE A 389 -28.55 -11.87 -5.53
CA ILE A 389 -27.12 -11.84 -5.22
C ILE A 389 -26.91 -12.57 -3.89
N PRO A 390 -25.72 -13.11 -3.65
CA PRO A 390 -25.50 -13.91 -2.44
C PRO A 390 -25.21 -13.09 -1.20
N TRP A 391 -25.95 -11.99 -0.99
CA TRP A 391 -25.92 -11.30 0.30
C TRP A 391 -26.82 -12.10 1.24
N CYS A 392 -26.25 -13.15 1.82
CA CYS A 392 -27.03 -14.21 2.45
C CYS A 392 -26.56 -14.44 3.89
N ARG A 393 -27.18 -13.72 4.83
CA ARG A 393 -26.87 -13.81 6.26
C ARG A 393 -25.64 -13.02 6.67
N GLY A 394 -25.53 -12.70 7.96
CA GLY A 394 -24.26 -12.34 8.57
C GLY A 394 -24.13 -10.90 9.01
N GLY A 395 -24.89 -9.98 8.42
CA GLY A 395 -24.79 -8.57 8.74
C GLY A 395 -24.33 -7.74 7.56
N LEU A 396 -23.29 -6.96 7.75
CA LEU A 396 -22.80 -6.07 6.70
C LEU A 396 -21.33 -5.78 6.94
N GLY A 397 -20.49 -6.01 5.92
CA GLY A 397 -19.07 -5.76 6.02
C GLY A 397 -18.70 -4.37 5.52
N GLY A 398 -17.40 -4.19 5.26
CA GLY A 398 -16.84 -2.90 4.86
C GLY A 398 -16.94 -2.60 3.37
N ASP A 399 -15.99 -1.79 2.89
CA ASP A 399 -16.09 -1.26 1.53
C ASP A 399 -15.90 -2.33 0.47
N VAL A 400 -14.95 -3.25 0.67
CA VAL A 400 -14.74 -4.32 -0.31
C VAL A 400 -15.98 -5.19 -0.40
N TYR A 401 -16.55 -5.55 0.74
CA TYR A 401 -17.79 -6.29 0.81
C TYR A 401 -18.90 -5.59 0.04
N LYS A 402 -19.06 -4.28 0.27
CA LYS A 402 -20.14 -3.58 -0.40
C LYS A 402 -19.88 -3.46 -1.89
N LYS A 403 -18.62 -3.23 -2.29
CA LYS A 403 -18.33 -3.20 -3.72
C LYS A 403 -18.62 -4.55 -4.38
N GLN A 404 -18.31 -5.66 -3.71
CA GLN A 404 -18.63 -6.95 -4.29
C GLN A 404 -20.13 -7.09 -4.52
N ALA A 405 -20.92 -6.73 -3.51
CA ALA A 405 -22.37 -6.84 -3.62
C ALA A 405 -22.91 -5.96 -4.75
N ARG A 406 -22.45 -4.70 -4.80
CA ARG A 406 -22.87 -3.80 -5.88
C ARG A 406 -22.49 -4.38 -7.24
N ARG A 407 -21.27 -4.90 -7.35
CA ARG A 407 -20.79 -5.43 -8.64
C ARG A 407 -21.58 -6.67 -9.03
N MET A 408 -21.86 -7.56 -8.09
CA MET A 408 -22.59 -8.78 -8.43
C MET A 408 -24.04 -8.48 -8.81
N LEU A 409 -24.66 -7.48 -8.20
CA LEU A 409 -26.00 -7.08 -8.64
C LEU A 409 -25.97 -6.51 -10.05
N ALA A 410 -25.03 -5.60 -10.33
CA ALA A 410 -24.93 -5.03 -11.68
C ALA A 410 -24.59 -6.10 -12.72
N ASN A 411 -23.65 -7.00 -12.40
CA ASN A 411 -23.30 -8.08 -13.33
C ASN A 411 -24.51 -8.99 -13.61
N MET A 412 -25.28 -9.31 -12.57
CA MET A 412 -26.41 -10.21 -12.73
C MET A 412 -27.48 -9.61 -13.63
N ILE A 413 -27.83 -8.35 -13.38
CA ILE A 413 -28.87 -7.67 -14.17
C ILE A 413 -28.40 -7.49 -15.61
N VAL A 414 -27.17 -7.01 -15.79
CA VAL A 414 -26.66 -6.77 -17.13
C VAL A 414 -26.50 -8.08 -17.89
N GLN A 415 -26.12 -9.16 -17.20
CA GLN A 415 -25.88 -10.41 -17.92
C GLN A 415 -27.15 -11.17 -18.22
N HIS A 416 -28.19 -11.04 -17.39
CA HIS A 416 -29.39 -11.84 -17.54
C HIS A 416 -30.62 -11.03 -17.96
N HIS A 417 -30.45 -9.73 -18.23
N HIS A 417 -30.51 -9.72 -18.19
CA HIS A 417 -31.57 -8.83 -18.49
CA HIS A 417 -31.74 -8.94 -18.38
C HIS A 417 -32.47 -9.33 -19.62
C HIS A 417 -32.50 -9.28 -19.66
N ASN A 418 -31.88 -9.96 -20.64
CA ASN A 418 -32.61 -10.32 -21.85
C ASN A 418 -33.57 -11.49 -21.66
N HIS A 419 -33.49 -12.21 -20.56
CA HIS A 419 -34.28 -13.42 -20.39
C HIS A 419 -35.72 -13.07 -20.03
N PRO A 420 -36.71 -13.41 -20.85
CA PRO A 420 -38.09 -13.07 -20.48
C PRO A 420 -38.54 -13.79 -19.21
N ALA A 421 -37.91 -14.91 -18.86
CA ALA A 421 -38.30 -15.62 -17.64
C ALA A 421 -38.10 -14.78 -16.39
N VAL A 422 -37.09 -13.90 -16.36
CA VAL A 422 -36.75 -13.21 -15.12
C VAL A 422 -37.80 -12.15 -14.83
N ILE A 423 -38.40 -12.22 -13.63
CA ILE A 423 -39.31 -11.18 -13.18
C ILE A 423 -38.84 -10.48 -11.92
N ILE A 424 -37.87 -11.03 -11.18
CA ILE A 424 -37.47 -10.48 -9.89
C ILE A 424 -35.95 -10.53 -9.76
N TRP A 425 -35.35 -9.40 -9.37
CA TRP A 425 -33.95 -9.35 -8.95
C TRP A 425 -33.95 -9.34 -7.41
N GLY A 426 -33.42 -10.40 -6.81
CA GLY A 426 -33.34 -10.47 -5.36
C GLY A 426 -32.08 -9.77 -4.86
N LEU A 427 -32.24 -9.04 -3.77
CA LEU A 427 -31.12 -8.28 -3.21
C LEU A 427 -30.48 -8.97 -2.01
N GLY A 428 -31.05 -10.05 -1.49
CA GLY A 428 -30.43 -10.70 -0.35
C GLY A 428 -31.42 -11.57 0.39
N ASN A 429 -30.87 -12.39 1.30
CA ASN A 429 -31.66 -13.38 2.02
C ASN A 429 -31.27 -13.40 3.49
N GLU A 430 -32.27 -13.34 4.36
CA GLU A 430 -32.07 -13.43 5.81
C GLU A 430 -30.99 -12.45 6.28
N ASN A 431 -31.14 -11.20 5.85
CA ASN A 431 -30.18 -10.18 6.25
C ASN A 431 -30.36 -9.72 7.69
N ASP A 432 -31.33 -10.28 8.40
CA ASP A 432 -31.49 -10.11 9.84
C ASP A 432 -30.72 -11.14 10.64
N TRP A 433 -29.93 -11.98 9.98
CA TRP A 433 -29.18 -13.04 10.64
C TRP A 433 -27.81 -12.50 11.02
N PRO A 434 -27.48 -12.37 12.32
CA PRO A 434 -26.22 -11.69 12.69
C PRO A 434 -25.01 -12.61 12.91
N ASN A 435 -23.88 -11.99 13.22
CA ASN A 435 -22.72 -12.59 13.89
C ASN A 435 -21.55 -12.92 12.96
N ASP A 436 -21.51 -12.39 11.74
CA ASP A 436 -20.24 -12.40 11.03
C ASP A 436 -19.32 -11.25 11.43
N PHE A 437 -19.83 -10.32 12.24
CA PHE A 437 -19.09 -9.17 12.75
C PHE A 437 -19.50 -8.96 14.20
N ASN A 438 -18.69 -8.21 14.94
CA ASN A 438 -19.02 -7.96 16.34
C ASN A 438 -20.06 -6.86 16.52
N THR A 439 -20.53 -6.26 15.44
CA THR A 439 -21.67 -5.35 15.49
C THR A 439 -22.71 -5.81 14.48
N PHE A 440 -23.94 -5.34 14.70
CA PHE A 440 -25.05 -5.56 13.78
C PHE A 440 -25.89 -4.29 13.81
N ASP A 441 -25.80 -3.51 12.74
CA ASP A 441 -26.35 -2.16 12.69
C ASP A 441 -27.50 -2.17 11.67
N LYS A 442 -28.74 -2.21 12.17
CA LYS A 442 -29.90 -2.31 11.28
C LYS A 442 -29.99 -1.12 10.33
N SER A 443 -29.64 0.08 10.81
CA SER A 443 -29.76 1.29 9.99
C SER A 443 -28.76 1.28 8.85
N ALA A 444 -27.55 0.77 9.08
CA ALA A 444 -26.59 0.65 7.98
C ALA A 444 -27.06 -0.38 6.94
N ILE A 445 -27.62 -1.50 7.40
CA ILE A 445 -28.17 -2.50 6.48
C ILE A 445 -29.32 -1.91 5.68
N ARG A 446 -30.22 -1.16 6.34
CA ARG A 446 -31.28 -0.48 5.62
C ARG A 446 -30.71 0.45 4.56
N ALA A 447 -29.66 1.23 4.91
CA ALA A 447 -29.12 2.21 3.97
C ALA A 447 -28.50 1.52 2.75
N PHE A 448 -27.73 0.45 2.99
CA PHE A 448 -27.15 -0.28 1.86
C PHE A 448 -28.23 -1.01 1.05
N MET A 449 -29.23 -1.56 1.73
CA MET A 449 -30.33 -2.23 1.03
C MET A 449 -31.00 -1.28 0.04
N LYS A 450 -31.33 -0.06 0.49
CA LYS A 450 -32.00 0.90 -0.40
C LYS A 450 -31.08 1.33 -1.55
N GLU A 451 -29.78 1.43 -1.30
CA GLU A 451 -28.82 1.72 -2.37
C GLU A 451 -28.84 0.64 -3.43
N LEU A 452 -28.86 -0.63 -3.01
CA LEU A 452 -28.96 -1.72 -3.97
C LEU A 452 -30.31 -1.68 -4.70
N HIS A 453 -31.39 -1.44 -3.96
CA HIS A 453 -32.70 -1.27 -4.59
C HIS A 453 -32.69 -0.15 -5.63
N ASP A 454 -32.13 1.01 -5.26
CA ASP A 454 -32.08 2.13 -6.19
C ASP A 454 -31.25 1.77 -7.44
N MET A 455 -30.14 1.07 -7.24
CA MET A 455 -29.27 0.69 -8.34
C MET A 455 -29.96 -0.28 -9.30
N ALA A 456 -30.66 -1.29 -8.75
CA ALA A 456 -31.36 -2.22 -9.63
C ALA A 456 -32.36 -1.50 -10.51
N HIS A 457 -33.10 -0.54 -9.95
CA HIS A 457 -34.08 0.19 -10.75
C HIS A 457 -33.43 1.11 -11.77
N ARG A 458 -32.25 1.65 -11.47
CA ARG A 458 -31.54 2.42 -12.49
C ARG A 458 -31.12 1.52 -13.65
N LEU A 459 -30.68 0.31 -13.32
CA LEU A 459 -30.21 -0.62 -14.35
C LEU A 459 -31.37 -1.26 -15.10
N ASP A 460 -32.47 -1.56 -14.42
CA ASP A 460 -33.58 -2.26 -15.06
C ASP A 460 -34.86 -1.88 -14.32
N ASP A 461 -35.56 -0.90 -14.84
CA ASP A 461 -36.80 -0.43 -14.26
C ASP A 461 -38.01 -1.31 -14.62
N THR A 462 -37.82 -2.33 -15.46
CA THR A 462 -38.94 -3.16 -15.88
C THR A 462 -39.18 -4.35 -14.96
N ARG A 463 -38.36 -4.57 -13.94
CA ARG A 463 -38.53 -5.73 -13.08
C ARG A 463 -38.56 -5.30 -11.63
N MET A 464 -39.08 -6.19 -10.78
CA MET A 464 -39.23 -5.93 -9.35
C MET A 464 -38.00 -6.39 -8.58
N THR A 465 -37.67 -5.65 -7.53
CA THR A 465 -36.68 -6.12 -6.57
C THR A 465 -37.38 -6.85 -5.43
N ALA A 466 -36.63 -7.71 -4.75
CA ALA A 466 -37.18 -8.48 -3.63
C ALA A 466 -36.08 -8.76 -2.62
N ILE A 467 -36.51 -9.12 -1.41
CA ILE A 467 -35.67 -9.81 -0.42
C ILE A 467 -36.54 -10.81 0.30
N ARG A 468 -35.88 -11.74 0.99
CA ARG A 468 -36.55 -12.71 1.84
C ARG A 468 -36.07 -12.56 3.27
N ARG A 469 -37.03 -12.40 4.19
CA ARG A 469 -36.82 -12.46 5.64
C ARG A 469 -35.80 -11.43 6.15
N CYS A 470 -36.23 -10.17 6.07
CA CYS A 470 -35.59 -9.11 6.85
C CYS A 470 -36.67 -8.06 7.09
N GLU A 471 -37.42 -8.22 8.19
CA GLU A 471 -38.62 -7.42 8.38
C GLU A 471 -38.28 -5.92 8.47
N PHE A 472 -37.18 -5.57 9.12
CA PHE A 472 -36.86 -4.15 9.23
C PHE A 472 -36.41 -3.55 7.91
N CYS A 473 -36.42 -4.32 6.83
CA CYS A 473 -36.24 -3.78 5.48
C CYS A 473 -37.46 -4.00 4.59
N ASN A 474 -38.57 -4.45 5.16
CA ASN A 474 -39.69 -4.85 4.31
C ASN A 474 -40.38 -3.65 3.67
N ASP A 475 -39.94 -2.42 3.97
CA ASP A 475 -40.45 -1.22 3.32
C ASP A 475 -39.61 -0.77 2.13
N ILE A 476 -38.49 -1.44 1.86
CA ILE A 476 -37.53 -0.95 0.88
C ILE A 476 -37.76 -1.55 -0.50
N VAL A 477 -38.12 -2.82 -0.57
CA VAL A 477 -38.13 -3.56 -1.82
C VAL A 477 -39.56 -3.58 -2.38
N ASP A 478 -39.67 -3.90 -3.67
CA ASP A 478 -40.98 -4.00 -4.32
C ASP A 478 -41.76 -5.21 -3.83
N VAL A 479 -41.09 -6.37 -3.73
CA VAL A 479 -41.72 -7.63 -3.38
C VAL A 479 -41.02 -8.19 -2.16
N TYR A 480 -41.80 -8.67 -1.21
CA TYR A 480 -41.25 -9.15 0.06
C TYR A 480 -41.77 -10.55 0.38
N SER A 481 -40.88 -11.38 0.92
CA SER A 481 -41.23 -12.69 1.46
C SER A 481 -40.82 -12.75 2.92
N PRO A 482 -41.75 -13.02 3.84
CA PRO A 482 -41.35 -13.35 5.21
C PRO A 482 -40.87 -14.79 5.28
N SER A 483 -40.67 -15.31 6.50
CA SER A 483 -40.37 -16.73 6.73
C SER A 483 -41.65 -17.44 7.19
N ILE A 484 -42.15 -18.36 6.36
CA ILE A 484 -43.35 -19.13 6.66
C ILE A 484 -43.02 -20.61 6.44
N TRP A 485 -42.77 -21.33 7.53
CA TRP A 485 -42.53 -22.76 7.51
C TRP A 485 -43.57 -23.48 8.35
N ALA A 486 -44.84 -23.35 7.96
CA ALA A 486 -45.91 -23.99 8.72
C ALA A 486 -45.70 -25.49 8.71
N GLY A 487 -45.74 -26.09 9.90
CA GLY A 487 -45.54 -27.52 10.05
C GLY A 487 -44.10 -28.01 10.10
N TRP A 488 -43.11 -27.13 9.95
CA TRP A 488 -41.72 -27.52 10.08
C TRP A 488 -40.99 -26.70 11.14
N TYR A 489 -40.75 -25.41 10.92
CA TYR A 489 -40.12 -24.59 11.97
C TYR A 489 -41.12 -23.90 12.86
N ARG A 490 -42.41 -23.89 12.50
CA ARG A 490 -43.39 -23.13 13.26
C ARG A 490 -44.73 -23.86 13.25
N GLY A 491 -45.29 -24.04 14.44
CA GLY A 491 -46.67 -24.50 14.58
C GLY A 491 -47.01 -25.73 13.78
N VAL A 492 -48.22 -25.75 13.25
CA VAL A 492 -48.76 -26.87 12.50
C VAL A 492 -49.03 -26.40 11.08
N PHE A 493 -48.90 -27.31 10.11
CA PHE A 493 -49.05 -26.85 8.74
C PHE A 493 -50.49 -26.45 8.43
N THR A 494 -51.45 -26.81 9.29
CA THR A 494 -52.81 -26.35 9.08
C THR A 494 -53.00 -24.86 9.35
N ASP A 495 -52.05 -24.21 10.02
CA ASP A 495 -52.09 -22.75 10.14
C ASP A 495 -51.57 -22.03 8.90
N TYR A 496 -51.15 -22.77 7.87
CA TYR A 496 -50.49 -22.16 6.73
C TYR A 496 -51.29 -20.99 6.15
N LYS A 497 -52.56 -21.22 5.83
CA LYS A 497 -53.37 -20.19 5.18
C LYS A 497 -53.57 -18.98 6.07
N SER A 498 -53.90 -19.21 7.34
CA SER A 498 -54.08 -18.11 8.28
C SER A 498 -52.80 -17.28 8.41
N ILE A 499 -51.65 -17.95 8.54
CA ILE A 499 -50.39 -17.19 8.61
C ILE A 499 -50.16 -16.40 7.33
N SER A 500 -50.44 -17.02 6.18
CA SER A 500 -50.24 -16.32 4.91
C SER A 500 -51.11 -15.08 4.82
N GLU A 501 -52.36 -15.16 5.29
CA GLU A 501 -53.25 -14.01 5.23
C GLU A 501 -52.72 -12.85 6.08
N GLN A 502 -52.23 -13.15 7.29
CA GLN A 502 -51.67 -12.10 8.14
C GLN A 502 -50.43 -11.48 7.52
N GLU A 503 -49.55 -12.31 6.95
CA GLU A 503 -48.29 -11.81 6.41
C GLU A 503 -48.52 -10.95 5.16
N MET A 504 -49.44 -11.35 4.28
CA MET A 504 -49.65 -10.58 3.06
C MET A 504 -50.19 -9.19 3.35
N GLN A 505 -50.84 -8.98 4.50
CA GLN A 505 -51.36 -7.66 4.81
C GLN A 505 -50.26 -6.67 5.20
N LYS A 506 -49.05 -7.15 5.48
CA LYS A 506 -48.01 -6.26 5.98
C LYS A 506 -47.26 -5.53 4.89
N VAL A 507 -47.43 -5.91 3.62
CA VAL A 507 -46.63 -5.36 2.54
C VAL A 507 -47.49 -5.18 1.30
N LYS A 508 -47.03 -4.31 0.41
CA LYS A 508 -47.77 -4.06 -0.82
C LYS A 508 -47.81 -5.28 -1.72
N HIS A 509 -46.69 -5.98 -1.89
CA HIS A 509 -46.62 -7.16 -2.75
C HIS A 509 -45.98 -8.31 -1.99
N PHE A 510 -46.78 -9.29 -1.61
CA PHE A 510 -46.34 -10.45 -0.85
C PHE A 510 -46.08 -11.62 -1.81
N LEU A 511 -44.94 -12.28 -1.63
CA LEU A 511 -44.61 -13.48 -2.40
C LEU A 511 -43.87 -14.43 -1.46
N HIS A 512 -44.34 -15.67 -1.34
CA HIS A 512 -43.89 -16.57 -0.30
C HIS A 512 -42.86 -17.54 -0.87
N VAL A 513 -41.58 -17.33 -0.54
CA VAL A 513 -40.52 -18.23 -0.98
C VAL A 513 -39.96 -18.97 0.24
N GLU A 514 -39.92 -20.30 0.12
CA GLU A 514 -39.35 -21.21 1.12
C GLU A 514 -40.43 -21.75 2.04
N TRP A 515 -40.71 -23.03 1.90
CA TRP A 515 -41.53 -23.80 2.83
C TRP A 515 -41.26 -25.27 2.53
N GLY A 516 -41.72 -26.14 3.42
CA GLY A 516 -41.53 -27.57 3.21
C GLY A 516 -41.09 -28.33 4.46
N GLY A 517 -40.28 -29.36 4.28
CA GLY A 517 -39.83 -30.20 5.37
C GLY A 517 -38.81 -31.24 4.93
N ASP A 518 -37.95 -31.70 5.85
CA ASP A 518 -36.95 -32.69 5.53
C ASP A 518 -37.59 -34.06 5.44
N SER A 519 -37.14 -34.87 4.49
CA SER A 519 -37.50 -36.28 4.47
C SER A 519 -36.29 -37.07 4.03
N HIS A 520 -35.90 -38.02 4.88
CA HIS A 520 -34.86 -39.00 4.62
C HIS A 520 -35.41 -39.99 3.60
N ALA A 521 -34.98 -39.88 2.36
CA ALA A 521 -35.52 -40.73 1.30
C ALA A 521 -35.45 -42.20 1.67
N ARG A 522 -36.59 -42.89 1.47
CA ARG A 522 -36.83 -44.32 1.70
C ARG A 522 -37.23 -44.58 3.15
N ARG A 523 -37.34 -43.55 3.99
CA ARG A 523 -37.83 -43.70 5.35
C ARG A 523 -39.30 -43.33 5.38
N HIS A 524 -40.12 -44.27 5.82
CA HIS A 524 -41.57 -44.09 5.89
C HIS A 524 -42.03 -44.37 7.31
N SER A 525 -43.24 -43.93 7.63
CA SER A 525 -43.72 -43.97 9.01
C SER A 525 -45.21 -44.33 9.05
N GLU A 526 -45.53 -45.46 9.69
CA GLU A 526 -46.93 -45.82 9.90
C GLU A 526 -47.64 -44.75 10.73
N ASP A 527 -46.96 -44.21 11.74
CA ASP A 527 -47.58 -43.22 12.62
C ASP A 527 -47.94 -41.94 11.89
N ALA A 528 -47.38 -41.72 10.69
CA ALA A 528 -47.73 -40.54 9.90
C ALA A 528 -49.06 -40.70 9.16
N PHE A 529 -49.61 -41.91 9.14
CA PHE A 529 -50.84 -42.22 8.44
C PHE A 529 -51.98 -42.40 9.43
N TYR A 530 -53.20 -42.28 8.91
CA TYR A 530 -54.41 -42.54 9.69
C TYR A 530 -54.77 -44.01 9.52
N ASN A 531 -54.23 -44.84 10.41
CA ASN A 531 -54.47 -46.28 10.40
C ASN A 531 -55.59 -46.64 11.37
N LEU A 532 -56.41 -47.61 10.97
CA LEU A 532 -57.57 -48.06 11.74
C LEU A 532 -57.32 -49.41 12.41
N LYS A 533 -57.42 -49.45 13.74
CA LYS A 533 -57.28 -50.69 14.50
C LYS A 533 -58.65 -51.21 14.94
N ASN A 534 -58.77 -52.54 15.03
CA ASN A 534 -60.00 -53.17 15.52
C ASN A 534 -60.05 -53.18 17.04
N ILE A 535 -61.21 -52.83 17.60
CA ILE A 535 -61.44 -52.85 19.04
C ILE A 535 -62.58 -53.82 19.31
N GLU A 536 -62.32 -54.83 20.14
CA GLU A 536 -63.34 -55.85 20.41
C GLU A 536 -64.47 -55.29 21.26
N GLY A 546 -70.90 -57.86 20.28
CA GLY A 546 -70.97 -58.41 18.95
C GLY A 546 -69.95 -57.80 18.01
N ASP A 547 -70.36 -56.80 17.23
CA ASP A 547 -69.53 -56.24 16.18
C ASP A 547 -68.41 -55.37 16.76
N ALA A 548 -67.19 -55.56 16.26
CA ALA A 548 -66.06 -54.76 16.72
C ALA A 548 -66.12 -53.36 16.13
N SER A 549 -65.54 -52.40 16.86
CA SER A 549 -65.45 -51.02 16.39
C SER A 549 -64.01 -50.73 15.95
N LEU A 550 -63.79 -49.50 15.48
CA LEU A 550 -62.54 -49.11 14.85
C LEU A 550 -61.93 -47.91 15.57
N TYR A 551 -60.61 -47.93 15.75
CA TYR A 551 -59.91 -46.80 16.31
C TYR A 551 -58.68 -46.45 15.49
N GLY A 552 -58.42 -45.15 15.36
CA GLY A 552 -57.22 -44.68 14.69
C GLY A 552 -56.74 -43.37 15.27
N GLY A 553 -55.47 -43.30 15.65
CA GLY A 553 -54.91 -42.03 16.05
C GLY A 553 -54.81 -41.09 14.85
N VAL A 554 -55.09 -39.82 15.09
CA VAL A 554 -54.94 -38.81 14.05
C VAL A 554 -53.49 -38.34 14.04
N PRO A 555 -52.80 -38.41 12.91
CA PRO A 555 -51.40 -37.96 12.87
C PRO A 555 -51.30 -36.45 13.04
N ARG A 556 -50.28 -36.03 13.80
CA ARG A 556 -50.06 -34.62 14.10
C ARG A 556 -49.63 -33.84 12.86
N ALA A 557 -49.95 -32.55 12.85
CA ALA A 557 -49.56 -31.66 11.75
C ALA A 557 -48.35 -30.80 12.11
N SER A 558 -47.49 -31.29 13.00
CA SER A 558 -46.26 -30.60 13.36
C SER A 558 -45.07 -31.49 13.00
N ARG A 559 -43.90 -30.86 12.99
CA ARG A 559 -42.68 -31.48 12.51
C ARG A 559 -42.53 -32.92 12.98
N ASP A 560 -42.38 -33.82 12.01
CA ASP A 560 -42.13 -35.22 12.30
C ASP A 560 -40.69 -35.37 12.78
N GLY A 561 -40.50 -35.63 14.08
CA GLY A 561 -39.16 -35.86 14.59
C GLY A 561 -38.44 -36.98 13.88
N ASP A 562 -39.17 -37.82 13.14
CA ASP A 562 -38.57 -38.92 12.39
C ASP A 562 -38.17 -38.57 10.96
N TRP A 563 -38.55 -37.40 10.44
CA TRP A 563 -38.13 -36.97 9.10
C TRP A 563 -38.54 -37.99 8.04
N SER A 564 -39.76 -38.53 8.18
CA SER A 564 -40.25 -39.49 7.22
C SER A 564 -40.77 -38.78 5.98
N GLU A 565 -40.69 -39.47 4.84
CA GLU A 565 -41.40 -39.01 3.66
C GLU A 565 -42.90 -38.92 3.90
N SER A 566 -43.41 -39.78 4.77
CA SER A 566 -44.86 -39.85 4.97
C SER A 566 -45.40 -38.52 5.50
N TYR A 567 -44.63 -37.85 6.36
CA TYR A 567 -45.09 -36.57 6.90
C TYR A 567 -44.98 -35.45 5.87
N VAL A 568 -43.88 -35.38 5.12
CA VAL A 568 -43.70 -34.29 4.17
C VAL A 568 -44.77 -34.35 3.09
N VAL A 569 -45.12 -35.56 2.66
CA VAL A 569 -46.13 -35.73 1.62
C VAL A 569 -47.44 -35.08 2.04
N ARG A 570 -47.86 -35.33 3.29
CA ARG A 570 -49.10 -34.74 3.78
C ARG A 570 -48.97 -33.24 3.94
N LEU A 571 -47.79 -32.77 4.33
CA LEU A 571 -47.56 -31.35 4.49
C LEU A 571 -47.68 -30.62 3.15
N ILE A 572 -47.05 -31.17 2.12
CA ILE A 572 -47.12 -30.56 0.78
C ILE A 572 -48.57 -30.57 0.30
N ASP A 573 -49.23 -31.73 0.43
CA ASP A 573 -50.63 -31.92 0.09
C ASP A 573 -51.50 -30.79 0.66
N TRP A 574 -51.35 -30.52 1.96
CA TRP A 574 -52.17 -29.49 2.60
C TRP A 574 -51.92 -28.11 2.01
N HIS A 575 -50.64 -27.73 1.83
CA HIS A 575 -50.33 -26.42 1.30
C HIS A 575 -50.99 -26.20 -0.06
N LEU A 576 -50.90 -27.20 -0.93
CA LEU A 576 -51.42 -27.08 -2.29
C LEU A 576 -52.94 -27.03 -2.31
N LYS A 577 -53.58 -27.76 -1.41
CA LYS A 577 -55.03 -27.72 -1.30
C LYS A 577 -55.49 -26.34 -0.86
N GLU A 578 -54.82 -25.77 0.14
CA GLU A 578 -55.16 -24.44 0.62
C GLU A 578 -54.94 -23.40 -0.46
N GLN A 579 -53.92 -23.58 -1.30
CA GLN A 579 -53.64 -22.55 -2.29
C GLN A 579 -54.75 -22.41 -3.32
N GLU A 580 -55.56 -23.46 -3.54
CA GLU A 580 -56.69 -23.34 -4.45
C GLU A 580 -57.79 -22.42 -3.92
N THR A 581 -57.77 -22.08 -2.63
CA THR A 581 -58.76 -21.19 -2.04
C THR A 581 -58.15 -19.85 -1.62
N MET A 582 -57.02 -19.46 -2.22
CA MET A 582 -56.32 -18.22 -1.89
C MET A 582 -56.22 -17.39 -3.15
N PRO A 583 -57.33 -16.82 -3.61
CA PRO A 583 -57.32 -16.12 -4.92
C PRO A 583 -56.48 -14.86 -4.92
N TRP A 584 -56.18 -14.30 -3.74
CA TRP A 584 -55.34 -13.12 -3.60
C TRP A 584 -53.84 -13.43 -3.67
N LEU A 585 -53.46 -14.71 -3.71
CA LEU A 585 -52.07 -15.11 -3.52
C LEU A 585 -51.28 -15.01 -4.82
N THR A 586 -50.18 -14.26 -4.80
CA THR A 586 -49.25 -14.30 -5.93
C THR A 586 -48.75 -15.73 -6.17
N GLY A 587 -48.27 -16.39 -5.13
CA GLY A 587 -47.79 -17.76 -5.25
C GLY A 587 -46.75 -18.05 -4.19
N THR A 588 -46.12 -19.22 -4.31
CA THR A 588 -45.10 -19.67 -3.37
C THR A 588 -44.03 -20.45 -4.12
N ALA A 589 -42.92 -20.70 -3.42
CA ALA A 589 -41.87 -21.57 -3.93
C ALA A 589 -41.45 -22.53 -2.83
N TYR A 590 -41.66 -23.82 -3.06
CA TYR A 590 -41.14 -24.83 -2.14
C TYR A 590 -39.61 -24.77 -2.08
N TRP A 591 -39.04 -25.11 -0.92
CA TRP A 591 -37.58 -25.12 -0.75
C TRP A 591 -37.07 -26.50 -0.34
N PRO A 592 -36.22 -27.19 -1.14
CA PRO A 592 -35.79 -26.95 -2.52
C PRO A 592 -36.38 -28.01 -3.45
N PHE A 593 -36.05 -27.94 -4.74
CA PHE A 593 -36.41 -29.05 -5.61
C PHE A 593 -35.65 -30.32 -5.25
N LYS A 594 -34.33 -30.21 -5.05
CA LYS A 594 -33.44 -31.36 -4.95
C LYS A 594 -32.57 -31.27 -3.71
N ASP A 595 -32.45 -32.40 -3.00
CA ASP A 595 -31.51 -32.49 -1.89
C ASP A 595 -30.18 -31.87 -2.29
N PHE A 596 -29.59 -31.10 -1.39
CA PHE A 596 -28.33 -30.47 -1.70
C PHE A 596 -27.47 -30.45 -0.44
N SER A 597 -26.16 -30.34 -0.65
CA SER A 597 -25.20 -30.42 0.47
C SER A 597 -25.12 -29.09 1.20
N THR A 598 -24.95 -29.15 2.52
CA THR A 598 -24.81 -27.96 3.33
C THR A 598 -23.82 -28.23 4.44
N PRO A 599 -22.93 -27.28 4.72
CA PRO A 599 -21.84 -27.54 5.68
C PRO A 599 -22.28 -27.48 7.12
N VAL A 600 -23.49 -27.02 7.41
CA VAL A 600 -23.91 -26.76 8.78
C VAL A 600 -24.76 -27.88 9.36
N ARG A 601 -24.90 -28.99 8.65
CA ARG A 601 -25.72 -30.11 9.13
C ARG A 601 -24.93 -31.41 9.15
N PRO A 602 -23.87 -31.49 9.94
CA PRO A 602 -23.10 -32.73 10.01
C PRO A 602 -23.89 -33.92 10.52
N ASP A 603 -24.96 -33.70 11.27
CA ASP A 603 -25.67 -34.77 11.94
C ASP A 603 -26.97 -35.18 11.23
N ASN A 604 -27.17 -34.74 9.98
CA ASN A 604 -28.38 -35.12 9.27
C ASN A 604 -28.41 -36.61 8.93
N PRO A 605 -29.62 -37.17 8.74
CA PRO A 605 -29.71 -38.60 8.36
C PRO A 605 -28.78 -38.97 7.23
N VAL A 606 -28.72 -38.13 6.19
CA VAL A 606 -27.59 -38.12 5.27
C VAL A 606 -26.68 -36.98 5.74
N PRO A 607 -25.51 -37.26 6.30
CA PRO A 607 -24.67 -36.17 6.83
C PRO A 607 -24.40 -35.13 5.75
N TYR A 608 -24.48 -33.86 6.15
CA TYR A 608 -24.09 -32.72 5.32
C TYR A 608 -24.98 -32.57 4.09
N VAL A 609 -26.21 -33.05 4.16
CA VAL A 609 -27.18 -32.89 3.09
C VAL A 609 -28.44 -32.25 3.65
N ASN A 610 -28.89 -31.16 3.04
CA ASN A 610 -30.21 -30.60 3.32
C ASN A 610 -31.22 -31.45 2.57
N GLN A 611 -32.06 -32.18 3.30
CA GLN A 611 -32.90 -33.23 2.73
C GLN A 611 -34.35 -32.79 2.56
N LYS A 612 -34.60 -31.49 2.38
CA LYS A 612 -35.95 -30.97 2.19
C LYS A 612 -36.45 -31.17 0.76
N GLY A 613 -35.60 -31.66 -0.13
CA GLY A 613 -35.98 -31.83 -1.51
C GLY A 613 -37.09 -32.86 -1.69
N VAL A 614 -37.79 -32.73 -2.83
CA VAL A 614 -38.71 -33.76 -3.30
C VAL A 614 -38.02 -34.67 -4.30
N VAL A 615 -36.75 -34.42 -4.58
CA VAL A 615 -35.93 -35.22 -5.47
C VAL A 615 -34.59 -35.44 -4.77
N GLU A 616 -34.04 -36.65 -4.89
CA GLU A 616 -32.76 -36.96 -4.26
C GLU A 616 -31.64 -36.27 -5.02
N ARG A 617 -30.50 -36.13 -4.36
CA ARG A 617 -29.34 -35.42 -4.91
C ARG A 617 -28.84 -36.04 -6.21
N ASP A 618 -29.29 -37.24 -6.57
CA ASP A 618 -28.91 -37.88 -7.83
C ASP A 618 -30.04 -37.88 -8.86
N PHE A 619 -31.13 -37.15 -8.63
CA PHE A 619 -32.31 -37.00 -9.51
C PHE A 619 -33.41 -38.03 -9.23
N THR A 620 -33.19 -38.99 -8.34
CA THR A 620 -34.23 -39.98 -8.03
C THR A 620 -35.40 -39.28 -7.36
N PRO A 621 -36.60 -39.37 -7.91
CA PRO A 621 -37.73 -38.70 -7.25
C PRO A 621 -38.04 -39.31 -5.89
N LYS A 622 -38.40 -38.46 -4.95
CA LYS A 622 -38.97 -38.92 -3.69
C LYS A 622 -40.48 -39.04 -3.84
N GLU A 623 -41.13 -39.61 -2.82
CA GLU A 623 -42.59 -39.71 -2.87
C GLU A 623 -43.25 -38.35 -3.07
N SER A 624 -42.67 -37.32 -2.47
CA SER A 624 -43.25 -35.99 -2.50
C SER A 624 -43.25 -35.37 -3.90
N TYR A 625 -42.40 -35.87 -4.81
CA TYR A 625 -42.41 -35.35 -6.17
C TYR A 625 -43.79 -35.50 -6.80
N TYR A 626 -44.44 -36.64 -6.58
CA TYR A 626 -45.71 -36.94 -7.20
C TYR A 626 -46.88 -36.17 -6.59
N VAL A 627 -46.76 -35.75 -5.32
CA VAL A 627 -47.79 -34.88 -4.76
C VAL A 627 -47.90 -33.60 -5.57
N PHE A 628 -46.77 -32.90 -5.75
CA PHE A 628 -46.77 -31.73 -6.61
C PHE A 628 -47.31 -32.08 -7.99
N GLN A 629 -46.89 -33.21 -8.55
CA GLN A 629 -47.25 -33.52 -9.92
C GLN A 629 -48.76 -33.74 -10.06
N SER A 630 -49.38 -34.40 -9.08
CA SER A 630 -50.81 -34.67 -9.16
C SER A 630 -51.64 -33.40 -9.10
N TYR A 631 -51.10 -32.34 -8.51
CA TYR A 631 -51.82 -31.09 -8.38
C TYR A 631 -51.54 -30.09 -9.50
N TRP A 632 -50.40 -30.19 -10.17
CA TRP A 632 -49.88 -29.11 -11.00
C TRP A 632 -49.80 -29.43 -12.49
N THR A 633 -50.10 -30.65 -12.91
CA THR A 633 -49.99 -31.01 -14.31
C THR A 633 -51.31 -31.60 -14.79
N GLU A 634 -51.43 -31.71 -16.11
CA GLU A 634 -52.62 -32.25 -16.74
C GLU A 634 -52.39 -33.60 -17.40
N LYS A 635 -51.18 -33.86 -17.87
CA LYS A 635 -50.85 -35.17 -18.41
C LYS A 635 -51.22 -36.25 -17.40
N PRO A 636 -52.04 -37.23 -17.78
CA PRO A 636 -52.55 -38.21 -16.81
C PRO A 636 -51.40 -38.94 -16.13
N MET A 637 -51.48 -38.99 -14.80
CA MET A 637 -50.55 -39.79 -13.99
C MET A 637 -51.28 -40.30 -12.77
N ILE A 638 -50.67 -41.28 -12.12
CA ILE A 638 -51.23 -41.93 -10.94
C ILE A 638 -50.06 -42.54 -10.18
N HIS A 639 -50.00 -42.30 -8.87
CA HIS A 639 -48.88 -42.73 -8.05
C HIS A 639 -49.41 -43.18 -6.70
N ILE A 640 -49.30 -44.48 -6.41
CA ILE A 640 -49.55 -44.99 -5.08
C ILE A 640 -48.36 -44.63 -4.20
N TYR A 641 -48.64 -44.07 -3.02
CA TYR A 641 -47.57 -43.83 -2.07
C TYR A 641 -46.97 -45.15 -1.62
N GLY A 642 -45.64 -45.17 -1.52
CA GLY A 642 -44.94 -46.32 -0.98
C GLY A 642 -44.07 -47.09 -1.96
N HIS A 643 -43.67 -46.49 -3.08
CA HIS A 643 -42.81 -47.23 -4.00
C HIS A 643 -41.49 -47.61 -3.33
N THR A 644 -40.97 -46.81 -2.40
CA THR A 644 -39.75 -47.18 -1.70
C THR A 644 -40.01 -47.69 -0.28
N TRP A 645 -41.24 -48.17 0.00
CA TRP A 645 -41.64 -48.69 1.30
C TRP A 645 -41.84 -50.19 1.21
N PRO A 646 -40.79 -50.99 1.45
CA PRO A 646 -40.90 -52.45 1.25
C PRO A 646 -41.70 -53.18 2.33
N VAL A 647 -41.69 -52.71 3.57
CA VAL A 647 -42.33 -53.43 4.67
C VAL A 647 -43.15 -52.47 5.53
N ARG A 648 -44.48 -52.58 5.43
CA ARG A 648 -45.41 -51.95 6.36
C ARG A 648 -45.60 -52.87 7.56
N TRP A 649 -46.29 -52.36 8.58
CA TRP A 649 -46.44 -53.12 9.81
C TRP A 649 -47.66 -52.63 10.56
N GLY A 650 -48.08 -53.44 11.54
CA GLY A 650 -49.24 -53.16 12.35
C GLY A 650 -49.88 -54.47 12.79
N GLY A 651 -51.13 -54.37 13.27
CA GLY A 651 -51.88 -55.54 13.67
C GLY A 651 -52.48 -56.27 12.48
N LYS A 652 -52.87 -57.53 12.72
CA LYS A 652 -53.33 -58.41 11.65
C LYS A 652 -54.52 -57.83 10.87
N ASP A 653 -55.57 -57.37 11.55
CA ASP A 653 -56.74 -56.88 10.85
C ASP A 653 -56.82 -55.35 10.78
N ASP A 654 -55.72 -54.64 11.05
CA ASP A 654 -55.73 -53.19 10.90
C ASP A 654 -56.08 -52.79 9.47
N ARG A 655 -56.79 -51.69 9.34
CA ARG A 655 -57.13 -51.14 8.03
C ARG A 655 -56.12 -50.03 7.75
N LYS A 656 -55.12 -50.35 6.95
CA LYS A 656 -54.01 -49.44 6.72
C LYS A 656 -54.39 -48.36 5.73
N GLU A 657 -54.01 -47.12 6.01
CA GLU A 657 -54.31 -46.05 5.09
C GLU A 657 -53.41 -46.16 3.87
N ILE A 658 -54.01 -46.05 2.68
CA ILE A 658 -53.32 -46.05 1.41
C ILE A 658 -53.66 -44.76 0.69
N LEU A 659 -52.64 -44.01 0.31
CA LEU A 659 -52.81 -42.75 -0.41
C LEU A 659 -52.40 -42.93 -1.87
N VAL A 660 -53.17 -42.33 -2.78
CA VAL A 660 -52.85 -42.28 -4.20
C VAL A 660 -52.79 -40.81 -4.59
N TYR A 661 -51.68 -40.40 -5.19
CA TYR A 661 -51.55 -39.05 -5.71
C TYR A 661 -51.67 -39.09 -7.22
N SER A 662 -52.72 -38.47 -7.73
CA SER A 662 -53.06 -38.59 -9.15
C SER A 662 -53.89 -37.38 -9.55
N ASN A 663 -53.79 -37.01 -10.83
CA ASN A 663 -54.66 -35.99 -11.37
C ASN A 663 -55.85 -36.58 -12.14
N CYS A 664 -56.07 -37.89 -12.04
CA CYS A 664 -57.23 -38.49 -12.69
C CYS A 664 -58.51 -38.07 -11.98
N ASP A 665 -59.59 -38.01 -12.74
CA ASP A 665 -60.88 -37.65 -12.18
C ASP A 665 -61.38 -38.71 -11.20
N GLU A 666 -61.06 -39.98 -11.44
CA GLU A 666 -61.48 -41.04 -10.55
C GLU A 666 -60.46 -42.17 -10.60
N VAL A 667 -60.36 -42.89 -9.48
CA VAL A 667 -59.37 -43.94 -9.31
C VAL A 667 -60.00 -45.11 -8.59
N GLU A 668 -59.69 -46.32 -9.03
CA GLU A 668 -60.10 -47.52 -8.32
C GLU A 668 -58.89 -48.24 -7.76
N LEU A 669 -58.98 -48.64 -6.50
CA LEU A 669 -57.89 -49.32 -5.81
C LEU A 669 -58.19 -50.81 -5.70
N PHE A 670 -57.19 -51.63 -5.97
CA PHE A 670 -57.28 -53.08 -5.82
C PHE A 670 -56.19 -53.50 -4.85
N VAL A 671 -56.57 -54.25 -3.82
CA VAL A 671 -55.64 -54.78 -2.85
C VAL A 671 -55.67 -56.30 -2.98
N ASN A 672 -54.59 -56.87 -3.52
CA ASN A 672 -54.51 -58.31 -3.70
C ASN A 672 -55.62 -58.79 -4.64
N GLY A 673 -55.92 -57.96 -5.64
CA GLY A 673 -56.91 -58.28 -6.64
C GLY A 673 -58.33 -57.92 -6.26
N VAL A 674 -58.59 -57.59 -5.00
CA VAL A 674 -59.92 -57.26 -4.52
C VAL A 674 -60.14 -55.75 -4.63
N SER A 675 -61.08 -55.34 -5.46
CA SER A 675 -61.42 -53.93 -5.57
C SER A 675 -61.85 -53.36 -4.23
N GLN A 676 -61.36 -52.17 -3.92
CA GLN A 676 -61.73 -51.44 -2.72
C GLN A 676 -62.64 -50.26 -3.04
N GLY A 677 -63.10 -50.17 -4.27
CA GLY A 677 -64.04 -49.10 -4.56
C GLY A 677 -63.41 -47.99 -5.40
N VAL A 678 -64.24 -47.37 -6.21
CA VAL A 678 -63.85 -46.18 -6.95
C VAL A 678 -64.02 -44.97 -6.07
N LYS A 679 -63.13 -43.99 -6.22
CA LYS A 679 -63.24 -42.73 -5.51
C LYS A 679 -62.98 -41.59 -6.48
N ARG A 680 -63.67 -40.48 -6.24
CA ARG A 680 -63.58 -39.30 -7.10
C ARG A 680 -62.60 -38.30 -6.52
N ARG A 681 -61.79 -37.70 -7.39
CA ARG A 681 -60.80 -36.74 -6.97
C ARG A 681 -61.44 -35.43 -6.57
N ASN A 682 -60.96 -34.86 -5.47
CA ASN A 682 -61.46 -33.58 -4.97
C ASN A 682 -60.39 -32.96 -4.08
N SER A 683 -59.72 -31.92 -4.58
CA SER A 683 -58.57 -31.35 -3.87
C SER A 683 -58.90 -31.06 -2.41
N GLN A 684 -60.09 -30.52 -2.15
CA GLN A 684 -60.44 -30.10 -0.80
C GLN A 684 -60.76 -31.25 0.13
N ASP A 685 -60.87 -32.49 -0.38
CA ASP A 685 -61.12 -33.67 0.45
C ASP A 685 -59.77 -34.25 0.87
N TYR A 686 -59.16 -33.59 1.84
CA TYR A 686 -57.80 -33.86 2.29
C TYR A 686 -57.77 -35.06 3.23
N PRO A 687 -56.76 -35.93 3.13
CA PRO A 687 -55.64 -35.81 2.18
C PRO A 687 -55.84 -36.63 0.92
N ALA A 688 -54.88 -36.53 -0.01
CA ALA A 688 -54.90 -37.28 -1.25
C ALA A 688 -56.07 -36.87 -2.16
N ALA A 689 -56.67 -35.71 -1.92
CA ALA A 689 -57.76 -35.21 -2.76
C ALA A 689 -58.83 -36.28 -2.91
N GLY A 690 -59.19 -36.89 -1.79
CA GLY A 690 -60.20 -37.91 -1.76
C GLY A 690 -59.73 -39.29 -2.17
N LEU A 691 -58.55 -39.42 -2.77
CA LEU A 691 -58.09 -40.72 -3.25
C LEU A 691 -57.30 -41.44 -2.15
N ARG A 692 -58.01 -41.72 -1.05
CA ARG A 692 -57.46 -42.49 0.07
C ARG A 692 -58.41 -43.63 0.43
N TRP A 693 -57.83 -44.74 0.86
CA TRP A 693 -58.55 -45.94 1.28
C TRP A 693 -57.94 -46.45 2.58
N ASN A 694 -58.71 -47.25 3.33
CA ASN A 694 -58.21 -47.99 4.49
C ASN A 694 -58.43 -49.48 4.23
N CYS A 695 -57.34 -50.24 4.13
CA CYS A 695 -57.43 -51.60 3.65
C CYS A 695 -56.65 -52.56 4.54
N VAL A 696 -57.18 -53.77 4.66
CA VAL A 696 -56.51 -54.85 5.37
C VAL A 696 -55.42 -55.40 4.45
N TYR A 697 -54.20 -55.48 4.97
CA TYR A 697 -53.11 -56.21 4.33
C TYR A 697 -53.05 -57.62 4.91
N GLN A 698 -52.69 -58.58 4.07
CA GLN A 698 -52.38 -59.91 4.57
C GLN A 698 -50.92 -59.96 4.98
N GLU A 699 -50.63 -60.81 5.96
CA GLU A 699 -49.24 -61.02 6.37
C GLU A 699 -48.44 -61.57 5.20
N GLY A 700 -47.23 -61.05 5.04
CA GLY A 700 -46.43 -61.35 3.87
C GLY A 700 -46.66 -60.37 2.75
N MET A 701 -46.49 -60.81 1.51
CA MET A 701 -46.48 -59.91 0.37
C MET A 701 -47.89 -59.50 -0.01
N ASN A 702 -48.04 -58.21 -0.35
CA ASN A 702 -49.28 -57.65 -0.84
C ASN A 702 -49.04 -56.94 -2.16
N GLU A 703 -50.05 -56.95 -3.03
CA GLU A 703 -50.02 -56.20 -4.27
C GLU A 703 -51.12 -55.15 -4.24
N ILE A 704 -50.73 -53.89 -4.42
CA ILE A 704 -51.67 -52.78 -4.45
C ILE A 704 -51.65 -52.21 -5.86
N ARG A 705 -52.83 -52.11 -6.48
CA ARG A 705 -52.96 -51.65 -7.85
C ARG A 705 -54.00 -50.54 -7.88
N ALA A 706 -53.70 -49.49 -8.64
CA ALA A 706 -54.59 -48.34 -8.79
C ALA A 706 -54.74 -48.03 -10.27
N VAL A 707 -55.99 -47.83 -10.69
CA VAL A 707 -56.36 -47.55 -12.07
C VAL A 707 -57.16 -46.28 -12.08
N GLY A 708 -56.74 -45.31 -12.88
CA GLY A 708 -57.42 -44.04 -12.93
C GLY A 708 -57.74 -43.65 -14.36
N VAL A 709 -58.75 -42.80 -14.49
CA VAL A 709 -59.16 -42.29 -15.80
C VAL A 709 -59.24 -40.77 -15.69
N LYS A 710 -58.70 -40.08 -16.68
CA LYS A 710 -58.77 -38.63 -16.77
C LYS A 710 -59.64 -38.29 -17.98
N LYS A 711 -60.86 -37.81 -17.71
CA LYS A 711 -61.87 -37.69 -18.75
C LYS A 711 -61.46 -36.74 -19.87
N LYS A 712 -60.91 -35.57 -19.52
CA LYS A 712 -60.51 -34.59 -20.53
C LYS A 712 -59.68 -35.24 -21.64
N GLU A 713 -58.66 -36.01 -21.28
CA GLU A 713 -57.82 -36.70 -22.23
C GLU A 713 -58.38 -38.08 -22.64
N LYS A 714 -59.47 -38.53 -22.01
CA LYS A 714 -60.05 -39.85 -22.30
C LYS A 714 -59.02 -40.96 -22.16
N LYS A 715 -58.12 -40.82 -21.18
CA LYS A 715 -57.01 -41.73 -20.96
C LYS A 715 -57.18 -42.51 -19.66
N GLU A 716 -56.72 -43.75 -19.68
CA GLU A 716 -56.60 -44.57 -18.48
C GLU A 716 -55.13 -44.80 -18.19
N VAL A 717 -54.76 -44.72 -16.90
CA VAL A 717 -53.40 -44.93 -16.42
C VAL A 717 -53.47 -45.78 -15.15
N SER A 718 -52.37 -46.48 -14.87
CA SER A 718 -52.33 -47.35 -13.71
C SER A 718 -50.94 -47.35 -13.05
N ASP A 719 -50.94 -47.76 -11.79
CA ASP A 719 -49.75 -47.94 -10.99
C ASP A 719 -49.94 -49.19 -10.14
N VAL A 720 -48.83 -49.82 -9.75
CA VAL A 720 -48.84 -50.99 -8.88
C VAL A 720 -47.57 -50.99 -8.03
N ILE A 721 -47.73 -51.31 -6.74
CA ILE A 721 -46.61 -51.55 -5.83
C ILE A 721 -46.85 -52.86 -5.10
N ARG A 722 -45.75 -53.46 -4.65
CA ARG A 722 -45.79 -54.67 -3.84
C ARG A 722 -45.15 -54.39 -2.49
N GLN A 723 -45.84 -54.72 -1.41
CA GLN A 723 -45.38 -54.43 -0.06
C GLN A 723 -45.59 -55.65 0.83
N GLU A 724 -44.59 -55.93 1.66
CA GLU A 724 -44.78 -56.89 2.74
C GLU A 724 -45.46 -56.21 3.92
N TYR A 725 -46.18 -57.02 4.72
CA TYR A 725 -46.84 -56.55 5.93
C TYR A 725 -46.39 -57.44 7.09
N GLN A 726 -45.79 -56.82 8.10
CA GLN A 726 -45.22 -57.51 9.26
C GLN A 726 -46.09 -57.23 10.48
N THR A 727 -46.63 -58.28 11.09
CA THR A 727 -47.36 -58.16 12.35
C THR A 727 -46.51 -58.45 13.57
N ALA A 728 -45.36 -59.10 13.40
CA ALA A 728 -44.48 -59.35 14.52
C ALA A 728 -43.90 -58.04 15.04
N LYS A 729 -43.92 -57.86 16.36
CA LYS A 729 -43.30 -56.72 17.01
C LYS A 729 -41.83 -57.04 17.25
N TRP A 730 -41.01 -56.00 17.31
CA TRP A 730 -39.58 -56.14 17.51
C TRP A 730 -39.15 -55.48 18.80
N ASP A 731 -38.09 -56.02 19.37
CA ASP A 731 -37.45 -55.52 20.58
C ASP A 731 -36.33 -54.56 20.13
N LYS A 732 -35.40 -54.23 21.03
CA LYS A 732 -34.25 -53.38 20.68
C LYS A 732 -33.39 -54.03 19.59
N GLU A 733 -32.65 -53.17 18.88
CA GLU A 733 -31.70 -53.64 17.87
C GLU A 733 -30.60 -54.47 18.52
N ALA A 734 -30.25 -55.59 17.89
CA ALA A 734 -29.26 -56.52 18.47
C ALA A 734 -28.20 -56.95 17.46
N ALA A 735 -28.51 -56.92 16.17
CA ALA A 735 -27.53 -57.35 15.18
C ALA A 735 -27.77 -56.67 13.85
N CYS A 736 -26.73 -56.65 13.02
CA CYS A 736 -26.83 -56.22 11.63
C CYS A 736 -26.75 -57.45 10.76
N GLN A 737 -27.80 -57.68 10.00
CA GLN A 737 -27.83 -58.75 9.01
C GLN A 737 -27.44 -58.15 7.67
N VAL A 738 -26.36 -58.67 7.08
CA VAL A 738 -25.80 -58.10 5.86
C VAL A 738 -25.90 -59.13 4.75
N SER A 739 -26.34 -58.70 3.58
CA SER A 739 -26.50 -59.65 2.49
C SER A 739 -26.32 -58.95 1.16
N LEU A 740 -26.02 -59.74 0.15
CA LEU A 740 -25.93 -59.25 -1.21
C LEU A 740 -27.34 -59.23 -1.79
N LEU A 741 -27.90 -58.04 -1.99
CA LEU A 741 -29.29 -57.94 -2.44
C LEU A 741 -29.42 -58.21 -3.94
N SER A 742 -28.54 -57.65 -4.74
CA SER A 742 -28.59 -57.89 -6.18
C SER A 742 -27.24 -57.52 -6.79
N GLU A 743 -27.11 -57.79 -8.08
CA GLU A 743 -25.88 -57.51 -8.82
C GLU A 743 -26.24 -56.91 -10.16
N GLU A 744 -25.35 -56.06 -10.66
CA GLU A 744 -25.47 -55.53 -12.03
C GLU A 744 -24.05 -55.39 -12.55
N GLY A 745 -23.64 -56.30 -13.42
CA GLY A 745 -22.29 -56.23 -13.93
C GLY A 745 -21.30 -56.34 -12.79
N ASP A 746 -20.38 -55.39 -12.75
CA ASP A 746 -19.34 -55.39 -11.74
C ASP A 746 -19.80 -54.79 -10.41
N THR A 747 -21.08 -54.42 -10.30
CA THR A 747 -21.59 -53.70 -9.14
C THR A 747 -22.45 -54.61 -8.27
N ALA A 748 -22.26 -54.51 -6.97
CA ALA A 748 -23.02 -55.27 -5.99
C ALA A 748 -23.83 -54.31 -5.14
N LEU A 749 -25.09 -54.65 -4.93
CA LEU A 749 -25.96 -53.88 -4.05
C LEU A 749 -26.08 -54.65 -2.74
N VAL A 750 -25.50 -54.09 -1.68
CA VAL A 750 -25.48 -54.69 -0.35
C VAL A 750 -26.62 -54.09 0.47
N GLN A 751 -27.27 -54.92 1.28
CA GLN A 751 -28.35 -54.49 2.14
C GLN A 751 -28.00 -54.77 3.60
N VAL A 752 -28.35 -53.84 4.47
CA VAL A 752 -28.21 -54.04 5.92
C VAL A 752 -29.61 -54.00 6.51
N GLN A 753 -29.90 -54.93 7.42
CA GLN A 753 -31.15 -54.94 8.15
C GLN A 753 -30.88 -55.08 9.64
N LEU A 754 -31.35 -54.11 10.41
CA LEU A 754 -31.29 -54.19 11.87
C LEU A 754 -32.38 -55.13 12.37
N ILE A 755 -31.99 -56.09 13.22
CA ILE A 755 -32.91 -57.09 13.76
C ILE A 755 -32.71 -57.17 15.26
N ASP A 756 -33.73 -57.68 15.95
CA ASP A 756 -33.68 -57.81 17.40
C ASP A 756 -33.13 -59.18 17.77
N LYS A 757 -33.13 -59.51 19.07
CA LYS A 757 -32.55 -60.78 19.55
C LYS A 757 -33.24 -62.00 18.96
N ASN A 758 -34.46 -61.87 18.42
CA ASN A 758 -35.15 -63.01 17.83
C ASN A 758 -35.15 -62.96 16.32
N GLY A 759 -34.38 -62.07 15.72
CA GLY A 759 -34.32 -62.00 14.28
C GLY A 759 -35.46 -61.23 13.65
N ILE A 760 -36.27 -60.54 14.43
CA ILE A 760 -37.34 -59.73 13.87
C ILE A 760 -36.76 -58.38 13.41
N ARG A 761 -37.18 -57.95 12.23
CA ARG A 761 -36.74 -56.66 11.68
C ARG A 761 -37.21 -55.50 12.56
N CYS A 762 -36.28 -54.60 12.89
CA CYS A 762 -36.60 -53.38 13.65
C CYS A 762 -36.98 -52.27 12.69
N LEU A 763 -38.25 -52.32 12.26
CA LEU A 763 -38.72 -51.49 11.15
C LEU A 763 -38.82 -50.01 11.48
N SER A 764 -38.69 -49.60 12.74
CA SER A 764 -38.72 -48.18 13.07
C SER A 764 -37.34 -47.62 13.38
N SER A 765 -36.29 -48.44 13.24
CA SER A 765 -34.96 -48.02 13.69
C SER A 765 -34.39 -46.94 12.80
N LYS A 766 -33.71 -45.99 13.43
CA LYS A 766 -33.01 -44.93 12.71
C LYS A 766 -31.52 -44.94 13.03
N LYS A 767 -31.01 -46.02 13.64
CA LYS A 767 -29.61 -46.05 14.06
C LYS A 767 -28.69 -45.80 12.87
N GLN A 768 -27.61 -45.06 13.11
CA GLN A 768 -26.64 -44.84 12.05
C GLN A 768 -25.89 -46.12 11.76
N ILE A 769 -25.70 -46.38 10.47
CA ILE A 769 -24.95 -47.52 9.95
C ILE A 769 -23.69 -46.99 9.28
N THR A 770 -22.56 -47.64 9.53
CA THR A 770 -21.28 -47.29 8.94
C THR A 770 -20.78 -48.46 8.07
N PHE A 771 -20.43 -48.15 6.82
CA PHE A 771 -19.86 -49.14 5.90
C PHE A 771 -18.34 -48.96 5.79
N GLU A 772 -17.62 -50.08 5.76
CA GLU A 772 -16.20 -50.08 5.49
C GLU A 772 -15.92 -51.21 4.51
N ILE A 773 -14.81 -51.11 3.79
CA ILE A 773 -14.43 -52.16 2.85
C ILE A 773 -12.92 -52.33 2.84
N ALA A 774 -12.47 -53.57 2.63
CA ALA A 774 -11.05 -53.85 2.40
C ALA A 774 -10.93 -54.84 1.25
N GLY A 775 -9.98 -54.59 0.36
CA GLY A 775 -9.82 -55.49 -0.78
C GLY A 775 -9.88 -54.80 -2.13
N ASP A 776 -10.29 -55.54 -3.17
CA ASP A 776 -10.20 -55.01 -4.52
C ASP A 776 -11.28 -54.01 -4.86
N GLY A 777 -12.42 -54.02 -4.15
CA GLY A 777 -13.53 -53.16 -4.49
C GLY A 777 -13.47 -51.80 -3.80
N SER A 778 -14.51 -51.01 -4.05
CA SER A 778 -14.64 -49.72 -3.40
C SER A 778 -16.12 -49.43 -3.17
N LEU A 779 -16.39 -48.75 -2.06
CA LEU A 779 -17.74 -48.28 -1.79
C LEU A 779 -18.10 -47.17 -2.75
N ILE A 780 -19.32 -47.21 -3.27
CA ILE A 780 -19.87 -46.09 -4.02
C ILE A 780 -20.57 -45.21 -2.99
N CYS A 781 -19.81 -44.25 -2.46
CA CYS A 781 -20.29 -43.42 -1.36
C CYS A 781 -19.99 -41.95 -1.63
N ASN A 782 -20.23 -41.10 -0.62
CA ASN A 782 -20.04 -39.64 -0.75
C ASN A 782 -20.84 -39.05 -1.91
N LEU A 783 -22.02 -39.61 -2.16
CA LEU A 783 -22.94 -39.09 -3.15
C LEU A 783 -24.00 -38.18 -2.56
N GLY A 784 -24.16 -38.16 -1.24
CA GLY A 784 -25.16 -37.34 -0.62
C GLY A 784 -26.59 -37.86 -0.78
N THR A 785 -26.75 -39.19 -0.96
CA THR A 785 -28.04 -39.87 -0.99
C THR A 785 -28.08 -40.97 0.06
N SER A 786 -29.30 -41.38 0.43
CA SER A 786 -29.46 -42.37 1.49
C SER A 786 -28.94 -43.76 1.10
N THR A 787 -28.67 -44.00 -0.19
CA THR A 787 -28.06 -45.24 -0.66
C THR A 787 -26.65 -45.04 -1.24
N GLY A 788 -26.09 -43.84 -1.12
CA GLY A 788 -24.72 -43.59 -1.58
C GLY A 788 -23.90 -42.93 -0.49
N SER A 789 -24.01 -43.45 0.74
CA SER A 789 -23.37 -42.87 1.91
C SER A 789 -22.75 -43.95 2.77
N ARG A 790 -21.48 -43.79 3.15
CA ARG A 790 -20.85 -44.80 3.99
C ARG A 790 -21.19 -44.66 5.47
N LYS A 791 -21.75 -43.52 5.88
CA LYS A 791 -22.41 -43.35 7.17
C LYS A 791 -23.79 -42.75 6.91
N VAL A 792 -24.84 -43.44 7.35
CA VAL A 792 -26.22 -43.03 7.06
C VAL A 792 -27.13 -43.58 8.15
N GLN A 793 -28.11 -42.81 8.54
CA GLN A 793 -29.14 -43.35 9.42
C GLN A 793 -29.98 -44.36 8.66
N ALA A 794 -30.34 -45.45 9.32
CA ALA A 794 -31.17 -46.48 8.70
C ALA A 794 -32.54 -45.91 8.35
N TYR A 795 -33.14 -46.46 7.30
CA TYR A 795 -34.52 -46.14 6.91
C TYR A 795 -35.39 -47.37 7.20
N ASN A 796 -36.26 -47.26 8.21
CA ASN A 796 -37.06 -48.41 8.64
C ASN A 796 -36.16 -49.62 8.89
N GLY A 797 -35.02 -49.36 9.53
CA GLY A 797 -34.12 -50.43 9.94
C GLY A 797 -33.20 -50.98 8.88
N ARG A 798 -33.19 -50.44 7.67
CA ARG A 798 -32.31 -50.99 6.65
C ARG A 798 -31.43 -49.87 6.09
N ALA A 799 -30.37 -50.30 5.40
CA ALA A 799 -29.51 -49.38 4.68
C ALA A 799 -28.95 -50.12 3.49
N LEU A 800 -28.82 -49.42 2.36
CA LEU A 800 -28.27 -49.98 1.15
C LEU A 800 -27.05 -49.18 0.74
N ILE A 801 -26.11 -49.85 0.09
CA ILE A 801 -24.99 -49.19 -0.57
C ILE A 801 -24.53 -50.09 -1.71
N ARG A 802 -24.00 -49.47 -2.77
CA ARG A 802 -23.42 -50.22 -3.88
C ARG A 802 -21.90 -50.32 -3.75
N ILE A 803 -21.35 -51.46 -4.14
CA ILE A 803 -19.91 -51.68 -4.15
C ILE A 803 -19.47 -51.91 -5.57
N LYS A 804 -18.45 -51.17 -6.02
CA LYS A 804 -17.77 -51.46 -7.28
C LYS A 804 -16.71 -52.54 -7.00
N ARG A 805 -16.92 -53.73 -7.55
CA ARG A 805 -16.11 -54.87 -7.15
C ARG A 805 -14.78 -54.94 -7.87
N ASN A 806 -14.63 -54.26 -9.00
CA ASN A 806 -13.39 -54.29 -9.76
C ASN A 806 -12.98 -55.72 -10.10
N GLU A 807 -13.96 -56.59 -10.27
CA GLU A 807 -13.73 -57.97 -10.67
C GLU A 807 -12.80 -58.70 -9.71
N GLY A 808 -12.77 -58.28 -8.45
CA GLY A 808 -11.93 -58.93 -7.46
C GLY A 808 -12.67 -59.31 -6.19
N ASN A 809 -11.94 -59.51 -5.10
CA ASN A 809 -12.51 -59.94 -3.83
C ASN A 809 -12.38 -58.84 -2.79
N SER A 810 -13.47 -58.65 -2.04
CA SER A 810 -13.49 -57.66 -0.98
C SER A 810 -14.21 -58.23 0.22
N VAL A 811 -14.01 -57.59 1.36
CA VAL A 811 -14.82 -57.84 2.55
C VAL A 811 -15.41 -56.53 3.00
N VAL A 812 -16.73 -56.51 3.20
CA VAL A 812 -17.44 -55.35 3.69
C VAL A 812 -17.70 -55.56 5.18
N ALA A 813 -17.41 -54.54 5.98
CA ALA A 813 -17.75 -54.51 7.40
C ALA A 813 -18.85 -53.49 7.60
N VAL A 814 -19.73 -53.78 8.57
CA VAL A 814 -20.92 -52.98 8.85
C VAL A 814 -20.96 -52.74 10.35
N LYS A 815 -20.91 -51.47 10.75
CA LYS A 815 -20.84 -51.09 12.15
C LYS A 815 -22.07 -50.30 12.55
N SER A 816 -22.43 -50.43 13.81
CA SER A 816 -23.52 -49.65 14.38
C SER A 816 -23.29 -49.63 15.88
N GLU A 817 -23.53 -48.48 16.51
CA GLU A 817 -23.13 -48.30 17.89
C GLU A 817 -23.76 -49.35 18.78
N GLY A 818 -22.95 -49.98 19.62
CA GLY A 818 -23.44 -50.97 20.57
C GLY A 818 -23.79 -52.33 20.00
N LEU A 819 -23.67 -52.53 18.68
CA LEU A 819 -23.95 -53.83 18.07
C LEU A 819 -22.67 -54.48 17.58
N PRO A 820 -22.60 -55.81 17.52
CA PRO A 820 -21.39 -56.44 16.98
C PRO A 820 -21.23 -56.16 15.49
N THR A 821 -19.99 -55.89 15.11
CA THR A 821 -19.71 -55.56 13.73
C THR A 821 -19.93 -56.78 12.85
N ALA A 822 -20.62 -56.59 11.73
CA ALA A 822 -20.93 -57.67 10.81
C ALA A 822 -20.05 -57.58 9.57
N PHE A 823 -19.91 -58.72 8.90
CA PHE A 823 -19.02 -58.81 7.75
C PHE A 823 -19.70 -59.55 6.62
N LEU A 824 -19.39 -59.14 5.40
CA LEU A 824 -19.91 -59.78 4.19
C LEU A 824 -18.79 -59.88 3.18
N GLU A 825 -18.57 -61.09 2.66
CA GLU A 825 -17.58 -61.29 1.61
C GLU A 825 -18.20 -61.05 0.25
N LEU A 826 -17.42 -60.47 -0.66
CA LEU A 826 -17.82 -60.26 -2.04
C LEU A 826 -16.73 -60.86 -2.91
N LYS A 827 -17.04 -61.93 -3.62
CA LYS A 827 -16.10 -62.54 -4.55
C LYS A 827 -16.54 -62.29 -5.98
N SER A 828 -15.61 -62.43 -6.91
CA SER A 828 -15.92 -62.31 -8.33
C SER A 828 -15.66 -63.61 -9.06
N PRO A 829 -16.34 -63.85 -10.18
CA PRO A 829 -16.27 -65.11 -10.95
C PRO A 829 -14.87 -65.49 -11.40
N ASN B 22 14.84 -11.08 17.79
CA ASN B 22 14.05 -11.98 18.63
C ASN B 22 14.96 -12.71 19.64
N ALA B 23 14.36 -13.20 20.72
CA ALA B 23 15.08 -13.88 21.80
C ALA B 23 14.22 -15.01 22.37
N LYS B 24 14.85 -15.86 23.19
CA LYS B 24 14.18 -16.99 23.81
C LYS B 24 13.65 -16.68 25.22
N VAL B 25 13.85 -15.45 25.70
CA VAL B 25 13.52 -14.97 27.05
C VAL B 25 14.35 -15.72 28.09
N PRO B 26 15.33 -15.04 28.71
CA PRO B 26 16.02 -15.62 29.88
C PRO B 26 15.14 -15.57 31.13
N ALA B 27 14.27 -16.56 31.31
CA ALA B 27 13.36 -16.56 32.44
C ALA B 27 13.48 -17.85 33.24
N MET B 28 13.05 -17.75 34.49
CA MET B 28 13.07 -18.83 35.46
C MET B 28 11.73 -19.52 35.62
N ASN B 29 10.63 -18.83 35.30
CA ASN B 29 9.26 -19.29 35.51
C ASN B 29 8.43 -19.55 34.24
N LYS B 30 8.89 -20.48 33.38
CA LYS B 30 8.17 -20.80 32.15
C LYS B 30 7.12 -21.89 32.32
N ILE B 31 5.91 -21.60 31.86
CA ILE B 31 4.79 -22.52 31.94
C ILE B 31 4.57 -23.04 30.53
N ARG B 32 4.80 -24.33 30.30
CA ARG B 32 4.52 -24.90 28.99
C ARG B 32 3.01 -25.05 28.82
N LEU B 33 2.48 -24.44 27.76
CA LEU B 33 1.05 -24.50 27.46
C LEU B 33 0.79 -25.72 26.59
N THR B 34 0.63 -26.88 27.24
CA THR B 34 0.48 -28.13 26.49
C THR B 34 -0.96 -28.58 26.35
N ASN B 35 -1.83 -28.28 27.30
CA ASN B 35 -3.18 -28.84 27.38
C ASN B 35 -4.24 -27.84 26.96
N ASN B 36 -5.41 -28.38 26.61
CA ASN B 36 -6.63 -27.61 26.41
C ASN B 36 -6.55 -26.73 25.17
N TRP B 37 -5.98 -27.28 24.10
CA TRP B 37 -5.92 -26.58 22.83
C TRP B 37 -6.89 -27.22 21.85
N GLU B 38 -7.35 -26.44 20.90
CA GLU B 38 -8.09 -26.96 19.76
C GLU B 38 -7.39 -26.54 18.48
N TYR B 39 -7.41 -27.43 17.50
CA TYR B 39 -6.69 -27.23 16.26
C TYR B 39 -7.63 -27.34 15.07
N LEU B 40 -7.51 -26.41 14.13
CA LEU B 40 -8.26 -26.44 12.89
C LEU B 40 -7.30 -26.42 11.71
N LYS B 41 -7.35 -27.45 10.88
CA LYS B 41 -6.60 -27.46 9.62
C LYS B 41 -7.35 -26.64 8.57
N GLY B 42 -6.85 -25.46 8.25
CA GLY B 42 -7.53 -24.55 7.34
C GLY B 42 -7.54 -23.16 7.91
N ASP B 43 -8.25 -22.25 7.23
CA ASP B 43 -8.24 -20.84 7.58
C ASP B 43 -9.62 -20.39 8.05
N LEU B 44 -9.61 -19.43 8.98
CA LEU B 44 -10.82 -18.76 9.39
C LEU B 44 -11.10 -17.59 8.45
N GLY B 45 -12.37 -17.17 8.40
CA GLY B 45 -12.73 -16.01 7.62
C GLY B 45 -12.35 -14.69 8.24
N GLY B 46 -11.88 -14.71 9.48
CA GLY B 46 -11.53 -13.54 10.25
C GLY B 46 -11.44 -13.91 11.71
N ILE B 47 -10.74 -13.08 12.48
CA ILE B 47 -10.52 -13.40 13.89
C ILE B 47 -11.86 -13.51 14.62
N TRP B 48 -12.89 -12.83 14.15
CA TRP B 48 -14.18 -12.93 14.81
C TRP B 48 -14.68 -14.37 14.86
N GLU B 49 -14.33 -15.17 13.85
CA GLU B 49 -14.76 -16.56 13.88
C GLU B 49 -14.14 -17.36 15.01
N ALA B 50 -12.99 -16.92 15.56
CA ALA B 50 -12.38 -17.68 16.66
C ALA B 50 -13.05 -17.41 18.00
N VAL B 51 -13.69 -16.26 18.17
CA VAL B 51 -14.14 -15.81 19.48
C VAL B 51 -15.61 -15.42 19.52
N ARG B 52 -16.33 -15.47 18.40
CA ARG B 52 -17.71 -15.05 18.42
C ARG B 52 -18.57 -16.06 19.18
N PRO B 53 -19.69 -15.63 19.73
CA PRO B 53 -20.61 -16.57 20.36
C PRO B 53 -21.06 -17.64 19.37
N ALA B 54 -21.18 -18.87 19.86
CA ALA B 54 -21.59 -20.01 19.04
C ALA B 54 -22.45 -20.94 19.90
N ALA B 55 -23.65 -21.23 19.42
CA ALA B 55 -24.49 -22.17 20.12
C ALA B 55 -24.37 -23.56 19.48
N PRO B 56 -24.57 -24.62 20.26
CA PRO B 56 -24.54 -25.97 19.67
C PRO B 56 -25.56 -26.09 18.55
N GLY B 57 -25.16 -26.79 17.49
CA GLY B 57 -26.04 -26.98 16.35
C GLY B 57 -26.19 -25.78 15.45
N SER B 58 -25.54 -24.66 15.75
CA SER B 58 -25.67 -23.45 14.96
C SER B 58 -24.72 -23.50 13.76
N SER B 59 -24.85 -22.49 12.90
CA SER B 59 -23.91 -22.35 11.80
C SER B 59 -22.50 -22.08 12.30
N GLU B 60 -22.38 -21.45 13.47
CA GLU B 60 -21.08 -21.16 14.03
C GLU B 60 -20.36 -22.39 14.56
N ALA B 61 -21.09 -23.48 14.79
CA ALA B 61 -20.51 -24.70 15.37
C ALA B 61 -19.73 -25.52 14.37
N VAL B 62 -19.69 -25.11 13.10
CA VAL B 62 -18.80 -25.69 12.10
C VAL B 62 -17.94 -24.54 11.60
N PRO B 63 -16.71 -24.79 11.11
CA PRO B 63 -16.07 -26.11 11.03
C PRO B 63 -15.78 -26.71 12.42
N ILE B 64 -15.57 -28.03 12.43
CA ILE B 64 -15.33 -28.75 13.67
C ILE B 64 -13.83 -28.82 13.91
N TRP B 65 -13.42 -28.45 15.11
CA TRP B 65 -12.02 -28.42 15.51
C TRP B 65 -11.63 -29.73 16.19
N GLN B 66 -10.32 -29.98 16.25
CA GLN B 66 -9.83 -31.20 16.86
C GLN B 66 -9.11 -30.87 18.16
N PRO B 67 -9.46 -31.51 19.27
CA PRO B 67 -8.69 -31.32 20.50
C PRO B 67 -7.29 -31.86 20.35
N VAL B 68 -6.30 -31.12 20.84
CA VAL B 68 -4.90 -31.55 20.72
C VAL B 68 -4.13 -31.08 21.94
N THR B 69 -2.97 -31.67 22.14
CA THR B 69 -1.99 -31.17 23.09
C THR B 69 -0.80 -30.62 22.33
N LEU B 70 -0.09 -29.61 22.94
CA LEU B 70 1.14 -29.13 22.31
C LEU B 70 2.37 -29.84 22.89
N PRO B 71 3.46 -29.94 22.12
CA PRO B 71 3.58 -29.42 20.75
C PRO B 71 2.77 -30.25 19.74
N HIS B 72 2.42 -29.62 18.62
CA HIS B 72 1.58 -30.22 17.60
C HIS B 72 2.13 -29.83 16.24
N CYS B 73 2.06 -30.76 15.29
CA CYS B 73 2.52 -30.49 13.94
C CYS B 73 1.39 -30.84 12.97
N PHE B 74 1.12 -29.93 12.03
CA PHE B 74 0.12 -30.20 11.00
C PHE B 74 0.36 -31.54 10.35
N ASN B 75 1.62 -31.98 10.30
CA ASN B 75 2.00 -33.01 9.36
C ASN B 75 2.37 -34.32 10.05
N ALA B 76 1.88 -34.54 11.28
CA ALA B 76 2.25 -35.73 12.05
C ALA B 76 2.01 -37.03 11.30
N GLU B 77 0.95 -37.08 10.47
CA GLU B 77 0.60 -38.25 9.67
C GLU B 77 0.78 -38.06 8.17
N ASP B 78 0.39 -36.91 7.60
CA ASP B 78 0.31 -36.82 6.15
C ASP B 78 1.68 -36.65 5.48
N ALA B 79 2.75 -36.35 6.22
CA ALA B 79 4.09 -36.31 5.62
C ALA B 79 4.45 -37.65 5.01
N VAL B 80 4.15 -38.75 5.71
CA VAL B 80 4.50 -40.08 5.22
C VAL B 80 3.30 -40.85 4.69
N ASP B 81 2.09 -40.32 4.81
CA ASP B 81 0.98 -40.92 4.10
C ASP B 81 1.35 -41.11 2.63
N PRO B 82 1.27 -42.33 2.10
CA PRO B 82 1.79 -42.56 0.73
C PRO B 82 0.92 -41.99 -0.37
N ASP B 83 -0.31 -41.55 -0.08
CA ASP B 83 -1.24 -41.18 -1.15
C ASP B 83 -1.58 -39.69 -1.21
N VAL B 84 -0.92 -38.83 -0.41
CA VAL B 84 -1.26 -37.41 -0.39
C VAL B 84 0.00 -36.55 -0.32
N ASN B 85 -0.08 -35.36 -0.93
CA ASN B 85 0.91 -34.31 -0.70
C ASN B 85 0.76 -33.79 0.71
N TYR B 86 1.88 -33.67 1.43
CA TYR B 86 1.76 -33.18 2.81
C TYR B 86 1.22 -31.76 2.83
N TYR B 87 0.46 -31.44 3.86
CA TYR B 87 -0.27 -30.18 3.91
C TYR B 87 0.71 -29.00 4.05
N GLU B 88 0.62 -28.05 3.12
CA GLU B 88 1.33 -26.77 3.22
C GLU B 88 0.27 -25.67 3.10
N GLY B 89 -0.06 -25.04 4.23
CA GLY B 89 -1.12 -24.06 4.28
C GLY B 89 -1.43 -23.61 5.69
N PRO B 90 -2.53 -22.89 5.86
CA PRO B 90 -2.84 -22.31 7.18
C PRO B 90 -3.54 -23.27 8.13
N GLY B 91 -3.37 -22.99 9.42
CA GLY B 91 -4.06 -23.72 10.48
C GLY B 91 -4.15 -22.87 11.73
N TRP B 92 -5.14 -23.18 12.57
CA TRP B 92 -5.41 -22.35 13.73
C TRP B 92 -5.39 -23.15 15.01
N TYR B 93 -4.99 -22.48 16.09
CA TYR B 93 -5.06 -23.02 17.44
C TYR B 93 -5.79 -22.03 18.33
N LYS B 94 -6.54 -22.55 19.29
CA LYS B 94 -7.16 -21.65 20.27
C LYS B 94 -7.22 -22.32 21.63
N THR B 95 -7.13 -21.47 22.66
CA THR B 95 -7.20 -21.89 24.05
C THR B 95 -7.73 -20.72 24.88
N LEU B 96 -8.06 -21.01 26.15
CA LEU B 96 -8.47 -19.99 27.11
C LEU B 96 -7.46 -19.95 28.25
N LEU B 97 -6.79 -18.82 28.42
CA LEU B 97 -5.76 -18.65 29.43
C LEU B 97 -6.39 -18.21 30.74
N ALA B 98 -6.04 -18.89 31.82
CA ALA B 98 -6.35 -18.44 33.17
C ALA B 98 -5.15 -17.62 33.61
N ILE B 99 -5.30 -16.30 33.62
CA ILE B 99 -4.17 -15.41 33.86
C ILE B 99 -4.07 -15.10 35.35
N ASP B 100 -2.86 -15.24 35.90
CA ASP B 100 -2.64 -14.91 37.31
C ASP B 100 -1.16 -14.52 37.48
N ASN B 101 -0.86 -13.23 37.31
CA ASN B 101 0.54 -12.78 37.36
C ASN B 101 0.99 -12.67 38.81
N PRO B 102 2.04 -13.37 39.21
CA PRO B 102 2.53 -13.24 40.60
C PRO B 102 3.27 -11.94 40.89
N TYR B 103 3.73 -11.20 39.89
CA TYR B 103 4.50 -9.98 40.11
C TYR B 103 3.61 -8.75 40.05
N ARG B 104 3.88 -7.80 40.94
CA ARG B 104 3.16 -6.54 40.96
C ARG B 104 3.48 -5.76 39.69
N ASN B 105 2.45 -5.38 38.94
CA ASN B 105 2.63 -4.60 37.73
C ASN B 105 3.57 -5.33 36.75
N GLY B 106 3.46 -6.67 36.71
CA GLY B 106 4.33 -7.48 35.91
C GLY B 106 3.90 -7.59 34.45
N ARG B 107 4.73 -8.30 33.67
CA ARG B 107 4.49 -8.48 32.25
C ARG B 107 4.00 -9.90 32.00
N ILE B 108 3.21 -10.08 30.95
CA ILE B 108 2.79 -11.39 30.49
C ILE B 108 3.35 -11.60 29.10
N VAL B 109 4.15 -12.66 28.93
CA VAL B 109 4.86 -12.91 27.69
C VAL B 109 4.54 -14.31 27.19
N LEU B 110 4.24 -14.40 25.88
CA LEU B 110 4.17 -15.67 25.16
C LEU B 110 5.52 -15.92 24.50
N ASP B 111 6.16 -17.04 24.84
CA ASP B 111 7.51 -17.32 24.38
C ASP B 111 7.50 -18.58 23.52
N PHE B 112 7.83 -18.43 22.24
CA PHE B 112 7.76 -19.49 21.25
C PHE B 112 9.15 -20.12 21.07
N ASP B 113 9.29 -21.39 21.48
CA ASP B 113 10.49 -22.13 21.13
C ASP B 113 10.65 -22.25 19.61
N GLY B 114 9.54 -22.27 18.88
CA GLY B 114 9.57 -22.37 17.44
C GLY B 114 8.23 -22.77 16.86
N ALA B 115 7.83 -22.17 15.74
CA ALA B 115 6.55 -22.46 15.10
C ALA B 115 6.69 -22.25 13.59
N GLY B 116 6.06 -23.11 12.80
CA GLY B 116 6.22 -23.10 11.35
C GLY B 116 4.95 -22.66 10.62
N GLN B 117 5.09 -21.79 9.63
CA GLN B 117 6.33 -21.10 9.29
C GLN B 117 6.13 -19.60 9.52
N LYS B 118 4.94 -19.12 9.16
CA LYS B 118 4.49 -17.77 9.46
C LYS B 118 3.40 -17.85 10.51
N THR B 119 3.54 -17.08 11.59
CA THR B 119 2.62 -17.18 12.72
C THR B 119 2.06 -15.80 13.07
N ASP B 120 0.75 -15.74 13.31
CA ASP B 120 0.10 -14.54 13.80
C ASP B 120 -0.63 -14.87 15.10
N VAL B 121 -0.57 -13.96 16.06
CA VAL B 121 -1.02 -14.19 17.43
C VAL B 121 -2.11 -13.19 17.75
N TYR B 122 -3.19 -13.67 18.39
CA TYR B 122 -4.35 -12.83 18.72
C TYR B 122 -4.75 -13.03 20.18
N VAL B 123 -5.01 -11.92 20.88
CA VAL B 123 -5.68 -11.93 22.17
C VAL B 123 -7.09 -11.39 21.94
N TYR B 124 -8.10 -12.24 22.17
CA TYR B 124 -9.45 -11.93 21.70
C TYR B 124 -9.34 -11.54 20.23
N THR B 125 -9.80 -10.34 19.86
CA THR B 125 -9.76 -9.91 18.46
C THR B 125 -8.53 -9.06 18.12
N THR B 126 -7.60 -8.86 19.05
CA THR B 126 -6.49 -7.95 18.84
C THR B 126 -5.27 -8.72 18.32
N HIS B 127 -4.78 -8.32 17.16
CA HIS B 127 -3.53 -8.87 16.65
C HIS B 127 -2.40 -8.36 17.53
N VAL B 128 -1.62 -9.25 18.15
CA VAL B 128 -0.60 -8.81 19.08
C VAL B 128 0.81 -9.10 18.62
N GLY B 129 1.00 -9.92 17.60
CA GLY B 129 2.34 -10.22 17.15
C GLY B 129 2.31 -11.19 15.99
N SER B 130 3.44 -11.25 15.29
CA SER B 130 3.58 -12.16 14.17
C SER B 130 5.05 -12.50 14.02
N HIS B 131 5.33 -13.52 13.20
CA HIS B 131 6.69 -13.99 13.03
C HIS B 131 6.78 -14.76 11.72
N VAL B 132 7.88 -14.57 10.99
CA VAL B 132 8.20 -15.38 9.82
C VAL B 132 9.54 -16.08 10.07
N GLY B 133 9.50 -17.41 10.11
CA GLY B 133 10.67 -18.22 10.38
C GLY B 133 10.31 -19.40 11.26
N GLY B 134 10.55 -20.61 10.78
CA GLY B 134 10.04 -21.78 11.47
C GLY B 134 10.95 -22.38 12.52
N TYR B 135 12.14 -21.80 12.71
CA TYR B 135 13.21 -22.47 13.43
C TYR B 135 13.89 -21.61 14.47
N ASP B 136 13.62 -20.30 14.49
CA ASP B 136 14.14 -19.43 15.53
C ASP B 136 13.11 -19.22 16.64
N SER B 137 13.62 -18.83 17.80
CA SER B 137 12.80 -18.52 18.95
C SER B 137 12.36 -17.07 18.89
N TRP B 138 11.21 -16.76 19.49
CA TRP B 138 10.64 -15.42 19.47
C TRP B 138 9.55 -15.36 20.54
N ASN B 139 9.13 -14.14 20.86
CA ASN B 139 8.13 -13.98 21.92
C ASN B 139 7.31 -12.71 21.68
N VAL B 140 6.18 -12.64 22.39
CA VAL B 140 5.24 -11.53 22.30
C VAL B 140 4.83 -11.13 23.71
N ASP B 141 4.97 -9.84 24.02
CA ASP B 141 4.48 -9.29 25.28
C ASP B 141 3.00 -8.93 25.11
N ILE B 142 2.12 -9.62 25.83
CA ILE B 142 0.67 -9.46 25.67
C ILE B 142 0.04 -8.77 26.89
N THR B 143 0.86 -8.15 27.74
CA THR B 143 0.37 -7.52 28.96
C THR B 143 -0.80 -6.58 28.69
N ASP B 144 -0.61 -5.64 27.76
CA ASP B 144 -1.64 -4.61 27.53
C ASP B 144 -2.91 -5.21 26.93
N ALA B 145 -2.76 -6.09 25.95
CA ALA B 145 -3.96 -6.71 25.37
C ALA B 145 -4.74 -7.47 26.45
N VAL B 146 -4.04 -8.12 27.35
CA VAL B 146 -4.71 -8.89 28.40
C VAL B 146 -5.47 -7.96 29.33
N LYS B 147 -4.82 -6.88 29.78
CA LYS B 147 -5.49 -5.93 30.67
C LYS B 147 -6.70 -5.30 30.01
N ALA B 148 -6.56 -4.85 28.76
CA ALA B 148 -7.70 -4.26 28.05
C ALA B 148 -8.85 -5.26 27.92
N PHE B 149 -8.54 -6.53 27.62
CA PHE B 149 -9.62 -7.51 27.48
C PHE B 149 -10.32 -7.75 28.81
N LEU B 150 -9.55 -8.02 29.87
CA LEU B 150 -10.16 -8.30 31.16
C LEU B 150 -10.94 -7.12 31.71
N GLY B 151 -10.62 -5.91 31.28
CA GLY B 151 -11.41 -4.75 31.66
C GLY B 151 -12.57 -4.44 30.74
N SER B 152 -12.86 -5.27 29.75
CA SER B 152 -13.88 -4.98 28.76
C SER B 152 -15.17 -5.75 29.04
N LYS B 153 -16.24 -5.33 28.38
CA LYS B 153 -17.52 -6.00 28.52
C LYS B 153 -17.45 -7.44 28.01
N ASP B 154 -16.48 -7.76 27.15
CA ASP B 154 -16.38 -9.08 26.55
C ASP B 154 -15.79 -10.12 27.47
N ALA B 155 -15.15 -9.73 28.56
CA ALA B 155 -14.48 -10.73 29.39
C ALA B 155 -15.48 -11.65 30.08
N GLU B 156 -16.69 -11.15 30.34
CA GLU B 156 -17.64 -11.89 31.18
C GLU B 156 -18.03 -13.22 30.54
N ARG B 157 -18.35 -13.22 29.25
CA ARG B 157 -18.78 -14.48 28.66
C ARG B 157 -17.65 -15.47 28.50
N PHE B 158 -16.41 -15.05 28.76
CA PHE B 158 -15.28 -15.98 28.82
C PHE B 158 -14.92 -16.37 30.24
N LYS B 159 -15.75 -16.00 31.21
CA LYS B 159 -15.65 -16.52 32.57
C LYS B 159 -14.31 -16.18 33.20
N GLY B 160 -13.77 -15.00 32.88
CA GLY B 160 -12.53 -14.56 33.48
C GLY B 160 -11.27 -15.05 32.79
N LYS B 161 -11.39 -15.91 31.78
CA LYS B 161 -10.24 -16.36 31.02
C LYS B 161 -10.07 -15.50 29.76
N VAL B 162 -8.89 -15.62 29.15
CA VAL B 162 -8.48 -14.81 28.01
C VAL B 162 -8.38 -15.72 26.79
N PRO B 163 -9.16 -15.47 25.73
CA PRO B 163 -9.08 -16.31 24.52
C PRO B 163 -7.79 -16.01 23.77
N LEU B 164 -7.01 -17.05 23.53
CA LEU B 164 -5.77 -16.94 22.77
C LEU B 164 -5.95 -17.73 21.48
N SER B 165 -5.78 -17.06 20.34
CA SER B 165 -5.93 -17.71 19.04
C SER B 165 -4.68 -17.45 18.22
N ILE B 166 -4.14 -18.49 17.61
CA ILE B 166 -2.88 -18.41 16.89
C ILE B 166 -3.06 -19.07 15.53
N ARG B 167 -2.65 -18.36 14.47
CA ARG B 167 -2.64 -18.90 13.12
C ARG B 167 -1.19 -19.23 12.75
N CYS B 168 -0.96 -20.46 12.32
CA CYS B 168 0.30 -20.86 11.72
C CYS B 168 0.05 -21.19 10.26
N ASP B 169 1.07 -20.96 9.44
CA ASP B 169 0.95 -21.18 8.01
C ASP B 169 2.27 -21.68 7.46
N ASN B 170 2.24 -22.83 6.80
CA ASN B 170 3.41 -23.33 6.10
C ASN B 170 3.11 -23.43 4.60
N SER B 171 2.30 -22.50 4.08
CA SER B 171 2.08 -22.44 2.64
C SER B 171 3.42 -22.37 1.93
N ARG B 172 3.50 -23.02 0.77
CA ARG B 172 4.68 -22.85 -0.06
C ARG B 172 4.91 -21.36 -0.36
N ASP B 173 6.17 -20.94 -0.38
CA ASP B 173 6.47 -19.52 -0.58
C ASP B 173 7.88 -19.39 -1.14
N LEU B 174 7.99 -19.07 -2.43
CA LEU B 174 9.31 -19.01 -3.04
C LEU B 174 10.18 -17.90 -2.48
N GLU B 175 9.57 -16.87 -1.87
CA GLU B 175 10.32 -15.76 -1.28
C GLU B 175 10.58 -15.96 0.20
N MET B 176 10.43 -17.21 0.68
CA MET B 176 10.71 -17.58 2.06
C MET B 176 11.66 -18.76 2.09
N ILE B 177 12.66 -18.71 2.97
CA ILE B 177 13.55 -19.85 3.16
C ILE B 177 12.97 -20.72 4.27
N PRO B 178 13.14 -22.06 4.22
CA PRO B 178 13.86 -22.79 3.19
C PRO B 178 13.04 -22.97 1.93
N SER B 179 13.68 -23.53 0.91
CA SER B 179 13.06 -23.81 -0.38
C SER B 179 12.29 -25.13 -0.35
N ASP B 180 11.18 -25.19 -1.08
CA ASP B 180 10.48 -26.46 -1.23
C ASP B 180 11.23 -27.45 -2.13
N LEU B 181 12.35 -27.04 -2.73
CA LEU B 181 13.22 -28.00 -3.39
C LEU B 181 14.02 -28.85 -2.40
N ALA B 182 14.04 -28.49 -1.12
CA ALA B 182 14.87 -29.17 -0.15
C ALA B 182 14.36 -30.60 0.10
N ASP B 183 15.27 -31.45 0.56
CA ASP B 183 14.99 -32.86 0.85
C ASP B 183 14.47 -33.04 2.27
N PHE B 184 13.53 -32.19 2.70
CA PHE B 184 12.88 -32.35 3.99
C PHE B 184 11.57 -31.59 3.97
N ASN B 185 10.67 -31.92 4.91
CA ASN B 185 9.37 -31.27 5.00
C ASN B 185 9.50 -29.90 5.65
N ILE B 186 8.87 -28.89 5.02
CA ILE B 186 8.76 -27.56 5.62
C ILE B 186 7.47 -27.59 6.44
N TYR B 187 7.60 -28.04 7.68
CA TYR B 187 6.47 -28.39 8.53
C TYR B 187 5.72 -27.15 9.03
N GLY B 188 4.47 -27.36 9.46
CA GLY B 188 3.65 -26.30 10.01
C GLY B 188 3.13 -26.63 11.39
N GLY B 189 2.84 -25.58 12.16
CA GLY B 189 2.15 -25.73 13.44
C GLY B 189 3.02 -25.31 14.62
N LEU B 190 2.44 -25.42 15.80
CA LEU B 190 3.11 -25.12 17.07
C LEU B 190 3.90 -26.35 17.51
N TYR B 191 4.93 -26.69 16.73
CA TYR B 191 5.60 -27.97 16.88
C TYR B 191 6.77 -27.92 17.85
N ARG B 192 7.04 -26.78 18.47
CA ARG B 192 7.90 -26.71 19.64
C ARG B 192 7.11 -26.06 20.76
N TYR B 193 7.59 -26.25 21.99
CA TYR B 193 6.88 -25.74 23.17
C TYR B 193 6.53 -24.27 23.02
N LEU B 194 5.32 -23.94 23.46
CA LEU B 194 4.88 -22.56 23.62
C LEU B 194 4.73 -22.31 25.10
N ASN B 195 5.39 -21.26 25.59
CA ASN B 195 5.50 -20.99 27.02
C ASN B 195 4.77 -19.71 27.39
N LEU B 196 4.04 -19.75 28.52
CA LEU B 196 3.55 -18.54 29.18
C LEU B 196 4.59 -18.12 30.22
N VAL B 197 5.09 -16.89 30.11
CA VAL B 197 6.15 -16.41 31.00
C VAL B 197 5.69 -15.13 31.70
N TYR B 198 5.56 -15.20 33.02
CA TYR B 198 5.32 -14.03 33.85
C TYR B 198 6.66 -13.39 34.21
N LEU B 199 6.72 -12.07 34.14
CA LEU B 199 7.93 -11.32 34.43
C LEU B 199 7.62 -10.20 35.41
N PRO B 200 8.59 -9.81 36.25
CA PRO B 200 8.48 -8.55 37.00
C PRO B 200 8.69 -7.35 36.10
N GLU B 201 8.61 -6.13 36.66
CA GLU B 201 8.77 -4.93 35.84
C GLU B 201 10.10 -4.92 35.10
N VAL B 202 11.18 -5.34 35.74
CA VAL B 202 12.50 -5.27 35.15
C VAL B 202 13.09 -6.68 35.06
N SER B 203 13.51 -7.05 33.85
CA SER B 203 14.11 -8.35 33.60
C SER B 203 15.17 -8.20 32.52
N PHE B 204 15.75 -9.33 32.13
CA PHE B 204 16.77 -9.35 31.09
C PHE B 204 16.16 -9.78 29.77
N GLU B 205 16.40 -8.97 28.73
CA GLU B 205 15.97 -9.37 27.39
C GLU B 205 17.00 -10.28 26.73
N GLN B 206 18.28 -10.11 27.04
CA GLN B 206 19.34 -10.94 26.48
C GLN B 206 20.49 -11.02 27.48
N ILE B 207 21.10 -12.20 27.56
CA ILE B 207 22.29 -12.44 28.38
C ILE B 207 23.36 -13.07 27.50
N HIS B 208 24.46 -12.38 27.33
CA HIS B 208 25.57 -12.83 26.49
C HIS B 208 26.75 -13.13 27.42
N LEU B 209 27.13 -14.40 27.48
CA LEU B 209 28.24 -14.86 28.29
C LEU B 209 29.39 -15.12 27.33
N GLU B 210 30.23 -14.11 27.16
CA GLU B 210 31.32 -14.16 26.18
C GLU B 210 32.59 -14.57 26.91
N SER B 211 33.08 -15.76 26.58
CA SER B 211 34.23 -16.33 27.24
C SER B 211 35.28 -16.66 26.19
N SER B 212 36.54 -16.57 26.59
CA SER B 212 37.65 -16.98 25.75
C SER B 212 38.66 -17.69 26.62
N LEU B 213 39.49 -18.50 25.97
CA LEU B 213 40.47 -19.32 26.64
C LEU B 213 41.82 -19.13 25.95
N SER B 214 42.84 -18.82 26.74
CA SER B 214 44.18 -18.69 26.19
C SER B 214 44.64 -19.99 25.52
N SER B 215 45.67 -19.87 24.68
CA SER B 215 46.17 -21.05 23.97
C SER B 215 46.67 -22.11 24.95
N ASN B 216 47.28 -21.69 26.05
CA ASN B 216 47.84 -22.63 27.02
C ASN B 216 46.81 -23.11 28.04
N LEU B 217 45.54 -22.74 27.87
CA LEU B 217 44.41 -23.26 28.64
C LEU B 217 44.42 -22.81 30.10
N LYS B 218 45.35 -21.97 30.52
CA LYS B 218 45.48 -21.65 31.94
C LYS B 218 44.70 -20.41 32.37
N GLU B 219 44.27 -19.55 31.44
CA GLU B 219 43.51 -18.36 31.79
C GLU B 219 42.23 -18.28 30.95
N GLY B 220 41.11 -18.13 31.63
CA GLY B 220 39.82 -17.91 30.98
C GLY B 220 39.34 -16.48 31.26
N ILE B 221 38.76 -15.86 30.23
CA ILE B 221 38.16 -14.54 30.35
C ILE B 221 36.66 -14.69 30.12
N LEU B 222 35.86 -14.06 30.99
CA LEU B 222 34.40 -14.03 30.83
C LEU B 222 33.91 -12.59 30.86
N LYS B 223 33.17 -12.19 29.83
CA LYS B 223 32.48 -10.91 29.79
C LYS B 223 30.98 -11.15 29.90
N VAL B 224 30.33 -10.47 30.84
CA VAL B 224 28.90 -10.61 31.05
C VAL B 224 28.23 -9.34 30.55
N LYS B 225 27.57 -9.43 29.39
CA LYS B 225 26.83 -8.35 28.78
C LYS B 225 25.34 -8.65 28.84
N THR B 226 24.52 -7.62 29.08
CA THR B 226 23.09 -7.82 29.18
C THR B 226 22.34 -6.70 28.47
N SER B 227 21.11 -7.00 28.06
CA SER B 227 20.11 -6.02 27.64
C SER B 227 18.91 -6.13 28.56
N PHE B 228 18.42 -5.00 29.03
CA PHE B 228 17.31 -5.00 29.98
C PHE B 228 15.96 -4.89 29.28
N TYR B 229 14.96 -5.55 29.85
CA TYR B 229 13.57 -5.34 29.47
C TYR B 229 12.91 -4.54 30.59
N ASN B 230 12.52 -3.32 30.30
CA ASN B 230 12.14 -2.32 31.29
C ASN B 230 11.06 -1.40 30.72
N PRO B 231 9.87 -1.94 30.40
CA PRO B 231 8.83 -1.11 29.78
C PRO B 231 8.26 -0.06 30.71
N GLU B 232 8.42 -0.20 32.02
CA GLU B 232 7.94 0.82 32.94
C GLU B 232 8.97 1.91 33.21
N ASP B 233 10.14 1.85 32.56
CA ASP B 233 11.12 2.92 32.68
C ASP B 233 11.55 3.14 34.13
N ILE B 234 11.84 2.03 34.82
CA ILE B 234 12.45 2.12 36.13
C ILE B 234 13.87 2.69 36.00
N ARG B 235 14.22 3.65 36.85
CA ARG B 235 15.50 4.37 36.69
C ARG B 235 16.69 3.66 37.32
N LYS B 236 16.50 2.89 38.39
CA LYS B 236 17.62 2.29 39.10
C LYS B 236 17.27 0.90 39.60
N ALA B 237 18.29 0.04 39.65
CA ALA B 237 18.14 -1.28 40.22
C ALA B 237 19.51 -1.71 40.74
N ASP B 238 19.51 -2.77 41.56
CA ASP B 238 20.73 -3.43 41.99
C ASP B 238 20.86 -4.77 41.30
N VAL B 239 21.98 -4.99 40.63
CA VAL B 239 22.20 -6.18 39.84
C VAL B 239 23.39 -6.95 40.43
N THR B 240 23.17 -8.22 40.72
CA THR B 240 24.21 -9.11 41.21
C THR B 240 24.56 -10.12 40.11
N VAL B 241 25.85 -10.25 39.85
CA VAL B 241 26.40 -11.25 38.96
C VAL B 241 27.21 -12.23 39.79
N SER B 242 26.87 -13.51 39.70
CA SER B 242 27.63 -14.55 40.38
C SER B 242 27.95 -15.64 39.37
N VAL B 243 29.16 -16.16 39.44
CA VAL B 243 29.64 -17.23 38.59
C VAL B 243 30.02 -18.42 39.45
N TYR B 244 29.44 -19.59 39.15
CA TYR B 244 29.70 -20.81 39.89
C TYR B 244 30.37 -21.84 39.00
N ASP B 245 31.25 -22.63 39.60
CA ASP B 245 31.98 -23.65 38.85
C ASP B 245 31.15 -24.93 38.75
N VAL B 246 31.74 -25.95 38.14
CA VAL B 246 30.98 -27.17 37.88
C VAL B 246 30.50 -27.81 39.16
N ASP B 247 31.14 -27.50 40.30
CA ASP B 247 30.75 -28.01 41.60
C ASP B 247 29.84 -27.04 42.35
N ARG B 248 29.27 -26.07 41.65
CA ARG B 248 28.33 -25.11 42.23
C ARG B 248 28.97 -24.23 43.31
N LYS B 249 30.28 -24.07 43.25
CA LYS B 249 31.00 -23.18 44.17
C LYS B 249 31.17 -21.81 43.54
N PRO B 250 30.97 -20.75 44.31
CA PRO B 250 31.15 -19.39 43.77
C PRO B 250 32.61 -19.15 43.42
N VAL B 251 32.84 -18.54 42.26
CA VAL B 251 34.17 -18.10 41.85
C VAL B 251 34.24 -16.60 41.64
N PHE B 252 33.11 -15.90 41.67
CA PHE B 252 33.00 -14.47 41.42
C PHE B 252 31.62 -14.06 41.87
N SER B 253 31.54 -12.93 42.56
CA SER B 253 30.25 -12.35 42.92
C SER B 253 30.44 -10.86 43.11
N LYS B 254 29.53 -10.09 42.51
CA LYS B 254 29.65 -8.64 42.46
C LYS B 254 28.24 -8.06 42.33
N THR B 255 27.95 -7.06 43.14
CA THR B 255 26.66 -6.39 43.08
C THR B 255 26.87 -4.97 42.60
N LEU B 256 26.12 -4.58 41.58
CA LEU B 256 26.15 -3.22 41.06
C LEU B 256 24.93 -2.47 41.59
N GLU B 257 25.16 -1.51 42.47
CA GLU B 257 24.09 -0.75 43.12
C GLU B 257 23.71 0.45 42.28
N GLY B 258 22.41 0.66 42.10
CA GLY B 258 21.96 1.84 41.39
C GLY B 258 22.33 1.89 39.92
N ILE B 259 22.47 0.75 39.26
CA ILE B 259 22.71 0.74 37.82
C ILE B 259 21.41 1.15 37.11
N LEU B 260 21.58 1.69 35.90
CA LEU B 260 20.46 2.05 35.05
C LEU B 260 20.00 0.81 34.28
N PRO B 261 18.88 0.19 34.64
CA PRO B 261 18.48 -1.07 33.99
C PRO B 261 17.70 -0.81 32.70
N LEU B 262 18.37 -0.19 31.73
CA LEU B 262 17.74 0.23 30.49
C LEU B 262 18.70 -0.08 29.34
N GLY B 263 18.22 -0.80 28.34
CA GLY B 263 19.06 -1.15 27.21
C GLY B 263 20.26 -2.00 27.61
N ASP B 264 21.38 -1.80 26.91
CA ASP B 264 22.57 -2.62 27.11
C ASP B 264 23.38 -2.15 28.30
N GLN B 265 23.93 -3.12 29.04
CA GLN B 265 24.88 -2.83 30.12
C GLN B 265 25.91 -3.96 30.16
N LEU B 266 27.18 -3.59 30.24
CA LEU B 266 28.24 -4.53 30.58
C LEU B 266 28.26 -4.70 32.09
N LEU B 267 28.04 -5.92 32.57
CA LEU B 267 27.91 -6.12 34.01
C LEU B 267 29.20 -6.54 34.68
N ALA B 268 30.08 -7.27 33.99
CA ALA B 268 31.26 -7.80 34.65
C ALA B 268 32.21 -8.31 33.59
N LYS B 269 33.51 -8.14 33.87
CA LYS B 269 34.60 -8.72 33.11
C LYS B 269 35.58 -9.32 34.10
N MET B 270 35.93 -10.60 33.91
CA MET B 270 36.72 -11.30 34.90
C MET B 270 37.70 -12.24 34.22
N LYS B 271 38.75 -12.57 34.97
CA LYS B 271 39.74 -13.56 34.58
C LYS B 271 39.63 -14.74 35.53
N ILE B 272 39.54 -15.94 34.96
CA ILE B 272 39.46 -17.17 35.75
C ILE B 272 40.70 -18.00 35.48
N LYS B 273 41.53 -18.17 36.50
CA LYS B 273 42.77 -18.91 36.37
C LYS B 273 42.52 -20.40 36.53
N ASN B 274 43.20 -21.20 35.69
CA ASN B 274 43.06 -22.64 35.72
C ASN B 274 41.60 -23.06 35.58
N PRO B 275 40.90 -22.60 34.56
CA PRO B 275 39.47 -22.92 34.43
C PRO B 275 39.24 -24.40 34.23
N VAL B 276 38.12 -24.89 34.76
CA VAL B 276 37.65 -26.21 34.35
C VAL B 276 37.23 -26.13 32.89
N LEU B 277 37.73 -27.04 32.07
CA LEU B 277 37.50 -26.96 30.63
C LEU B 277 36.29 -27.78 30.21
N TRP B 278 35.64 -27.34 29.12
CA TRP B 278 34.60 -28.12 28.46
C TRP B 278 35.27 -28.99 27.41
N ASP B 279 34.87 -30.26 27.37
CA ASP B 279 35.50 -31.24 26.51
C ASP B 279 34.42 -32.24 26.07
N VAL B 280 34.66 -32.95 24.97
CA VAL B 280 33.64 -33.89 24.50
C VAL B 280 33.57 -35.13 25.37
N ASP B 281 34.66 -35.46 26.09
CA ASP B 281 34.64 -36.61 26.99
C ASP B 281 34.15 -36.25 28.39
N VAL B 282 34.50 -35.06 28.87
CA VAL B 282 34.08 -34.61 30.18
C VAL B 282 33.53 -33.19 30.02
N PRO B 283 32.32 -33.03 29.51
CA PRO B 283 31.77 -31.67 29.33
C PRO B 283 31.52 -31.05 30.70
N GLN B 284 32.12 -29.88 30.93
CA GLN B 284 32.02 -29.19 32.19
C GLN B 284 31.56 -27.78 31.93
N LEU B 285 30.58 -27.31 32.69
CA LEU B 285 29.97 -26.01 32.45
C LEU B 285 30.09 -25.14 33.70
N TYR B 286 30.32 -23.84 33.49
CA TYR B 286 30.10 -22.84 34.52
C TYR B 286 28.68 -22.31 34.42
N THR B 287 28.20 -21.74 35.52
CA THR B 287 26.87 -21.17 35.58
C THR B 287 26.96 -19.71 35.98
N CYS B 288 26.34 -18.84 35.19
CA CYS B 288 26.25 -17.44 35.57
C CYS B 288 24.85 -17.17 36.10
N GLU B 289 24.78 -16.60 37.29
CA GLU B 289 23.52 -16.30 37.95
C GLU B 289 23.40 -14.79 38.07
N LEU B 290 22.28 -14.23 37.58
CA LEU B 290 22.04 -12.78 37.59
C LEU B 290 20.77 -12.46 38.35
N THR B 291 20.84 -11.44 39.20
CA THR B 291 19.69 -10.98 39.96
C THR B 291 19.48 -9.49 39.74
N VAL B 292 18.23 -9.09 39.53
CA VAL B 292 17.83 -7.70 39.42
C VAL B 292 16.88 -7.40 40.57
N LYS B 293 17.24 -6.42 41.40
CA LYS B 293 16.49 -6.05 42.59
C LYS B 293 15.98 -4.61 42.50
N THR B 294 14.73 -4.41 42.86
CA THR B 294 14.25 -3.07 43.14
C THR B 294 13.47 -3.16 44.43
N PRO B 295 12.93 -2.07 44.95
CA PRO B 295 12.07 -2.19 46.13
C PRO B 295 10.89 -3.13 45.92
N ASP B 296 10.50 -3.41 44.67
CA ASP B 296 9.30 -4.18 44.40
C ASP B 296 9.55 -5.53 43.73
N GLN B 297 10.80 -5.98 43.63
CA GLN B 297 11.06 -7.21 42.91
C GLN B 297 12.45 -7.73 43.23
N THR B 298 12.57 -9.06 43.19
CA THR B 298 13.86 -9.74 43.15
C THR B 298 13.73 -10.82 42.09
N PHE B 299 14.51 -10.71 41.01
CA PHE B 299 14.34 -11.59 39.88
C PHE B 299 15.71 -12.18 39.53
N THR B 300 15.79 -13.50 39.48
CA THR B 300 17.03 -14.22 39.28
C THR B 300 16.88 -15.21 38.13
N THR B 301 17.89 -15.25 37.26
CA THR B 301 17.93 -16.24 36.20
C THR B 301 19.36 -16.76 36.08
N GLU B 302 19.51 -17.83 35.31
CA GLU B 302 20.80 -18.48 35.15
C GLU B 302 21.08 -18.72 33.68
N GLU B 303 22.36 -18.70 33.35
CA GLU B 303 22.85 -19.02 32.02
C GLU B 303 24.16 -19.76 32.18
N ARG B 304 24.37 -20.76 31.33
CA ARG B 304 25.53 -21.63 31.42
C ARG B 304 26.49 -21.31 30.27
N PHE B 305 27.75 -21.66 30.49
CA PHE B 305 28.76 -21.48 29.46
C PHE B 305 29.89 -22.44 29.78
N GLY B 306 30.80 -22.60 28.82
CA GLY B 306 31.95 -23.44 29.03
C GLY B 306 33.19 -22.83 28.41
N PHE B 307 34.32 -23.06 29.07
CA PHE B 307 35.61 -22.64 28.57
C PHE B 307 36.13 -23.74 27.65
N ARG B 308 36.53 -23.38 26.44
CA ARG B 308 37.25 -24.34 25.61
C ARG B 308 37.93 -23.61 24.46
N HIS B 309 39.00 -24.22 23.95
CA HIS B 309 39.79 -23.64 22.86
C HIS B 309 39.69 -24.54 21.63
N THR B 310 39.38 -23.93 20.48
CA THR B 310 39.25 -24.67 19.24
C THR B 310 40.11 -24.03 18.17
N GLU B 311 40.61 -24.86 17.26
CA GLU B 311 41.44 -24.41 16.16
C GLU B 311 41.33 -25.35 14.97
N PHE B 312 41.06 -24.78 13.80
CA PHE B 312 41.14 -25.49 12.52
C PHE B 312 42.49 -25.16 11.89
N LYS B 313 43.29 -26.18 11.62
CA LYS B 313 44.61 -25.93 11.05
C LYS B 313 44.53 -25.68 9.55
N ASP B 314 45.35 -24.75 9.07
CA ASP B 314 45.43 -24.52 7.64
C ASP B 314 45.81 -25.81 6.93
N LYS B 315 44.92 -26.30 6.06
CA LYS B 315 45.13 -27.55 5.32
C LYS B 315 45.41 -28.71 6.26
N GLY B 316 44.86 -28.67 7.46
CA GLY B 316 45.12 -29.66 8.47
C GLY B 316 43.90 -29.95 9.33
N PRO B 317 44.11 -30.67 10.44
CA PRO B 317 42.96 -31.16 11.22
C PRO B 317 42.40 -30.17 12.21
N PHE B 318 41.56 -30.68 13.13
CA PHE B 318 40.85 -29.87 14.10
C PHE B 318 41.35 -30.18 15.51
N PHE B 319 41.52 -29.14 16.32
CA PHE B 319 42.06 -29.29 17.66
C PHE B 319 41.06 -28.77 18.67
N LEU B 320 40.77 -29.56 19.70
CA LEU B 320 39.95 -29.15 20.83
C LEU B 320 40.83 -29.07 22.08
N ASN B 321 40.95 -27.87 22.64
CA ASN B 321 41.78 -27.65 23.84
C ASN B 321 43.20 -28.15 23.61
N GLY B 322 43.74 -27.88 22.42
CA GLY B 322 45.11 -28.22 22.12
C GLY B 322 45.38 -29.64 21.67
N LYS B 323 44.36 -30.50 21.61
CA LYS B 323 44.55 -31.88 21.18
C LYS B 323 43.77 -32.13 19.89
N ARG B 324 44.40 -32.84 18.95
CA ARG B 324 43.72 -33.22 17.71
C ARG B 324 42.51 -34.07 18.06
N LEU B 325 41.35 -33.66 17.54
CA LEU B 325 40.13 -34.41 17.72
C LEU B 325 39.54 -34.69 16.35
N LEU B 326 39.46 -35.95 15.99
CA LEU B 326 38.77 -36.31 14.75
C LEU B 326 37.28 -36.24 15.01
N LEU B 327 36.60 -35.36 14.28
CA LEU B 327 35.19 -35.15 14.48
C LEU B 327 34.45 -36.38 13.97
N ARG B 328 33.70 -37.01 14.86
CA ARG B 328 32.92 -38.21 14.60
C ARG B 328 31.47 -37.78 14.60
N GLY B 329 30.98 -37.43 13.41
CA GLY B 329 29.76 -36.66 13.36
C GLY B 329 28.56 -37.34 12.75
N THR B 330 27.39 -36.76 13.01
CA THR B 330 26.17 -37.19 12.34
C THR B 330 25.35 -35.92 12.05
N HIS B 331 24.12 -36.11 11.55
CA HIS B 331 23.15 -35.02 11.44
C HIS B 331 21.83 -35.48 12.06
N ARG B 332 20.95 -34.53 12.30
CA ARG B 332 19.58 -34.90 12.65
C ARG B 332 18.62 -33.84 12.10
N HIS B 333 17.39 -34.28 11.77
CA HIS B 333 16.25 -33.42 11.51
C HIS B 333 15.32 -33.39 12.72
N GLU B 334 14.58 -32.31 12.89
CA GLU B 334 13.51 -32.32 13.88
C GLU B 334 12.32 -33.03 13.26
N ASP B 335 12.25 -34.36 13.44
CA ASP B 335 11.24 -35.20 12.83
C ASP B 335 11.22 -36.53 13.57
N HIS B 336 10.03 -37.09 13.79
CA HIS B 336 9.94 -38.35 14.50
C HIS B 336 8.64 -39.07 14.18
N ALA B 337 8.67 -40.40 14.28
CA ALA B 337 7.50 -41.23 14.02
C ALA B 337 6.31 -40.74 14.82
N GLY B 338 5.18 -40.60 14.13
CA GLY B 338 3.94 -40.24 14.80
C GLY B 338 3.75 -38.77 15.10
N VAL B 339 4.78 -37.95 15.10
CA VAL B 339 4.62 -36.55 15.48
C VAL B 339 5.29 -35.57 14.53
N ALA B 340 6.03 -36.05 13.54
CA ALA B 340 6.75 -35.14 12.63
C ALA B 340 7.65 -34.25 13.50
N GLN B 341 7.59 -32.92 13.35
CA GLN B 341 8.51 -32.04 14.05
C GLN B 341 8.15 -31.89 15.53
N ALA B 342 6.97 -32.34 15.96
CA ALA B 342 6.48 -32.08 17.32
C ALA B 342 7.04 -33.07 18.34
N MET B 343 8.36 -33.15 18.42
CA MET B 343 9.02 -34.00 19.40
C MET B 343 8.96 -33.38 20.79
N THR B 344 8.83 -34.23 21.80
CA THR B 344 8.84 -33.75 23.17
C THR B 344 10.26 -33.73 23.73
N GLU B 345 10.43 -33.09 24.88
CA GLU B 345 11.74 -33.05 25.51
C GLU B 345 12.28 -34.46 25.76
N ASP B 346 11.45 -35.36 26.28
CA ASP B 346 11.89 -36.74 26.52
C ASP B 346 12.33 -37.46 25.25
N MET B 347 11.61 -37.25 24.14
CA MET B 347 12.08 -37.82 22.87
C MET B 347 13.46 -37.28 22.50
N MET B 348 13.66 -35.96 22.64
CA MET B 348 14.96 -35.38 22.30
C MET B 348 16.05 -35.93 23.20
N ARG B 349 15.77 -36.05 24.50
CA ARG B 349 16.77 -36.61 25.40
C ARG B 349 17.16 -38.02 24.98
N ARG B 350 16.18 -38.84 24.62
CA ARG B 350 16.47 -40.20 24.22
C ARG B 350 17.36 -40.25 22.98
N GLU B 351 17.03 -39.44 21.98
CA GLU B 351 17.76 -39.50 20.71
C GLU B 351 19.22 -39.05 20.89
N MET B 352 19.44 -37.96 21.62
CA MET B 352 20.79 -37.46 21.82
C MET B 352 21.62 -38.43 22.66
N ARG B 353 21.01 -39.06 23.67
CA ARG B 353 21.72 -40.10 24.42
C ARG B 353 22.09 -41.28 23.53
N MET B 354 21.17 -41.65 22.65
CA MET B 354 21.42 -42.71 21.69
C MET B 354 22.62 -42.39 20.80
N MET B 355 22.74 -41.13 20.37
CA MET B 355 23.90 -40.71 19.60
C MET B 355 25.18 -40.84 20.42
N LYS B 356 25.14 -40.33 21.66
CA LYS B 356 26.31 -40.38 22.50
C LYS B 356 26.74 -41.82 22.76
N ASP B 357 25.77 -42.71 23.00
CA ASP B 357 26.11 -44.13 23.18
C ASP B 357 26.71 -44.73 21.91
N MET B 358 26.52 -44.09 20.75
CA MET B 358 27.14 -44.58 19.52
C MET B 358 28.54 -44.01 19.33
N GLY B 359 28.97 -43.06 20.16
CA GLY B 359 30.28 -42.46 20.02
C GLY B 359 30.33 -41.17 19.24
N VAL B 360 29.18 -40.57 18.91
CA VAL B 360 29.16 -39.29 18.21
C VAL B 360 29.80 -38.22 19.10
N ASN B 361 30.64 -37.38 18.50
CA ASN B 361 31.15 -36.21 19.21
C ASN B 361 30.90 -34.93 18.43
N PHE B 362 30.14 -35.00 17.34
CA PHE B 362 29.92 -33.85 16.50
C PHE B 362 28.60 -34.04 15.75
N ILE B 363 27.84 -32.96 15.59
CA ILE B 363 26.57 -33.02 14.88
C ILE B 363 26.36 -31.71 14.13
N ARG B 364 25.93 -31.83 12.89
CA ARG B 364 25.38 -30.72 12.12
C ARG B 364 23.86 -30.83 12.23
N LEU B 365 23.22 -29.80 12.78
CA LEU B 365 21.81 -29.89 13.16
C LEU B 365 20.88 -29.70 11.95
N GLY B 366 21.08 -30.54 10.94
CA GLY B 366 20.25 -30.41 9.75
C GLY B 366 20.47 -29.07 9.10
N HIS B 367 19.39 -28.49 8.55
CA HIS B 367 19.51 -27.27 7.77
C HIS B 367 18.84 -26.06 8.44
N TYR B 368 18.80 -26.04 9.76
CA TYR B 368 18.12 -24.95 10.47
C TYR B 368 18.51 -24.98 11.94
N GLN B 369 18.30 -23.84 12.59
CA GLN B 369 18.37 -23.77 14.04
C GLN B 369 17.42 -24.79 14.65
N GLN B 370 17.84 -25.43 15.73
CA GLN B 370 16.98 -26.42 16.33
C GLN B 370 16.64 -26.01 17.76
N SER B 371 15.75 -26.78 18.36
CA SER B 371 15.28 -26.50 19.70
C SER B 371 16.45 -26.27 20.65
N GLU B 372 16.29 -25.28 21.52
CA GLU B 372 17.30 -25.03 22.55
C GLU B 372 17.56 -26.27 23.40
N ILE B 373 16.55 -27.14 23.55
CA ILE B 373 16.73 -28.39 24.27
C ILE B 373 17.85 -29.21 23.63
N ILE B 374 17.89 -29.27 22.29
CA ILE B 374 18.96 -30.01 21.63
C ILE B 374 20.33 -29.41 21.96
N LEU B 375 20.44 -28.08 21.92
CA LEU B 375 21.72 -27.42 22.20
C LEU B 375 22.18 -27.66 23.63
N ASP B 376 21.26 -27.63 24.59
CA ASP B 376 21.62 -27.93 25.98
C ASP B 376 22.15 -29.35 26.10
N LEU B 377 21.50 -30.31 25.42
CA LEU B 377 21.94 -31.69 25.46
C LEU B 377 23.32 -31.86 24.84
N CYS B 378 23.62 -31.08 23.78
CA CYS B 378 24.98 -31.15 23.23
C CYS B 378 26.00 -30.59 24.22
N ASP B 379 25.64 -29.52 24.95
CA ASP B 379 26.53 -28.99 25.98
C ASP B 379 26.77 -30.03 27.08
N GLU B 380 25.73 -30.78 27.44
CA GLU B 380 25.80 -31.70 28.57
C GLU B 380 26.42 -33.03 28.20
N LEU B 381 26.23 -33.49 26.96
CA LEU B 381 26.76 -34.77 26.53
C LEU B 381 28.15 -34.66 25.89
N GLY B 382 28.57 -33.46 25.52
CA GLY B 382 29.85 -33.29 24.88
C GLY B 382 29.81 -33.59 23.40
N ILE B 383 28.99 -32.82 22.67
CA ILE B 383 28.84 -32.98 21.23
C ILE B 383 29.02 -31.61 20.58
N LEU B 384 30.06 -31.47 19.77
CA LEU B 384 30.26 -30.22 19.06
C LEU B 384 29.19 -30.02 18.00
N VAL B 385 28.91 -28.76 17.68
CA VAL B 385 27.72 -28.39 16.91
C VAL B 385 28.11 -27.50 15.74
N TRP B 386 27.62 -27.84 14.57
CA TRP B 386 27.51 -26.95 13.41
C TRP B 386 26.02 -26.70 13.25
N GLU B 387 25.63 -25.42 13.24
CA GLU B 387 24.23 -25.03 13.14
C GLU B 387 24.12 -23.96 12.06
N GLU B 388 23.13 -24.09 11.17
CA GLU B 388 23.03 -23.25 9.98
C GLU B 388 21.64 -22.68 9.82
N ILE B 389 21.56 -21.68 8.95
CA ILE B 389 20.28 -21.08 8.58
C ILE B 389 19.70 -21.87 7.42
N PRO B 390 18.37 -21.86 7.24
CA PRO B 390 17.76 -22.69 6.20
C PRO B 390 17.81 -22.08 4.81
N TRP B 391 18.92 -21.42 4.46
CA TRP B 391 19.16 -21.04 3.07
C TRP B 391 19.63 -22.29 2.33
N CYS B 392 18.65 -23.09 1.88
CA CYS B 392 18.86 -24.47 1.46
C CYS B 392 18.22 -24.72 0.08
N ARG B 393 19.01 -24.53 -1.00
CA ARG B 393 18.65 -24.74 -2.41
C ARG B 393 17.85 -23.58 -3.03
N GLY B 394 17.90 -23.48 -4.37
CA GLY B 394 16.92 -22.74 -5.16
C GLY B 394 17.44 -21.47 -5.82
N GLY B 395 18.48 -20.87 -5.25
CA GLY B 395 18.99 -19.60 -5.76
C GLY B 395 18.93 -18.49 -4.73
N LEU B 396 18.29 -17.37 -5.07
CA LEU B 396 18.26 -16.22 -4.19
C LEU B 396 17.03 -15.37 -4.53
N GLY B 397 16.21 -15.05 -3.54
CA GLY B 397 15.02 -14.24 -3.75
C GLY B 397 15.30 -12.76 -3.58
N GLY B 398 14.21 -11.99 -3.41
CA GLY B 398 14.26 -10.55 -3.28
C GLY B 398 14.52 -10.08 -1.86
N ASP B 399 14.02 -8.87 -1.54
CA ASP B 399 14.39 -8.20 -0.29
C ASP B 399 13.81 -8.89 0.94
N VAL B 400 12.56 -9.34 0.85
CA VAL B 400 11.93 -10.04 1.97
C VAL B 400 12.68 -11.33 2.26
N TYR B 401 13.02 -12.06 1.20
CA TYR B 401 13.86 -13.26 1.31
C TYR B 401 15.18 -12.96 2.01
N LYS B 402 15.88 -11.91 1.55
CA LYS B 402 17.19 -11.61 2.11
C LYS B 402 17.09 -11.14 3.55
N LYS B 403 16.08 -10.34 3.88
CA LYS B 403 15.90 -9.92 5.27
C LYS B 403 15.62 -11.12 6.18
N GLN B 404 14.86 -12.11 5.68
CA GLN B 404 14.64 -13.30 6.50
C GLN B 404 15.96 -14.02 6.78
N ALA B 405 16.77 -14.21 5.74
CA ALA B 405 18.04 -14.91 5.95
C ALA B 405 18.90 -14.14 6.94
N ARG B 406 18.99 -12.82 6.78
CA ARG B 406 19.75 -11.99 7.71
C ARG B 406 19.18 -12.10 9.11
N ARG B 407 17.85 -12.03 9.23
CA ARG B 407 17.23 -12.07 10.55
C ARG B 407 17.43 -13.42 11.22
N MET B 408 17.31 -14.51 10.47
CA MET B 408 17.46 -15.83 11.07
C MET B 408 18.90 -16.13 11.45
N LEU B 409 19.87 -15.61 10.69
CA LEU B 409 21.27 -15.77 11.08
C LEU B 409 21.57 -15.03 12.38
N ALA B 410 21.13 -13.78 12.47
CA ALA B 410 21.34 -13.01 13.70
C ALA B 410 20.59 -13.64 14.86
N ASN B 411 19.34 -14.07 14.64
CA ASN B 411 18.61 -14.72 15.73
C ASN B 411 19.33 -15.96 16.21
N MET B 412 19.87 -16.75 15.28
CA MET B 412 20.54 -17.99 15.65
C MET B 412 21.81 -17.73 16.47
N ILE B 413 22.65 -16.80 16.02
CA ILE B 413 23.89 -16.54 16.73
C ILE B 413 23.60 -15.92 18.10
N VAL B 414 22.74 -14.92 18.12
CA VAL B 414 22.42 -14.24 19.38
C VAL B 414 21.73 -15.20 20.35
N GLN B 415 20.88 -16.12 19.85
CA GLN B 415 20.16 -17.03 20.74
C GLN B 415 21.01 -18.19 21.22
N HIS B 416 21.99 -18.64 20.44
CA HIS B 416 22.73 -19.83 20.82
C HIS B 416 24.21 -19.57 21.13
N HIS B 417 24.67 -18.31 21.15
CA HIS B 417 26.11 -18.07 21.27
C HIS B 417 26.69 -18.49 22.61
N ASN B 418 25.87 -18.64 23.65
CA ASN B 418 26.39 -19.05 24.95
C ASN B 418 26.79 -20.52 25.01
N HIS B 419 26.37 -21.35 24.05
CA HIS B 419 26.58 -22.80 24.15
C HIS B 419 28.01 -23.17 23.76
N PRO B 420 28.80 -23.77 24.66
CA PRO B 420 30.16 -24.18 24.29
C PRO B 420 30.21 -25.22 23.19
N ALA B 421 29.15 -26.02 23.00
CA ALA B 421 29.18 -27.03 21.95
C ALA B 421 29.31 -26.43 20.55
N VAL B 422 28.76 -25.24 20.33
CA VAL B 422 28.73 -24.64 19.00
C VAL B 422 30.12 -24.18 18.59
N ILE B 423 30.60 -24.67 17.44
CA ILE B 423 31.85 -24.21 16.86
C ILE B 423 31.70 -23.61 15.47
N ILE B 424 30.57 -23.82 14.78
CA ILE B 424 30.40 -23.40 13.39
C ILE B 424 28.98 -22.86 13.21
N TRP B 425 28.87 -21.66 12.63
CA TRP B 425 27.61 -21.11 12.13
C TRP B 425 27.57 -21.34 10.63
N GLY B 426 26.61 -22.16 10.17
CA GLY B 426 26.47 -22.44 8.75
C GLY B 426 25.59 -21.40 8.08
N LEU B 427 25.97 -21.02 6.86
CA LEU B 427 25.24 -19.99 6.13
C LEU B 427 24.32 -20.53 5.03
N GLY B 428 24.33 -21.83 4.75
CA GLY B 428 23.44 -22.34 3.72
C GLY B 428 23.93 -23.67 3.18
N ASN B 429 23.05 -24.33 2.44
CA ASN B 429 23.30 -25.68 1.95
C ASN B 429 22.90 -25.79 0.49
N GLU B 430 23.82 -26.32 -0.34
CA GLU B 430 23.55 -26.58 -1.75
C GLU B 430 22.95 -25.35 -2.44
N ASN B 431 23.61 -24.21 -2.24
CA ASN B 431 23.15 -22.98 -2.83
C ASN B 431 23.45 -22.91 -4.31
N ASP B 432 24.13 -23.91 -4.86
CA ASP B 432 24.31 -24.04 -6.31
C ASP B 432 23.13 -24.78 -6.97
N TRP B 433 22.08 -25.09 -6.21
CA TRP B 433 20.92 -25.80 -6.73
C TRP B 433 19.88 -24.78 -7.23
N PRO B 434 19.60 -24.72 -8.53
CA PRO B 434 18.75 -23.66 -9.06
C PRO B 434 17.26 -24.00 -9.15
N ASN B 435 16.47 -23.02 -9.59
CA ASN B 435 15.14 -23.19 -10.19
C ASN B 435 13.97 -22.81 -9.27
N ASP B 436 14.25 -22.19 -8.12
CA ASP B 436 13.13 -21.52 -7.46
C ASP B 436 12.79 -20.19 -8.11
N PHE B 437 13.61 -19.73 -9.06
CA PHE B 437 13.40 -18.50 -9.80
C PHE B 437 13.79 -18.73 -11.24
N ASN B 438 13.31 -17.86 -12.15
CA ASN B 438 13.66 -18.01 -13.56
C ASN B 438 15.04 -17.46 -13.90
N THR B 439 15.76 -16.90 -12.94
CA THR B 439 17.17 -16.59 -13.12
C THR B 439 17.96 -17.25 -12.02
N PHE B 440 19.26 -17.40 -12.25
CA PHE B 440 20.20 -17.92 -11.27
C PHE B 440 21.49 -17.13 -11.46
N ASP B 441 21.78 -16.22 -10.53
CA ASP B 441 22.87 -15.25 -10.68
C ASP B 441 23.95 -15.59 -9.64
N LYS B 442 25.01 -16.26 -10.10
CA LYS B 442 26.07 -16.67 -9.19
C LYS B 442 26.72 -15.48 -8.48
N SER B 443 26.92 -14.36 -9.19
CA SER B 443 27.58 -13.22 -8.58
C SER B 443 26.73 -12.59 -7.47
N ALA B 444 25.41 -12.55 -7.67
CA ALA B 444 24.54 -12.07 -6.60
C ALA B 444 24.56 -13.00 -5.40
N ILE B 445 24.60 -14.32 -5.63
CA ILE B 445 24.68 -15.27 -4.54
C ILE B 445 25.98 -15.08 -3.78
N ARG B 446 27.09 -14.91 -4.50
CA ARG B 446 28.37 -14.62 -3.85
C ARG B 446 28.28 -13.36 -3.00
N ALA B 447 27.62 -12.32 -3.52
CA ALA B 447 27.55 -11.05 -2.80
C ALA B 447 26.77 -11.21 -1.50
N PHE B 448 25.60 -11.88 -1.57
CA PHE B 448 24.79 -12.05 -0.37
C PHE B 448 25.48 -13.01 0.61
N MET B 449 26.12 -14.05 0.08
CA MET B 449 26.89 -14.95 0.92
C MET B 449 27.97 -14.20 1.70
N LYS B 450 28.72 -13.33 1.03
CA LYS B 450 29.78 -12.60 1.74
C LYS B 450 29.20 -11.66 2.79
N GLU B 451 28.04 -11.06 2.51
CA GLU B 451 27.36 -10.21 3.47
C GLU B 451 26.98 -10.98 4.75
N LEU B 452 26.46 -12.21 4.57
CA LEU B 452 26.13 -13.04 5.72
C LEU B 452 27.38 -13.45 6.49
N HIS B 453 28.42 -13.87 5.77
CA HIS B 453 29.68 -14.20 6.42
C HIS B 453 30.17 -13.02 7.25
N ASP B 454 30.20 -11.82 6.65
CA ASP B 454 30.67 -10.64 7.37
C ASP B 454 29.79 -10.37 8.59
N MET B 455 28.48 -10.52 8.44
CA MET B 455 27.58 -10.24 9.56
C MET B 455 27.84 -11.23 10.71
N ALA B 456 28.02 -12.51 10.40
CA ALA B 456 28.29 -13.48 11.44
C ALA B 456 29.58 -13.13 12.19
N HIS B 457 30.63 -12.72 11.47
CA HIS B 457 31.87 -12.36 12.15
C HIS B 457 31.72 -11.09 12.98
N ARG B 458 30.87 -10.15 12.57
CA ARG B 458 30.60 -9.01 13.44
C ARG B 458 29.87 -9.44 14.71
N LEU B 459 28.93 -10.38 14.59
CA LEU B 459 28.13 -10.83 15.74
C LEU B 459 28.90 -11.77 16.66
N ASP B 460 29.76 -12.59 16.12
CA ASP B 460 30.47 -13.59 16.92
C ASP B 460 31.79 -13.87 16.20
N ASP B 461 32.85 -13.21 16.61
CA ASP B 461 34.14 -13.41 15.96
C ASP B 461 34.84 -14.67 16.45
N THR B 462 34.29 -15.37 17.43
CA THR B 462 34.96 -16.52 18.01
C THR B 462 34.62 -17.85 17.34
N ARG B 463 33.69 -17.88 16.37
CA ARG B 463 33.32 -19.14 15.75
C ARG B 463 33.50 -19.03 14.24
N MET B 464 33.57 -20.18 13.58
CA MET B 464 33.80 -20.21 12.14
C MET B 464 32.48 -20.23 11.39
N THR B 465 32.47 -19.59 10.22
CA THR B 465 31.36 -19.76 9.30
C THR B 465 31.65 -20.93 8.35
N ALA B 466 30.57 -21.49 7.78
CA ALA B 466 30.69 -22.60 6.84
C ALA B 466 29.51 -22.62 5.87
N ILE B 467 29.71 -23.32 4.74
CA ILE B 467 28.61 -23.78 3.88
C ILE B 467 28.97 -25.17 3.39
N ARG B 468 27.96 -25.83 2.83
CA ARG B 468 28.12 -27.12 2.19
C ARG B 468 27.69 -27.00 0.73
N ARG B 469 28.58 -27.44 -0.16
CA ARG B 469 28.32 -27.64 -1.58
C ARG B 469 27.81 -26.38 -2.27
N CYS B 470 28.70 -25.42 -2.38
CA CYS B 470 28.53 -24.33 -3.36
C CYS B 470 29.94 -23.91 -3.75
N GLU B 471 30.49 -24.59 -4.76
CA GLU B 471 31.90 -24.42 -5.06
C GLU B 471 32.23 -22.97 -5.42
N PHE B 472 31.33 -22.29 -6.15
CA PHE B 472 31.63 -20.93 -6.55
C PHE B 472 31.53 -19.94 -5.38
N CYS B 473 31.28 -20.45 -4.18
CA CYS B 473 31.39 -19.67 -2.95
C CYS B 473 32.44 -20.24 -1.99
N ASN B 474 33.28 -21.18 -2.43
CA ASN B 474 34.15 -21.85 -1.47
C ASN B 474 35.29 -20.98 -0.97
N ASP B 475 35.46 -19.77 -1.49
CA ASP B 475 36.47 -18.83 -1.00
C ASP B 475 35.95 -17.87 0.04
N ILE B 476 34.66 -17.92 0.36
CA ILE B 476 34.01 -16.89 1.16
C ILE B 476 33.97 -17.25 2.64
N VAL B 477 33.78 -18.53 2.95
CA VAL B 477 33.53 -18.96 4.32
C VAL B 477 34.83 -19.46 4.93
N ASP B 478 34.83 -19.58 6.26
CA ASP B 478 35.98 -20.12 6.96
C ASP B 478 36.16 -21.62 6.71
N VAL B 479 35.07 -22.38 6.78
CA VAL B 479 35.12 -23.83 6.68
C VAL B 479 34.19 -24.25 5.55
N TYR B 480 34.66 -25.17 4.72
CA TYR B 480 33.93 -25.57 3.53
C TYR B 480 33.79 -27.09 3.45
N SER B 481 32.63 -27.55 3.00
CA SER B 481 32.37 -28.96 2.73
C SER B 481 31.89 -29.12 1.29
N PRO B 482 32.56 -29.92 0.47
CA PRO B 482 31.97 -30.30 -0.82
C PRO B 482 30.94 -31.40 -0.61
N SER B 483 30.49 -31.97 -1.72
CA SER B 483 29.65 -33.15 -1.70
C SER B 483 30.52 -34.36 -2.04
N ILE B 484 30.65 -35.28 -1.08
CA ILE B 484 31.38 -36.53 -1.24
C ILE B 484 30.49 -37.65 -0.75
N TRP B 485 29.86 -38.38 -1.66
CA TRP B 485 29.05 -39.54 -1.35
C TRP B 485 29.63 -40.77 -2.03
N ALA B 486 30.86 -41.14 -1.66
CA ALA B 486 31.52 -42.26 -2.30
C ALA B 486 30.74 -43.56 -2.07
N GLY B 487 30.49 -44.30 -3.15
CA GLY B 487 29.72 -45.52 -3.02
C GLY B 487 28.21 -45.33 -3.03
N TRP B 488 27.72 -44.10 -3.07
CA TRP B 488 26.28 -43.89 -3.19
C TRP B 488 25.95 -43.06 -4.41
N TYR B 489 26.26 -41.77 -4.43
CA TYR B 489 26.02 -40.92 -5.60
C TYR B 489 27.20 -40.86 -6.55
N ARG B 490 28.37 -41.33 -6.13
CA ARG B 490 29.57 -41.16 -6.92
C ARG B 490 30.47 -42.36 -6.75
N GLY B 491 30.92 -42.93 -7.88
CA GLY B 491 31.96 -43.93 -7.87
C GLY B 491 31.69 -45.08 -6.91
N VAL B 492 32.78 -45.56 -6.31
CA VAL B 492 32.75 -46.68 -5.37
C VAL B 492 33.27 -46.17 -4.04
N PHE B 493 32.80 -46.78 -2.95
CA PHE B 493 33.21 -46.23 -1.67
C PHE B 493 34.70 -46.42 -1.40
N THR B 494 35.39 -47.26 -2.16
CA THR B 494 36.85 -47.36 -2.00
C THR B 494 37.58 -46.13 -2.53
N ASP B 495 36.91 -45.25 -3.26
CA ASP B 495 37.49 -43.96 -3.67
C ASP B 495 37.44 -42.91 -2.56
N TYR B 496 36.84 -43.23 -1.41
CA TYR B 496 36.57 -42.22 -0.39
C TYR B 496 37.82 -41.42 0.01
N LYS B 497 38.89 -42.12 0.39
CA LYS B 497 40.08 -41.43 0.89
C LYS B 497 40.71 -40.57 -0.20
N SER B 498 40.81 -41.12 -1.41
CA SER B 498 41.39 -40.40 -2.53
C SER B 498 40.60 -39.12 -2.83
N ILE B 499 39.27 -39.23 -2.90
CA ILE B 499 38.47 -38.05 -3.20
C ILE B 499 38.64 -37.00 -2.11
N SER B 500 38.64 -37.44 -0.84
CA SER B 500 38.81 -36.51 0.27
C SER B 500 40.14 -35.77 0.20
N GLU B 501 41.22 -36.49 -0.14
CA GLU B 501 42.53 -35.85 -0.23
C GLU B 501 42.55 -34.78 -1.29
N GLN B 502 41.93 -35.05 -2.45
CA GLN B 502 41.85 -34.03 -3.48
C GLN B 502 41.01 -32.85 -3.03
N GLU B 503 39.88 -33.12 -2.39
CA GLU B 503 38.97 -32.06 -1.99
C GLU B 503 39.60 -31.18 -0.91
N MET B 504 40.30 -31.80 0.04
CA MET B 504 40.88 -31.03 1.13
C MET B 504 41.93 -30.04 0.63
N GLN B 505 42.53 -30.30 -0.53
CA GLN B 505 43.55 -29.39 -1.06
C GLN B 505 42.99 -28.08 -1.58
N LYS B 506 41.66 -28.01 -1.79
CA LYS B 506 41.04 -26.88 -2.47
C LYS B 506 40.65 -25.73 -1.55
N VAL B 507 40.66 -25.91 -0.24
CA VAL B 507 40.16 -24.88 0.66
C VAL B 507 41.08 -24.87 1.87
N LYS B 508 41.06 -23.75 2.61
CA LYS B 508 41.93 -23.63 3.77
C LYS B 508 41.52 -24.62 4.85
N HIS B 509 40.23 -24.74 5.11
CA HIS B 509 39.70 -25.61 6.15
C HIS B 509 38.62 -26.51 5.57
N PHE B 510 38.97 -27.78 5.36
CA PHE B 510 38.05 -28.77 4.81
C PHE B 510 37.39 -29.54 5.95
N LEU B 511 36.06 -29.66 5.87
CA LEU B 511 35.29 -30.46 6.82
C LEU B 511 34.15 -31.12 6.05
N HIS B 512 34.05 -32.46 6.13
CA HIS B 512 33.19 -33.25 5.23
C HIS B 512 31.87 -33.56 5.94
N VAL B 513 30.81 -32.86 5.56
CA VAL B 513 29.48 -33.12 6.12
C VAL B 513 28.62 -33.76 5.05
N GLU B 514 28.05 -34.92 5.37
CA GLU B 514 27.10 -35.69 4.57
C GLU B 514 27.77 -36.81 3.76
N TRP B 515 27.50 -38.04 4.16
CA TRP B 515 27.86 -39.23 3.40
C TRP B 515 27.04 -40.40 3.95
N GLY B 516 27.07 -41.51 3.21
CA GLY B 516 26.34 -42.69 3.62
C GLY B 516 25.59 -43.34 2.48
N GLY B 517 24.42 -43.92 2.80
CA GLY B 517 23.62 -44.62 1.82
C GLY B 517 22.30 -45.04 2.41
N ASP B 518 21.31 -45.23 1.54
CA ASP B 518 19.99 -45.66 1.99
C ASP B 518 19.99 -47.14 2.30
N SER B 519 19.28 -47.52 3.36
CA SER B 519 18.98 -48.93 3.59
C SER B 519 17.55 -49.07 4.09
N HIS B 520 16.79 -49.91 3.41
CA HIS B 520 15.44 -50.27 3.82
C HIS B 520 15.54 -51.18 5.03
N ALA B 521 15.23 -50.65 6.21
CA ALA B 521 15.44 -51.43 7.44
C ALA B 521 14.78 -52.80 7.33
N ARG B 522 15.54 -53.84 7.66
CA ARG B 522 15.18 -55.26 7.65
C ARG B 522 15.36 -55.92 6.27
N ARG B 523 15.90 -55.20 5.28
CA ARG B 523 16.22 -55.81 4.00
C ARG B 523 17.71 -56.13 3.97
N HIS B 524 18.03 -57.40 3.69
CA HIS B 524 19.40 -57.87 3.68
C HIS B 524 19.66 -58.55 2.33
N SER B 525 20.94 -58.72 2.01
CA SER B 525 21.32 -59.18 0.68
C SER B 525 22.49 -60.18 0.75
N GLU B 526 22.26 -61.41 0.29
CA GLU B 526 23.36 -62.37 0.22
C GLU B 526 24.46 -61.89 -0.73
N ASP B 527 24.08 -61.26 -1.85
CA ASP B 527 25.04 -60.80 -2.85
C ASP B 527 25.96 -59.70 -2.31
N ALA B 528 25.59 -59.08 -1.19
CA ALA B 528 26.47 -58.07 -0.61
C ALA B 528 27.60 -58.68 0.20
N PHE B 529 27.60 -59.99 0.43
CA PHE B 529 28.58 -60.68 1.26
C PHE B 529 29.57 -61.49 0.43
N TYR B 530 30.71 -61.77 1.03
CA TYR B 530 31.73 -62.62 0.42
C TYR B 530 31.43 -64.07 0.81
N ASN B 531 30.53 -64.70 0.06
CA ASN B 531 30.12 -66.07 0.30
C ASN B 531 30.94 -67.01 -0.57
N LEU B 532 31.32 -68.15 0.00
CA LEU B 532 32.20 -69.11 -0.66
C LEU B 532 31.42 -70.29 -1.22
N LYS B 533 31.46 -70.45 -2.54
CA LYS B 533 30.83 -71.56 -3.26
C LYS B 533 29.32 -71.38 -3.27
N VAL B 554 34.05 -60.84 -5.55
CA VAL B 554 33.77 -59.99 -4.39
C VAL B 554 32.56 -59.10 -4.64
N PRO B 555 31.91 -58.66 -3.57
CA PRO B 555 30.80 -57.71 -3.71
C PRO B 555 31.28 -56.36 -4.22
N ARG B 556 30.47 -55.74 -5.08
CA ARG B 556 30.79 -54.42 -5.61
C ARG B 556 30.76 -53.39 -4.48
N ALA B 557 31.55 -52.32 -4.67
CA ALA B 557 31.58 -51.20 -3.74
C ALA B 557 30.86 -49.97 -4.29
N SER B 558 29.87 -50.18 -5.17
CA SER B 558 29.07 -49.08 -5.72
C SER B 558 27.61 -49.25 -5.32
N ARG B 559 26.84 -48.17 -5.44
CA ARG B 559 25.49 -48.14 -4.88
C ARG B 559 24.77 -49.45 -5.05
N ASP B 560 24.34 -50.04 -3.93
CA ASP B 560 23.50 -51.22 -4.01
C ASP B 560 22.09 -50.80 -4.45
N GLY B 561 21.75 -51.11 -5.71
CA GLY B 561 20.42 -50.83 -6.20
C GLY B 561 19.32 -51.47 -5.39
N ASP B 562 19.65 -52.38 -4.47
CA ASP B 562 18.64 -53.02 -3.65
C ASP B 562 18.42 -52.33 -2.30
N TRP B 563 19.25 -51.36 -1.94
CA TRP B 563 19.07 -50.60 -0.70
C TRP B 563 19.03 -51.51 0.52
N SER B 564 19.90 -52.52 0.52
CA SER B 564 20.00 -53.41 1.67
C SER B 564 20.84 -52.79 2.77
N GLU B 565 20.53 -53.16 4.02
CA GLU B 565 21.42 -52.84 5.12
C GLU B 565 22.79 -53.45 4.90
N SER B 566 22.86 -54.57 4.19
CA SER B 566 24.12 -55.29 4.04
C SER B 566 25.15 -54.42 3.34
N TYR B 567 24.70 -53.65 2.34
CA TYR B 567 25.63 -52.78 1.62
C TYR B 567 26.04 -51.57 2.47
N VAL B 568 25.07 -50.93 3.12
CA VAL B 568 25.40 -49.73 3.88
C VAL B 568 26.35 -50.06 5.01
N VAL B 569 26.22 -51.24 5.61
CA VAL B 569 27.14 -51.66 6.66
C VAL B 569 28.58 -51.72 6.14
N ARG B 570 28.79 -52.33 4.97
CA ARG B 570 30.14 -52.39 4.43
C ARG B 570 30.64 -51.02 4.02
N LEU B 571 29.75 -50.15 3.56
CA LEU B 571 30.15 -48.80 3.18
C LEU B 571 30.63 -48.01 4.39
N ILE B 572 29.87 -48.06 5.49
CA ILE B 572 30.26 -47.36 6.71
C ILE B 572 31.56 -47.93 7.26
N ASP B 573 31.65 -49.27 7.35
CA ASP B 573 32.87 -49.95 7.78
C ASP B 573 34.08 -49.41 7.04
N TRP B 574 33.99 -49.33 5.71
CA TRP B 574 35.12 -48.84 4.91
C TRP B 574 35.49 -47.40 5.25
N HIS B 575 34.49 -46.51 5.34
CA HIS B 575 34.78 -45.12 5.67
C HIS B 575 35.51 -45.02 7.00
N LEU B 576 35.02 -45.73 8.02
CA LEU B 576 35.60 -45.57 9.34
C LEU B 576 37.01 -46.14 9.38
N LYS B 577 37.26 -47.23 8.66
CA LYS B 577 38.62 -47.78 8.60
C LYS B 577 39.58 -46.77 7.97
N GLU B 578 39.14 -46.11 6.89
CA GLU B 578 40.01 -45.15 6.22
C GLU B 578 40.33 -43.96 7.11
N GLN B 579 39.37 -43.52 7.92
CA GLN B 579 39.59 -42.31 8.70
C GLN B 579 40.71 -42.49 9.73
N GLU B 580 40.99 -43.72 10.13
CA GLU B 580 42.10 -43.99 11.03
C GLU B 580 43.46 -43.71 10.38
N THR B 581 43.51 -43.61 9.04
CA THR B 581 44.75 -43.34 8.33
C THR B 581 44.78 -41.96 7.69
N MET B 582 43.97 -41.03 8.19
CA MET B 582 43.87 -39.68 7.63
C MET B 582 44.14 -38.65 8.73
N PRO B 583 45.42 -38.51 9.14
CA PRO B 583 45.71 -37.64 10.30
C PRO B 583 45.47 -36.17 10.05
N TRP B 584 45.42 -35.73 8.80
CA TRP B 584 45.14 -34.35 8.43
C TRP B 584 43.66 -34.01 8.47
N LEU B 585 42.80 -34.99 8.73
CA LEU B 585 41.37 -34.85 8.51
C LEU B 585 40.71 -34.19 9.72
N THR B 586 40.04 -33.06 9.50
CA THR B 586 39.23 -32.48 10.56
C THR B 586 38.20 -33.49 11.05
N GLY B 587 37.44 -34.07 10.15
CA GLY B 587 36.44 -35.05 10.51
C GLY B 587 35.33 -35.08 9.48
N THR B 588 34.28 -35.83 9.80
CA THR B 588 33.16 -35.97 8.88
C THR B 588 31.89 -36.09 9.69
N ALA B 589 30.75 -35.97 9.00
CA ALA B 589 29.44 -36.15 9.60
C ALA B 589 28.61 -37.03 8.66
N TYR B 590 28.25 -38.22 9.14
CA TYR B 590 27.32 -39.08 8.40
C TYR B 590 25.95 -38.41 8.30
N TRP B 591 25.23 -38.69 7.20
CA TRP B 591 23.90 -38.13 6.98
C TRP B 591 22.86 -39.25 6.78
N PRO B 592 21.82 -39.36 7.61
CA PRO B 592 21.58 -38.68 8.88
C PRO B 592 21.71 -39.68 10.02
N PHE B 593 21.51 -39.24 11.27
CA PHE B 593 21.45 -40.22 12.33
C PHE B 593 20.22 -41.11 12.18
N LYS B 594 19.06 -40.49 11.96
CA LYS B 594 17.77 -41.16 12.01
C LYS B 594 16.98 -40.90 10.74
N ASP B 595 16.36 -41.97 10.22
CA ASP B 595 15.42 -41.86 9.12
C ASP B 595 14.44 -40.72 9.39
N PHE B 596 14.18 -39.91 8.37
CA PHE B 596 13.29 -38.77 8.52
C PHE B 596 12.48 -38.61 7.23
N SER B 597 11.33 -37.94 7.36
CA SER B 597 10.42 -37.78 6.23
C SER B 597 10.87 -36.68 5.29
N THR B 598 10.64 -36.89 4.00
CA THR B 598 10.93 -35.89 2.99
C THR B 598 9.87 -35.93 1.88
N PRO B 599 9.42 -34.77 1.42
CA PRO B 599 8.32 -34.74 0.43
C PRO B 599 8.75 -35.12 -0.97
N VAL B 600 10.04 -35.26 -1.25
CA VAL B 600 10.49 -35.41 -2.64
C VAL B 600 10.79 -36.86 -3.00
N ARG B 601 10.48 -37.80 -2.11
CA ARG B 601 10.74 -39.23 -2.35
C ARG B 601 9.49 -40.06 -2.13
N PRO B 602 8.43 -39.83 -2.93
CA PRO B 602 7.21 -40.64 -2.78
C PRO B 602 7.42 -42.11 -3.05
N ASP B 603 8.46 -42.48 -3.79
CA ASP B 603 8.65 -43.83 -4.27
C ASP B 603 9.70 -44.62 -3.51
N ASN B 604 10.16 -44.13 -2.37
CA ASN B 604 11.16 -44.88 -1.62
C ASN B 604 10.53 -46.15 -1.05
N PRO B 605 11.36 -47.15 -0.73
CA PRO B 605 10.84 -48.37 -0.09
C PRO B 605 9.89 -48.09 1.06
N VAL B 606 10.21 -47.14 1.92
CA VAL B 606 9.22 -46.49 2.77
C VAL B 606 8.87 -45.15 2.13
N PRO B 607 7.66 -44.97 1.58
CA PRO B 607 7.35 -43.72 0.87
C PRO B 607 7.58 -42.49 1.73
N TYR B 608 8.16 -41.46 1.11
CA TYR B 608 8.32 -40.15 1.74
C TYR B 608 9.25 -40.19 2.95
N VAL B 609 10.16 -41.14 3.02
CA VAL B 609 11.14 -41.24 4.09
C VAL B 609 12.53 -41.34 3.48
N ASN B 610 13.44 -40.50 3.94
CA ASN B 610 14.86 -40.63 3.63
C ASN B 610 15.44 -41.73 4.50
N GLN B 611 15.90 -42.82 3.87
CA GLN B 611 16.28 -44.02 4.62
C GLN B 611 17.79 -44.18 4.76
N LYS B 612 18.53 -43.08 4.76
CA LYS B 612 19.98 -43.16 4.96
C LYS B 612 20.37 -43.30 6.43
N GLY B 613 19.41 -43.21 7.35
CA GLY B 613 19.75 -43.26 8.76
C GLY B 613 20.35 -44.59 9.17
N VAL B 614 21.09 -44.56 10.28
CA VAL B 614 21.49 -45.78 10.96
C VAL B 614 20.51 -46.14 12.07
N VAL B 615 19.45 -45.35 12.24
CA VAL B 615 18.39 -45.61 13.21
C VAL B 615 17.05 -45.37 12.51
N GLU B 616 16.07 -46.20 12.83
CA GLU B 616 14.75 -46.02 12.24
C GLU B 616 14.07 -44.80 12.84
N ARG B 617 13.07 -44.29 12.11
CA ARG B 617 12.34 -43.07 12.46
C ARG B 617 11.67 -43.18 13.82
N ASP B 618 11.58 -44.38 14.39
CA ASP B 618 11.01 -44.60 15.72
C ASP B 618 12.07 -44.89 16.77
N PHE B 619 13.36 -44.75 16.46
CA PHE B 619 14.54 -44.96 17.33
C PHE B 619 15.08 -46.38 17.24
N THR B 620 14.43 -47.29 16.53
CA THR B 620 14.92 -48.65 16.45
C THR B 620 16.26 -48.64 15.72
N PRO B 621 17.32 -49.14 16.32
CA PRO B 621 18.62 -49.14 15.62
C PRO B 621 18.62 -50.07 14.42
N LYS B 622 19.31 -49.63 13.37
CA LYS B 622 19.58 -50.50 12.23
C LYS B 622 20.89 -51.24 12.46
N GLU B 623 21.19 -52.19 11.58
CA GLU B 623 22.47 -52.90 11.70
C GLU B 623 23.64 -51.92 11.68
N SER B 624 23.51 -50.84 10.91
CA SER B 624 24.62 -49.90 10.73
C SER B 624 24.94 -49.12 12.01
N TYR B 625 23.99 -49.01 12.93
CA TYR B 625 24.27 -48.34 14.19
C TYR B 625 25.47 -48.96 14.89
N TYR B 626 25.56 -50.30 14.89
CA TYR B 626 26.59 -51.01 15.62
C TYR B 626 27.97 -50.93 14.96
N VAL B 627 28.03 -50.69 13.65
CA VAL B 627 29.33 -50.43 13.02
C VAL B 627 29.97 -49.20 13.63
N PHE B 628 29.23 -48.07 13.66
CA PHE B 628 29.75 -46.88 14.30
C PHE B 628 30.12 -47.15 15.75
N GLN B 629 29.25 -47.87 16.46
CA GLN B 629 29.47 -48.07 17.89
C GLN B 629 30.73 -48.90 18.11
N SER B 630 30.96 -49.91 17.24
CA SER B 630 32.14 -50.76 17.41
C SER B 630 33.42 -49.99 17.12
N TYR B 631 33.35 -48.93 16.32
CA TYR B 631 34.54 -48.16 15.97
C TYR B 631 34.80 -46.96 16.88
N TRP B 632 33.77 -46.44 17.54
CA TRP B 632 33.79 -45.12 18.15
C TRP B 632 33.64 -45.13 19.67
N THR B 633 33.38 -46.29 20.28
CA THR B 633 33.18 -46.37 21.72
C THR B 633 34.15 -47.38 22.31
N GLU B 634 34.28 -47.32 23.63
CA GLU B 634 35.16 -48.22 24.36
C GLU B 634 34.43 -49.20 25.25
N LYS B 635 33.25 -48.83 25.74
CA LYS B 635 32.45 -49.77 26.51
C LYS B 635 32.26 -51.06 25.70
N PRO B 636 32.58 -52.22 26.26
CA PRO B 636 32.53 -53.48 25.49
C PRO B 636 31.14 -53.74 24.89
N MET B 637 31.13 -54.07 23.60
CA MET B 637 29.90 -54.46 22.93
C MET B 637 30.23 -55.46 21.83
N ILE B 638 29.19 -56.14 21.35
CA ILE B 638 29.39 -57.14 20.31
C ILE B 638 28.08 -57.39 19.59
N HIS B 639 28.12 -57.39 18.26
CA HIS B 639 26.90 -57.46 17.47
C HIS B 639 27.15 -58.33 16.25
N ILE B 640 26.49 -59.50 16.22
CA ILE B 640 26.47 -60.27 14.99
C ILE B 640 25.52 -59.58 14.03
N TYR B 641 25.98 -59.33 12.81
CA TYR B 641 25.10 -58.80 11.78
C TYR B 641 24.02 -59.83 11.46
N GLY B 642 22.77 -59.35 11.36
CA GLY B 642 21.65 -60.19 10.96
C GLY B 642 20.58 -60.36 12.01
N HIS B 643 20.53 -59.46 13.00
CA HIS B 643 19.48 -59.57 14.00
C HIS B 643 18.08 -59.46 13.40
N THR B 644 17.91 -58.70 12.32
CA THR B 644 16.62 -58.63 11.62
C THR B 644 16.62 -59.41 10.32
N TRP B 645 17.51 -60.41 10.19
CA TRP B 645 17.64 -61.23 8.98
C TRP B 645 17.16 -62.64 9.29
N PRO B 646 15.86 -62.94 9.13
CA PRO B 646 15.38 -64.26 9.58
C PRO B 646 15.78 -65.41 8.68
N VAL B 647 15.95 -65.19 7.38
CA VAL B 647 16.20 -66.31 6.47
C VAL B 647 17.32 -65.93 5.51
N ARG B 648 18.47 -66.59 5.64
CA ARG B 648 19.53 -66.57 4.64
C ARG B 648 19.30 -67.67 3.61
N TRP B 649 20.09 -67.65 2.54
CA TRP B 649 19.86 -68.58 1.45
C TRP B 649 21.14 -68.77 0.65
N GLY B 650 21.13 -69.81 -0.19
CA GLY B 650 22.26 -70.17 -1.01
C GLY B 650 22.26 -71.67 -1.27
N GLY B 651 23.40 -72.17 -1.76
CA GLY B 651 23.52 -73.60 -1.99
C GLY B 651 23.86 -74.39 -0.74
N LYS B 652 23.55 -75.68 -0.79
CA LYS B 652 23.88 -76.57 0.32
C LYS B 652 25.38 -76.57 0.54
N ASP B 653 25.80 -76.44 1.78
CA ASP B 653 27.21 -76.42 2.15
C ASP B 653 27.97 -75.20 1.60
N ASP B 654 27.28 -74.17 1.11
CA ASP B 654 27.99 -72.91 0.85
C ASP B 654 28.60 -72.43 2.15
N ARG B 655 29.74 -71.76 2.06
CA ARG B 655 30.38 -71.20 3.26
C ARG B 655 29.97 -69.73 3.35
N LYS B 656 28.96 -69.46 4.17
CA LYS B 656 28.33 -68.14 4.22
C LYS B 656 29.15 -67.18 5.06
N GLU B 657 29.29 -65.94 4.60
CA GLU B 657 30.04 -64.94 5.35
C GLU B 657 29.20 -64.45 6.52
N ILE B 658 29.80 -64.40 7.70
CA ILE B 658 29.19 -63.90 8.92
C ILE B 658 30.07 -62.77 9.44
N LEU B 659 29.48 -61.59 9.64
CA LEU B 659 30.22 -60.44 10.14
C LEU B 659 29.85 -60.18 11.59
N VAL B 660 30.84 -59.81 12.40
CA VAL B 660 30.60 -59.38 13.76
C VAL B 660 31.22 -57.99 13.92
N TYR B 661 30.42 -57.04 14.38
CA TYR B 661 30.91 -55.70 14.67
C TYR B 661 31.04 -55.56 16.18
N SER B 662 32.27 -55.35 16.64
CA SER B 662 32.58 -55.39 18.05
C SER B 662 33.83 -54.55 18.28
N ASN B 663 33.94 -53.97 19.46
CA ASN B 663 35.18 -53.32 19.84
C ASN B 663 36.03 -54.22 20.74
N CYS B 664 35.68 -55.50 20.86
CA CYS B 664 36.47 -56.44 21.64
C CYS B 664 37.80 -56.76 20.95
N ASP B 665 38.80 -57.10 21.79
CA ASP B 665 40.12 -57.41 21.26
C ASP B 665 40.12 -58.70 20.47
N GLU B 666 39.33 -59.68 20.90
CA GLU B 666 39.23 -60.92 20.16
C GLU B 666 37.83 -61.47 20.36
N VAL B 667 37.38 -62.23 19.37
CA VAL B 667 36.02 -62.76 19.33
C VAL B 667 36.08 -64.19 18.84
N GLU B 668 35.29 -65.06 19.45
CA GLU B 668 35.12 -66.42 18.98
C GLU B 668 33.68 -66.62 18.52
N LEU B 669 33.50 -67.19 17.34
CA LEU B 669 32.18 -67.44 16.78
C LEU B 669 31.83 -68.92 16.91
N PHE B 670 30.58 -69.19 17.29
CA PHE B 670 30.03 -70.54 17.37
C PHE B 670 28.84 -70.61 16.43
N VAL B 671 28.81 -71.64 15.58
CA VAL B 671 27.68 -71.89 14.69
C VAL B 671 27.07 -73.22 15.11
N ASN B 672 25.88 -73.19 15.71
CA ASN B 672 25.20 -74.40 16.17
C ASN B 672 26.05 -75.12 17.21
N GLY B 673 26.72 -74.34 18.07
CA GLY B 673 27.52 -74.88 19.14
C GLY B 673 28.94 -75.25 18.79
N VAL B 674 29.29 -75.28 17.51
CA VAL B 674 30.64 -75.64 17.07
C VAL B 674 31.47 -74.38 16.90
N SER B 675 32.55 -74.27 17.68
CA SER B 675 33.44 -73.13 17.54
C SER B 675 33.97 -73.04 16.11
N GLN B 676 34.03 -71.81 15.60
CA GLN B 676 34.59 -71.53 14.29
C GLN B 676 35.93 -70.82 14.39
N GLY B 677 36.46 -70.67 15.58
CA GLY B 677 37.78 -70.09 15.73
C GLY B 677 37.73 -68.69 16.33
N VAL B 678 38.77 -68.37 17.09
CA VAL B 678 38.94 -67.03 17.64
C VAL B 678 39.59 -66.16 16.57
N LYS B 679 39.19 -64.88 16.52
CA LYS B 679 39.82 -63.93 15.62
C LYS B 679 40.09 -62.65 16.37
N ARG B 680 41.18 -61.98 16.00
CA ARG B 680 41.63 -60.77 16.67
C ARG B 680 41.14 -59.54 15.90
N ARG B 681 40.71 -58.53 16.65
CA ARG B 681 40.18 -57.33 16.02
C ARG B 681 41.32 -56.50 15.43
N ASN B 682 41.09 -55.98 14.23
CA ASN B 682 42.09 -55.17 13.54
C ASN B 682 41.36 -54.33 12.49
N SER B 683 41.22 -53.02 12.77
CA SER B 683 40.42 -52.13 11.91
C SER B 683 40.78 -52.26 10.44
N GLN B 684 42.08 -52.32 10.13
CA GLN B 684 42.52 -52.30 8.74
C GLN B 684 42.27 -53.61 7.98
N ASP B 685 41.87 -54.68 8.67
CA ASP B 685 41.57 -55.96 8.03
C ASP B 685 40.09 -56.00 7.65
N TYR B 686 39.76 -55.32 6.55
CA TYR B 686 38.39 -55.07 6.12
C TYR B 686 37.81 -56.28 5.37
N PRO B 687 36.52 -56.62 5.60
CA PRO B 687 35.60 -55.90 6.48
C PRO B 687 35.49 -56.47 7.90
N ALA B 688 34.70 -55.79 8.73
CA ALA B 688 34.42 -56.17 10.11
C ALA B 688 35.67 -56.15 11.00
N ALA B 689 36.74 -55.47 10.57
CA ALA B 689 37.97 -55.36 11.34
C ALA B 689 38.50 -56.74 11.73
N GLY B 690 38.53 -57.64 10.74
CA GLY B 690 39.03 -58.98 10.92
C GLY B 690 38.06 -59.96 11.54
N LEU B 691 36.95 -59.49 12.13
CA LEU B 691 36.02 -60.37 12.83
C LEU B 691 34.94 -60.87 11.87
N ARG B 692 35.39 -61.61 10.86
CA ARG B 692 34.49 -62.25 9.90
C ARG B 692 34.86 -63.71 9.75
N TRP B 693 33.85 -64.54 9.48
CA TRP B 693 34.00 -65.98 9.29
C TRP B 693 33.19 -66.40 8.06
N ASN B 694 33.58 -67.53 7.47
CA ASN B 694 32.79 -68.20 6.43
C ASN B 694 32.39 -69.57 6.95
N CYS B 695 31.08 -69.79 7.12
CA CYS B 695 30.59 -70.97 7.83
C CYS B 695 29.44 -71.61 7.06
N VAL B 696 29.36 -72.93 7.16
CA VAL B 696 28.26 -73.67 6.58
C VAL B 696 27.06 -73.55 7.52
N TYR B 697 25.91 -73.16 6.98
CA TYR B 697 24.65 -73.22 7.69
C TYR B 697 23.99 -74.56 7.36
N GLN B 698 23.26 -75.12 8.32
CA GLN B 698 22.40 -76.26 8.01
C GLN B 698 21.02 -75.78 7.57
N GLU B 699 20.38 -76.59 6.73
CA GLU B 699 19.03 -76.30 6.30
C GLU B 699 18.09 -76.21 7.49
N GLY B 700 17.20 -75.23 7.46
CA GLY B 700 16.39 -74.98 8.62
C GLY B 700 17.07 -74.03 9.58
N MET B 701 16.79 -74.20 10.88
CA MET B 701 17.20 -73.25 11.90
C MET B 701 18.67 -73.38 12.26
N ASN B 702 19.32 -72.23 12.46
CA ASN B 702 20.70 -72.15 12.92
C ASN B 702 20.78 -71.17 14.08
N GLU B 703 21.70 -71.43 14.99
CA GLU B 703 21.99 -70.49 16.08
C GLU B 703 23.44 -70.06 15.96
N ILE B 704 23.66 -68.74 15.89
CA ILE B 704 25.00 -68.17 15.79
C ILE B 704 25.29 -67.38 17.06
N ARG B 705 26.41 -67.67 17.69
CA ARG B 705 26.77 -67.06 18.96
C ARG B 705 28.18 -66.49 18.86
N ALA B 706 28.38 -65.31 19.44
CA ALA B 706 29.68 -64.65 19.41
C ALA B 706 30.05 -64.24 20.81
N VAL B 707 31.30 -64.53 21.20
CA VAL B 707 31.79 -64.27 22.54
C VAL B 707 33.04 -63.41 22.41
N GLY B 708 33.04 -62.27 23.07
CA GLY B 708 34.13 -61.34 22.96
C GLY B 708 34.70 -60.95 24.30
N VAL B 709 35.98 -60.59 24.29
CA VAL B 709 36.71 -60.18 25.48
C VAL B 709 37.43 -58.89 25.14
N LYS B 710 37.31 -57.90 26.02
CA LYS B 710 38.02 -56.63 25.86
C LYS B 710 38.98 -56.53 27.04
N LYS B 711 40.28 -56.68 26.77
CA LYS B 711 41.25 -56.82 27.85
C LYS B 711 41.29 -55.58 28.74
N LYS B 712 41.28 -54.37 28.14
CA LYS B 712 41.33 -53.16 28.94
C LYS B 712 40.30 -53.20 30.07
N GLU B 713 39.06 -53.56 29.75
CA GLU B 713 38.01 -53.62 30.76
C GLU B 713 37.95 -54.97 31.47
N LYS B 714 38.73 -55.95 31.03
CA LYS B 714 38.65 -57.30 31.59
C LYS B 714 37.22 -57.84 31.54
N LYS B 715 36.51 -57.49 30.45
CA LYS B 715 35.10 -57.80 30.30
C LYS B 715 34.86 -58.81 29.18
N GLU B 716 33.92 -59.72 29.40
CA GLU B 716 33.46 -60.62 28.35
C GLU B 716 32.02 -60.26 28.00
N VAL B 717 31.71 -60.24 26.71
CA VAL B 717 30.37 -59.93 26.21
C VAL B 717 30.06 -60.91 25.10
N SER B 718 28.77 -61.14 24.89
CA SER B 718 28.35 -62.10 23.88
C SER B 718 27.08 -61.63 23.19
N ASP B 719 26.85 -62.23 22.03
CA ASP B 719 25.66 -61.98 21.22
C ASP B 719 25.22 -63.31 20.61
N VAL B 720 23.92 -63.40 20.30
CA VAL B 720 23.35 -64.60 19.69
C VAL B 720 22.23 -64.19 18.76
N ILE B 721 22.20 -64.78 17.57
CA ILE B 721 21.08 -64.65 16.64
C ILE B 721 20.68 -66.04 16.15
N ARG B 722 19.44 -66.14 15.70
CA ARG B 722 18.92 -67.37 15.10
C ARG B 722 18.50 -67.04 13.68
N GLN B 723 18.96 -67.84 12.73
CA GLN B 723 18.62 -67.62 11.35
C GLN B 723 18.26 -68.95 10.70
N GLU B 724 17.19 -68.94 9.92
CA GLU B 724 16.88 -70.08 9.08
C GLU B 724 17.73 -70.01 7.82
N TYR B 725 18.02 -71.17 7.24
CA TYR B 725 18.77 -71.24 6.00
C TYR B 725 17.94 -72.01 4.99
N GLN B 726 17.63 -71.38 3.85
CA GLN B 726 16.78 -71.96 2.82
C GLN B 726 17.61 -72.29 1.59
N THR B 727 17.63 -73.56 1.19
CA THR B 727 18.28 -73.92 -0.06
C THR B 727 17.34 -74.01 -1.25
N ALA B 728 16.03 -74.12 -1.03
CA ALA B 728 15.10 -74.16 -2.16
C ALA B 728 15.17 -72.85 -2.94
N LYS B 729 15.18 -72.96 -4.26
CA LYS B 729 15.08 -71.80 -5.13
C LYS B 729 13.61 -71.45 -5.31
N TRP B 730 13.35 -70.18 -5.60
CA TRP B 730 11.99 -69.68 -5.79
C TRP B 730 11.81 -69.18 -7.21
N ASP B 731 10.57 -69.28 -7.72
CA ASP B 731 10.18 -68.77 -9.02
C ASP B 731 9.63 -67.36 -8.82
N LYS B 732 8.93 -66.81 -9.82
CA LYS B 732 8.32 -65.50 -9.69
C LYS B 732 7.30 -65.49 -8.55
N GLU B 733 7.09 -64.30 -7.96
CA GLU B 733 6.08 -64.16 -6.92
C GLU B 733 4.69 -64.46 -7.48
N ALA B 734 3.90 -65.20 -6.71
CA ALA B 734 2.57 -65.64 -7.14
C ALA B 734 1.46 -65.35 -6.15
N ALA B 735 1.76 -65.23 -4.86
CA ALA B 735 0.72 -64.99 -3.87
C ALA B 735 1.35 -64.35 -2.64
N CYS B 736 0.48 -63.79 -1.80
CA CYS B 736 0.86 -63.33 -0.47
C CYS B 736 0.30 -64.27 0.58
N GLN B 737 1.18 -64.86 1.38
CA GLN B 737 0.75 -65.60 2.56
C GLN B 737 0.71 -64.64 3.73
N VAL B 738 -0.45 -64.51 4.36
CA VAL B 738 -0.66 -63.54 5.44
C VAL B 738 -1.06 -64.30 6.69
N SER B 739 -0.42 -63.98 7.80
CA SER B 739 -0.67 -64.72 9.03
C SER B 739 -0.42 -63.84 10.24
N LEU B 740 -0.97 -64.27 11.37
CA LEU B 740 -0.76 -63.60 12.65
C LEU B 740 0.57 -64.05 13.25
N LEU B 741 1.54 -63.13 13.36
CA LEU B 741 2.85 -63.49 13.88
C LEU B 741 2.89 -63.50 15.41
N SER B 742 2.29 -62.49 16.05
CA SER B 742 2.26 -62.50 17.50
C SER B 742 1.21 -61.51 17.95
N GLU B 743 0.98 -61.47 19.27
CA GLU B 743 0.01 -60.58 19.88
C GLU B 743 0.62 -59.97 21.12
N GLU B 744 0.22 -58.73 21.41
CA GLU B 744 0.61 -58.08 22.66
C GLU B 744 -0.53 -57.20 23.09
N GLY B 745 -1.25 -57.62 24.13
CA GLY B 745 -2.40 -56.85 24.57
C GLY B 745 -3.44 -56.77 23.47
N ASP B 746 -3.87 -55.56 23.17
CA ASP B 746 -4.89 -55.30 22.16
C ASP B 746 -4.31 -55.25 20.75
N THR B 747 -3.05 -55.59 20.58
CA THR B 747 -2.32 -55.41 19.33
C THR B 747 -1.98 -56.73 18.67
N ALA B 748 -2.10 -56.78 17.35
CA ALA B 748 -1.77 -57.96 16.57
C ALA B 748 -0.64 -57.63 15.60
N LEU B 749 0.36 -58.51 15.52
CA LEU B 749 1.46 -58.32 14.57
C LEU B 749 1.22 -59.23 13.38
N VAL B 750 0.94 -58.63 12.24
CA VAL B 750 0.62 -59.37 11.03
C VAL B 750 1.88 -59.48 10.19
N GLN B 751 2.10 -60.66 9.60
CA GLN B 751 3.24 -60.87 8.72
C GLN B 751 2.76 -61.26 7.33
N VAL B 752 3.40 -60.68 6.32
CA VAL B 752 3.13 -61.00 4.93
C VAL B 752 4.40 -61.60 4.34
N GLN B 753 4.24 -62.67 3.56
CA GLN B 753 5.35 -63.31 2.88
C GLN B 753 4.98 -63.54 1.43
N LEU B 754 5.78 -63.00 0.53
CA LEU B 754 5.65 -63.28 -0.89
C LEU B 754 6.18 -64.67 -1.20
N ILE B 755 5.39 -65.46 -1.93
CA ILE B 755 5.74 -66.84 -2.27
C ILE B 755 5.47 -67.09 -3.75
N ASP B 756 6.16 -68.10 -4.30
CA ASP B 756 5.99 -68.44 -5.70
C ASP B 756 4.87 -69.50 -5.86
N LYS B 757 4.65 -69.96 -7.09
CA LYS B 757 3.52 -70.87 -7.34
C LYS B 757 3.59 -72.16 -6.53
N ASN B 758 4.75 -72.54 -5.99
CA ASN B 758 4.89 -73.74 -5.18
C ASN B 758 4.98 -73.46 -3.69
N GLY B 759 4.75 -72.21 -3.27
CA GLY B 759 4.82 -71.87 -1.87
C GLY B 759 6.22 -71.61 -1.33
N ILE B 760 7.22 -71.50 -2.19
CA ILE B 760 8.57 -71.21 -1.74
C ILE B 760 8.72 -69.71 -1.49
N ARG B 761 9.37 -69.34 -0.38
CA ARG B 761 9.58 -67.92 -0.08
C ARG B 761 10.44 -67.25 -1.15
N CYS B 762 9.96 -66.11 -1.66
CA CYS B 762 10.74 -65.31 -2.62
C CYS B 762 11.62 -64.32 -1.85
N LEU B 763 12.76 -64.82 -1.40
CA LEU B 763 13.58 -64.11 -0.42
C LEU B 763 14.28 -62.87 -0.97
N SER B 764 14.23 -62.61 -2.28
CA SER B 764 14.83 -61.40 -2.83
C SER B 764 13.81 -60.36 -3.26
N SER B 765 12.51 -60.61 -3.06
CA SER B 765 11.48 -59.74 -3.60
C SER B 765 11.47 -58.39 -2.89
N LYS B 766 11.20 -57.34 -3.67
CA LYS B 766 11.07 -55.98 -3.16
C LYS B 766 9.70 -55.38 -3.50
N LYS B 767 8.73 -56.21 -3.90
CA LYS B 767 7.42 -55.76 -4.33
C LYS B 767 6.72 -54.97 -3.23
N GLN B 768 6.01 -53.92 -3.64
CA GLN B 768 5.26 -53.13 -2.66
C GLN B 768 4.04 -53.91 -2.18
N ILE B 769 3.84 -53.89 -0.88
CA ILE B 769 2.68 -54.50 -0.24
C ILE B 769 1.79 -53.36 0.24
N THR B 770 0.48 -53.47 -0.01
CA THR B 770 -0.49 -52.51 0.46
C THR B 770 -1.42 -53.19 1.46
N PHE B 771 -1.58 -52.57 2.63
CA PHE B 771 -2.46 -53.07 3.68
C PHE B 771 -3.74 -52.25 3.74
N GLU B 772 -4.88 -52.94 3.88
CA GLU B 772 -6.16 -52.33 4.15
C GLU B 772 -6.85 -53.07 5.28
N ILE B 773 -7.79 -52.39 5.94
CA ILE B 773 -8.52 -52.99 7.05
C ILE B 773 -9.96 -52.53 7.02
N ALA B 774 -10.85 -53.43 7.44
CA ALA B 774 -12.26 -53.12 7.66
C ALA B 774 -12.68 -53.78 8.96
N GLY B 775 -13.45 -53.06 9.78
CA GLY B 775 -13.93 -53.60 11.03
C GLY B 775 -13.53 -52.72 12.22
N ASP B 776 -13.43 -53.36 13.39
CA ASP B 776 -13.25 -52.64 14.63
C ASP B 776 -11.85 -52.11 14.82
N GLY B 777 -10.85 -52.72 14.18
CA GLY B 777 -9.46 -52.34 14.36
C GLY B 777 -9.01 -51.24 13.41
N SER B 778 -7.74 -50.86 13.57
CA SER B 778 -7.12 -49.90 12.68
C SER B 778 -5.65 -50.26 12.51
N LEU B 779 -5.13 -49.98 11.32
CA LEU B 779 -3.72 -50.20 11.04
C LEU B 779 -2.85 -49.20 11.79
N ILE B 780 -1.76 -49.68 12.38
CA ILE B 780 -0.74 -48.78 12.96
C ILE B 780 0.21 -48.43 11.82
N CYS B 781 -0.08 -47.33 11.14
CA CYS B 781 0.64 -46.98 9.93
C CYS B 781 0.96 -45.49 9.96
N ASN B 782 1.45 -44.97 8.82
CA ASN B 782 1.90 -43.58 8.70
C ASN B 782 2.93 -43.25 9.78
N LEU B 783 3.77 -44.21 10.14
CA LEU B 783 4.86 -43.97 11.07
C LEU B 783 6.18 -43.72 10.36
N GLY B 784 6.28 -44.00 9.07
CA GLY B 784 7.52 -43.79 8.35
C GLY B 784 8.59 -44.81 8.65
N THR B 785 8.21 -46.02 9.05
CA THR B 785 9.10 -47.14 9.27
C THR B 785 8.65 -48.33 8.44
N SER B 786 9.59 -49.24 8.19
CA SER B 786 9.27 -50.38 7.34
C SER B 786 8.29 -51.36 8.00
N THR B 787 7.98 -51.22 9.30
CA THR B 787 6.94 -52.00 9.96
C THR B 787 5.77 -51.13 10.43
N GLY B 788 5.75 -49.86 10.06
CA GLY B 788 4.63 -48.98 10.34
C GLY B 788 4.12 -48.25 9.12
N SER B 789 4.00 -48.96 7.98
CA SER B 789 3.61 -48.36 6.71
C SER B 789 2.57 -49.20 6.00
N ARG B 790 1.45 -48.58 5.61
CA ARG B 790 0.41 -49.33 4.94
C ARG B 790 0.70 -49.55 3.46
N LYS B 791 1.68 -48.84 2.90
CA LYS B 791 2.30 -49.17 1.62
C LYS B 791 3.80 -49.23 1.85
N VAL B 792 4.39 -50.39 1.57
CA VAL B 792 5.80 -50.59 1.87
C VAL B 792 6.35 -51.64 0.93
N GLN B 793 7.59 -51.43 0.48
CA GLN B 793 8.29 -52.44 -0.29
C GLN B 793 8.67 -53.61 0.61
N ALA B 794 8.55 -54.82 0.08
CA ALA B 794 8.92 -56.01 0.85
C ALA B 794 10.41 -55.99 1.21
N TYR B 795 10.73 -56.58 2.36
CA TYR B 795 12.12 -56.82 2.73
C TYR B 795 12.38 -58.33 2.69
N ASN B 796 13.18 -58.77 1.71
CA ASN B 796 13.40 -60.20 1.51
C ASN B 796 12.07 -60.95 1.41
N GLY B 797 11.14 -60.35 0.67
CA GLY B 797 9.85 -60.95 0.43
C GLY B 797 8.83 -60.81 1.54
N ARG B 798 9.16 -60.12 2.63
CA ARG B 798 8.18 -60.03 3.70
C ARG B 798 7.84 -58.60 4.06
N ALA B 799 6.73 -58.46 4.79
CA ALA B 799 6.30 -57.17 5.32
C ALA B 799 5.53 -57.42 6.61
N LEU B 800 5.72 -56.54 7.59
CA LEU B 800 5.06 -56.61 8.88
C LEU B 800 4.28 -55.34 9.11
N ILE B 801 3.15 -55.46 9.83
CA ILE B 801 2.44 -54.29 10.32
C ILE B 801 1.65 -54.69 11.57
N ARG B 802 1.46 -53.73 12.48
CA ARG B 802 0.67 -53.96 13.67
C ARG B 802 -0.73 -53.39 13.50
N ILE B 803 -1.70 -54.12 14.06
CA ILE B 803 -3.10 -53.71 14.06
C ILE B 803 -3.51 -53.48 15.50
N LYS B 804 -4.12 -52.33 15.76
CA LYS B 804 -4.79 -52.06 17.02
C LYS B 804 -6.20 -52.63 16.90
N ARG B 805 -6.50 -53.65 17.71
CA ARG B 805 -7.71 -54.42 17.49
C ARG B 805 -8.93 -53.77 18.11
N ASN B 806 -8.76 -52.84 19.05
CA ASN B 806 -9.87 -52.19 19.74
C ASN B 806 -10.81 -53.22 20.36
N GLU B 807 -10.26 -54.37 20.76
CA GLU B 807 -11.02 -55.42 21.43
C GLU B 807 -12.22 -55.87 20.60
N GLY B 808 -12.12 -55.77 19.27
CA GLY B 808 -13.18 -56.18 18.36
C GLY B 808 -12.68 -57.05 17.24
N ASN B 809 -13.45 -57.12 16.15
CA ASN B 809 -13.12 -57.97 15.02
C ASN B 809 -12.87 -57.15 13.76
N SER B 810 -11.88 -57.57 12.98
CA SER B 810 -11.49 -56.90 11.74
C SER B 810 -11.11 -57.94 10.70
N VAL B 811 -11.05 -57.49 9.44
CA VAL B 811 -10.43 -58.24 8.35
C VAL B 811 -9.37 -57.35 7.71
N VAL B 812 -8.16 -57.90 7.56
CA VAL B 812 -7.06 -57.22 6.91
C VAL B 812 -6.96 -57.76 5.49
N ALA B 813 -6.85 -56.87 4.51
CA ALA B 813 -6.59 -57.26 3.13
C ALA B 813 -5.18 -56.85 2.75
N VAL B 814 -4.55 -57.65 1.91
CA VAL B 814 -3.15 -57.47 1.52
C VAL B 814 -3.08 -57.52 0.00
N LYS B 815 -2.64 -56.42 -0.60
CA LYS B 815 -2.58 -56.30 -2.05
C LYS B 815 -1.13 -56.19 -2.51
N SER B 816 -0.89 -56.64 -3.73
CA SER B 816 0.40 -56.52 -4.38
C SER B 816 0.17 -56.65 -5.87
N GLU B 817 0.83 -55.80 -6.67
CA GLU B 817 0.47 -55.69 -8.08
C GLU B 817 0.56 -57.04 -8.79
N GLY B 818 -0.47 -57.37 -9.56
CA GLY B 818 -0.47 -58.60 -10.34
C GLY B 818 -0.70 -59.88 -9.56
N LEU B 819 -0.88 -59.82 -8.25
CA LEU B 819 -1.12 -60.97 -7.41
C LEU B 819 -2.55 -60.97 -6.86
N PRO B 820 -3.07 -62.13 -6.48
CA PRO B 820 -4.39 -62.15 -5.84
C PRO B 820 -4.34 -61.47 -4.48
N THR B 821 -5.39 -60.71 -4.19
CA THR B 821 -5.47 -60.03 -2.91
C THR B 821 -5.69 -61.08 -1.81
N ALA B 822 -4.95 -60.97 -0.72
CA ALA B 822 -5.03 -61.93 0.39
C ALA B 822 -5.77 -61.31 1.57
N PHE B 823 -6.29 -62.18 2.45
CA PHE B 823 -7.11 -61.72 3.56
C PHE B 823 -6.77 -62.47 4.84
N LEU B 824 -6.89 -61.78 5.98
CA LEU B 824 -6.68 -62.35 7.30
C LEU B 824 -7.73 -61.81 8.27
N GLU B 825 -8.43 -62.71 8.96
CA GLU B 825 -9.37 -62.31 10.01
C GLU B 825 -8.61 -62.14 11.31
N LEU B 826 -9.00 -61.10 12.07
CA LEU B 826 -8.42 -60.80 13.37
C LEU B 826 -9.55 -60.65 14.37
N LYS B 827 -9.64 -61.55 15.33
CA LYS B 827 -10.63 -61.45 16.39
C LYS B 827 -9.91 -61.14 17.69
N SER B 828 -10.69 -60.67 18.68
CA SER B 828 -10.14 -60.38 19.98
C SER B 828 -10.63 -61.40 21.00
N PRO B 829 -9.84 -61.65 22.06
CA PRO B 829 -10.17 -62.63 23.10
C PRO B 829 -11.30 -62.17 24.02
N SER C 21 24.07 1.57 5.80
CA SER C 21 24.66 2.84 6.22
C SER C 21 25.31 3.57 5.03
N ASN C 22 24.92 4.84 4.81
CA ASN C 22 25.50 5.61 3.72
C ASN C 22 26.94 6.00 4.02
N ALA C 23 27.69 6.26 2.94
CA ALA C 23 29.06 6.70 3.03
C ALA C 23 29.34 7.65 1.87
N LYS C 24 30.47 8.33 1.95
CA LYS C 24 30.97 9.08 0.80
C LYS C 24 32.02 8.24 0.06
N VAL C 25 32.07 8.41 -1.25
CA VAL C 25 33.03 7.68 -2.07
C VAL C 25 34.44 8.07 -1.62
N PRO C 26 35.21 7.15 -1.03
CA PRO C 26 36.61 7.46 -0.73
C PRO C 26 37.46 7.49 -2.00
N ALA C 27 37.44 8.61 -2.71
CA ALA C 27 38.23 8.78 -3.92
C ALA C 27 39.00 10.09 -3.87
N MET C 28 40.09 10.15 -4.64
CA MET C 28 40.87 11.36 -4.77
C MET C 28 40.53 12.01 -6.10
N ASN C 29 40.70 13.33 -6.18
CA ASN C 29 40.52 14.03 -7.45
C ASN C 29 39.10 13.84 -8.00
N LYS C 30 38.13 14.28 -7.20
CA LYS C 30 36.72 14.25 -7.54
C LYS C 30 36.40 15.50 -8.34
N ILE C 31 35.39 15.41 -9.21
CA ILE C 31 35.01 16.54 -10.05
C ILE C 31 33.77 17.21 -9.46
N ARG C 32 33.93 18.46 -9.03
CA ARG C 32 32.80 19.23 -8.50
C ARG C 32 31.92 19.73 -9.64
N LEU C 33 30.63 19.39 -9.60
CA LEU C 33 29.68 19.82 -10.62
C LEU C 33 29.10 21.17 -10.19
N THR C 34 29.83 22.23 -10.50
CA THR C 34 29.43 23.57 -10.07
C THR C 34 28.71 24.38 -11.14
N ASN C 35 29.06 24.21 -12.41
CA ASN C 35 28.58 25.08 -13.47
C ASN C 35 27.49 24.42 -14.31
N ASN C 36 26.74 25.26 -15.01
CA ASN C 36 25.78 24.82 -16.04
C ASN C 36 24.59 24.10 -15.42
N TRP C 37 24.04 24.68 -14.36
CA TRP C 37 22.84 24.22 -13.69
C TRP C 37 21.71 25.22 -13.91
N GLU C 38 20.49 24.72 -13.83
CA GLU C 38 19.30 25.54 -13.77
C GLU C 38 18.50 25.17 -12.53
N TYR C 39 17.88 26.17 -11.93
CA TYR C 39 17.17 25.99 -10.68
C TYR C 39 15.74 26.48 -10.85
N LEU C 40 14.78 25.67 -10.40
CA LEU C 40 13.37 26.03 -10.38
C LEU C 40 12.87 25.93 -8.95
N LYS C 41 12.39 27.04 -8.42
CA LYS C 41 11.72 27.07 -7.11
C LYS C 41 10.26 26.65 -7.27
N GLY C 42 9.95 25.43 -6.87
CA GLY C 42 8.64 24.86 -7.04
C GLY C 42 8.75 23.46 -7.56
N ASP C 43 7.62 22.86 -7.89
CA ASP C 43 7.58 21.45 -8.24
C ASP C 43 7.20 21.29 -9.70
N LEU C 44 7.75 20.26 -10.33
CA LEU C 44 7.33 19.85 -11.67
C LEU C 44 6.13 18.91 -11.53
N GLY C 45 5.34 18.81 -12.60
CA GLY C 45 4.21 17.90 -12.58
C GLY C 45 4.57 16.45 -12.70
N GLY C 46 5.83 16.17 -12.98
CA GLY C 46 6.37 14.85 -13.24
C GLY C 46 7.70 14.98 -13.94
N ILE C 47 8.49 13.90 -13.90
CA ILE C 47 9.85 13.98 -14.45
C ILE C 47 9.82 14.34 -15.94
N TRP C 48 8.73 14.00 -16.64
CA TRP C 48 8.69 14.30 -18.07
C TRP C 48 8.86 15.80 -18.34
N GLU C 49 8.37 16.66 -17.45
CA GLU C 49 8.54 18.09 -17.67
C GLU C 49 10.01 18.53 -17.64
N ALA C 50 10.87 17.75 -17.01
CA ALA C 50 12.28 18.11 -16.92
C ALA C 50 13.04 17.80 -18.20
N VAL C 51 12.55 16.88 -19.03
CA VAL C 51 13.34 16.36 -20.14
C VAL C 51 12.59 16.38 -21.46
N ARG C 52 11.32 16.78 -21.47
CA ARG C 52 10.53 16.72 -22.69
C ARG C 52 10.98 17.79 -23.70
N PRO C 53 10.72 17.55 -24.98
CA PRO C 53 11.02 18.56 -26.00
C PRO C 53 10.29 19.86 -25.69
N ALA C 54 10.97 20.98 -25.93
CA ALA C 54 10.36 22.28 -25.67
C ALA C 54 10.86 23.29 -26.69
N ALA C 55 9.96 23.92 -27.36
CA ALA C 55 10.38 24.95 -28.29
C ALA C 55 10.28 26.34 -27.65
N PRO C 56 11.10 27.29 -28.09
CA PRO C 56 10.98 28.65 -27.55
C PRO C 56 9.58 29.19 -27.81
N GLY C 57 9.03 29.87 -26.82
CA GLY C 57 7.69 30.41 -26.91
C GLY C 57 6.55 29.42 -26.70
N SER C 58 6.86 28.14 -26.44
CA SER C 58 5.85 27.11 -26.28
C SER C 58 5.30 27.08 -24.86
N SER C 59 4.26 26.27 -24.65
CA SER C 59 3.77 26.04 -23.30
C SER C 59 4.82 25.34 -22.44
N GLU C 60 5.69 24.54 -23.06
CA GLU C 60 6.75 23.87 -22.31
C GLU C 60 7.83 24.84 -21.86
N ALA C 61 7.91 26.03 -22.46
CA ALA C 61 8.97 26.98 -22.14
C ALA C 61 8.72 27.71 -20.82
N VAL C 62 7.59 27.48 -20.17
CA VAL C 62 7.38 27.96 -18.80
C VAL C 62 7.08 26.72 -17.98
N PRO C 63 7.37 26.71 -16.68
CA PRO C 63 7.96 27.84 -15.95
C PRO C 63 9.40 28.16 -16.37
N ILE C 64 9.81 29.37 -16.06
CA ILE C 64 11.13 29.87 -16.39
C ILE C 64 12.07 29.53 -15.25
N TRP C 65 13.19 28.87 -15.56
CA TRP C 65 14.19 28.47 -14.57
C TRP C 65 15.30 29.53 -14.46
N GLN C 66 16.06 29.44 -13.38
CA GLN C 66 17.17 30.36 -13.15
C GLN C 66 18.50 29.62 -13.27
N PRO C 67 19.43 30.12 -14.07
CA PRO C 67 20.79 29.55 -14.06
C PRO C 67 21.47 29.84 -12.73
N VAL C 68 22.18 28.84 -12.21
CA VAL C 68 22.85 28.94 -10.92
C VAL C 68 24.15 28.15 -11.00
N THR C 69 25.05 28.44 -10.07
CA THR C 69 26.22 27.62 -9.83
C THR C 69 26.05 26.89 -8.50
N LEU C 70 26.66 25.74 -8.39
CA LEU C 70 26.64 25.06 -7.12
C LEU C 70 27.91 25.34 -6.33
N PRO C 71 27.86 25.24 -4.99
CA PRO C 71 26.63 24.88 -4.25
C PRO C 71 25.58 26.00 -4.24
N HIS C 72 24.32 25.62 -4.03
CA HIS C 72 23.19 26.54 -4.10
C HIS C 72 22.22 26.20 -2.98
N CYS C 73 21.58 27.23 -2.43
CA CYS C 73 20.58 27.10 -1.37
C CYS C 73 19.33 27.88 -1.73
N PHE C 74 18.16 27.24 -1.58
CA PHE C 74 16.87 27.90 -1.83
C PHE C 74 16.77 29.23 -1.10
N ASN C 75 17.43 29.34 0.05
CA ASN C 75 17.12 30.40 1.00
C ASN C 75 18.25 31.43 1.09
N ALA C 76 19.11 31.49 0.06
CA ALA C 76 20.25 32.39 0.07
C ALA C 76 19.83 33.82 0.41
N GLU C 77 18.66 34.24 -0.04
CA GLU C 77 18.15 35.57 0.26
C GLU C 77 16.96 35.57 1.22
N ASP C 78 15.96 34.67 1.05
CA ASP C 78 14.71 34.82 1.79
C ASP C 78 14.81 34.38 3.24
N ALA C 79 15.89 33.70 3.65
CA ALA C 79 16.04 33.44 5.08
C ALA C 79 16.02 34.72 5.90
N VAL C 80 16.72 35.76 5.42
CA VAL C 80 16.81 37.01 6.17
C VAL C 80 15.99 38.13 5.55
N ASP C 81 15.38 37.90 4.39
CA ASP C 81 14.41 38.86 3.88
C ASP C 81 13.43 39.20 4.98
N PRO C 82 13.29 40.48 5.36
CA PRO C 82 12.47 40.82 6.53
C PRO C 82 10.99 40.65 6.34
N ASP C 83 10.51 40.44 5.11
CA ASP C 83 9.07 40.45 4.83
C ASP C 83 8.51 39.09 4.43
N VAL C 84 9.28 38.01 4.47
CA VAL C 84 8.75 36.73 4.02
C VAL C 84 9.15 35.61 4.96
N ASN C 85 8.27 34.61 5.06
CA ASN C 85 8.67 33.32 5.63
C ASN C 85 9.65 32.65 4.67
N TYR C 86 10.77 32.14 5.19
CA TYR C 86 11.74 31.50 4.31
C TYR C 86 11.12 30.26 3.65
N TYR C 87 11.55 29.99 2.44
CA TYR C 87 10.91 28.96 1.64
C TYR C 87 11.22 27.58 2.20
N GLU C 88 10.18 26.82 2.48
CA GLU C 88 10.29 25.41 2.83
C GLU C 88 9.38 24.65 1.86
N GLY C 89 9.99 23.96 0.89
CA GLY C 89 9.24 23.30 -0.14
C GLY C 89 10.13 22.68 -1.20
N PRO C 90 9.52 22.23 -2.30
CA PRO C 90 10.32 21.56 -3.33
C PRO C 90 11.01 22.55 -4.26
N GLY C 91 12.10 22.08 -4.84
CA GLY C 91 12.79 22.82 -5.88
C GLY C 91 13.57 21.82 -6.70
N TRP C 92 13.81 22.18 -7.96
CA TRP C 92 14.45 21.27 -8.90
C TRP C 92 15.72 21.90 -9.46
N TYR C 93 16.70 21.05 -9.78
CA TYR C 93 17.91 21.41 -10.49
C TYR C 93 18.06 20.49 -11.69
N LYS C 94 18.60 21.02 -12.78
CA LYS C 94 18.89 20.17 -13.92
C LYS C 94 20.16 20.66 -14.62
N THR C 95 20.85 19.71 -15.25
CA THR C 95 22.07 19.94 -16.01
C THR C 95 22.18 18.84 -17.05
N LEU C 96 23.14 18.98 -17.95
CA LEU C 96 23.47 17.96 -18.92
C LEU C 96 24.91 17.51 -18.67
N LEU C 97 25.09 16.23 -18.37
CA LEU C 97 26.41 15.67 -18.07
C LEU C 97 27.12 15.21 -19.33
N ALA C 98 28.36 15.65 -19.50
CA ALA C 98 29.28 15.09 -20.49
C ALA C 98 30.08 13.99 -19.82
N ILE C 99 29.78 12.73 -20.17
CA ILE C 99 30.38 11.58 -19.52
C ILE C 99 31.65 11.18 -20.26
N ASP C 100 32.73 10.97 -19.50
CA ASP C 100 34.00 10.52 -20.07
C ASP C 100 34.73 9.72 -18.97
N ASN C 101 34.43 8.44 -18.90
CA ASN C 101 34.99 7.60 -17.85
C ASN C 101 36.40 7.15 -18.20
N PRO C 102 37.44 7.52 -17.42
CA PRO C 102 38.79 7.07 -17.76
C PRO C 102 39.04 5.59 -17.52
N TYR C 103 38.22 4.92 -16.71
CA TYR C 103 38.46 3.54 -16.34
C TYR C 103 37.70 2.58 -17.25
N ARG C 104 38.34 1.46 -17.58
CA ARG C 104 37.70 0.43 -18.40
C ARG C 104 36.58 -0.23 -17.61
N ASN C 105 35.36 -0.20 -18.15
CA ASN C 105 34.22 -0.82 -17.48
C ASN C 105 34.01 -0.25 -16.07
N GLY C 106 34.24 1.06 -15.92
CA GLY C 106 34.20 1.71 -14.63
C GLY C 106 32.81 2.13 -14.19
N ARG C 107 32.77 2.71 -13.00
CA ARG C 107 31.54 3.21 -12.39
C ARG C 107 31.41 4.71 -12.58
N ILE C 108 30.16 5.17 -12.65
CA ILE C 108 29.85 6.59 -12.59
C ILE C 108 28.99 6.79 -11.34
N VAL C 109 29.48 7.62 -10.41
CA VAL C 109 28.84 7.82 -9.12
C VAL C 109 28.60 9.29 -8.89
N LEU C 110 27.39 9.62 -8.43
CA LEU C 110 27.04 10.96 -7.94
C LEU C 110 27.20 10.97 -6.42
N ASP C 111 28.09 11.83 -5.93
CA ASP C 111 28.52 11.84 -4.54
C ASP C 111 28.10 13.16 -3.89
N PHE C 112 27.14 13.11 -2.96
CA PHE C 112 26.55 14.29 -2.33
C PHE C 112 27.23 14.57 -0.98
N ASP C 113 27.96 15.70 -0.89
CA ASP C 113 28.43 16.19 0.42
C ASP C 113 27.27 16.48 1.37
N GLY C 114 26.10 16.83 0.82
CA GLY C 114 24.92 17.15 1.62
C GLY C 114 23.87 17.92 0.84
N ALA C 115 22.60 17.60 1.04
CA ALA C 115 21.52 18.31 0.37
C ALA C 115 20.28 18.30 1.25
N GLY C 116 19.55 19.41 1.28
CA GLY C 116 18.40 19.56 2.17
C GLY C 116 17.08 19.52 1.41
N GLN C 117 16.13 18.75 1.93
CA GLN C 117 16.30 17.79 3.02
C GLN C 117 15.99 16.39 2.45
N LYS C 118 14.93 16.34 1.63
CA LYS C 118 14.58 15.14 0.87
C LYS C 118 14.97 15.34 -0.59
N THR C 119 15.74 14.41 -1.15
CA THR C 119 16.30 14.55 -2.48
C THR C 119 15.97 13.33 -3.33
N ASP C 120 15.54 13.57 -4.57
CA ASP C 120 15.32 12.51 -5.56
C ASP C 120 16.15 12.79 -6.80
N VAL C 121 16.74 11.74 -7.37
CA VAL C 121 17.74 11.89 -8.43
C VAL C 121 17.25 11.11 -9.65
N TYR C 122 17.31 11.74 -10.82
CA TYR C 122 16.81 11.16 -12.06
C TYR C 122 17.85 11.26 -13.16
N VAL C 123 18.07 10.16 -13.86
CA VAL C 123 18.79 10.16 -15.11
C VAL C 123 17.76 10.01 -16.23
N TYR C 124 17.64 11.03 -17.07
CA TYR C 124 16.50 11.13 -17.98
C TYR C 124 15.21 10.96 -17.17
N THR C 125 14.39 9.96 -17.51
CA THR C 125 13.12 9.75 -16.80
C THR C 125 13.21 8.69 -15.71
N THR C 126 14.38 8.11 -15.48
CA THR C 126 14.55 7.00 -14.55
C THR C 126 14.96 7.51 -13.17
N HIS C 127 14.17 7.16 -12.15
CA HIS C 127 14.52 7.46 -10.77
C HIS C 127 15.69 6.57 -10.33
N VAL C 128 16.81 7.16 -9.92
CA VAL C 128 18.00 6.37 -9.62
C VAL C 128 18.38 6.39 -8.14
N GLY C 129 17.81 7.27 -7.34
CA GLY C 129 18.14 7.32 -5.92
C GLY C 129 17.37 8.40 -5.19
N SER C 130 17.35 8.26 -3.87
CA SER C 130 16.72 9.24 -3.01
C SER C 130 17.42 9.18 -1.66
N HIS C 131 17.15 10.20 -0.84
CA HIS C 131 17.79 10.35 0.46
C HIS C 131 16.93 11.28 1.31
N VAL C 132 16.75 10.92 2.58
CA VAL C 132 16.12 11.81 3.56
C VAL C 132 17.13 12.12 4.65
N GLY C 133 17.46 13.39 4.80
CA GLY C 133 18.46 13.80 5.78
C GLY C 133 19.30 14.90 5.17
N GLY C 134 19.31 16.08 5.78
CA GLY C 134 19.93 17.19 5.12
C GLY C 134 21.41 17.36 5.39
N TYR C 135 22.02 16.51 6.20
CA TYR C 135 23.33 16.81 6.76
C TYR C 135 24.33 15.68 6.65
N ASP C 136 23.91 14.47 6.27
CA ASP C 136 24.84 13.37 6.05
C ASP C 136 25.19 13.26 4.57
N SER C 137 26.33 12.64 4.30
CA SER C 137 26.82 12.41 2.96
C SER C 137 26.21 11.13 2.40
N TRP C 138 26.07 11.05 1.08
CA TRP C 138 25.48 9.88 0.43
C TRP C 138 25.81 9.93 -1.05
N ASN C 139 25.57 8.81 -1.75
CA ASN C 139 25.92 8.74 -3.16
C ASN C 139 24.98 7.77 -3.89
N VAL C 140 25.00 7.85 -5.21
CA VAL C 140 24.18 7.02 -6.10
C VAL C 140 25.07 6.57 -7.24
N ASP C 141 25.13 5.26 -7.48
CA ASP C 141 25.82 4.72 -8.65
C ASP C 141 24.86 4.77 -9.84
N ILE C 142 25.17 5.58 -10.84
CA ILE C 142 24.28 5.79 -11.98
C ILE C 142 24.80 5.12 -13.24
N THR C 143 25.80 4.23 -13.10
CA THR C 143 26.43 3.61 -14.26
C THR C 143 25.40 2.99 -15.21
N ASP C 144 24.51 2.15 -14.69
CA ASP C 144 23.58 1.41 -15.54
C ASP C 144 22.56 2.32 -16.22
N ALA C 145 22.00 3.28 -15.47
CA ALA C 145 21.06 4.21 -16.09
C ALA C 145 21.74 5.02 -17.18
N VAL C 146 23.01 5.38 -16.99
CA VAL C 146 23.72 6.14 -18.01
C VAL C 146 23.91 5.29 -19.26
N LYS C 147 24.36 4.04 -19.07
CA LYS C 147 24.55 3.13 -20.20
C LYS C 147 23.23 2.91 -20.94
N ALA C 148 22.15 2.68 -20.20
CA ALA C 148 20.86 2.48 -20.84
C ALA C 148 20.45 3.70 -21.64
N PHE C 149 20.62 4.90 -21.08
CA PHE C 149 20.17 6.10 -21.77
C PHE C 149 20.98 6.36 -23.04
N LEU C 150 22.31 6.31 -22.93
CA LEU C 150 23.16 6.61 -24.09
C LEU C 150 22.96 5.61 -25.22
N GLY C 151 22.47 4.41 -24.93
CA GLY C 151 22.12 3.41 -25.91
C GLY C 151 20.69 3.45 -26.42
N SER C 152 19.89 4.43 -26.03
CA SER C 152 18.49 4.49 -26.36
C SER C 152 18.23 5.47 -27.49
N LYS C 153 17.02 5.38 -28.05
CA LYS C 153 16.62 6.32 -29.10
C LYS C 153 16.56 7.75 -28.60
N ASP C 154 16.43 7.94 -27.28
CA ASP C 154 16.29 9.27 -26.71
C ASP C 154 17.60 10.03 -26.60
N ALA C 155 18.74 9.34 -26.70
CA ALA C 155 20.01 10.01 -26.47
C ALA C 155 20.33 11.03 -27.55
N GLU C 156 19.84 10.80 -28.78
CA GLU C 156 20.29 11.63 -29.90
C GLU C 156 19.92 13.09 -29.71
N ARG C 157 18.70 13.37 -29.27
CA ARG C 157 18.34 14.78 -29.18
C ARG C 157 19.05 15.50 -28.05
N PHE C 158 19.77 14.79 -27.19
CA PHE C 158 20.61 15.43 -26.18
C PHE C 158 22.08 15.50 -26.58
N LYS C 159 22.40 15.13 -27.82
CA LYS C 159 23.72 15.40 -28.41
C LYS C 159 24.83 14.74 -27.60
N GLY C 160 24.57 13.54 -27.10
CA GLY C 160 25.56 12.75 -26.40
C GLY C 160 25.70 13.04 -24.92
N LYS C 161 25.00 14.03 -24.40
CA LYS C 161 25.03 14.34 -22.98
C LYS C 161 23.86 13.66 -22.26
N VAL C 162 23.99 13.53 -20.95
CA VAL C 162 23.02 12.79 -20.16
C VAL C 162 22.26 13.79 -19.29
N PRO C 163 20.94 13.90 -19.45
CA PRO C 163 20.18 14.85 -18.62
C PRO C 163 20.07 14.34 -17.18
N LEU C 164 20.55 15.16 -16.24
CA LEU C 164 20.47 14.86 -14.82
C LEU C 164 19.53 15.86 -14.19
N SER C 165 18.48 15.36 -13.53
CA SER C 165 17.50 16.21 -12.87
C SER C 165 17.40 15.78 -11.42
N ILE C 166 17.42 16.76 -10.51
CA ILE C 166 17.45 16.50 -9.09
C ILE C 166 16.38 17.35 -8.41
N ARG C 167 15.56 16.72 -7.58
CA ARG C 167 14.55 17.37 -6.78
C ARG C 167 15.00 17.39 -5.32
N CYS C 168 15.06 18.58 -4.73
CA CYS C 168 15.29 18.73 -3.31
C CYS C 168 14.04 19.33 -2.66
N ASP C 169 13.79 18.95 -1.41
CA ASP C 169 12.59 19.43 -0.73
C ASP C 169 12.88 19.66 0.75
N ASN C 170 12.60 20.87 1.23
CA ASN C 170 12.67 21.19 2.66
C ASN C 170 11.30 21.63 3.18
N SER C 171 10.23 21.03 2.65
CA SER C 171 8.91 21.22 3.22
C SER C 171 8.95 20.90 4.71
N ARG C 172 8.17 21.64 5.50
CA ARG C 172 8.03 21.31 6.91
C ARG C 172 7.51 19.88 7.09
N ASP C 173 8.02 19.19 8.10
CA ASP C 173 7.63 17.79 8.30
C ASP C 173 7.87 17.41 9.76
N LEU C 174 6.78 17.25 10.51
CA LEU C 174 6.87 16.90 11.94
C LEU C 174 7.47 15.53 12.17
N GLU C 175 7.44 14.63 11.18
CA GLU C 175 8.02 13.30 11.27
C GLU C 175 9.44 13.24 10.72
N MET C 176 10.08 14.39 10.53
CA MET C 176 11.44 14.47 10.04
C MET C 176 12.22 15.38 10.97
N ILE C 177 13.43 14.95 11.36
CA ILE C 177 14.31 15.81 12.15
C ILE C 177 15.22 16.58 11.20
N PRO C 178 15.58 17.83 11.52
CA PRO C 178 15.22 18.50 12.79
C PRO C 178 13.82 19.08 12.85
N SER C 179 13.47 19.58 14.03
CA SER C 179 12.17 20.18 14.25
C SER C 179 12.18 21.63 13.78
N ASP C 180 11.03 22.09 13.24
CA ASP C 180 10.87 23.48 12.87
C ASP C 180 10.76 24.41 14.07
N LEU C 181 10.70 23.86 15.28
CA LEU C 181 10.83 24.65 16.49
C LEU C 181 12.25 25.10 16.73
N ALA C 182 13.22 24.50 16.03
CA ALA C 182 14.62 24.81 16.24
C ALA C 182 14.91 26.25 15.88
N ASP C 183 15.95 26.79 16.51
CA ASP C 183 16.43 28.16 16.35
C ASP C 183 17.42 28.26 15.19
N PHE C 184 17.10 27.64 14.05
CA PHE C 184 17.91 27.77 12.84
C PHE C 184 17.06 27.34 11.66
N ASN C 185 17.51 27.72 10.46
CA ASN C 185 16.80 27.40 9.24
C ASN C 185 17.04 25.94 8.83
N ILE C 186 15.96 25.25 8.48
CA ILE C 186 16.05 23.92 7.86
C ILE C 186 16.11 24.17 6.37
N TYR C 187 17.33 24.35 5.86
CA TYR C 187 17.58 24.86 4.52
C TYR C 187 17.27 23.81 3.44
N GLY C 188 17.03 24.30 2.23
CA GLY C 188 16.78 23.43 1.09
C GLY C 188 17.77 23.69 -0.03
N GLY C 189 18.01 22.65 -0.84
CA GLY C 189 18.78 22.77 -2.07
C GLY C 189 20.08 22.00 -2.00
N LEU C 190 20.80 22.02 -3.11
CA LEU C 190 22.10 21.35 -3.22
C LEU C 190 23.17 22.26 -2.64
N TYR C 191 23.12 22.44 -1.32
CA TYR C 191 23.92 23.48 -0.67
C TYR C 191 25.30 23.02 -0.22
N ARG C 192 25.67 21.77 -0.47
CA ARG C 192 27.07 21.32 -0.37
C ARG C 192 27.47 20.74 -1.72
N TYR C 193 28.78 20.66 -1.96
CA TYR C 193 29.29 20.19 -3.23
C TYR C 193 28.65 18.86 -3.64
N LEU C 194 28.31 18.77 -4.93
CA LEU C 194 27.91 17.54 -5.59
C LEU C 194 29.03 17.14 -6.54
N ASN C 195 29.55 15.92 -6.37
CA ASN C 195 30.74 15.47 -7.07
C ASN C 195 30.37 14.39 -8.08
N LEU C 196 30.98 14.46 -9.27
CA LEU C 196 30.99 13.35 -10.21
C LEU C 196 32.24 12.53 -9.96
N VAL C 197 32.07 11.25 -9.65
CA VAL C 197 33.17 10.37 -9.30
C VAL C 197 33.19 9.19 -10.25
N TYR C 198 34.28 9.07 -11.00
CA TYR C 198 34.57 7.89 -11.79
C TYR C 198 35.35 6.87 -10.96
N LEU C 199 34.96 5.62 -11.06
CA LEU C 199 35.61 4.57 -10.31
C LEU C 199 36.01 3.43 -11.24
N PRO C 200 37.08 2.71 -10.92
CA PRO C 200 37.37 1.46 -11.63
C PRO C 200 36.39 0.38 -11.17
N GLU C 201 36.56 -0.83 -11.69
CA GLU C 201 35.71 -1.94 -11.29
C GLU C 201 35.77 -2.17 -9.78
N VAL C 202 36.95 -2.12 -9.18
CA VAL C 202 37.12 -2.47 -7.77
C VAL C 202 37.59 -1.24 -7.02
N SER C 203 36.85 -0.86 -5.97
CA SER C 203 37.24 0.28 -5.15
C SER C 203 36.78 0.02 -3.71
N PHE C 204 37.00 1.00 -2.85
CA PHE C 204 36.63 0.93 -1.45
C PHE C 204 35.33 1.68 -1.22
N GLU C 205 34.37 1.01 -0.58
CA GLU C 205 33.16 1.70 -0.19
C GLU C 205 33.33 2.41 1.15
N GLN C 206 34.16 1.87 2.04
CA GLN C 206 34.40 2.47 3.34
C GLN C 206 35.80 2.06 3.80
N ILE C 207 36.48 3.02 4.44
CA ILE C 207 37.80 2.83 5.02
C ILE C 207 37.75 3.26 6.47
N HIS C 208 38.00 2.33 7.39
CA HIS C 208 37.95 2.60 8.81
C HIS C 208 39.37 2.51 9.35
N LEU C 209 39.89 3.62 9.87
CA LEU C 209 41.21 3.71 10.49
C LEU C 209 40.99 3.80 11.99
N GLU C 210 40.99 2.65 12.65
CA GLU C 210 40.68 2.57 14.07
C GLU C 210 41.99 2.53 14.85
N SER C 211 42.27 3.59 15.61
CA SER C 211 43.51 3.69 16.33
C SER C 211 43.23 3.93 17.80
N SER C 212 44.14 3.46 18.64
CA SER C 212 44.11 3.75 20.06
C SER C 212 45.54 4.03 20.52
N LEU C 213 45.65 4.79 21.60
CA LEU C 213 46.93 5.21 22.13
C LEU C 213 46.99 4.82 23.61
N SER C 214 48.06 4.13 24.00
CA SER C 214 48.19 3.74 25.40
C SER C 214 48.23 4.97 26.30
N SER C 215 47.93 4.75 27.58
CA SER C 215 47.89 5.85 28.53
C SER C 215 49.25 6.54 28.63
N ASN C 216 50.34 5.79 28.54
CA ASN C 216 51.66 6.39 28.65
C ASN C 216 52.16 6.93 27.31
N LEU C 217 51.30 6.91 26.28
CA LEU C 217 51.56 7.53 24.98
C LEU C 217 52.64 6.84 24.17
N LYS C 218 53.14 5.68 24.61
CA LYS C 218 54.30 5.08 23.95
C LYS C 218 53.96 4.07 22.87
N GLU C 219 52.72 3.58 22.82
CA GLU C 219 52.33 2.60 21.81
C GLU C 219 51.02 3.03 21.16
N GLY C 220 51.02 3.07 19.84
CA GLY C 220 49.81 3.30 19.08
C GLY C 220 49.43 2.01 18.36
N ILE C 221 48.13 1.73 18.34
CA ILE C 221 47.58 0.59 17.60
C ILE C 221 46.71 1.14 16.48
N LEU C 222 46.91 0.60 15.28
CA LEU C 222 46.10 0.97 14.13
C LEU C 222 45.52 -0.29 13.48
N LYS C 223 44.20 -0.33 13.33
CA LYS C 223 43.55 -1.37 12.55
C LYS C 223 43.00 -0.74 11.28
N VAL C 224 43.36 -1.31 10.14
CA VAL C 224 42.91 -0.80 8.84
C VAL C 224 41.86 -1.78 8.33
N LYS C 225 40.58 -1.37 8.43
CA LYS C 225 39.46 -2.20 7.97
C LYS C 225 38.79 -1.54 6.77
N THR C 226 38.38 -2.35 5.80
CA THR C 226 37.78 -1.79 4.61
C THR C 226 36.57 -2.62 4.18
N SER C 227 35.68 -1.96 3.45
CA SER C 227 34.60 -2.62 2.73
C SER C 227 34.80 -2.35 1.25
N PHE C 228 34.70 -3.39 0.43
CA PHE C 228 34.96 -3.26 -0.98
C PHE C 228 33.68 -2.96 -1.75
N TYR C 229 33.80 -2.14 -2.77
CA TYR C 229 32.77 -1.97 -3.77
C TYR C 229 33.20 -2.74 -5.01
N ASN C 230 32.45 -3.79 -5.36
CA ASN C 230 32.87 -4.76 -6.36
C ASN C 230 31.69 -5.28 -7.17
N PRO C 231 31.02 -4.41 -7.93
CA PRO C 231 29.78 -4.84 -8.62
C PRO C 231 30.00 -5.85 -9.75
N GLU C 232 31.21 -5.96 -10.30
CA GLU C 232 31.50 -6.95 -11.34
C GLU C 232 31.94 -8.28 -10.77
N ASP C 233 31.95 -8.40 -9.43
CA ASP C 233 32.24 -9.67 -8.77
C ASP C 233 33.61 -10.22 -9.19
N ILE C 234 34.61 -9.33 -9.23
CA ILE C 234 35.98 -9.78 -9.40
C ILE C 234 36.42 -10.58 -8.18
N ARG C 235 37.10 -11.70 -8.44
CA ARG C 235 37.44 -12.71 -7.43
C ARG C 235 38.72 -12.39 -6.66
N LYS C 236 39.68 -11.72 -7.29
CA LYS C 236 40.99 -11.51 -6.68
C LYS C 236 41.51 -10.13 -7.02
N ALA C 237 42.29 -9.58 -6.10
CA ALA C 237 43.00 -8.33 -6.36
C ALA C 237 44.21 -8.27 -5.44
N ASP C 238 45.14 -7.38 -5.76
CA ASP C 238 46.30 -7.10 -4.93
C ASP C 238 46.08 -5.75 -4.25
N VAL C 239 46.15 -5.74 -2.93
CA VAL C 239 45.84 -4.56 -2.13
C VAL C 239 47.10 -4.17 -1.37
N THR C 240 47.52 -2.91 -1.52
CA THR C 240 48.66 -2.37 -0.79
C THR C 240 48.16 -1.37 0.24
N VAL C 241 48.58 -1.56 1.48
CA VAL C 241 48.32 -0.65 2.59
C VAL C 241 49.66 -0.04 3.01
N SER C 242 49.74 1.28 3.01
CA SER C 242 50.89 2.05 3.47
C SER C 242 50.42 3.14 4.42
N VAL C 243 51.20 3.37 5.48
CA VAL C 243 50.91 4.42 6.45
C VAL C 243 52.11 5.37 6.51
N TYR C 244 51.86 6.67 6.37
CA TYR C 244 52.89 7.71 6.40
C TYR C 244 52.62 8.67 7.56
N ASP C 245 53.70 9.18 8.16
CA ASP C 245 53.60 10.09 9.29
C ASP C 245 53.47 11.53 8.80
N VAL C 246 53.48 12.47 9.73
CA VAL C 246 53.24 13.87 9.38
C VAL C 246 54.27 14.42 8.41
N ASP C 247 55.48 13.86 8.39
CA ASP C 247 56.50 14.29 7.43
C ASP C 247 56.52 13.46 6.15
N ARG C 248 55.44 12.72 5.88
CA ARG C 248 55.30 11.88 4.70
C ARG C 248 56.29 10.71 4.67
N LYS C 249 56.79 10.31 5.82
CA LYS C 249 57.72 9.18 5.86
C LYS C 249 56.96 7.88 6.16
N PRO C 250 57.29 6.80 5.44
CA PRO C 250 56.60 5.53 5.66
C PRO C 250 56.91 4.94 7.02
N VAL C 251 55.85 4.47 7.70
CA VAL C 251 55.99 3.70 8.93
C VAL C 251 55.38 2.31 8.78
N PHE C 252 54.82 1.99 7.62
CA PHE C 252 54.20 0.68 7.39
C PHE C 252 53.90 0.48 5.91
N SER C 253 54.22 -0.70 5.37
CA SER C 253 53.83 -1.01 4.00
C SER C 253 53.71 -2.51 3.82
N LYS C 254 52.59 -2.94 3.26
CA LYS C 254 52.28 -4.35 3.16
C LYS C 254 51.35 -4.55 1.98
N THR C 255 51.65 -5.54 1.15
CA THR C 255 50.83 -5.90 0.01
C THR C 255 50.19 -7.26 0.28
N LEU C 256 48.87 -7.32 0.14
CA LEU C 256 48.13 -8.57 0.23
C LEU C 256 47.80 -9.01 -1.19
N GLU C 257 48.45 -10.08 -1.64
CA GLU C 257 48.26 -10.55 -3.00
C GLU C 257 47.10 -11.52 -3.08
N GLY C 258 46.27 -11.36 -4.11
CA GLY C 258 45.19 -12.31 -4.32
C GLY C 258 44.13 -12.31 -3.25
N ILE C 259 43.88 -11.16 -2.63
CA ILE C 259 42.81 -11.05 -1.64
C ILE C 259 41.45 -11.05 -2.34
N LEU C 260 40.43 -11.48 -1.60
CA LEU C 260 39.07 -11.44 -2.12
C LEU C 260 38.49 -10.04 -1.92
N PRO C 261 38.34 -9.24 -2.98
CA PRO C 261 37.89 -7.85 -2.79
C PRO C 261 36.37 -7.77 -2.73
N LEU C 262 35.79 -8.40 -1.71
CA LEU C 262 34.34 -8.50 -1.58
C LEU C 262 33.93 -8.28 -0.14
N GLY C 263 32.99 -7.36 0.09
CA GLY C 263 32.55 -7.07 1.43
C GLY C 263 33.70 -6.58 2.30
N ASP C 264 33.64 -6.95 3.59
CA ASP C 264 34.60 -6.47 4.58
C ASP C 264 35.90 -7.26 4.54
N GLN C 265 37.01 -6.55 4.76
CA GLN C 265 38.30 -7.20 4.95
C GLN C 265 39.09 -6.37 5.94
N LEU C 266 39.72 -7.03 6.92
CA LEU C 266 40.76 -6.42 7.73
C LEU C 266 42.07 -6.48 6.96
N LEU C 267 42.66 -5.32 6.69
CA LEU C 267 43.84 -5.25 5.83
C LEU C 267 45.15 -5.26 6.60
N ALA C 268 45.16 -4.73 7.83
CA ALA C 268 46.39 -4.57 8.57
C ALA C 268 46.07 -4.25 10.02
N LYS C 269 46.87 -4.78 10.94
CA LYS C 269 46.85 -4.41 12.34
C LYS C 269 48.29 -4.22 12.77
N MET C 270 48.61 -3.04 13.32
CA MET C 270 50.00 -2.72 13.58
C MET C 270 50.15 -1.97 14.89
N LYS C 271 51.35 -2.06 15.45
CA LYS C 271 51.74 -1.31 16.62
C LYS C 271 52.78 -0.29 16.17
N ILE C 272 52.56 0.97 16.52
CA ILE C 272 53.47 2.06 16.22
C ILE C 272 54.09 2.51 17.53
N LYS C 273 55.40 2.31 17.69
CA LYS C 273 56.10 2.72 18.91
C LYS C 273 56.46 4.19 18.86
N ASN C 274 56.23 4.90 19.97
CA ASN C 274 56.48 6.33 20.07
C ASN C 274 55.84 7.12 18.93
N PRO C 275 54.54 6.95 18.72
CA PRO C 275 53.88 7.63 17.60
C PRO C 275 53.85 9.14 17.79
N VAL C 276 53.90 9.86 16.67
CA VAL C 276 53.64 11.29 16.69
C VAL C 276 52.19 11.53 17.08
N LEU C 277 51.99 12.39 18.06
CA LEU C 277 50.68 12.62 18.65
C LEU C 277 49.98 13.81 17.99
N TRP C 278 48.65 13.73 17.94
CA TRP C 278 47.80 14.84 17.53
C TRP C 278 47.43 15.64 18.76
N ASP C 279 47.49 16.97 18.61
CA ASP C 279 47.34 17.87 19.73
C ASP C 279 46.68 19.15 19.22
N VAL C 280 46.08 19.94 20.13
CA VAL C 280 45.39 21.16 19.69
C VAL C 280 46.38 22.26 19.29
N ASP C 281 47.60 22.24 19.86
CA ASP C 281 48.66 23.18 19.48
C ASP C 281 49.55 22.66 18.36
N VAL C 282 49.79 21.36 18.31
CA VAL C 282 50.60 20.79 17.23
C VAL C 282 49.78 19.65 16.62
N PRO C 283 48.79 19.96 15.78
CA PRO C 283 48.01 18.88 15.14
C PRO C 283 48.86 18.13 14.13
N GLN C 284 49.04 16.84 14.36
CA GLN C 284 49.89 16.01 13.52
C GLN C 284 49.09 14.77 13.11
N LEU C 285 49.11 14.47 11.82
CA LEU C 285 48.27 13.43 11.23
C LEU C 285 49.14 12.42 10.50
N TYR C 286 48.74 11.16 10.57
CA TYR C 286 49.21 10.10 9.70
C TYR C 286 48.30 9.97 8.48
N THR C 287 48.85 9.40 7.41
CA THR C 287 48.10 9.17 6.19
C THR C 287 48.16 7.68 5.85
N CYS C 288 47.00 7.08 5.63
CA CYS C 288 46.95 5.70 5.15
C CYS C 288 46.64 5.73 3.67
N GLU C 289 47.46 5.04 2.88
CA GLU C 289 47.30 5.02 1.43
C GLU C 289 46.97 3.59 1.01
N LEU C 290 45.86 3.44 0.29
CA LEU C 290 45.35 2.13 -0.10
C LEU C 290 45.28 2.07 -1.62
N THR C 291 45.78 0.98 -2.18
CA THR C 291 45.80 0.74 -3.61
C THR C 291 45.15 -0.61 -3.90
N VAL C 292 44.26 -0.65 -4.88
CA VAL C 292 43.62 -1.89 -5.35
C VAL C 292 44.05 -2.12 -6.79
N LYS C 293 44.71 -3.24 -7.03
CA LYS C 293 45.24 -3.57 -8.34
C LYS C 293 44.60 -4.88 -8.83
N THR C 294 44.20 -4.88 -10.11
CA THR C 294 43.85 -6.06 -10.89
C THR C 294 44.55 -5.92 -12.23
N PRO C 295 44.40 -6.88 -13.13
CA PRO C 295 44.97 -6.74 -14.48
C PRO C 295 44.49 -5.51 -15.23
N ASP C 296 43.33 -4.93 -14.86
CA ASP C 296 42.76 -3.83 -15.60
C ASP C 296 42.71 -2.52 -14.82
N GLN C 297 43.34 -2.43 -13.66
CA GLN C 297 43.17 -1.23 -12.89
C GLN C 297 44.27 -1.12 -11.86
N THR C 298 44.62 0.12 -11.55
CA THR C 298 45.41 0.45 -10.37
C THR C 298 44.77 1.68 -9.78
N PHE C 299 44.21 1.55 -8.57
CA PHE C 299 43.41 2.59 -7.94
C PHE C 299 43.92 2.86 -6.54
N THR C 300 44.23 4.12 -6.26
CA THR C 300 44.81 4.53 -4.98
C THR C 300 43.97 5.64 -4.37
N THR C 301 43.71 5.54 -3.07
CA THR C 301 43.10 6.63 -2.33
C THR C 301 43.77 6.76 -0.96
N GLU C 302 43.50 7.87 -0.28
CA GLU C 302 44.14 8.21 0.99
C GLU C 302 43.12 8.59 2.04
N GLU C 303 43.44 8.27 3.29
CA GLU C 303 42.62 8.61 4.44
C GLU C 303 43.55 8.93 5.61
N ARG C 304 43.19 9.92 6.40
CA ARG C 304 44.03 10.40 7.49
C ARG C 304 43.43 10.03 8.84
N PHE C 305 44.30 9.98 9.85
CA PHE C 305 43.91 9.69 11.23
C PHE C 305 44.99 10.29 12.11
N GLY C 306 44.72 10.33 13.41
CA GLY C 306 45.70 10.84 14.35
C GLY C 306 45.70 10.05 15.64
N PHE C 307 46.88 9.94 16.24
CA PHE C 307 46.99 9.30 17.55
C PHE C 307 46.79 10.33 18.65
N ARG C 308 45.88 10.04 19.58
CA ARG C 308 45.75 10.88 20.76
C ARG C 308 44.94 10.13 21.81
N HIS C 309 45.18 10.49 23.07
CA HIS C 309 44.54 9.90 24.22
C HIS C 309 43.69 10.97 24.89
N THR C 310 42.43 10.64 25.20
CA THR C 310 41.51 11.58 25.80
C THR C 310 40.92 10.96 27.07
N GLU C 311 40.59 11.80 28.03
CA GLU C 311 39.99 11.29 29.25
C GLU C 311 39.15 12.36 29.94
N PHE C 312 37.90 12.03 30.23
CA PHE C 312 37.04 12.84 31.10
C PHE C 312 37.15 12.25 32.50
N LYS C 313 37.60 13.05 33.47
CA LYS C 313 37.70 12.55 34.84
C LYS C 313 36.33 12.58 35.49
N ASP C 314 36.07 11.54 36.29
CA ASP C 314 34.85 11.50 37.08
C ASP C 314 34.79 12.72 38.00
N LYS C 315 33.77 13.56 37.81
CA LYS C 315 33.65 14.78 38.61
C LYS C 315 34.91 15.64 38.49
N GLY C 316 35.59 15.59 37.35
CA GLY C 316 36.82 16.32 37.16
C GLY C 316 36.98 16.87 35.75
N PRO C 317 38.18 17.36 35.45
CA PRO C 317 38.37 18.06 34.17
C PRO C 317 38.69 17.13 33.00
N PHE C 318 39.14 17.69 31.89
CA PHE C 318 39.40 16.93 30.67
C PHE C 318 40.89 16.89 30.39
N PHE C 319 41.38 15.73 29.98
CA PHE C 319 42.80 15.52 29.73
C PHE C 319 43.01 15.10 28.29
N LEU C 320 43.92 15.79 27.61
CA LEU C 320 44.36 15.45 26.27
C LEU C 320 45.81 15.00 26.35
N ASN C 321 46.05 13.74 25.97
CA ASN C 321 47.40 13.16 25.99
C ASN C 321 48.05 13.29 27.36
N GLY C 322 47.28 13.06 28.42
CA GLY C 322 47.83 13.07 29.76
C GLY C 322 47.94 14.43 30.43
N LYS C 323 47.60 15.52 29.76
CA LYS C 323 47.67 16.86 30.34
C LYS C 323 46.28 17.49 30.39
N ARG C 324 45.98 18.18 31.50
CA ARG C 324 44.71 18.87 31.60
C ARG C 324 44.60 19.94 30.52
N LEU C 325 43.49 19.91 29.78
CA LEU C 325 43.20 20.90 28.76
C LEU C 325 41.81 21.46 29.03
N LEU C 326 41.74 22.76 29.30
CA LEU C 326 40.44 23.41 29.39
C LEU C 326 39.95 23.68 27.96
N LEU C 327 38.79 23.14 27.63
CA LEU C 327 38.24 23.29 26.28
C LEU C 327 37.77 24.72 26.08
N ARG C 328 38.31 25.38 25.05
CA ARG C 328 37.98 26.76 24.75
C ARG C 328 37.14 26.73 23.49
N GLY C 329 35.83 26.66 23.66
CA GLY C 329 35.01 26.25 22.55
C GLY C 329 34.09 27.31 22.00
N THR C 330 33.62 27.06 20.78
CA THR C 330 32.59 27.83 20.14
C THR C 330 31.68 26.86 19.40
N HIS C 331 30.69 27.40 18.68
CA HIS C 331 29.84 26.63 17.78
C HIS C 331 29.82 27.34 16.44
N ARG C 332 29.34 26.64 15.41
CA ARG C 332 29.06 27.27 14.13
C ARG C 332 27.86 26.60 13.49
N HIS C 333 27.11 27.39 12.74
CA HIS C 333 26.10 26.87 11.81
C HIS C 333 26.67 26.94 10.41
N GLU C 334 26.18 26.06 9.53
CA GLU C 334 26.47 26.15 8.11
C GLU C 334 25.52 27.21 7.55
N ASP C 335 25.98 28.46 7.61
CA ASP C 335 25.18 29.62 7.22
C ASP C 335 26.15 30.76 6.96
N HIS C 336 25.88 31.55 5.92
CA HIS C 336 26.77 32.66 5.61
C HIS C 336 26.04 33.71 4.78
N ALA C 337 26.50 34.96 4.94
CA ALA C 337 25.93 36.10 4.22
C ALA C 337 25.89 35.84 2.73
N GLY C 338 24.74 36.09 2.12
CA GLY C 338 24.60 36.00 0.70
C GLY C 338 24.37 34.60 0.14
N VAL C 339 24.69 33.55 0.90
CA VAL C 339 24.59 32.20 0.33
C VAL C 339 23.80 31.23 1.22
N ALA C 340 23.42 31.66 2.42
CA ALA C 340 22.75 30.78 3.39
C ALA C 340 23.67 29.57 3.58
N GLN C 341 23.18 28.34 3.46
CA GLN C 341 24.02 27.17 3.76
C GLN C 341 25.05 26.87 2.68
N ALA C 342 24.93 27.48 1.50
CA ALA C 342 25.78 27.13 0.35
C ALA C 342 27.17 27.78 0.43
N MET C 343 27.88 27.46 1.51
CA MET C 343 29.24 27.98 1.67
C MET C 343 30.21 27.20 0.81
N THR C 344 31.23 27.91 0.31
CA THR C 344 32.29 27.29 -0.48
C THR C 344 33.43 26.85 0.42
N GLU C 345 34.33 26.03 -0.14
CA GLU C 345 35.50 25.59 0.61
C GLU C 345 36.33 26.77 1.12
N ASP C 346 36.55 27.78 0.27
CA ASP C 346 37.34 28.95 0.68
C ASP C 346 36.71 29.69 1.85
N MET C 347 35.38 29.85 1.84
CA MET C 347 34.72 30.49 2.97
C MET C 347 34.92 29.68 4.25
N MET C 348 34.76 28.35 4.17
CA MET C 348 34.90 27.53 5.37
C MET C 348 36.30 27.63 5.91
N ARG C 349 37.28 27.63 5.01
CA ARG C 349 38.69 27.75 5.37
C ARG C 349 38.97 29.08 6.06
N ARG C 350 38.36 30.16 5.56
CA ARG C 350 38.52 31.46 6.20
C ARG C 350 37.92 31.46 7.60
N GLU C 351 36.73 30.91 7.73
CA GLU C 351 36.05 30.93 9.03
C GLU C 351 36.82 30.11 10.08
N MET C 352 37.32 28.93 9.70
CA MET C 352 38.00 28.08 10.68
C MET C 352 39.34 28.66 11.12
N ARG C 353 40.09 29.25 10.17
CA ARG C 353 41.32 29.95 10.53
C ARG C 353 41.02 31.15 11.42
N MET C 354 39.95 31.87 11.11
CA MET C 354 39.53 32.95 11.98
C MET C 354 39.26 32.47 13.40
N MET C 355 38.66 31.29 13.54
CA MET C 355 38.43 30.69 14.86
C MET C 355 39.74 30.36 15.56
N LYS C 356 40.66 29.71 14.84
CA LYS C 356 41.93 29.33 15.42
C LYS C 356 42.73 30.57 15.83
N ASP C 357 42.69 31.63 15.02
CA ASP C 357 43.37 32.86 15.41
C ASP C 357 42.75 33.48 16.65
N MET C 358 41.54 33.05 17.03
CA MET C 358 40.91 33.56 18.24
C MET C 358 41.28 32.72 19.46
N GLY C 359 41.99 31.61 19.29
CA GLY C 359 42.34 30.76 20.40
C GLY C 359 41.41 29.58 20.65
N VAL C 360 40.45 29.33 19.75
CA VAL C 360 39.54 28.19 19.90
C VAL C 360 40.30 26.88 19.84
N ASN C 361 39.98 25.94 20.74
CA ASN C 361 40.51 24.59 20.63
C ASN C 361 39.43 23.51 20.67
N PHE C 362 38.15 23.89 20.63
CA PHE C 362 37.03 22.97 20.74
C PHE C 362 35.82 23.60 20.07
N ILE C 363 35.01 22.79 19.39
CA ILE C 363 33.82 23.30 18.72
C ILE C 363 32.74 22.24 18.76
N ARG C 364 31.51 22.67 19.05
CA ARG C 364 30.32 21.88 18.80
C ARG C 364 29.73 22.38 17.49
N LEU C 365 29.59 21.46 16.53
CA LEU C 365 29.26 21.80 15.16
C LEU C 365 27.76 22.04 14.98
N GLY C 366 27.24 22.98 15.76
CA GLY C 366 25.81 23.25 15.66
C GLY C 366 25.01 22.02 16.05
N HIS C 367 23.90 21.80 15.35
CA HIS C 367 23.00 20.72 15.72
C HIS C 367 22.93 19.61 14.67
N TYR C 368 24.01 19.39 13.92
CA TYR C 368 23.97 18.40 12.85
C TYR C 368 25.39 18.11 12.36
N GLN C 369 25.54 16.97 11.67
CA GLN C 369 26.77 16.67 10.95
C GLN C 369 27.09 17.80 9.97
N GLN C 370 28.36 18.17 9.86
CA GLN C 370 28.73 19.24 8.95
C GLN C 370 29.67 18.74 7.85
N SER C 371 29.92 19.62 6.89
CA SER C 371 30.73 19.30 5.73
C SER C 371 32.05 18.66 6.14
N GLU C 372 32.42 17.60 5.39
CA GLU C 372 33.70 16.95 5.62
C GLU C 372 34.85 17.96 5.57
N ILE C 373 34.70 19.03 4.80
CA ILE C 373 35.73 20.07 4.76
C ILE C 373 35.97 20.65 6.16
N ILE C 374 34.88 20.91 6.88
CA ILE C 374 34.98 21.45 8.24
C ILE C 374 35.73 20.47 9.14
N LEU C 375 35.41 19.17 9.04
CA LEU C 375 36.10 18.19 9.86
C LEU C 375 37.58 18.12 9.53
N ASP C 376 37.94 18.22 8.23
CA ASP C 376 39.35 18.21 7.86
C ASP C 376 40.07 19.41 8.44
N LEU C 377 39.44 20.59 8.38
CA LEU C 377 40.06 21.79 8.94
C LEU C 377 40.25 21.66 10.44
N CYS C 378 39.32 20.99 11.13
CA CYS C 378 39.51 20.77 12.56
C CYS C 378 40.69 19.84 12.82
N ASP C 379 40.85 18.81 12.00
CA ASP C 379 42.02 17.95 12.15
C ASP C 379 43.32 18.73 11.91
N GLU C 380 43.32 19.64 10.93
CA GLU C 380 44.53 20.33 10.50
C GLU C 380 44.87 21.51 11.39
N LEU C 381 43.87 22.19 11.94
CA LEU C 381 44.07 23.37 12.78
C LEU C 381 44.17 23.04 14.27
N GLY C 382 43.78 21.84 14.71
CA GLY C 382 43.80 21.52 16.12
C GLY C 382 42.58 22.03 16.88
N ILE C 383 41.39 21.56 16.49
CA ILE C 383 40.16 21.93 17.16
C ILE C 383 39.37 20.65 17.47
N LEU C 384 39.25 20.33 18.75
CA LEU C 384 38.45 19.17 19.15
C LEU C 384 36.96 19.40 18.82
N VAL C 385 36.24 18.30 18.58
CA VAL C 385 34.93 18.37 17.95
C VAL C 385 33.91 17.59 18.76
N TRP C 386 32.75 18.22 19.00
CA TRP C 386 31.52 17.52 19.36
C TRP C 386 30.58 17.63 18.17
N GLU C 387 30.08 16.50 17.68
CA GLU C 387 29.21 16.49 16.50
C GLU C 387 27.99 15.63 16.81
N GLU C 388 26.80 16.15 16.50
CA GLU C 388 25.54 15.57 16.94
C GLU C 388 24.58 15.42 15.77
N ILE C 389 23.54 14.62 15.98
CA ILE C 389 22.43 14.44 15.05
C ILE C 389 21.38 15.51 15.31
N PRO C 390 20.60 15.86 14.30
CA PRO C 390 19.67 16.97 14.47
C PRO C 390 18.35 16.57 15.13
N TRP C 391 18.40 15.70 16.14
CA TRP C 391 17.25 15.48 17.02
C TRP C 391 17.17 16.65 17.99
N CYS C 392 16.53 17.73 17.53
CA CYS C 392 16.64 19.05 18.14
C CYS C 392 15.26 19.64 18.42
N ARG C 393 14.74 19.40 19.63
CA ARG C 393 13.44 19.92 20.09
C ARG C 393 12.25 19.13 19.55
N GLY C 394 11.10 19.21 20.25
CA GLY C 394 9.82 18.84 19.69
C GLY C 394 9.19 17.60 20.28
N GLY C 395 9.99 16.71 20.84
CA GLY C 395 9.47 15.45 21.36
C GLY C 395 10.07 14.25 20.68
N LEU C 396 9.22 13.38 20.13
CA LEU C 396 9.67 12.14 19.50
C LEU C 396 8.58 11.68 18.54
N GLY C 397 8.94 11.44 17.29
CA GLY C 397 8.00 11.05 16.27
C GLY C 397 7.84 9.54 16.21
N GLY C 398 7.25 9.08 15.10
CA GLY C 398 6.95 7.68 14.89
C GLY C 398 8.12 6.90 14.34
N ASP C 399 7.81 5.84 13.59
CA ASP C 399 8.85 4.90 13.18
C ASP C 399 9.78 5.50 12.13
N VAL C 400 9.23 6.23 11.17
CA VAL C 400 10.07 6.86 10.16
C VAL C 400 10.98 7.91 10.82
N TYR C 401 10.43 8.69 11.73
CA TYR C 401 11.20 9.64 12.53
C TYR C 401 12.38 8.94 13.22
N LYS C 402 12.11 7.84 13.91
CA LYS C 402 13.17 7.15 14.65
C LYS C 402 14.20 6.52 13.72
N LYS C 403 13.76 5.94 12.60
CA LYS C 403 14.70 5.38 11.64
C LYS C 403 15.62 6.44 11.08
N GLN C 404 15.11 7.66 10.86
CA GLN C 404 15.97 8.73 10.38
C GLN C 404 17.04 9.04 11.41
N ALA C 405 16.64 9.19 12.68
CA ALA C 405 17.63 9.49 13.70
C ALA C 405 18.69 8.39 13.77
N ARG C 406 18.25 7.13 13.74
CA ARG C 406 19.19 6.00 13.77
C ARG C 406 20.14 6.04 12.58
N ARG C 407 19.60 6.33 11.39
CA ARG C 407 20.42 6.30 10.18
C ARG C 407 21.43 7.45 10.17
N MET C 408 20.99 8.64 10.56
CA MET C 408 21.91 9.78 10.57
C MET C 408 22.97 9.65 11.67
N LEU C 409 22.63 9.04 12.80
CA LEU C 409 23.66 8.79 13.81
C LEU C 409 24.71 7.81 13.30
N ALA C 410 24.27 6.69 12.73
CA ALA C 410 25.20 5.70 12.17
C ALA C 410 26.00 6.29 11.02
N ASN C 411 25.34 7.04 10.12
CA ASN C 411 26.06 7.68 9.01
C ASN C 411 27.13 8.64 9.53
N MET C 412 26.80 9.43 10.54
CA MET C 412 27.73 10.43 11.05
C MET C 412 28.97 9.74 11.62
N ILE C 413 28.76 8.70 12.42
CA ILE C 413 29.88 8.01 13.06
C ILE C 413 30.74 7.29 12.02
N VAL C 414 30.10 6.53 11.11
CA VAL C 414 30.83 5.81 10.09
C VAL C 414 31.54 6.77 9.13
N GLN C 415 30.92 7.90 8.84
CA GLN C 415 31.52 8.83 7.90
C GLN C 415 32.65 9.66 8.53
N HIS C 416 32.57 9.96 9.83
CA HIS C 416 33.52 10.89 10.45
C HIS C 416 34.43 10.26 11.48
N HIS C 417 34.38 8.95 11.68
CA HIS C 417 35.14 8.40 12.80
C HIS C 417 36.65 8.34 12.56
N ASN C 418 37.14 8.59 11.34
CA ASN C 418 38.58 8.63 11.16
C ASN C 418 39.21 9.94 11.66
N HIS C 419 38.41 10.97 11.93
CA HIS C 419 38.96 12.27 12.27
C HIS C 419 39.44 12.29 13.73
N PRO C 420 40.72 12.52 13.99
CA PRO C 420 41.18 12.61 15.40
C PRO C 420 40.55 13.78 16.16
N ALA C 421 40.05 14.80 15.48
CA ALA C 421 39.45 15.93 16.19
C ALA C 421 38.22 15.52 16.99
N VAL C 422 37.46 14.53 16.51
CA VAL C 422 36.18 14.21 17.15
C VAL C 422 36.43 13.47 18.47
N ILE C 423 35.84 13.99 19.53
CA ILE C 423 35.82 13.29 20.82
C ILE C 423 34.41 12.97 21.31
N ILE C 424 33.38 13.58 20.73
CA ILE C 424 32.02 13.41 21.25
C ILE C 424 31.03 13.26 20.11
N TRP C 425 30.19 12.23 20.20
CA TRP C 425 29.02 12.09 19.32
C TRP C 425 27.78 12.56 20.10
N GLY C 426 27.14 13.63 19.64
CA GLY C 426 25.95 14.14 20.30
C GLY C 426 24.70 13.43 19.80
N LEU C 427 23.78 13.14 20.72
CA LEU C 427 22.56 12.43 20.39
C LEU C 427 21.33 13.34 20.29
N GLY C 428 21.43 14.63 20.62
CA GLY C 428 20.28 15.50 20.55
C GLY C 428 20.47 16.74 21.40
N ASN C 429 19.56 17.70 21.18
CA ASN C 429 19.65 19.00 21.82
C ASN C 429 18.28 19.43 22.30
N GLU C 430 18.17 19.84 23.56
CA GLU C 430 16.91 20.34 24.14
C GLU C 430 15.76 19.38 23.83
N ASN C 431 16.00 18.09 24.08
CA ASN C 431 14.96 17.11 23.82
C ASN C 431 13.82 17.16 24.84
N ASP C 432 13.90 18.07 25.82
CA ASP C 432 12.82 18.37 26.74
C ASP C 432 11.90 19.46 26.20
N TRP C 433 12.11 19.92 24.98
CA TRP C 433 11.31 20.98 24.39
C TRP C 433 10.14 20.34 23.64
N PRO C 434 8.87 20.55 24.08
CA PRO C 434 7.74 19.82 23.50
C PRO C 434 7.02 20.54 22.38
N ASN C 435 5.98 19.88 21.83
CA ASN C 435 4.87 20.48 21.09
C ASN C 435 4.97 20.31 19.58
N ASP C 436 5.86 19.47 19.09
CA ASP C 436 5.67 19.02 17.72
C ASP C 436 4.63 17.93 17.63
N PHE C 437 4.16 17.42 18.77
CA PHE C 437 3.13 16.40 18.83
C PHE C 437 2.14 16.75 19.94
N ASN C 438 0.94 16.16 19.86
CA ASN C 438 -0.01 16.47 20.92
C ASN C 438 0.24 15.66 22.19
N THR C 439 1.26 14.80 22.19
CA THR C 439 1.71 14.14 23.41
C THR C 439 3.21 14.36 23.58
N PHE C 440 3.69 14.18 24.81
CA PHE C 440 5.10 14.25 25.15
C PHE C 440 5.38 13.21 26.22
N ASP C 441 6.08 12.14 25.87
CA ASP C 441 6.25 10.97 26.72
C ASP C 441 7.72 10.85 27.12
N LYS C 442 8.06 11.27 28.35
CA LYS C 442 9.45 11.28 28.78
C LYS C 442 10.06 9.88 28.75
N SER C 443 9.27 8.86 29.12
CA SER C 443 9.83 7.50 29.14
C SER C 443 10.12 7.00 27.73
N ALA C 444 9.29 7.34 26.76
CA ALA C 444 9.61 6.94 25.40
C ALA C 444 10.87 7.64 24.91
N ILE C 445 11.03 8.92 25.25
CA ILE C 445 12.23 9.65 24.87
C ILE C 445 13.45 9.03 25.54
N ARG C 446 13.33 8.67 26.83
CA ARG C 446 14.42 7.96 27.50
C ARG C 446 14.79 6.66 26.79
N ALA C 447 13.80 5.86 26.39
CA ALA C 447 14.12 4.57 25.78
C ALA C 447 14.81 4.76 24.44
N PHE C 448 14.31 5.67 23.61
CA PHE C 448 14.97 5.91 22.34
C PHE C 448 16.35 6.53 22.55
N MET C 449 16.47 7.45 23.52
CA MET C 449 17.78 8.02 23.81
C MET C 449 18.80 6.94 24.14
N LYS C 450 18.42 6.00 25.02
CA LYS C 450 19.36 4.93 25.40
C LYS C 450 19.65 3.99 24.22
N GLU C 451 18.67 3.75 23.35
CA GLU C 451 18.93 2.96 22.15
C GLU C 451 19.99 3.62 21.27
N LEU C 452 19.88 4.93 21.06
CA LEU C 452 20.89 5.66 20.29
C LEU C 452 22.24 5.63 21.00
N HIS C 453 22.26 5.84 22.31
CA HIS C 453 23.50 5.75 23.08
C HIS C 453 24.14 4.38 22.89
N ASP C 454 23.36 3.30 23.06
CA ASP C 454 23.91 1.94 22.92
C ASP C 454 24.43 1.70 21.51
N MET C 455 23.74 2.22 20.50
CA MET C 455 24.15 2.05 19.12
C MET C 455 25.49 2.75 18.86
N ALA C 456 25.63 3.99 19.34
CA ALA C 456 26.91 4.69 19.17
C ALA C 456 28.06 3.92 19.80
N HIS C 457 27.85 3.35 20.99
CA HIS C 457 28.93 2.59 21.60
C HIS C 457 29.21 1.30 20.83
N ARG C 458 28.19 0.70 20.20
CA ARG C 458 28.46 -0.44 19.33
C ARG C 458 29.27 -0.01 18.12
N LEU C 459 28.94 1.14 17.54
CA LEU C 459 29.65 1.58 16.34
C LEU C 459 31.01 2.13 16.67
N ASP C 460 31.16 2.80 17.81
CA ASP C 460 32.43 3.46 18.13
C ASP C 460 32.56 3.52 19.65
N ASP C 461 33.26 2.55 20.22
CA ASP C 461 33.45 2.51 21.66
C ASP C 461 34.56 3.43 22.15
N THR C 462 35.28 4.11 21.26
CA THR C 462 36.42 4.93 21.67
C THR C 462 36.04 6.38 21.97
N ARG C 463 34.79 6.77 21.77
CA ARG C 463 34.38 8.15 21.95
C ARG C 463 33.16 8.23 22.86
N MET C 464 32.94 9.43 23.40
CA MET C 464 31.85 9.67 24.34
C MET C 464 30.60 10.14 23.60
N THR C 465 29.43 9.73 24.11
CA THR C 465 28.16 10.30 23.71
C THR C 465 27.79 11.50 24.61
N ALA C 466 26.95 12.38 24.08
CA ALA C 466 26.50 13.53 24.86
C ALA C 466 25.11 13.96 24.41
N ILE C 467 24.44 14.72 25.26
CA ILE C 467 23.27 15.52 24.89
C ILE C 467 23.37 16.86 25.61
N ARG C 468 22.55 17.81 25.16
CA ARG C 468 22.45 19.11 25.81
C ARG C 468 21.02 19.36 26.24
N ARG C 469 20.85 19.69 27.52
CA ARG C 469 19.59 20.17 28.10
C ARG C 469 18.44 19.17 27.89
N CYS C 470 18.57 18.05 28.59
CA CYS C 470 17.41 17.19 28.80
C CYS C 470 17.65 16.50 30.14
N GLU C 471 17.18 17.15 31.22
CA GLU C 471 17.54 16.70 32.54
C GLU C 471 17.09 15.26 32.80
N PHE C 472 15.89 14.90 32.32
CA PHE C 472 15.36 13.58 32.60
C PHE C 472 16.05 12.47 31.80
N CYS C 473 17.08 12.81 31.02
CA CYS C 473 17.96 11.84 30.36
C CYS C 473 19.42 11.96 30.81
N ASN C 474 19.73 12.74 31.85
CA ASN C 474 21.15 13.02 32.14
C ASN C 474 21.89 11.83 32.74
N ASP C 475 21.24 10.70 32.97
CA ASP C 475 21.89 9.48 33.40
C ASP C 475 22.23 8.56 32.23
N ILE C 476 21.84 8.93 31.01
CA ILE C 476 21.95 8.00 29.87
C ILE C 476 23.26 8.15 29.13
N VAL C 477 23.76 9.37 28.95
CA VAL C 477 24.91 9.62 28.08
C VAL C 477 26.19 9.69 28.90
N ASP C 478 27.32 9.59 28.20
CA ASP C 478 28.62 9.70 28.84
C ASP C 478 28.90 11.12 29.34
N VAL C 479 28.56 12.13 28.54
CA VAL C 479 28.85 13.53 28.87
C VAL C 479 27.55 14.33 28.79
N TYR C 480 27.33 15.21 29.76
CA TYR C 480 26.09 15.95 29.81
C TYR C 480 26.35 17.45 29.94
N SER C 481 25.53 18.24 29.24
CA SER C 481 25.53 19.69 29.34
C SER C 481 24.16 20.18 29.77
N PRO C 482 24.04 20.93 30.86
CA PRO C 482 22.79 21.64 31.14
C PRO C 482 22.70 22.89 30.30
N SER C 483 21.70 23.72 30.57
CA SER C 483 21.56 25.07 30.00
C SER C 483 21.97 26.10 31.05
N ILE C 484 23.07 26.80 30.79
CA ILE C 484 23.59 27.83 31.68
C ILE C 484 23.84 29.06 30.83
N TRP C 485 22.95 30.04 30.91
CA TRP C 485 23.10 31.30 30.21
C TRP C 485 23.12 32.47 31.20
N ALA C 486 24.11 32.49 32.09
CA ALA C 486 24.16 33.53 33.13
C ALA C 486 24.31 34.91 32.53
N GLY C 487 23.45 35.83 32.96
CA GLY C 487 23.49 37.17 32.42
C GLY C 487 22.74 37.33 31.11
N TRP C 488 22.16 36.26 30.56
CA TRP C 488 21.35 36.44 29.36
C TRP C 488 19.92 35.99 29.60
N TYR C 489 19.65 34.69 29.73
CA TYR C 489 18.28 34.27 29.96
C TYR C 489 17.91 34.20 31.43
N ARG C 490 18.90 34.19 32.33
CA ARG C 490 18.64 33.92 33.74
C ARG C 490 19.66 34.65 34.61
N GLY C 491 19.19 35.19 35.74
CA GLY C 491 20.09 35.72 36.76
C GLY C 491 21.05 36.75 36.21
N VAL C 492 22.26 36.76 36.76
CA VAL C 492 23.32 37.70 36.39
C VAL C 492 24.56 36.91 36.01
N PHE C 493 25.40 37.49 35.15
CA PHE C 493 26.54 36.69 34.71
C PHE C 493 27.52 36.43 35.84
N THR C 494 27.44 37.17 36.94
CA THR C 494 28.29 36.85 38.08
C THR C 494 27.86 35.55 38.74
N ASP C 495 26.68 35.02 38.37
CA ASP C 495 26.24 33.70 38.83
C ASP C 495 26.91 32.56 38.10
N TYR C 496 27.72 32.85 37.08
CA TYR C 496 28.22 31.81 36.18
C TYR C 496 28.91 30.68 36.94
N LYS C 497 29.91 31.01 37.77
CA LYS C 497 30.72 29.98 38.40
C LYS C 497 29.91 29.13 39.38
N SER C 498 29.05 29.78 40.19
CA SER C 498 28.22 29.06 41.15
C SER C 498 27.32 28.04 40.44
N ILE C 499 26.63 28.46 39.39
CA ILE C 499 25.75 27.53 38.65
C ILE C 499 26.56 26.41 38.02
N SER C 500 27.75 26.74 37.48
CA SER C 500 28.56 25.69 36.87
C SER C 500 28.96 24.64 37.90
N GLU C 501 29.41 25.07 39.09
CA GLU C 501 29.84 24.08 40.09
C GLU C 501 28.66 23.25 40.56
N GLN C 502 27.48 23.87 40.70
CA GLN C 502 26.34 23.06 41.09
C GLN C 502 26.05 22.02 40.01
N GLU C 503 26.07 22.46 38.74
CA GLU C 503 25.72 21.55 37.66
C GLU C 503 26.72 20.43 37.50
N MET C 504 28.02 20.72 37.65
CA MET C 504 28.99 19.66 37.46
C MET C 504 28.86 18.55 38.50
N GLN C 505 28.26 18.84 39.66
CA GLN C 505 28.09 17.82 40.70
C GLN C 505 26.96 16.85 40.39
N LYS C 506 26.09 17.16 39.43
CA LYS C 506 24.91 16.36 39.15
C LYS C 506 25.19 15.21 38.18
N VAL C 507 26.34 15.19 37.52
CA VAL C 507 26.59 14.20 36.48
C VAL C 507 28.05 13.77 36.57
N LYS C 508 28.34 12.60 35.99
CA LYS C 508 29.70 12.09 36.06
C LYS C 508 30.65 12.95 35.26
N HIS C 509 30.26 13.34 34.04
CA HIS C 509 31.12 14.13 33.17
C HIS C 509 30.33 15.33 32.69
N PHE C 510 30.67 16.48 33.22
CA PHE C 510 30.02 17.74 32.91
C PHE C 510 30.81 18.46 31.82
N LEU C 511 30.11 18.96 30.81
CA LEU C 511 30.73 19.78 29.78
C LEU C 511 29.68 20.81 29.36
N HIS C 512 30.02 22.10 29.44
CA HIS C 512 29.06 23.19 29.30
C HIS C 512 29.09 23.76 27.88
N VAL C 513 28.09 23.44 27.06
CA VAL C 513 28.02 23.99 25.70
C VAL C 513 26.85 24.97 25.65
N GLU C 514 27.15 26.19 25.18
CA GLU C 514 26.20 27.27 24.90
C GLU C 514 26.17 28.27 26.05
N TRP C 515 26.67 29.47 25.78
CA TRP C 515 26.51 30.62 26.66
C TRP C 515 26.88 31.85 25.82
N GLY C 516 26.52 33.02 26.36
CA GLY C 516 26.80 34.26 25.68
C GLY C 516 25.65 35.25 25.70
N GLY C 517 25.53 36.03 24.64
CA GLY C 517 24.47 37.03 24.55
C GLY C 517 24.45 37.67 23.17
N ASP C 518 23.29 38.21 22.83
CA ASP C 518 23.12 38.91 21.56
C ASP C 518 23.75 40.29 21.61
N SER C 519 24.39 40.69 20.51
CA SER C 519 24.80 42.08 20.33
C SER C 519 24.59 42.48 18.87
N HIS C 520 23.86 43.57 18.69
CA HIS C 520 23.66 44.24 17.41
C HIS C 520 24.96 44.92 17.02
N ALA C 521 25.70 44.32 16.08
CA ALA C 521 27.01 44.83 15.72
C ALA C 521 26.94 46.31 15.37
N ARG C 522 27.83 47.10 15.98
CA ARG C 522 27.96 48.56 15.84
C ARG C 522 27.04 49.31 16.79
N ARG C 523 26.30 48.65 17.66
CA ARG C 523 25.51 49.34 18.69
C ARG C 523 26.28 49.31 20.00
N HIS C 524 26.50 50.49 20.59
CA HIS C 524 27.24 50.59 21.83
C HIS C 524 26.43 51.37 22.86
N SER C 525 26.79 51.23 24.14
CA SER C 525 25.98 51.77 25.24
C SER C 525 26.88 52.39 26.31
N GLU C 526 26.72 53.70 26.55
CA GLU C 526 27.45 54.33 27.65
C GLU C 526 27.03 53.75 29.00
N ASP C 527 25.74 53.50 29.18
CA ASP C 527 25.27 52.98 30.46
C ASP C 527 25.83 51.61 30.80
N ALA C 528 26.41 50.90 29.83
CA ALA C 528 27.05 49.62 30.14
C ALA C 528 28.44 49.81 30.75
N PHE C 529 28.96 51.03 30.78
CA PHE C 529 30.29 51.27 31.29
C PHE C 529 30.22 51.94 32.66
N TYR C 530 31.31 51.78 33.42
CA TYR C 530 31.46 52.45 34.71
C TYR C 530 32.10 53.80 34.43
N ASN C 531 31.25 54.79 34.15
CA ASN C 531 31.66 56.15 33.87
C ASN C 531 31.57 56.99 35.13
N LEU C 532 32.54 57.88 35.35
CA LEU C 532 32.58 58.72 36.55
C LEU C 532 32.06 60.10 36.17
N LYS C 533 30.89 60.45 36.72
CA LYS C 533 30.25 61.73 36.44
C LYS C 533 30.28 62.64 37.66
N VAL C 554 27.31 51.70 38.76
CA VAL C 554 27.66 50.31 38.53
C VAL C 554 26.62 49.65 37.62
N PRO C 555 27.03 49.37 36.38
CA PRO C 555 26.09 48.74 35.43
C PRO C 555 25.68 47.36 35.90
N ARG C 556 24.40 47.03 35.68
CA ARG C 556 23.85 45.74 36.04
C ARG C 556 24.50 44.63 35.21
N ALA C 557 24.51 43.43 35.78
CA ALA C 557 25.08 42.26 35.12
C ALA C 557 24.00 41.35 34.52
N SER C 558 22.85 41.90 34.13
CA SER C 558 21.80 41.12 33.49
C SER C 558 21.52 41.65 32.08
N ARG C 559 20.81 40.83 31.30
CA ARG C 559 20.62 41.07 29.86
C ARG C 559 20.43 42.55 29.56
N ASP C 560 21.27 43.08 28.66
CA ASP C 560 21.12 44.47 28.22
C ASP C 560 19.95 44.55 27.26
N GLY C 561 18.85 45.16 27.69
CA GLY C 561 17.71 45.35 26.82
C GLY C 561 18.02 46.09 25.53
N ASP C 562 19.20 46.69 25.42
CA ASP C 562 19.60 47.36 24.20
C ASP C 562 20.42 46.45 23.28
N TRP C 563 20.86 45.30 23.77
CA TRP C 563 21.60 44.36 22.94
C TRP C 563 22.86 45.00 22.38
N SER C 564 23.56 45.77 23.20
CA SER C 564 24.81 46.42 22.79
C SER C 564 25.99 45.46 22.86
N GLU C 565 26.97 45.68 21.98
CA GLU C 565 28.25 44.99 22.13
C GLU C 565 28.88 45.28 23.49
N SER C 566 28.61 46.44 24.06
CA SER C 566 29.29 46.81 25.30
C SER C 566 28.95 45.84 26.42
N TYR C 567 27.69 45.39 26.48
CA TYR C 567 27.31 44.46 27.54
C TYR C 567 27.89 43.07 27.28
N VAL C 568 27.84 42.59 26.03
CA VAL C 568 28.34 41.25 25.73
C VAL C 568 29.84 41.17 26.01
N VAL C 569 30.57 42.26 25.73
CA VAL C 569 32.01 42.24 25.98
C VAL C 569 32.31 42.01 27.46
N ARG C 570 31.57 42.69 28.34
CA ARG C 570 31.78 42.52 29.78
C ARG C 570 31.32 41.12 30.23
N LEU C 571 30.24 40.60 29.62
CA LEU C 571 29.77 39.26 29.95
C LEU C 571 30.81 38.22 29.57
N ILE C 572 31.35 38.30 28.35
CA ILE C 572 32.39 37.33 27.96
C ILE C 572 33.59 37.45 28.89
N ASP C 573 34.08 38.68 29.09
CA ASP C 573 35.19 38.95 30.01
C ASP C 573 34.99 38.27 31.36
N TRP C 574 33.81 38.43 31.96
CA TRP C 574 33.57 37.83 33.27
C TRP C 574 33.70 36.30 33.21
N HIS C 575 33.11 35.68 32.19
CA HIS C 575 33.17 34.22 32.08
C HIS C 575 34.62 33.74 31.98
N LEU C 576 35.41 34.38 31.11
CA LEU C 576 36.77 33.90 30.89
C LEU C 576 37.63 34.11 32.13
N LYS C 577 37.39 35.21 32.85
CA LYS C 577 38.12 35.43 34.11
C LYS C 577 37.79 34.34 35.12
N GLU C 578 36.52 33.95 35.20
CA GLU C 578 36.13 32.90 36.14
C GLU C 578 36.73 31.54 35.78
N GLN C 579 36.88 31.25 34.50
CA GLN C 579 37.36 29.93 34.10
C GLN C 579 38.81 29.69 34.53
N GLU C 580 39.59 30.76 34.73
CA GLU C 580 40.96 30.62 35.20
C GLU C 580 41.04 30.13 36.65
N THR C 581 39.94 30.22 37.39
CA THR C 581 39.87 29.75 38.78
C THR C 581 39.00 28.50 38.91
N MET C 582 38.78 27.75 37.82
CA MET C 582 37.93 26.56 37.82
C MET C 582 38.73 25.36 37.34
N PRO C 583 39.66 24.86 38.16
CA PRO C 583 40.56 23.79 37.69
C PRO C 583 39.87 22.47 37.44
N TRP C 584 38.69 22.26 38.03
CA TRP C 584 37.88 21.06 37.84
C TRP C 584 37.07 21.06 36.54
N LEU C 585 37.11 22.14 35.78
CA LEU C 585 36.20 22.34 34.65
C LEU C 585 36.73 21.66 33.40
N THR C 586 35.93 20.76 32.80
CA THR C 586 36.27 20.21 31.48
C THR C 586 36.42 21.34 30.47
N GLY C 587 35.43 22.21 30.37
CA GLY C 587 35.50 23.34 29.47
C GLY C 587 34.11 23.81 29.10
N THR C 588 34.06 24.76 28.17
CA THR C 588 32.78 25.31 27.72
C THR C 588 32.86 25.68 26.25
N ALA C 589 31.71 25.97 25.66
CA ALA C 589 31.63 26.43 24.28
C ALA C 589 30.65 27.59 24.18
N TYR C 590 31.17 28.76 23.80
CA TYR C 590 30.31 29.90 23.53
C TYR C 590 29.38 29.58 22.36
N TRP C 591 28.19 30.18 22.35
CA TRP C 591 27.24 30.00 21.27
C TRP C 591 26.85 31.34 20.63
N PRO C 592 27.09 31.56 19.33
CA PRO C 592 27.91 30.76 18.40
C PRO C 592 29.16 31.57 18.03
N PHE C 593 30.01 31.04 17.15
CA PHE C 593 31.11 31.84 16.63
C PHE C 593 30.60 33.00 15.79
N LYS C 594 29.66 32.73 14.87
CA LYS C 594 29.25 33.70 13.87
C LYS C 594 27.73 33.85 13.85
N ASP C 595 27.27 35.10 13.78
CA ASP C 595 25.86 35.39 13.54
C ASP C 595 25.33 34.48 12.43
N PHE C 596 24.14 33.96 12.61
CA PHE C 596 23.53 33.07 11.63
C PHE C 596 22.02 33.31 11.59
N SER C 597 21.39 32.92 10.49
CA SER C 597 19.97 33.18 10.31
C SER C 597 19.12 32.17 11.09
N THR C 598 18.00 32.64 11.64
CA THR C 598 17.08 31.75 12.36
C THR C 598 15.67 32.23 12.06
N PRO C 599 14.74 31.32 11.76
CA PRO C 599 13.39 31.73 11.35
C PRO C 599 12.50 32.18 12.48
N VAL C 600 12.90 31.99 13.73
CA VAL C 600 11.99 32.22 14.83
C VAL C 600 12.17 33.60 15.46
N ARG C 601 13.03 34.46 14.88
CA ARG C 601 13.30 35.79 15.43
C ARG C 601 13.09 36.86 14.34
N PRO C 602 11.86 37.04 13.88
CA PRO C 602 11.62 38.06 12.85
C PRO C 602 11.90 39.48 13.32
N ASP C 603 11.89 39.73 14.62
CA ASP C 603 11.96 41.09 15.14
C ASP C 603 13.32 41.45 15.70
N ASN C 604 14.34 40.63 15.45
CA ASN C 604 15.66 40.94 15.96
C ASN C 604 16.19 42.22 15.30
N PRO C 605 17.13 42.91 15.95
CA PRO C 605 17.68 44.14 15.36
C PRO C 605 18.10 43.98 13.90
N VAL C 606 18.78 42.88 13.58
CA VAL C 606 18.85 42.39 12.21
C VAL C 606 17.79 41.29 12.09
N PRO C 607 16.69 41.52 11.36
CA PRO C 607 15.61 40.53 11.32
C PRO C 607 16.09 39.15 10.92
N TYR C 608 15.57 38.15 11.61
CA TYR C 608 15.78 36.74 11.26
C TYR C 608 17.25 36.34 11.39
N VAL C 609 18.00 37.05 12.24
CA VAL C 609 19.39 36.70 12.50
C VAL C 609 19.58 36.57 14.00
N ASN C 610 20.16 35.46 14.43
CA ASN C 610 20.63 35.26 15.78
C ASN C 610 21.97 36.00 15.91
N GLN C 611 21.99 37.05 16.73
CA GLN C 611 23.11 38.00 16.75
C GLN C 611 24.03 37.74 17.95
N LYS C 612 24.11 36.49 18.41
CA LYS C 612 25.00 36.14 19.52
C LYS C 612 26.45 35.91 19.09
N GLY C 613 26.74 35.94 17.79
CA GLY C 613 28.10 35.70 17.37
C GLY C 613 29.06 36.76 17.84
N VAL C 614 30.35 36.37 17.94
CA VAL C 614 31.41 37.35 18.10
C VAL C 614 31.95 37.82 16.76
N VAL C 615 31.39 37.31 15.66
CA VAL C 615 31.76 37.65 14.30
C VAL C 615 30.47 37.87 13.51
N GLU C 616 30.48 38.86 12.63
CA GLU C 616 29.27 39.14 11.88
C GLU C 616 29.07 38.08 10.80
N ARG C 617 27.82 37.98 10.30
CA ARG C 617 27.46 36.95 9.33
C ARG C 617 28.30 37.01 8.07
N ASP C 618 29.03 38.10 7.84
CA ASP C 618 29.89 38.26 6.68
C ASP C 618 31.36 38.13 7.02
N PHE C 619 31.70 37.68 8.25
CA PHE C 619 33.06 37.48 8.73
C PHE C 619 33.65 38.73 9.41
N THR C 620 32.96 39.87 9.45
CA THR C 620 33.50 41.05 10.14
C THR C 620 33.58 40.81 11.64
N PRO C 621 34.74 40.96 12.28
CA PRO C 621 34.80 40.77 13.73
C PRO C 621 33.95 41.79 14.48
N LYS C 622 33.33 41.34 15.57
CA LYS C 622 32.72 42.23 16.54
C LYS C 622 33.73 42.57 17.63
N GLU C 623 33.38 43.54 18.49
CA GLU C 623 34.27 43.86 19.60
C GLU C 623 34.55 42.61 20.44
N SER C 624 33.56 41.74 20.58
CA SER C 624 33.69 40.56 21.44
C SER C 624 34.71 39.57 20.92
N TYR C 625 35.03 39.61 19.63
CA TYR C 625 36.05 38.70 19.12
C TYR C 625 37.36 38.90 19.88
N TYR C 626 37.72 40.16 20.12
CA TYR C 626 39.02 40.46 20.73
C TYR C 626 39.05 40.13 22.22
N VAL C 627 37.91 40.09 22.89
CA VAL C 627 37.90 39.60 24.27
C VAL C 627 38.39 38.17 24.31
N PHE C 628 37.77 37.29 23.52
CA PHE C 628 38.26 35.91 23.48
C PHE C 628 39.73 35.85 23.10
N GLN C 629 40.12 36.62 22.09
CA GLN C 629 41.50 36.54 21.59
C GLN C 629 42.49 37.00 22.65
N SER C 630 42.14 38.04 23.41
CA SER C 630 43.09 38.55 24.41
C SER C 630 43.32 37.57 25.56
N TYR C 631 42.36 36.67 25.82
CA TYR C 631 42.52 35.70 26.90
C TYR C 631 43.09 34.37 26.41
N TRP C 632 42.95 34.06 25.13
CA TRP C 632 43.15 32.69 24.67
C TRP C 632 44.34 32.53 23.74
N THR C 633 45.01 33.60 23.33
CA THR C 633 46.13 33.49 22.41
C THR C 633 47.37 34.11 23.03
N GLU C 634 48.53 33.79 22.45
CA GLU C 634 49.79 34.32 22.92
C GLU C 634 50.44 35.29 21.96
N LYS C 635 50.20 35.16 20.66
CA LYS C 635 50.67 36.16 19.72
C LYS C 635 50.24 37.55 20.20
N PRO C 636 51.18 38.48 20.41
CA PRO C 636 50.81 39.77 21.01
C PRO C 636 49.77 40.51 20.17
N MET C 637 48.73 40.99 20.85
CA MET C 637 47.70 41.80 20.21
C MET C 637 47.18 42.81 21.22
N ILE C 638 46.43 43.78 20.73
CA ILE C 638 45.91 44.85 21.56
C ILE C 638 44.71 45.45 20.84
N HIS C 639 43.61 45.65 21.57
CA HIS C 639 42.38 46.11 20.95
C HIS C 639 41.66 47.05 21.92
N ILE C 640 41.55 48.32 21.54
CA ILE C 640 40.73 49.28 22.27
C ILE C 640 39.27 49.03 21.92
N TYR C 641 38.41 48.93 22.94
CA TYR C 641 37.00 48.82 22.66
C TYR C 641 36.51 50.08 21.96
N GLY C 642 35.68 49.90 20.95
CA GLY C 642 35.04 51.02 20.28
C GLY C 642 35.45 51.31 18.83
N HIS C 643 36.04 50.35 18.12
CA HIS C 643 36.40 50.62 16.73
C HIS C 643 35.17 50.93 15.89
N THR C 644 34.01 50.41 16.25
CA THR C 644 32.77 50.74 15.55
C THR C 644 31.89 51.69 16.35
N TRP C 645 32.47 52.42 17.30
CA TRP C 645 31.74 53.36 18.15
C TRP C 645 32.17 54.78 17.79
N PRO C 646 31.50 55.43 16.82
CA PRO C 646 31.99 56.73 16.35
C PRO C 646 31.73 57.92 17.28
N VAL C 647 30.65 57.89 18.05
CA VAL C 647 30.24 59.03 18.87
C VAL C 647 29.87 58.54 20.26
N ARG C 648 30.72 58.85 21.25
CA ARG C 648 30.40 58.69 22.67
C ARG C 648 29.68 59.92 23.21
N TRP C 649 29.18 59.82 24.43
CA TRP C 649 28.38 60.91 24.98
C TRP C 649 28.40 60.87 26.51
N GLY C 650 27.97 61.98 27.10
CA GLY C 650 28.04 62.16 28.54
C GLY C 650 28.17 63.64 28.88
N GLY C 651 28.60 63.90 30.13
CA GLY C 651 28.82 65.27 30.58
C GLY C 651 30.14 65.87 30.09
N LYS C 652 30.22 67.19 30.16
CA LYS C 652 31.37 67.92 29.60
C LYS C 652 32.69 67.40 30.15
N ASP C 653 32.77 67.12 31.44
CA ASP C 653 34.01 66.65 32.03
C ASP C 653 33.89 65.28 32.68
N ASP C 654 32.87 64.50 32.32
CA ASP C 654 32.77 63.14 32.80
C ASP C 654 34.06 62.39 32.49
N ARG C 655 34.44 61.47 33.38
CA ARG C 655 35.59 60.61 33.17
C ARG C 655 35.05 59.29 32.60
N LYS C 656 35.13 59.17 31.27
CA LYS C 656 34.53 58.06 30.55
C LYS C 656 35.40 56.81 30.66
N GLU C 657 34.75 55.66 30.84
CA GLU C 657 35.49 54.41 30.95
C GLU C 657 36.00 53.96 29.58
N ILE C 658 37.26 53.53 29.55
CA ILE C 658 37.90 53.01 28.35
C ILE C 658 38.46 51.63 28.70
N LEU C 659 38.07 50.63 27.91
CA LEU C 659 38.58 49.26 28.07
C LEU C 659 39.53 48.94 26.93
N VAL C 660 40.61 48.23 27.25
CA VAL C 660 41.52 47.70 26.25
C VAL C 660 41.63 46.20 26.45
N TYR C 661 41.36 45.43 25.39
CA TYR C 661 41.49 43.97 25.46
C TYR C 661 42.79 43.59 24.76
N SER C 662 43.69 42.99 25.53
CA SER C 662 45.05 42.74 25.10
C SER C 662 45.62 41.61 25.95
N ASN C 663 46.53 40.83 25.35
CA ASN C 663 47.30 39.85 26.11
C ASN C 663 48.70 40.36 26.46
N CYS C 664 48.96 41.65 26.25
CA CYS C 664 50.26 42.20 26.60
C CYS C 664 50.41 42.29 28.12
N ASP C 665 51.66 42.19 28.56
CA ASP C 665 51.95 42.30 29.99
C ASP C 665 51.63 43.69 30.53
N GLU C 666 51.82 44.73 29.72
CA GLU C 666 51.54 46.10 30.14
C GLU C 666 51.07 46.92 28.96
N VAL C 667 50.22 47.89 29.24
CA VAL C 667 49.64 48.74 28.22
C VAL C 667 49.62 50.16 28.75
N GLU C 668 49.98 51.12 27.89
CA GLU C 668 49.85 52.53 28.21
C GLU C 668 48.83 53.15 27.28
N LEU C 669 47.89 53.89 27.87
CA LEU C 669 46.81 54.53 27.13
C LEU C 669 47.10 56.02 26.95
N PHE C 670 46.82 56.53 25.75
CA PHE C 670 46.96 57.93 25.40
C PHE C 670 45.61 58.46 24.91
N VAL C 671 45.16 59.57 25.49
CA VAL C 671 43.93 60.24 25.04
C VAL C 671 44.33 61.62 24.52
N ASN C 672 44.31 61.79 23.20
CA ASN C 672 44.72 63.04 22.56
C ASN C 672 46.20 63.35 22.84
N GLY C 673 47.03 62.31 22.84
CA GLY C 673 48.45 62.47 23.04
C GLY C 673 48.89 62.53 24.49
N VAL C 674 47.96 62.72 25.41
CA VAL C 674 48.30 62.80 26.83
C VAL C 674 48.24 61.40 27.40
N SER C 675 49.37 60.90 27.89
CA SER C 675 49.41 59.59 28.52
C SER C 675 48.47 59.56 29.72
N GLN C 676 47.77 58.43 29.88
CA GLN C 676 46.89 58.21 31.02
C GLN C 676 47.46 57.20 32.01
N GLY C 677 48.70 56.79 31.82
CA GLY C 677 49.28 55.87 32.77
C GLY C 677 49.43 54.48 32.17
N VAL C 678 50.48 53.79 32.61
CA VAL C 678 50.73 52.40 32.25
C VAL C 678 50.01 51.49 33.23
N LYS C 679 49.45 50.40 32.73
CA LYS C 679 48.76 49.44 33.59
C LYS C 679 49.20 48.02 33.26
N ARG C 680 49.25 47.20 34.30
CA ARG C 680 49.70 45.82 34.23
C ARG C 680 48.50 44.90 34.07
N ARG C 681 48.63 43.92 33.20
CA ARG C 681 47.51 43.03 32.92
C ARG C 681 47.31 42.03 34.05
N ASN C 682 46.05 41.81 34.43
CA ASN C 682 45.72 40.85 35.49
C ASN C 682 44.26 40.43 35.26
N SER C 683 44.08 39.21 34.74
CA SER C 683 42.75 38.74 34.38
C SER C 683 41.76 38.87 35.53
N GLN C 684 42.21 38.60 36.77
CA GLN C 684 41.30 38.64 37.90
C GLN C 684 40.88 40.05 38.28
N ASP C 685 41.49 41.08 37.70
CA ASP C 685 41.16 42.48 38.00
C ASP C 685 40.10 42.95 37.03
N TYR C 686 38.85 42.54 37.30
CA TYR C 686 37.77 42.70 36.36
C TYR C 686 37.21 44.12 36.41
N PRO C 687 36.88 44.73 35.26
CA PRO C 687 37.00 44.17 33.90
C PRO C 687 38.26 44.53 33.12
N ALA C 688 38.34 43.96 31.91
CA ALA C 688 39.42 44.19 30.96
C ALA C 688 40.77 43.72 31.49
N ALA C 689 40.78 42.86 32.49
CA ALA C 689 42.00 42.32 33.07
C ALA C 689 42.94 43.45 33.53
N GLY C 690 42.37 44.45 34.17
CA GLY C 690 43.12 45.58 34.67
C GLY C 690 43.41 46.66 33.66
N LEU C 691 43.23 46.39 32.36
CA LEU C 691 43.54 47.40 31.34
C LEU C 691 42.33 48.27 31.06
N ARG C 692 41.93 49.02 32.09
CA ARG C 692 40.85 49.98 31.99
C ARG C 692 41.28 51.34 32.56
N TRP C 693 40.75 52.41 31.97
CA TRP C 693 41.01 53.77 32.37
C TRP C 693 39.71 54.56 32.43
N ASN C 694 39.74 55.65 33.21
CA ASN C 694 38.67 56.65 33.20
C ASN C 694 39.28 57.98 32.78
N CYS C 695 38.81 58.49 31.63
CA CYS C 695 39.41 59.63 30.96
C CYS C 695 38.37 60.63 30.50
N VAL C 696 38.76 61.90 30.53
CA VAL C 696 37.95 62.98 30.01
C VAL C 696 38.07 62.98 28.50
N TYR C 697 36.92 63.08 27.84
CA TYR C 697 36.89 63.34 26.40
C TYR C 697 36.68 64.83 26.17
N GLN C 698 37.27 65.34 25.10
CA GLN C 698 36.97 66.70 24.65
C GLN C 698 35.75 66.68 23.74
N GLU C 699 34.99 67.75 23.78
CA GLU C 699 33.86 67.87 22.86
C GLU C 699 34.37 67.84 21.42
N GLY C 700 33.69 67.09 20.57
CA GLY C 700 34.20 66.89 19.23
C GLY C 700 35.12 65.69 19.13
N MET C 701 36.08 65.75 18.21
CA MET C 701 36.89 64.59 17.86
C MET C 701 37.96 64.31 18.91
N ASN C 702 38.13 63.03 19.24
CA ASN C 702 39.16 62.56 20.16
C ASN C 702 39.90 61.40 19.53
N GLU C 703 41.19 61.27 19.86
CA GLU C 703 42.00 60.14 19.41
C GLU C 703 42.55 59.40 20.62
N ILE C 704 42.28 58.10 20.69
CA ILE C 704 42.74 57.23 21.77
C ILE C 704 43.73 56.23 21.20
N ARG C 705 44.90 56.13 21.84
CA ARG C 705 45.96 55.27 21.36
C ARG C 705 46.42 54.37 22.50
N ALA C 706 46.74 53.13 22.18
CA ALA C 706 47.17 52.16 23.18
C ALA C 706 48.44 51.47 22.70
N VAL C 707 49.41 51.35 23.61
CA VAL C 707 50.70 50.75 23.31
C VAL C 707 50.95 49.67 24.35
N GLY C 708 51.20 48.44 23.89
CA GLY C 708 51.37 47.32 24.78
C GLY C 708 52.67 46.60 24.50
N VAL C 709 53.18 45.96 25.54
CA VAL C 709 54.44 45.23 25.49
C VAL C 709 54.19 43.85 26.05
N LYS C 710 54.69 42.84 25.35
CA LYS C 710 54.64 41.46 25.81
C LYS C 710 56.08 41.03 25.98
N LYS C 711 56.50 40.84 27.24
CA LYS C 711 57.92 40.63 27.53
C LYS C 711 58.46 39.35 26.91
N LYS C 712 57.72 38.25 27.04
CA LYS C 712 58.19 36.96 26.51
C LYS C 712 58.63 37.11 25.05
N GLU C 713 57.79 37.71 24.22
CA GLU C 713 58.10 37.88 22.81
C GLU C 713 58.93 39.13 22.54
N LYS C 714 59.20 39.94 23.57
CA LYS C 714 59.91 41.21 23.42
C LYS C 714 59.27 42.07 22.33
N LYS C 715 57.94 41.99 22.22
CA LYS C 715 57.19 42.62 21.14
C LYS C 715 56.37 43.78 21.69
N GLU C 716 56.23 44.81 20.87
CA GLU C 716 55.35 45.95 21.12
C GLU C 716 54.26 46.01 20.06
N VAL C 717 53.03 46.33 20.48
CA VAL C 717 51.89 46.45 19.57
C VAL C 717 51.06 47.65 20.02
N SER C 718 50.32 48.24 19.08
CA SER C 718 49.54 49.42 19.40
C SER C 718 48.23 49.41 18.62
N ASP C 719 47.27 50.19 19.12
CA ASP C 719 45.97 50.36 18.51
C ASP C 719 45.58 51.82 18.67
N VAL C 720 44.75 52.30 17.75
CA VAL C 720 44.27 53.68 17.77
C VAL C 720 42.86 53.69 17.22
N ILE C 721 41.99 54.44 17.89
CA ILE C 721 40.64 54.71 17.40
C ILE C 721 40.37 56.20 17.56
N ARG C 722 39.44 56.71 16.76
CA ARG C 722 39.00 58.10 16.82
C ARG C 722 37.52 58.12 17.14
N GLN C 723 37.15 58.87 18.18
CA GLN C 723 35.76 58.94 18.61
C GLN C 723 35.37 60.38 18.86
N GLU C 724 34.21 60.77 18.36
CA GLU C 724 33.62 62.04 18.69
C GLU C 724 32.94 61.97 20.05
N TYR C 725 32.89 63.10 20.75
CA TYR C 725 32.23 63.19 22.05
C TYR C 725 31.16 64.28 21.98
N GLN C 726 29.92 63.89 22.25
CA GLN C 726 28.77 64.78 22.16
C GLN C 726 28.24 65.03 23.56
N THR C 727 28.18 66.31 23.96
CA THR C 727 27.57 66.70 25.22
C THR C 727 26.14 67.15 25.09
N ALA C 728 25.69 67.51 23.89
CA ALA C 728 24.31 67.93 23.71
C ALA C 728 23.35 66.78 23.99
N LYS C 729 22.24 67.10 24.65
CA LYS C 729 21.19 66.13 24.85
C LYS C 729 20.24 66.16 23.65
N TRP C 730 19.57 65.04 23.39
CA TRP C 730 18.64 64.94 22.29
C TRP C 730 17.24 64.67 22.82
N ASP C 731 16.25 65.14 22.06
CA ASP C 731 14.85 64.89 22.32
C ASP C 731 14.43 63.65 21.51
N LYS C 732 13.12 63.44 21.33
CA LYS C 732 12.63 62.35 20.49
C LYS C 732 13.13 62.51 19.06
N GLU C 733 13.23 61.38 18.35
CA GLU C 733 13.64 61.42 16.95
C GLU C 733 12.62 62.20 16.12
N ALA C 734 13.12 63.03 15.20
CA ALA C 734 12.23 63.89 14.44
C ALA C 734 12.45 63.77 12.94
N ALA C 735 13.65 63.41 12.50
CA ALA C 735 13.90 63.31 11.07
C ALA C 735 15.06 62.36 10.81
N CYS C 736 15.14 61.91 9.56
CA CYS C 736 16.26 61.11 9.08
C CYS C 736 17.14 61.98 8.19
N GLN C 737 18.40 62.10 8.57
CA GLN C 737 19.38 62.79 7.76
C GLN C 737 20.13 61.73 6.96
N VAL C 738 20.03 61.82 5.63
CA VAL C 738 20.58 60.81 4.73
C VAL C 738 21.67 61.46 3.88
N SER C 739 22.81 60.78 3.77
CA SER C 739 23.93 61.34 3.03
C SER C 739 24.78 60.23 2.43
N LEU C 740 25.54 60.61 1.41
CA LEU C 740 26.50 59.71 0.79
C LEU C 740 27.78 59.73 1.63
N LEU C 741 28.07 58.63 2.32
CA LEU C 741 29.22 58.60 3.23
C LEU C 741 30.52 58.37 2.47
N SER C 742 30.53 57.44 1.52
CA SER C 742 31.73 57.18 0.74
C SER C 742 31.34 56.42 -0.52
N GLU C 743 32.33 56.21 -1.38
CA GLU C 743 32.17 55.48 -2.63
C GLU C 743 33.38 54.58 -2.85
N GLU C 744 33.14 53.46 -3.52
CA GLU C 744 34.23 52.59 -3.95
C GLU C 744 33.79 51.95 -5.27
N GLY C 745 34.39 52.39 -6.37
CA GLY C 745 34.00 51.87 -7.67
C GLY C 745 32.56 52.19 -7.97
N ASP C 746 31.78 51.18 -8.36
CA ASP C 746 30.38 51.39 -8.68
C ASP C 746 29.49 51.36 -7.44
N THR C 747 30.06 51.26 -6.24
CA THR C 747 29.30 51.08 -5.01
C THR C 747 29.32 52.35 -4.18
N ALA C 748 28.16 52.72 -3.66
CA ALA C 748 28.00 53.88 -2.80
C ALA C 748 27.55 53.43 -1.41
N LEU C 749 28.20 53.99 -0.38
CA LEU C 749 27.85 53.73 1.02
C LEU C 749 27.01 54.88 1.55
N VAL C 750 25.75 54.61 1.83
CA VAL C 750 24.79 55.60 2.29
C VAL C 750 24.70 55.53 3.80
N GLN C 751 24.57 56.70 4.44
CA GLN C 751 24.44 56.76 5.90
C GLN C 751 23.14 57.46 6.29
N VAL C 752 22.50 56.93 7.32
CA VAL C 752 21.30 57.52 7.92
C VAL C 752 21.60 57.86 9.37
N GLN C 753 21.19 59.04 9.80
CA GLN C 753 21.33 59.50 11.17
C GLN C 753 19.99 60.05 11.64
N LEU C 754 19.48 59.51 12.72
CA LEU C 754 18.29 60.05 13.35
C LEU C 754 18.65 61.27 14.20
N ILE C 755 17.88 62.35 14.03
CA ILE C 755 18.11 63.61 14.74
C ILE C 755 16.79 64.09 15.32
N ASP C 756 16.91 64.96 16.33
CA ASP C 756 15.72 65.48 17.00
C ASP C 756 15.28 66.79 16.34
N LYS C 757 14.23 67.41 16.89
CA LYS C 757 13.67 68.61 16.28
C LYS C 757 14.68 69.75 16.17
N ASN C 758 15.80 69.69 16.89
CA ASN C 758 16.83 70.71 16.81
C ASN C 758 18.06 70.23 16.04
N GLY C 759 17.99 69.07 15.41
CA GLY C 759 19.14 68.58 14.69
C GLY C 759 20.19 67.89 15.52
N ILE C 760 19.92 67.58 16.79
CA ILE C 760 20.89 66.84 17.59
C ILE C 760 20.74 65.35 17.29
N ARG C 761 21.88 64.66 17.19
CA ARG C 761 21.87 63.21 16.98
C ARG C 761 21.23 62.50 18.16
N CYS C 762 20.28 61.61 17.87
CA CYS C 762 19.66 60.77 18.90
C CYS C 762 20.51 59.51 19.06
N LEU C 763 21.57 59.63 19.86
CA LEU C 763 22.60 58.60 19.91
C LEU C 763 22.15 57.32 20.63
N SER C 764 20.98 57.30 21.27
CA SER C 764 20.50 56.09 21.92
C SER C 764 19.37 55.42 21.15
N SER C 765 19.00 55.95 19.99
CA SER C 765 17.83 55.46 19.29
C SER C 765 18.05 54.07 18.71
N LYS C 766 17.00 53.26 18.74
CA LYS C 766 16.97 51.95 18.11
C LYS C 766 15.89 51.82 17.06
N LYS C 767 15.29 52.94 16.64
CA LYS C 767 14.20 52.89 15.68
C LYS C 767 14.62 52.12 14.45
N GLN C 768 13.69 51.35 13.90
CA GLN C 768 13.96 50.62 12.67
C GLN C 768 14.02 51.57 11.49
N ILE C 769 15.00 51.35 10.63
CA ILE C 769 15.15 52.10 9.39
C ILE C 769 14.83 51.17 8.23
N THR C 770 14.05 51.66 7.27
CA THR C 770 13.71 50.93 6.04
C THR C 770 14.29 51.68 4.84
N PHE C 771 15.02 50.96 4.00
CA PHE C 771 15.59 51.48 2.77
C PHE C 771 14.77 51.00 1.56
N GLU C 772 14.57 51.91 0.60
CA GLU C 772 14.00 51.60 -0.70
C GLU C 772 14.84 52.26 -1.77
N ILE C 773 14.76 51.75 -3.00
CA ILE C 773 15.49 52.33 -4.12
C ILE C 773 14.65 52.21 -5.38
N ALA C 774 14.73 53.23 -6.24
CA ALA C 774 14.13 53.22 -7.57
C ALA C 774 15.14 53.78 -8.55
N GLY C 775 15.28 53.14 -9.71
CA GLY C 775 16.25 53.58 -10.70
C GLY C 775 17.22 52.48 -11.12
N ASP C 776 18.43 52.86 -11.54
CA ASP C 776 19.34 51.89 -12.13
C ASP C 776 20.06 51.03 -11.09
N GLY C 777 20.20 51.49 -9.84
CA GLY C 777 20.95 50.75 -8.84
C GLY C 777 20.07 49.77 -8.06
N SER C 778 20.70 49.09 -7.11
CA SER C 778 19.97 48.20 -6.24
C SER C 778 20.61 48.17 -4.86
N LEU C 779 19.78 47.97 -3.83
CA LEU C 779 20.29 47.82 -2.48
C LEU C 779 21.07 46.52 -2.34
N ILE C 780 22.23 46.60 -1.69
CA ILE C 780 22.97 45.39 -1.29
C ILE C 780 22.45 45.03 0.09
N CYS C 781 21.44 44.17 0.12
CA CYS C 781 20.71 43.84 1.34
C CYS C 781 20.50 42.34 1.47
N ASN C 782 19.67 41.90 2.42
CA ASN C 782 19.44 40.48 2.67
C ASN C 782 20.75 39.73 2.90
N LEU C 783 21.70 40.39 3.55
CA LEU C 783 22.95 39.74 3.94
C LEU C 783 22.95 39.27 5.38
N GLY C 784 21.96 39.69 6.17
CA GLY C 784 21.94 39.28 7.56
C GLY C 784 22.98 39.98 8.41
N THR C 785 23.41 41.18 8.01
CA THR C 785 24.33 42.01 8.79
C THR C 785 23.71 43.38 9.06
N SER C 786 24.24 44.04 10.09
CA SER C 786 23.66 45.34 10.43
C SER C 786 23.94 46.41 9.38
N THR C 787 24.87 46.20 8.43
CA THR C 787 25.06 47.12 7.31
C THR C 787 24.61 46.53 5.97
N GLY C 788 23.99 45.35 5.97
CA GLY C 788 23.47 44.80 4.73
C GLY C 788 22.01 44.42 4.83
N SER C 789 21.20 45.29 5.42
CA SER C 789 19.80 44.95 5.69
C SER C 789 18.92 46.12 5.30
N ARG C 790 17.91 45.87 4.47
CA ARG C 790 17.04 46.96 4.01
C ARG C 790 16.01 47.34 5.06
N LYS C 791 15.84 46.52 6.10
CA LYS C 791 15.15 46.92 7.32
C LYS C 791 16.05 46.56 8.49
N VAL C 792 16.42 47.53 9.30
CA VAL C 792 17.38 47.32 10.38
C VAL C 792 17.13 48.32 11.49
N GLN C 793 17.31 47.87 12.73
CA GLN C 793 17.29 48.78 13.86
C GLN C 793 18.55 49.63 13.85
N ALA C 794 18.39 50.92 14.12
CA ALA C 794 19.54 51.81 14.19
C ALA C 794 20.49 51.39 15.31
N TYR C 795 21.78 51.65 15.09
CA TYR C 795 22.81 51.51 16.11
C TYR C 795 23.27 52.91 16.48
N ASN C 796 22.94 53.34 17.70
CA ASN C 796 23.26 54.69 18.17
C ASN C 796 22.76 55.74 17.17
N GLY C 797 21.54 55.52 16.68
CA GLY C 797 20.87 56.46 15.82
C GLY C 797 21.28 56.43 14.36
N ARG C 798 22.17 55.54 13.94
CA ARG C 798 22.57 55.53 12.53
C ARG C 798 22.34 54.14 11.93
N ALA C 799 22.38 54.11 10.59
CA ALA C 799 22.31 52.89 9.80
C ALA C 799 23.06 53.11 8.49
N LEU C 800 23.75 52.08 8.05
CA LEU C 800 24.48 52.10 6.79
C LEU C 800 23.96 51.01 5.87
N ILE C 801 23.99 51.28 4.57
CA ILE C 801 23.72 50.27 3.55
C ILE C 801 24.49 50.65 2.30
N ARG C 802 24.94 49.65 1.56
CA ARG C 802 25.63 49.87 0.29
C ARG C 802 24.67 49.73 -0.88
N ILE C 803 24.87 50.56 -1.90
CA ILE C 803 24.09 50.53 -3.13
C ILE C 803 25.03 50.18 -4.28
N LYS C 804 24.62 49.21 -5.08
CA LYS C 804 25.28 48.93 -6.35
C LYS C 804 24.68 49.87 -7.39
N ARG C 805 25.48 50.82 -7.89
CA ARG C 805 24.93 51.88 -8.72
C ARG C 805 24.70 51.46 -10.16
N ASN C 806 25.37 50.42 -10.63
CA ASN C 806 25.24 49.97 -12.02
C ASN C 806 25.52 51.10 -13.01
N GLU C 807 26.40 52.03 -12.62
CA GLU C 807 26.81 53.11 -13.50
C GLU C 807 25.62 53.91 -14.00
N GLY C 808 24.55 53.96 -13.21
CA GLY C 808 23.37 54.70 -13.59
C GLY C 808 22.89 55.64 -12.51
N ASN C 809 21.63 56.04 -12.58
CA ASN C 809 21.08 56.97 -11.62
C ASN C 809 19.95 56.31 -10.83
N SER C 810 19.93 56.54 -9.52
CA SER C 810 18.91 56.00 -8.64
C SER C 810 18.51 57.05 -7.62
N VAL C 811 17.39 56.82 -6.95
CA VAL C 811 17.00 57.56 -5.76
C VAL C 811 16.72 56.58 -4.63
N VAL C 812 17.30 56.84 -3.46
CA VAL C 812 17.07 56.05 -2.26
C VAL C 812 16.04 56.76 -1.38
N ALA C 813 15.05 56.02 -0.89
CA ALA C 813 14.12 56.52 0.10
C ALA C 813 14.41 55.85 1.44
N VAL C 814 14.24 56.61 2.52
CA VAL C 814 14.57 56.15 3.88
C VAL C 814 13.35 56.42 4.73
N LYS C 815 12.78 55.36 5.30
CA LYS C 815 11.54 55.43 6.05
C LYS C 815 11.77 55.06 7.50
N SER C 816 10.95 55.61 8.37
CA SER C 816 10.99 55.29 9.79
C SER C 816 9.66 55.68 10.41
N GLU C 817 9.14 54.84 11.31
CA GLU C 817 7.78 55.03 11.75
C GLU C 817 7.60 56.41 12.37
N GLY C 818 6.58 57.12 11.92
CA GLY C 818 6.27 58.44 12.44
C GLY C 818 7.18 59.56 12.00
N LEU C 819 8.22 59.29 11.20
CA LEU C 819 9.08 60.35 10.71
C LEU C 819 8.84 60.59 9.23
N PRO C 820 9.11 61.80 8.74
CA PRO C 820 8.98 62.03 7.29
C PRO C 820 10.03 61.25 6.53
N THR C 821 9.62 60.68 5.40
CA THR C 821 10.52 59.94 4.53
C THR C 821 11.53 60.87 3.88
N ALA C 822 12.80 60.46 3.89
CA ALA C 822 13.90 61.22 3.33
C ALA C 822 14.32 60.62 1.99
N PHE C 823 15.02 61.41 1.17
CA PHE C 823 15.45 60.95 -0.13
C PHE C 823 16.89 61.39 -0.40
N LEU C 824 17.62 60.55 -1.14
CA LEU C 824 19.00 60.80 -1.54
C LEU C 824 19.19 60.38 -3.00
N GLU C 825 19.76 61.28 -3.82
CA GLU C 825 20.04 61.00 -5.22
C GLU C 825 21.42 60.36 -5.36
N LEU C 826 21.52 59.40 -6.29
CA LEU C 826 22.80 58.76 -6.60
C LEU C 826 23.00 58.81 -8.12
N LYS C 827 23.97 59.58 -8.55
CA LYS C 827 24.37 59.65 -9.94
C LYS C 827 25.75 59.00 -10.08
N SER C 828 26.12 58.66 -11.31
CA SER C 828 27.42 58.05 -11.51
C SER C 828 28.41 58.92 -12.29
N PRO C 829 28.23 60.25 -12.34
CA PRO C 829 29.11 61.03 -13.22
C PRO C 829 30.59 60.88 -12.88
N SER D 21 -21.37 10.58 -7.00
CA SER D 21 -20.83 11.86 -7.47
C SER D 21 -21.11 12.98 -6.47
N ASN D 22 -20.30 14.04 -6.50
CA ASN D 22 -20.49 15.12 -5.55
C ASN D 22 -21.65 16.01 -5.99
N ALA D 23 -22.20 16.76 -5.03
CA ALA D 23 -23.32 17.66 -5.28
C ALA D 23 -23.18 18.89 -4.40
N LYS D 24 -24.00 19.90 -4.70
CA LYS D 24 -24.14 21.05 -3.82
C LYS D 24 -25.34 20.84 -2.90
N VAL D 25 -25.21 21.28 -1.66
CA VAL D 25 -26.26 21.11 -0.67
C VAL D 25 -27.47 21.90 -1.16
N PRO D 26 -28.58 21.26 -1.53
CA PRO D 26 -29.79 22.02 -1.88
C PRO D 26 -30.40 22.70 -0.66
N ALA D 27 -29.84 23.80 -0.21
CA ALA D 27 -30.35 24.51 0.94
C ALA D 27 -30.49 25.99 0.62
N MET D 28 -31.37 26.66 1.35
CA MET D 28 -31.54 28.10 1.24
C MET D 28 -30.86 28.78 2.44
N ASN D 29 -30.63 30.08 2.29
CA ASN D 29 -30.07 30.92 3.37
C ASN D 29 -28.86 30.26 4.03
N LYS D 30 -27.90 29.85 3.21
CA LYS D 30 -26.64 29.28 3.70
C LYS D 30 -25.67 30.41 4.01
N ILE D 31 -24.75 30.16 4.93
CA ILE D 31 -23.89 31.20 5.49
C ILE D 31 -22.53 31.19 4.80
N ARG D 32 -22.23 32.27 4.09
CA ARG D 32 -20.92 32.41 3.46
C ARG D 32 -19.85 32.72 4.49
N LEU D 33 -18.82 31.88 4.56
CA LEU D 33 -17.72 32.08 5.52
C LEU D 33 -16.67 32.98 4.86
N THR D 34 -16.91 34.29 4.93
CA THR D 34 -16.04 35.23 4.25
C THR D 34 -14.99 35.87 5.16
N ASN D 35 -15.29 36.08 6.44
CA ASN D 35 -14.43 36.88 7.29
C ASN D 35 -13.65 36.02 8.28
N ASN D 36 -12.58 36.60 8.82
CA ASN D 36 -11.88 35.99 9.95
C ASN D 36 -11.11 34.73 9.55
N TRP D 37 -10.45 34.79 8.41
CA TRP D 37 -9.59 33.74 7.91
C TRP D 37 -8.13 34.19 7.95
N GLU D 38 -7.22 33.21 8.03
CA GLU D 38 -5.80 33.43 7.85
C GLU D 38 -5.27 32.50 6.77
N TYR D 39 -4.32 33.00 5.99
CA TYR D 39 -3.78 32.28 4.83
C TYR D 39 -2.27 32.18 4.96
N LEU D 40 -1.75 30.96 4.72
CA LEU D 40 -0.32 30.69 4.69
C LEU D 40 0.03 30.12 3.33
N LYS D 41 0.89 30.83 2.60
CA LYS D 41 1.42 30.34 1.33
C LYS D 41 2.53 29.35 1.63
N GLY D 42 2.26 28.08 1.44
CA GLY D 42 3.20 27.04 1.80
C GLY D 42 2.50 25.95 2.57
N ASP D 43 3.30 25.04 3.10
CA ASP D 43 2.78 23.84 3.74
C ASP D 43 3.12 23.79 5.23
N LEU D 44 2.22 23.18 5.98
CA LEU D 44 2.47 22.84 7.38
C LEU D 44 3.17 21.48 7.48
N GLY D 45 3.90 21.28 8.58
CA GLY D 45 4.54 20.00 8.80
C GLY D 45 3.57 18.91 9.20
N GLY D 46 2.33 19.28 9.47
CA GLY D 46 1.30 18.40 9.96
C GLY D 46 0.20 19.20 10.60
N ILE D 47 -0.98 18.59 10.70
CA ILE D 47 -2.14 19.32 11.17
C ILE D 47 -1.92 19.86 12.60
N TRP D 48 -1.07 19.22 13.40
CA TRP D 48 -0.84 19.74 14.75
C TRP D 48 -0.32 21.18 14.70
N GLU D 49 0.46 21.53 13.66
CA GLU D 49 0.95 22.90 13.55
C GLU D 49 -0.17 23.91 13.36
N ALA D 50 -1.35 23.48 12.92
CA ALA D 50 -2.47 24.40 12.74
C ALA D 50 -3.21 24.71 14.04
N VAL D 51 -3.15 23.85 15.06
CA VAL D 51 -4.03 23.99 16.21
C VAL D 51 -3.29 23.91 17.54
N ARG D 52 -1.98 23.71 17.53
CA ARG D 52 -1.22 23.54 18.76
C ARG D 52 -1.11 24.86 19.54
N PRO D 53 -0.88 24.77 20.86
CA PRO D 53 -0.64 25.98 21.66
C PRO D 53 0.51 26.81 21.11
N ALA D 54 0.37 28.13 21.19
CA ALA D 54 1.39 29.05 20.72
C ALA D 54 1.39 30.32 21.56
N ALA D 55 2.50 30.67 22.09
CA ALA D 55 2.69 31.92 22.80
C ALA D 55 3.35 32.95 21.89
N PRO D 56 3.08 34.24 22.07
CA PRO D 56 3.77 35.24 21.26
C PRO D 56 5.27 35.12 21.47
N GLY D 57 6.01 35.28 20.38
CA GLY D 57 7.45 35.15 20.41
C GLY D 57 7.98 33.72 20.44
N SER D 58 7.09 32.71 20.46
CA SER D 58 7.54 31.33 20.55
C SER D 58 7.92 30.83 19.16
N SER D 59 8.50 29.64 19.12
CA SER D 59 8.78 29.04 17.81
C SER D 59 7.51 28.75 17.05
N GLU D 60 6.41 28.53 17.76
CA GLU D 60 5.14 28.24 17.09
C GLU D 60 4.57 29.45 16.40
N ALA D 61 5.04 30.66 16.75
CA ALA D 61 4.51 31.89 16.19
C ALA D 61 5.01 32.17 14.78
N VAL D 62 5.90 31.35 14.25
CA VAL D 62 6.26 31.42 12.83
C VAL D 62 5.96 30.05 12.24
N PRO D 63 5.67 29.93 10.93
CA PRO D 63 5.59 31.05 9.95
C PRO D 63 4.44 32.02 10.24
N ILE D 64 4.53 33.21 9.67
CA ILE D 64 3.53 34.25 9.87
C ILE D 64 2.46 34.13 8.79
N TRP D 65 1.19 34.10 9.21
CA TRP D 65 0.06 33.97 8.32
C TRP D 65 -0.48 35.36 7.94
N GLN D 66 -1.23 35.40 6.85
CA GLN D 66 -1.82 36.64 6.39
C GLN D 66 -3.32 36.62 6.59
N PRO D 67 -3.90 37.61 7.27
CA PRO D 67 -5.36 37.67 7.34
C PRO D 67 -5.96 37.97 5.97
N VAL D 68 -7.04 37.24 5.63
CA VAL D 68 -7.69 37.37 4.32
C VAL D 68 -9.19 37.23 4.49
N THR D 69 -9.92 37.68 3.49
CA THR D 69 -11.35 37.40 3.37
C THR D 69 -11.57 36.46 2.19
N LEU D 70 -12.59 35.62 2.30
CA LEU D 70 -12.89 34.77 1.15
C LEU D 70 -13.98 35.41 0.30
N PRO D 71 -14.02 35.08 -1.00
CA PRO D 71 -13.07 34.13 -1.62
C PRO D 71 -11.65 34.66 -1.79
N HIS D 72 -10.69 33.75 -1.87
CA HIS D 72 -9.28 34.08 -1.94
C HIS D 72 -8.59 33.17 -2.95
N CYS D 73 -7.63 33.72 -3.68
CA CYS D 73 -6.86 32.95 -4.65
C CYS D 73 -5.37 33.16 -4.40
N PHE D 74 -4.61 32.06 -4.37
CA PHE D 74 -3.16 32.16 -4.16
C PHE D 74 -2.54 33.17 -5.11
N ASN D 75 -3.13 33.36 -6.29
CA ASN D 75 -2.45 33.98 -7.41
C ASN D 75 -3.06 35.34 -7.79
N ALA D 76 -3.80 35.96 -6.88
CA ALA D 76 -4.46 37.24 -7.16
C ALA D 76 -3.48 38.27 -7.70
N GLU D 77 -2.22 38.20 -7.29
CA GLU D 77 -1.22 39.12 -7.81
C GLU D 77 -0.18 38.46 -8.69
N ASP D 78 0.32 37.27 -8.32
CA ASP D 78 1.49 36.74 -9.00
C ASP D 78 1.17 36.12 -10.37
N ALA D 79 -0.10 35.91 -10.71
CA ALA D 79 -0.38 35.46 -12.08
C ALA D 79 0.16 36.44 -13.12
N VAL D 80 -0.03 37.75 -12.90
CA VAL D 80 0.39 38.76 -13.86
C VAL D 80 1.66 39.52 -13.42
N ASP D 81 2.17 39.25 -12.23
CA ASP D 81 3.48 39.77 -11.90
C ASP D 81 4.46 39.40 -13.00
N PRO D 82 5.14 40.38 -13.62
CA PRO D 82 5.95 40.06 -14.81
C PRO D 82 7.24 39.31 -14.51
N ASP D 83 7.66 39.19 -13.25
CA ASP D 83 8.98 38.67 -12.93
C ASP D 83 8.97 37.31 -12.22
N VAL D 84 7.82 36.68 -12.05
CA VAL D 84 7.78 35.41 -11.35
C VAL D 84 6.85 34.44 -12.06
N ASN D 85 7.20 33.15 -11.96
CA ASN D 85 6.27 32.10 -12.29
C ASN D 85 5.16 32.10 -11.24
N TYR D 86 3.92 32.07 -11.69
CA TYR D 86 2.84 32.06 -10.71
C TYR D 86 2.93 30.80 -9.84
N TYR D 87 2.47 30.95 -8.59
CA TYR D 87 2.63 29.92 -7.58
C TYR D 87 1.74 28.71 -7.87
N GLU D 88 2.35 27.54 -7.96
CA GLU D 88 1.64 26.27 -8.03
C GLU D 88 2.17 25.38 -6.89
N GLY D 89 1.38 25.23 -5.84
CA GLY D 89 1.84 24.53 -4.68
C GLY D 89 0.80 24.59 -3.58
N PRO D 90 1.19 24.19 -2.38
CA PRO D 90 0.23 24.14 -1.26
C PRO D 90 0.06 25.49 -0.55
N GLY D 91 -1.09 25.60 0.10
CA GLY D 91 -1.39 26.71 0.98
C GLY D 91 -2.47 26.29 1.95
N TRP D 92 -2.51 26.97 3.09
CA TRP D 92 -3.43 26.62 4.16
C TRP D 92 -4.31 27.81 4.53
N TYR D 93 -5.52 27.49 5.00
CA TYR D 93 -6.45 28.43 5.58
C TYR D 93 -6.91 27.93 6.94
N LYS D 94 -7.18 28.86 7.86
CA LYS D 94 -7.73 28.47 9.15
C LYS D 94 -8.66 29.55 9.68
N THR D 95 -9.66 29.11 10.44
CA THR D 95 -10.60 29.99 11.08
C THR D 95 -11.11 29.29 12.32
N LEU D 96 -11.87 30.03 13.14
CA LEU D 96 -12.56 29.48 14.29
C LEU D 96 -14.05 29.62 14.03
N LEU D 97 -14.76 28.49 13.98
CA LEU D 97 -16.19 28.47 13.71
C LEU D 97 -16.99 28.60 15.00
N ALA D 98 -17.93 29.55 15.02
CA ALA D 98 -18.91 29.62 16.10
C ALA D 98 -20.14 28.81 15.67
N ILE D 99 -20.32 27.64 16.27
CA ILE D 99 -21.36 26.72 15.85
C ILE D 99 -22.64 26.99 16.62
N ASP D 100 -23.75 27.13 15.91
CA ASP D 100 -25.04 27.31 16.58
C ASP D 100 -26.08 26.74 15.61
N ASN D 101 -26.36 25.44 15.76
CA ASN D 101 -27.26 24.77 14.82
C ASN D 101 -28.70 25.08 15.19
N PRO D 102 -29.48 25.68 14.30
CA PRO D 102 -30.90 25.94 14.62
C PRO D 102 -31.77 24.70 14.64
N TYR D 103 -31.34 23.58 14.06
CA TYR D 103 -32.16 22.38 13.97
C TYR D 103 -31.85 21.40 15.09
N ARG D 104 -32.90 20.76 15.60
CA ARG D 104 -32.75 19.72 16.62
C ARG D 104 -32.06 18.51 16.03
N ASN D 105 -30.93 18.10 16.62
CA ASN D 105 -30.19 16.94 16.16
C ASN D 105 -29.84 17.07 14.67
N GLY D 106 -29.51 18.29 14.26
CA GLY D 106 -29.26 18.60 12.86
C GLY D 106 -27.84 18.30 12.41
N ARG D 107 -27.60 18.55 11.13
CA ARG D 107 -26.30 18.30 10.54
C ARG D 107 -25.56 19.62 10.32
N ILE D 108 -24.23 19.55 10.35
CA ILE D 108 -23.34 20.68 10.03
C ILE D 108 -22.54 20.33 8.79
N VAL D 109 -22.65 21.14 7.74
CA VAL D 109 -22.04 20.85 6.44
C VAL D 109 -21.20 22.02 5.96
N LEU D 110 -20.00 21.71 5.45
CA LEU D 110 -19.18 22.67 4.71
C LEU D 110 -19.45 22.48 3.22
N ASP D 111 -19.92 23.54 2.56
CA ASP D 111 -20.35 23.43 1.17
C ASP D 111 -19.46 24.31 0.31
N PHE D 112 -18.65 23.68 -0.54
CA PHE D 112 -17.64 24.35 -1.36
C PHE D 112 -18.20 24.61 -2.75
N ASP D 113 -18.39 25.89 -3.11
CA ASP D 113 -18.68 26.22 -4.51
C ASP D 113 -17.56 25.78 -5.44
N GLY D 114 -16.32 25.75 -4.93
CA GLY D 114 -15.18 25.36 -5.72
C GLY D 114 -13.86 25.78 -5.11
N ALA D 115 -12.84 24.91 -5.18
CA ALA D 115 -11.53 25.22 -4.63
C ALA D 115 -10.47 24.52 -5.45
N GLY D 116 -9.33 25.18 -5.67
CA GLY D 116 -8.27 24.65 -6.53
C GLY D 116 -7.04 24.27 -5.73
N GLN D 117 -6.49 23.09 -6.00
CA GLN D 117 -7.10 22.08 -6.89
C GLN D 117 -7.40 20.80 -6.10
N LYS D 118 -6.47 20.41 -5.24
CA LYS D 118 -6.65 19.34 -4.27
C LYS D 118 -6.81 19.94 -2.89
N THR D 119 -7.87 19.56 -2.19
CA THR D 119 -8.25 20.19 -0.93
C THR D 119 -8.42 19.14 0.16
N ASP D 120 -7.88 19.42 1.35
CA ASP D 120 -8.08 18.57 2.53
C ASP D 120 -8.62 19.43 3.66
N VAL D 121 -9.55 18.86 4.43
CA VAL D 121 -10.33 19.61 5.41
C VAL D 121 -10.16 18.97 6.78
N TYR D 122 -9.92 19.79 7.81
CA TYR D 122 -9.66 19.31 9.16
C TYR D 122 -10.52 20.07 10.18
N VAL D 123 -11.16 19.33 11.07
CA VAL D 123 -11.79 19.86 12.26
C VAL D 123 -10.87 19.49 13.41
N TYR D 124 -10.28 20.51 14.05
CA TYR D 124 -9.17 20.28 14.98
C TYR D 124 -8.12 19.43 14.26
N THR D 125 -7.81 18.25 14.79
CA THR D 125 -6.82 17.36 14.19
C THR D 125 -7.40 16.27 13.28
N THR D 126 -8.72 16.21 13.11
CA THR D 126 -9.34 15.10 12.39
C THR D 126 -9.51 15.46 10.92
N HIS D 127 -8.93 14.64 10.05
CA HIS D 127 -9.16 14.79 8.61
C HIS D 127 -10.61 14.37 8.34
N VAL D 128 -11.40 15.28 7.77
CA VAL D 128 -12.83 15.02 7.59
C VAL D 128 -13.24 14.94 6.14
N GLY D 129 -12.39 15.34 5.20
CA GLY D 129 -12.76 15.27 3.81
C GLY D 129 -11.64 15.76 2.93
N SER D 130 -11.75 15.39 1.65
CA SER D 130 -10.79 15.81 0.65
C SER D 130 -11.49 15.83 -0.69
N HIS D 131 -10.84 16.46 -1.67
CA HIS D 131 -11.41 16.60 -3.00
C HIS D 131 -10.30 16.87 -4.00
N VAL D 132 -10.39 16.23 -5.17
CA VAL D 132 -9.50 16.53 -6.29
C VAL D 132 -10.36 17.02 -7.43
N GLY D 133 -10.12 18.28 -7.85
CA GLY D 133 -10.91 18.91 -8.88
C GLY D 133 -11.15 20.36 -8.53
N GLY D 134 -10.72 21.26 -9.39
CA GLY D 134 -10.78 22.66 -9.03
C GLY D 134 -12.07 23.39 -9.39
N TYR D 135 -13.04 22.74 -10.05
CA TYR D 135 -14.11 23.48 -10.68
C TYR D 135 -15.50 22.93 -10.42
N ASP D 136 -15.61 21.78 -9.77
CA ASP D 136 -16.88 21.23 -9.38
C ASP D 136 -17.15 21.55 -7.91
N SER D 137 -18.42 21.51 -7.56
CA SER D 137 -18.89 21.73 -6.20
C SER D 137 -18.82 20.42 -5.41
N TRP D 138 -18.66 20.54 -4.09
CA TRP D 138 -18.57 19.36 -3.24
C TRP D 138 -18.81 19.80 -1.81
N ASN D 139 -19.03 18.84 -0.92
CA ASN D 139 -19.33 19.24 0.44
C ASN D 139 -18.89 18.17 1.43
N VAL D 140 -18.83 18.54 2.71
CA VAL D 140 -18.37 17.67 3.79
C VAL D 140 -19.30 17.82 4.99
N ASP D 141 -19.84 16.71 5.46
CA ASP D 141 -20.63 16.71 6.68
C ASP D 141 -19.69 16.59 7.86
N ILE D 142 -19.62 17.63 8.70
CA ILE D 142 -18.69 17.65 9.82
C ILE D 142 -19.41 17.51 11.16
N THR D 143 -20.65 17.02 11.15
CA THR D 143 -21.38 16.91 12.40
C THR D 143 -20.61 16.13 13.48
N ASP D 144 -20.17 14.91 13.16
CA ASP D 144 -19.57 14.06 14.20
C ASP D 144 -18.25 14.63 14.72
N ALA D 145 -17.38 15.11 13.82
CA ALA D 145 -16.12 15.69 14.28
C ALA D 145 -16.35 16.92 15.15
N VAL D 146 -17.39 17.71 14.82
CA VAL D 146 -17.72 18.87 15.66
C VAL D 146 -18.18 18.42 17.03
N LYS D 147 -19.08 17.43 17.08
CA LYS D 147 -19.54 16.91 18.39
C LYS D 147 -18.39 16.33 19.19
N ALA D 148 -17.55 15.50 18.56
CA ALA D 148 -16.44 14.92 19.29
C ALA D 148 -15.53 16.00 19.84
N PHE D 149 -15.26 17.05 19.05
CA PHE D 149 -14.37 18.09 19.51
C PHE D 149 -14.96 18.89 20.67
N LEU D 150 -16.19 19.39 20.51
CA LEU D 150 -16.79 20.23 21.55
C LEU D 150 -16.99 19.48 22.85
N GLY D 151 -17.08 18.16 22.79
CA GLY D 151 -17.15 17.32 23.96
C GLY D 151 -15.82 16.87 24.53
N SER D 152 -14.69 17.35 24.00
CA SER D 152 -13.38 16.87 24.41
C SER D 152 -12.71 17.86 25.35
N LYS D 153 -11.65 17.39 26.01
CA LYS D 153 -10.88 18.27 26.89
C LYS D 153 -10.21 19.41 26.11
N ASP D 154 -10.03 19.25 24.80
CA ASP D 154 -9.32 20.25 24.00
C ASP D 154 -10.20 21.45 23.66
N ALA D 155 -11.52 21.36 23.86
CA ALA D 155 -12.39 22.45 23.46
C ALA D 155 -12.18 23.71 24.30
N GLU D 156 -11.70 23.56 25.53
CA GLU D 156 -11.65 24.69 26.45
C GLU D 156 -10.75 25.81 25.92
N ARG D 157 -9.54 25.46 25.45
CA ARG D 157 -8.64 26.53 25.05
C ARG D 157 -9.05 27.22 23.76
N PHE D 158 -10.07 26.72 23.05
CA PHE D 158 -10.61 27.42 21.89
C PHE D 158 -11.88 28.20 22.23
N LYS D 159 -12.26 28.25 23.51
CA LYS D 159 -13.29 29.17 23.98
C LYS D 159 -14.63 28.91 23.31
N GLY D 160 -14.94 27.63 23.09
CA GLY D 160 -16.20 27.24 22.53
C GLY D 160 -16.26 27.25 21.02
N LYS D 161 -15.19 27.69 20.35
CA LYS D 161 -15.18 27.66 18.90
C LYS D 161 -14.48 26.39 18.39
N VAL D 162 -14.69 26.09 17.11
CA VAL D 162 -14.21 24.86 16.48
C VAL D 162 -13.14 25.26 15.47
N PRO D 163 -11.89 24.81 15.63
CA PRO D 163 -10.86 25.16 14.64
C PRO D 163 -11.06 24.41 13.33
N LEU D 164 -11.19 25.17 12.24
CA LEU D 164 -11.32 24.62 10.90
C LEU D 164 -10.05 24.99 10.13
N SER D 165 -9.35 23.98 9.62
CA SER D 165 -8.13 24.18 8.85
C SER D 165 -8.27 23.49 7.51
N ILE D 166 -7.90 24.18 6.44
CA ILE D 166 -8.10 23.70 5.08
C ILE D 166 -6.80 23.87 4.30
N ARG D 167 -6.35 22.80 3.65
CA ARG D 167 -5.20 22.83 2.78
C ARG D 167 -5.67 22.77 1.34
N CYS D 168 -5.25 23.74 0.53
CA CYS D 168 -5.47 23.72 -0.90
C CYS D 168 -4.13 23.60 -1.59
N ASP D 169 -4.11 22.93 -2.74
CA ASP D 169 -2.86 22.71 -3.46
C ASP D 169 -3.12 22.72 -4.95
N ASN D 170 -2.39 23.59 -5.67
CA ASN D 170 -2.38 23.62 -7.12
C ASN D 170 -0.98 23.33 -7.67
N SER D 171 -0.24 22.42 -7.01
CA SER D 171 1.00 21.91 -7.57
C SER D 171 0.77 21.38 -8.99
N ARG D 172 1.76 21.57 -9.85
CA ARG D 172 1.70 20.95 -11.16
C ARG D 172 1.56 19.44 -11.00
N ASP D 173 0.76 18.82 -11.87
CA ASP D 173 0.51 17.39 -11.75
C ASP D 173 0.06 16.89 -13.11
N LEU D 174 0.96 16.16 -13.79
CA LEU D 174 0.68 15.63 -15.12
C LEU D 174 -0.43 14.60 -15.11
N GLU D 175 -0.70 13.97 -13.97
CA GLU D 175 -1.77 12.99 -13.85
C GLU D 175 -3.07 13.63 -13.37
N MET D 176 -3.16 14.96 -13.46
CA MET D 176 -4.35 15.72 -13.07
C MET D 176 -4.74 16.64 -14.22
N ILE D 177 -6.03 16.72 -14.50
CA ILE D 177 -6.53 17.69 -15.50
C ILE D 177 -6.92 18.97 -14.77
N PRO D 178 -6.76 20.15 -15.40
CA PRO D 178 -6.24 20.35 -16.76
C PRO D 178 -4.72 20.27 -16.86
N SER D 179 -4.23 20.34 -18.09
CA SER D 179 -2.80 20.28 -18.33
C SER D 179 -2.16 21.65 -18.14
N ASP D 180 -0.93 21.66 -17.61
CA ASP D 180 -0.20 22.92 -17.51
C ASP D 180 0.23 23.45 -18.87
N LEU D 181 -0.02 22.68 -19.94
CA LEU D 181 0.15 23.20 -21.30
C LEU D 181 -0.95 24.16 -21.67
N ALA D 182 -2.03 24.19 -20.89
CA ALA D 182 -3.16 25.03 -21.21
C ALA D 182 -2.80 26.50 -21.11
N ASP D 183 -3.53 27.29 -21.90
CA ASP D 183 -3.40 28.75 -21.98
C ASP D 183 -4.26 29.43 -20.92
N PHE D 184 -4.16 28.95 -19.68
CA PHE D 184 -4.80 29.64 -18.57
C PHE D 184 -4.14 29.17 -17.28
N ASN D 185 -4.32 29.94 -16.22
CA ASN D 185 -3.75 29.59 -14.92
C ASN D 185 -4.58 28.50 -14.26
N ILE D 186 -3.91 27.48 -13.72
CA ILE D 186 -4.55 26.50 -12.87
C ILE D 186 -4.45 27.08 -11.45
N TYR D 187 -5.44 27.87 -11.07
CA TYR D 187 -5.35 28.69 -9.89
C TYR D 187 -5.48 27.85 -8.61
N GLY D 188 -4.98 28.39 -7.51
CA GLY D 188 -5.06 27.72 -6.22
C GLY D 188 -5.82 28.53 -5.19
N GLY D 189 -6.43 27.83 -4.25
CA GLY D 189 -7.04 28.47 -3.10
C GLY D 189 -8.55 28.31 -3.05
N LEU D 190 -9.13 28.87 -2.00
CA LEU D 190 -10.58 28.88 -1.78
C LEU D 190 -11.21 30.05 -2.53
N TYR D 191 -11.16 29.95 -3.86
CA TYR D 191 -11.52 31.08 -4.71
C TYR D 191 -12.99 31.11 -5.09
N ARG D 192 -13.81 30.19 -4.58
CA ARG D 192 -15.25 30.36 -4.64
C ARG D 192 -15.82 30.25 -3.24
N TYR D 193 -17.04 30.77 -3.08
CA TYR D 193 -17.64 30.83 -1.76
C TYR D 193 -17.58 29.46 -1.07
N LEU D 194 -17.24 29.48 0.21
CA LEU D 194 -17.36 28.32 1.08
C LEU D 194 -18.47 28.60 2.08
N ASN D 195 -19.47 27.72 2.14
CA ASN D 195 -20.68 27.96 2.91
C ASN D 195 -20.77 27.02 4.11
N LEU D 196 -21.19 27.58 5.24
CA LEU D 196 -21.63 26.78 6.38
C LEU D 196 -23.13 26.55 6.26
N VAL D 197 -23.55 25.28 6.21
CA VAL D 197 -24.94 24.92 6.00
C VAL D 197 -25.42 24.08 7.16
N TYR D 198 -26.41 24.58 7.89
CA TYR D 198 -27.09 23.80 8.90
C TYR D 198 -28.27 23.06 8.27
N LEU D 199 -28.43 21.80 8.65
CA LEU D 199 -29.49 20.98 8.11
C LEU D 199 -30.26 20.29 9.23
N PRO D 200 -31.56 20.02 9.00
CA PRO D 200 -32.29 19.11 9.89
C PRO D 200 -31.88 17.66 9.67
N GLU D 201 -32.50 16.74 10.42
CA GLU D 201 -32.14 15.34 10.29
C GLU D 201 -32.32 14.86 8.85
N VAL D 202 -33.41 15.26 8.21
CA VAL D 202 -33.78 14.76 6.90
C VAL D 202 -33.79 15.92 5.91
N SER D 203 -33.04 15.78 4.83
CA SER D 203 -32.97 16.81 3.80
C SER D 203 -32.77 16.13 2.45
N PHE D 204 -32.61 16.95 1.42
CA PHE D 204 -32.40 16.47 0.05
C PHE D 204 -30.91 16.54 -0.28
N GLU D 205 -30.37 15.44 -0.76
CA GLU D 205 -28.99 15.45 -1.23
C GLU D 205 -28.90 15.94 -2.68
N GLN D 206 -29.92 15.66 -3.49
CA GLN D 206 -29.95 16.06 -4.89
C GLN D 206 -31.40 16.23 -5.34
N ILE D 207 -31.63 17.23 -6.18
CA ILE D 207 -32.94 17.50 -6.75
C ILE D 207 -32.79 17.59 -8.27
N HIS D 208 -33.44 16.68 -8.99
CA HIS D 208 -33.35 16.62 -10.44
C HIS D 208 -34.71 17.00 -11.04
N LEU D 209 -34.75 18.11 -11.76
CA LEU D 209 -35.97 18.62 -12.40
C LEU D 209 -35.82 18.37 -13.89
N GLU D 210 -36.40 17.27 -14.34
CA GLU D 210 -36.25 16.78 -15.71
C GLU D 210 -37.50 17.17 -16.51
N SER D 211 -37.32 18.03 -17.51
CA SER D 211 -38.45 18.58 -18.24
C SER D 211 -38.30 18.29 -19.72
N SER D 212 -39.44 18.12 -20.38
CA SER D 212 -39.48 17.94 -21.82
C SER D 212 -40.66 18.73 -22.39
N LEU D 213 -40.55 19.03 -23.69
CA LEU D 213 -41.51 19.91 -24.36
C LEU D 213 -42.06 19.18 -25.58
N SER D 214 -43.39 19.15 -25.68
CA SER D 214 -44.07 18.46 -26.79
C SER D 214 -43.59 18.98 -28.13
N SER D 215 -43.96 18.21 -29.19
CA SER D 215 -43.58 18.58 -30.55
C SER D 215 -44.12 19.96 -30.95
N ASN D 216 -45.36 20.27 -30.57
CA ASN D 216 -45.99 21.54 -30.90
C ASN D 216 -45.80 22.61 -29.83
N LEU D 217 -44.97 22.37 -28.82
CA LEU D 217 -44.63 23.31 -27.74
C LEU D 217 -45.80 23.54 -26.79
N LYS D 218 -46.89 22.80 -26.94
CA LYS D 218 -48.11 23.03 -26.19
C LYS D 218 -48.21 22.19 -24.93
N GLU D 219 -47.39 21.15 -24.79
CA GLU D 219 -47.41 20.28 -23.62
C GLU D 219 -46.00 20.15 -23.06
N GLY D 220 -45.87 20.40 -21.77
CA GLY D 220 -44.60 20.20 -21.05
C GLY D 220 -44.72 19.07 -20.03
N ILE D 221 -43.66 18.27 -19.93
CA ILE D 221 -43.54 17.23 -18.92
C ILE D 221 -42.43 17.61 -17.95
N LEU D 222 -42.70 17.50 -16.65
CA LEU D 222 -41.71 17.71 -15.61
C LEU D 222 -41.69 16.49 -14.71
N LYS D 223 -40.52 15.88 -14.55
CA LYS D 223 -40.30 14.82 -13.57
C LYS D 223 -39.45 15.34 -12.44
N VAL D 224 -39.90 15.12 -11.20
CA VAL D 224 -39.19 15.57 -10.01
C VAL D 224 -38.62 14.35 -9.30
N LYS D 225 -37.30 14.17 -9.40
CA LYS D 225 -36.58 13.09 -8.74
C LYS D 225 -35.72 13.66 -7.63
N THR D 226 -35.64 12.95 -6.51
CA THR D 226 -34.83 13.43 -5.42
C THR D 226 -34.05 12.27 -4.83
N SER D 227 -32.93 12.62 -4.18
CA SER D 227 -32.18 11.72 -3.32
C SER D 227 -32.18 12.31 -1.92
N PHE D 228 -32.49 11.50 -0.93
CA PHE D 228 -32.59 11.98 0.45
C PHE D 228 -31.26 11.86 1.17
N TYR D 229 -31.00 12.81 2.04
CA TYR D 229 -29.92 12.72 3.02
C TYR D 229 -30.57 12.41 4.37
N ASN D 230 -30.28 11.24 4.91
CA ASN D 230 -31.04 10.75 6.06
C ASN D 230 -30.13 9.92 6.95
N PRO D 231 -29.09 10.53 7.54
CA PRO D 231 -28.12 9.75 8.33
C PRO D 231 -28.70 9.17 9.59
N GLU D 232 -29.82 9.68 10.08
CA GLU D 232 -30.45 9.08 11.24
C GLU D 232 -31.45 7.99 10.86
N ASP D 233 -31.58 7.63 9.58
CA ASP D 233 -32.43 6.50 9.20
C ASP D 233 -33.87 6.68 9.70
N ILE D 234 -34.43 7.86 9.47
CA ILE D 234 -35.84 8.11 9.75
C ILE D 234 -36.70 7.32 8.76
N ARG D 235 -37.75 6.65 9.27
CA ARG D 235 -38.49 5.70 8.43
C ARG D 235 -39.52 6.36 7.54
N LYS D 236 -40.11 7.47 7.98
CA LYS D 236 -41.20 8.08 7.25
C LYS D 236 -41.11 9.60 7.35
N ALA D 237 -41.59 10.26 6.30
CA ALA D 237 -41.69 11.72 6.28
C ALA D 237 -42.83 12.11 5.35
N ASP D 238 -43.26 13.35 5.46
CA ASP D 238 -44.26 13.92 4.55
C ASP D 238 -43.56 14.92 3.64
N VAL D 239 -43.65 14.69 2.33
CA VAL D 239 -42.93 15.49 1.34
C VAL D 239 -43.94 16.16 0.44
N THR D 240 -43.80 17.48 0.28
CA THR D 240 -44.66 18.27 -0.59
C THR D 240 -43.87 18.73 -1.80
N VAL D 241 -44.45 18.55 -2.98
CA VAL D 241 -43.92 19.09 -4.23
C VAL D 241 -44.86 20.18 -4.69
N SER D 242 -44.32 21.38 -4.93
CA SER D 242 -45.08 22.49 -5.49
C SER D 242 -44.30 23.09 -6.63
N VAL D 243 -45.00 23.42 -7.72
CA VAL D 243 -44.38 24.06 -8.87
C VAL D 243 -45.08 25.39 -9.11
N TYR D 244 -44.28 26.46 -9.21
CA TYR D 244 -44.80 27.81 -9.40
C TYR D 244 -44.38 28.34 -10.76
N ASP D 245 -45.24 29.16 -11.34
CA ASP D 245 -44.97 29.71 -12.66
C ASP D 245 -44.09 30.95 -12.53
N VAL D 246 -43.84 31.61 -13.66
CA VAL D 246 -42.89 32.73 -13.66
C VAL D 246 -43.35 33.86 -12.75
N ASP D 247 -44.65 33.97 -12.47
CA ASP D 247 -45.19 34.97 -11.55
C ASP D 247 -45.42 34.41 -10.15
N ARG D 248 -44.82 33.26 -9.81
CA ARG D 248 -44.99 32.61 -8.51
C ARG D 248 -46.42 32.13 -8.29
N LYS D 249 -47.13 31.83 -9.39
CA LYS D 249 -48.46 31.25 -9.23
C LYS D 249 -48.36 29.74 -9.21
N PRO D 250 -48.97 29.05 -8.25
CA PRO D 250 -48.86 27.59 -8.20
C PRO D 250 -49.56 26.95 -9.37
N VAL D 251 -48.89 25.97 -9.97
CA VAL D 251 -49.50 25.17 -11.04
C VAL D 251 -49.60 23.70 -10.68
N PHE D 252 -49.05 23.29 -9.55
CA PHE D 252 -49.06 21.89 -9.13
C PHE D 252 -48.68 21.84 -7.67
N SER D 253 -49.41 21.05 -6.88
CA SER D 253 -49.05 20.85 -5.49
C SER D 253 -49.61 19.52 -5.03
N LYS D 254 -48.76 18.73 -4.38
CA LYS D 254 -49.10 17.37 -3.99
C LYS D 254 -48.23 16.99 -2.81
N THR D 255 -48.84 16.39 -1.80
CA THR D 255 -48.13 15.93 -0.63
C THR D 255 -48.16 14.40 -0.58
N LEU D 256 -46.99 13.80 -0.41
CA LEU D 256 -46.86 12.37 -0.24
C LEU D 256 -46.71 12.12 1.25
N GLU D 257 -47.73 11.50 1.86
CA GLU D 257 -47.71 11.25 3.28
C GLU D 257 -47.08 9.89 3.58
N GLY D 258 -46.20 9.86 4.58
CA GLY D 258 -45.59 8.63 5.03
C GLY D 258 -44.66 7.99 4.03
N ILE D 259 -44.01 8.80 3.19
CA ILE D 259 -43.01 8.31 2.24
C ILE D 259 -41.73 7.93 2.97
N LEU D 260 -40.96 7.02 2.36
CA LEU D 260 -39.67 6.60 2.88
C LEU D 260 -38.58 7.57 2.42
N PRO D 261 -38.06 8.40 3.33
CA PRO D 261 -37.07 9.41 2.93
C PRO D 261 -35.64 8.84 2.97
N LEU D 262 -35.39 7.85 2.13
CA LEU D 262 -34.11 7.15 2.08
C LEU D 262 -33.74 6.88 0.63
N GLY D 263 -32.54 7.27 0.22
CA GLY D 263 -32.12 7.07 -1.17
C GLY D 263 -32.96 7.84 -2.18
N ASP D 264 -33.14 7.22 -3.36
CA ASP D 264 -33.85 7.86 -4.47
C ASP D 264 -35.35 7.74 -4.33
N GLN D 265 -36.07 8.78 -4.75
CA GLN D 265 -37.53 8.73 -4.86
C GLN D 265 -37.97 9.60 -6.02
N LEU D 266 -38.89 9.08 -6.83
CA LEU D 266 -39.61 9.92 -7.79
C LEU D 266 -40.77 10.57 -7.03
N LEU D 267 -40.79 11.90 -6.98
CA LEU D 267 -41.78 12.59 -6.16
C LEU D 267 -43.02 12.96 -6.95
N ALA D 268 -42.87 13.23 -8.25
CA ALA D 268 -43.98 13.71 -9.04
C ALA D 268 -43.63 13.61 -10.51
N LYS D 269 -44.63 13.31 -11.32
CA LYS D 269 -44.58 13.42 -12.77
C LYS D 269 -45.85 14.13 -13.19
N MET D 270 -45.73 15.23 -13.94
CA MET D 270 -46.88 16.07 -14.24
C MET D 270 -46.82 16.58 -15.67
N LYS D 271 -48.00 16.94 -16.18
CA LYS D 271 -48.17 17.56 -17.49
C LYS D 271 -48.63 18.99 -17.32
N ILE D 272 -47.94 19.92 -17.96
CA ILE D 272 -48.23 21.35 -17.89
C ILE D 272 -48.70 21.78 -19.28
N LYS D 273 -49.96 22.21 -19.37
CA LYS D 273 -50.51 22.59 -20.67
C LYS D 273 -50.16 24.03 -21.01
N ASN D 274 -49.70 24.26 -22.24
CA ASN D 274 -49.27 25.57 -22.71
C ASN D 274 -48.20 26.18 -21.79
N PRO D 275 -47.12 25.46 -21.51
CA PRO D 275 -46.12 25.98 -20.57
C PRO D 275 -45.46 27.23 -21.15
N VAL D 276 -45.15 28.18 -20.26
CA VAL D 276 -44.36 29.33 -20.65
C VAL D 276 -42.93 28.90 -20.94
N LEU D 277 -42.42 29.30 -22.11
CA LEU D 277 -41.14 28.82 -22.60
C LEU D 277 -40.00 29.74 -22.17
N TRP D 278 -38.83 29.14 -21.99
CA TRP D 278 -37.59 29.87 -21.74
C TRP D 278 -36.95 30.23 -23.08
N ASP D 279 -36.49 31.47 -23.18
CA ASP D 279 -35.98 32.00 -24.43
C ASP D 279 -34.84 32.98 -24.11
N VAL D 280 -34.00 33.26 -25.12
CA VAL D 280 -32.90 34.17 -24.89
C VAL D 280 -33.37 35.62 -24.80
N ASP D 281 -34.52 35.96 -25.40
CA ASP D 281 -35.08 37.30 -25.28
C ASP D 281 -35.99 37.44 -24.06
N VAL D 282 -36.72 36.38 -23.72
CA VAL D 282 -37.61 36.39 -22.56
C VAL D 282 -37.35 35.15 -21.72
N PRO D 283 -36.26 35.13 -20.96
CA PRO D 283 -35.95 33.96 -20.13
C PRO D 283 -36.98 33.84 -19.02
N GLN D 284 -37.68 32.72 -18.99
CA GLN D 284 -38.73 32.51 -18.00
C GLN D 284 -38.52 31.18 -17.31
N LEU D 285 -38.60 31.20 -15.97
CA LEU D 285 -38.27 30.04 -15.16
C LEU D 285 -39.44 29.64 -14.29
N TYR D 286 -39.67 28.35 -14.19
CA TYR D 286 -40.54 27.78 -13.17
C TYR D 286 -39.71 27.47 -11.93
N THR D 287 -40.40 27.38 -10.80
CA THR D 287 -39.78 27.08 -9.52
C THR D 287 -40.45 25.86 -8.92
N CYS D 288 -39.64 24.87 -8.53
CA CYS D 288 -40.12 23.71 -7.80
C CYS D 288 -39.71 23.87 -6.33
N GLU D 289 -40.66 23.69 -5.42
CA GLU D 289 -40.45 23.84 -3.99
C GLU D 289 -40.74 22.52 -3.29
N LEU D 290 -39.78 22.04 -2.50
CA LEU D 290 -39.89 20.75 -1.84
C LEU D 290 -39.79 20.94 -0.33
N THR D 291 -40.66 20.28 0.42
CA THR D 291 -40.63 20.35 1.88
C THR D 291 -40.64 18.95 2.47
N VAL D 292 -39.77 18.72 3.46
CA VAL D 292 -39.73 17.47 4.19
C VAL D 292 -40.10 17.76 5.63
N LYS D 293 -41.18 17.15 6.10
CA LYS D 293 -41.66 17.34 7.45
C LYS D 293 -41.68 16.01 8.19
N THR D 294 -41.29 16.06 9.44
CA THR D 294 -41.50 14.99 10.41
C THR D 294 -42.02 15.67 11.67
N PRO D 295 -42.31 14.93 12.73
CA PRO D 295 -42.67 15.60 13.99
C PRO D 295 -41.61 16.59 14.50
N ASP D 296 -40.36 16.47 14.07
CA ASP D 296 -39.28 17.29 14.60
C ASP D 296 -38.66 18.25 13.59
N GLN D 297 -39.27 18.44 12.43
CA GLN D 297 -38.63 19.31 11.45
C GLN D 297 -39.64 19.73 10.40
N THR D 298 -39.41 20.92 9.86
CA THR D 298 -40.03 21.38 8.62
C THR D 298 -38.92 22.05 7.83
N PHE D 299 -38.58 21.51 6.67
CA PHE D 299 -37.46 21.98 5.88
C PHE D 299 -37.89 22.16 4.43
N THR D 300 -37.65 23.35 3.88
CA THR D 300 -38.10 23.69 2.54
C THR D 300 -36.94 24.22 1.73
N THR D 301 -36.83 23.77 0.49
CA THR D 301 -35.85 24.33 -0.43
C THR D 301 -36.48 24.47 -1.80
N GLU D 302 -35.79 25.21 -2.67
CA GLU D 302 -36.31 25.56 -3.97
C GLU D 302 -35.29 25.24 -5.04
N GLU D 303 -35.79 24.91 -6.23
CA GLU D 303 -34.95 24.66 -7.39
C GLU D 303 -35.71 25.16 -8.62
N ARG D 304 -34.98 25.72 -9.57
CA ARG D 304 -35.60 26.28 -10.78
C ARG D 304 -35.27 25.42 -12.00
N PHE D 305 -36.13 25.54 -13.00
CA PHE D 305 -35.96 24.88 -14.30
C PHE D 305 -36.77 25.70 -15.31
N GLY D 306 -36.58 25.39 -16.59
CA GLY D 306 -37.31 26.06 -17.64
C GLY D 306 -37.68 25.10 -18.75
N PHE D 307 -38.82 25.38 -19.40
CA PHE D 307 -39.25 24.62 -20.58
C PHE D 307 -38.70 25.26 -21.85
N ARG D 308 -38.05 24.46 -22.68
CA ARG D 308 -37.63 24.93 -23.99
C ARG D 308 -37.21 23.74 -24.84
N HIS D 309 -37.29 23.91 -26.16
CA HIS D 309 -36.98 22.87 -27.12
C HIS D 309 -35.77 23.31 -27.94
N THR D 310 -34.81 22.42 -28.11
CA THR D 310 -33.62 22.73 -28.89
C THR D 310 -33.40 21.65 -29.94
N GLU D 311 -32.81 22.06 -31.05
CA GLU D 311 -32.55 21.12 -32.14
C GLU D 311 -31.38 21.61 -32.97
N PHE D 312 -30.42 20.73 -33.20
CA PHE D 312 -29.35 20.93 -34.18
C PHE D 312 -29.73 20.17 -35.45
N LYS D 313 -29.82 20.89 -36.57
CA LYS D 313 -30.18 20.28 -37.82
C LYS D 313 -28.95 19.64 -38.46
N ASP D 314 -29.12 18.43 -38.99
CA ASP D 314 -28.04 17.76 -39.68
C ASP D 314 -27.52 18.64 -40.80
N LYS D 315 -26.25 19.01 -40.73
CA LYS D 315 -25.67 19.89 -41.74
C LYS D 315 -26.45 21.22 -41.84
N GLY D 316 -27.06 21.65 -40.74
CA GLY D 316 -27.88 22.84 -40.74
C GLY D 316 -27.72 23.66 -39.48
N PRO D 317 -28.62 24.63 -39.29
CA PRO D 317 -28.47 25.59 -38.18
C PRO D 317 -29.09 25.09 -36.88
N PHE D 318 -29.25 25.99 -35.92
CA PHE D 318 -29.73 25.68 -34.58
C PHE D 318 -31.10 26.32 -34.37
N PHE D 319 -32.02 25.59 -33.74
CA PHE D 319 -33.39 26.05 -33.53
C PHE D 319 -33.72 26.05 -32.05
N LEU D 320 -34.25 27.17 -31.56
CA LEU D 320 -34.73 27.27 -30.19
C LEU D 320 -36.24 27.43 -30.19
N ASN D 321 -36.95 26.49 -29.57
CA ASN D 321 -38.41 26.54 -29.53
C ASN D 321 -38.99 26.65 -30.93
N GLY D 322 -38.38 25.92 -31.86
CA GLY D 322 -38.88 25.85 -33.22
C GLY D 322 -38.47 26.98 -34.12
N LYS D 323 -37.76 27.98 -33.63
CA LYS D 323 -37.35 29.12 -34.44
C LYS D 323 -35.83 29.10 -34.59
N ARG D 324 -35.36 29.36 -35.81
CA ARG D 324 -33.93 29.41 -36.04
C ARG D 324 -33.30 30.52 -35.21
N LEU D 325 -32.32 30.15 -34.40
CA LEU D 325 -31.58 31.10 -33.59
C LEU D 325 -30.12 30.93 -33.91
N LEU D 326 -29.52 31.98 -34.47
CA LEU D 326 -28.08 32.02 -34.67
C LEU D 326 -27.40 32.38 -33.35
N LEU D 327 -26.50 31.51 -32.88
CA LEU D 327 -25.84 31.71 -31.61
C LEU D 327 -24.83 32.86 -31.68
N ARG D 328 -25.03 33.87 -30.86
CA ARG D 328 -24.17 35.05 -30.81
C ARG D 328 -23.37 34.92 -29.51
N GLY D 329 -22.19 34.28 -29.61
CA GLY D 329 -21.53 33.77 -28.44
C GLY D 329 -20.20 34.38 -28.06
N THR D 330 -19.80 34.13 -26.82
CA THR D 330 -18.46 34.48 -26.35
C THR D 330 -17.97 33.38 -25.41
N HIS D 331 -16.83 33.62 -24.76
CA HIS D 331 -16.32 32.76 -23.69
C HIS D 331 -15.94 33.63 -22.49
N ARG D 332 -15.77 32.98 -21.34
CA ARG D 332 -15.19 33.65 -20.18
C ARG D 332 -14.37 32.68 -19.35
N HIS D 333 -13.34 33.20 -18.73
CA HIS D 333 -12.59 32.51 -17.69
C HIS D 333 -13.00 33.05 -16.33
N GLU D 334 -12.90 32.21 -15.30
CA GLU D 334 -13.08 32.70 -13.94
C GLU D 334 -11.76 33.37 -13.56
N ASP D 335 -11.66 34.66 -13.86
CA ASP D 335 -10.44 35.43 -13.68
C ASP D 335 -10.77 36.92 -13.73
N HIS D 336 -10.09 37.71 -12.91
CA HIS D 336 -10.38 39.14 -12.89
C HIS D 336 -9.21 39.92 -12.31
N ALA D 337 -9.09 41.18 -12.74
CA ALA D 337 -8.03 42.04 -12.25
C ALA D 337 -8.06 42.11 -10.73
N GLY D 338 -6.90 41.89 -10.12
CA GLY D 338 -6.73 42.04 -8.69
C GLY D 338 -7.14 40.86 -7.83
N VAL D 339 -7.94 39.91 -8.33
CA VAL D 339 -8.42 38.82 -7.49
C VAL D 339 -8.21 37.45 -8.13
N ALA D 340 -7.66 37.39 -9.33
CA ALA D 340 -7.49 36.12 -10.04
C ALA D 340 -8.87 35.46 -10.08
N GLN D 341 -9.01 34.18 -9.70
CA GLN D 341 -10.27 33.45 -9.79
C GLN D 341 -11.25 33.83 -8.69
N ALA D 342 -10.80 34.56 -7.66
CA ALA D 342 -11.64 34.84 -6.49
C ALA D 342 -12.59 36.01 -6.77
N MET D 343 -13.44 35.84 -7.78
CA MET D 343 -14.45 36.83 -8.11
C MET D 343 -15.63 36.76 -7.15
N THR D 344 -16.22 37.92 -6.84
CA THR D 344 -17.40 37.96 -5.99
C THR D 344 -18.65 37.87 -6.86
N GLU D 345 -19.79 37.65 -6.19
CA GLU D 345 -21.06 37.61 -6.91
C GLU D 345 -21.31 38.90 -7.67
N ASP D 346 -21.10 40.05 -7.01
CA ASP D 346 -21.34 41.34 -7.67
C ASP D 346 -20.46 41.49 -8.89
N MET D 347 -19.20 41.06 -8.80
CA MET D 347 -18.35 41.07 -9.98
C MET D 347 -18.96 40.21 -11.09
N MET D 348 -19.50 39.02 -10.74
CA MET D 348 -20.07 38.16 -11.77
C MET D 348 -21.32 38.78 -12.39
N ARG D 349 -22.20 39.36 -11.55
CA ARG D 349 -23.40 40.00 -12.08
C ARG D 349 -23.04 41.11 -13.05
N ARG D 350 -22.01 41.88 -12.74
CA ARG D 350 -21.61 42.97 -13.62
C ARG D 350 -21.15 42.44 -14.97
N GLU D 351 -20.29 41.41 -14.96
CA GLU D 351 -19.73 40.87 -16.21
C GLU D 351 -20.79 40.22 -17.07
N MET D 352 -21.67 39.41 -16.48
CA MET D 352 -22.70 38.76 -17.29
C MET D 352 -23.67 39.77 -17.84
N ARG D 353 -23.92 40.78 -17.01
CA ARG D 353 -24.76 41.92 -17.36
C ARG D 353 -24.17 42.65 -18.56
N MET D 354 -22.86 42.89 -18.53
CA MET D 354 -22.15 43.50 -19.65
C MET D 354 -22.24 42.68 -20.93
N MET D 355 -22.18 41.34 -20.81
CA MET D 355 -22.34 40.48 -21.99
C MET D 355 -23.71 40.68 -22.63
N LYS D 356 -24.77 40.62 -21.82
CA LYS D 356 -26.13 40.75 -22.33
C LYS D 356 -26.31 42.11 -23.01
N ASP D 357 -25.75 43.18 -22.42
CA ASP D 357 -25.78 44.49 -23.06
C ASP D 357 -25.00 44.51 -24.36
N MET D 358 -24.11 43.55 -24.56
CA MET D 358 -23.42 43.50 -25.85
C MET D 358 -24.19 42.70 -26.89
N GLY D 359 -25.29 42.08 -26.50
CA GLY D 359 -26.08 41.27 -27.41
C GLY D 359 -25.78 39.79 -27.40
N VAL D 360 -24.96 39.31 -26.46
CA VAL D 360 -24.64 37.89 -26.37
C VAL D 360 -25.88 37.06 -26.09
N ASN D 361 -26.00 35.90 -26.76
CA ASN D 361 -27.01 34.92 -26.40
C ASN D 361 -26.43 33.52 -26.15
N PHE D 362 -25.11 33.38 -26.17
CA PHE D 362 -24.49 32.06 -26.03
C PHE D 362 -23.09 32.23 -25.45
N ILE D 363 -22.69 31.30 -24.58
CA ILE D 363 -21.34 31.35 -23.99
C ILE D 363 -20.84 29.93 -23.79
N ARG D 364 -19.58 29.72 -24.16
CA ARG D 364 -18.82 28.56 -23.73
C ARG D 364 -17.98 28.98 -22.53
N LEU D 365 -18.22 28.32 -21.38
CA LEU D 365 -17.70 28.74 -20.08
C LEU D 365 -16.24 28.32 -19.89
N GLY D 366 -15.40 28.78 -20.81
CA GLY D 366 -14.00 28.42 -20.72
C GLY D 366 -13.86 26.92 -20.84
N HIS D 367 -12.89 26.37 -20.09
CA HIS D 367 -12.54 24.96 -20.18
C HIS D 367 -12.88 24.19 -18.92
N TYR D 368 -13.91 24.61 -18.19
CA TYR D 368 -14.21 23.95 -16.94
C TYR D 368 -15.59 24.37 -16.46
N GLN D 369 -16.15 23.57 -15.55
CA GLN D 369 -17.36 23.95 -14.84
C GLN D 369 -17.13 25.27 -14.13
N GLN D 370 -18.16 26.11 -14.09
CA GLN D 370 -18.02 27.40 -13.42
C GLN D 370 -19.00 27.54 -12.25
N SER D 371 -18.83 28.64 -11.52
CA SER D 371 -19.67 28.93 -10.37
C SER D 371 -21.14 28.80 -10.70
N GLU D 372 -21.89 28.22 -9.77
CA GLU D 372 -23.34 28.14 -9.91
C GLU D 372 -23.95 29.53 -10.10
N ILE D 373 -23.32 30.56 -9.57
CA ILE D 373 -23.77 31.92 -9.79
C ILE D 373 -23.81 32.25 -11.28
N ILE D 374 -22.76 31.87 -12.02
CA ILE D 374 -22.74 32.15 -13.45
C ILE D 374 -23.90 31.47 -14.15
N LEU D 375 -24.14 30.18 -13.82
CA LEU D 375 -25.22 29.44 -14.49
C LEU D 375 -26.58 30.05 -14.17
N ASP D 376 -26.76 30.50 -12.92
CA ASP D 376 -27.99 31.20 -12.58
C ASP D 376 -28.14 32.46 -13.40
N LEU D 377 -27.07 33.23 -13.57
CA LEU D 377 -27.15 34.45 -14.36
C LEU D 377 -27.46 34.16 -15.82
N CYS D 378 -26.94 33.06 -16.36
CA CYS D 378 -27.28 32.69 -17.73
C CYS D 378 -28.75 32.33 -17.87
N ASP D 379 -29.31 31.63 -16.87
CA ASP D 379 -30.74 31.32 -16.87
C ASP D 379 -31.58 32.60 -16.85
N GLU D 380 -31.15 33.60 -16.08
CA GLU D 380 -31.95 34.79 -15.87
C GLU D 380 -31.80 35.80 -16.99
N LEU D 381 -30.62 35.85 -17.61
CA LEU D 381 -30.32 36.79 -18.67
C LEU D 381 -30.64 36.24 -20.04
N GLY D 382 -30.86 34.93 -20.16
CA GLY D 382 -31.17 34.36 -21.46
C GLY D 382 -29.92 34.15 -22.29
N ILE D 383 -29.00 33.32 -21.79
CA ILE D 383 -27.77 33.03 -22.50
C ILE D 383 -27.57 31.52 -22.51
N LEU D 384 -27.62 30.91 -23.69
CA LEU D 384 -27.40 29.48 -23.82
C LEU D 384 -25.95 29.15 -23.47
N VAL D 385 -25.73 27.91 -23.02
CA VAL D 385 -24.48 27.54 -22.34
C VAL D 385 -23.90 26.26 -22.94
N TRP D 386 -22.60 26.31 -23.25
CA TRP D 386 -21.75 25.14 -23.43
C TRP D 386 -20.77 25.10 -22.27
N GLU D 387 -20.76 23.98 -21.54
CA GLU D 387 -19.90 23.80 -20.35
C GLU D 387 -19.19 22.46 -20.46
N GLU D 388 -17.88 22.45 -20.21
CA GLU D 388 -17.03 21.28 -20.44
C GLU D 388 -16.14 20.98 -19.23
N ILE D 389 -15.59 19.77 -19.22
CA ILE D 389 -14.61 19.35 -18.22
C ILE D 389 -13.23 19.82 -18.66
N PRO D 390 -12.32 20.01 -17.73
CA PRO D 390 -11.02 20.58 -18.09
C PRO D 390 -10.04 19.56 -18.65
N TRP D 391 -10.50 18.62 -19.47
CA TRP D 391 -9.62 17.75 -20.25
C TRP D 391 -9.11 18.58 -21.43
N CYS D 392 -8.06 19.36 -21.15
CA CYS D 392 -7.65 20.48 -22.01
C CYS D 392 -6.17 20.34 -22.34
N ARG D 393 -5.86 19.65 -23.44
CA ARG D 393 -4.49 19.46 -23.92
C ARG D 393 -3.73 18.36 -23.18
N GLY D 394 -2.68 17.85 -23.83
CA GLY D 394 -1.65 17.08 -23.18
C GLY D 394 -1.61 15.61 -23.56
N GLY D 395 -2.74 15.05 -23.98
CA GLY D 395 -2.78 13.63 -24.28
C GLY D 395 -3.71 12.91 -23.35
N LEU D 396 -3.22 11.88 -22.65
CA LEU D 396 -4.08 11.08 -21.80
C LEU D 396 -3.22 10.38 -20.75
N GLY D 397 -3.60 10.53 -19.49
CA GLY D 397 -2.89 9.92 -18.39
C GLY D 397 -3.45 8.56 -18.00
N GLY D 398 -3.07 8.12 -16.80
CA GLY D 398 -3.43 6.82 -16.27
C GLY D 398 -4.77 6.79 -15.56
N ASP D 399 -4.89 5.86 -14.62
CA ASP D 399 -6.20 5.55 -14.05
C ASP D 399 -6.73 6.69 -13.17
N VAL D 400 -5.86 7.31 -12.36
CA VAL D 400 -6.29 8.43 -11.54
C VAL D 400 -6.76 9.58 -12.43
N TYR D 401 -6.01 9.86 -13.49
CA TYR D 401 -6.39 10.85 -14.48
C TYR D 401 -7.78 10.56 -15.07
N LYS D 402 -8.00 9.32 -15.50
CA LYS D 402 -9.28 8.97 -16.14
C LYS D 402 -10.43 9.03 -15.14
N LYS D 403 -10.19 8.57 -13.91
CA LYS D 403 -11.23 8.67 -12.90
C LYS D 403 -11.58 10.12 -12.61
N GLN D 404 -10.58 11.02 -12.60
CA GLN D 404 -10.88 12.44 -12.39
C GLN D 404 -11.77 12.98 -13.50
N ALA D 405 -11.42 12.70 -14.76
CA ALA D 405 -12.24 13.20 -15.86
C ALA D 405 -13.67 12.66 -15.76
N ARG D 406 -13.82 11.35 -15.51
CA ARG D 406 -15.16 10.76 -15.39
C ARG D 406 -15.95 11.40 -14.26
N ARG D 407 -15.31 11.60 -13.11
CA ARG D 407 -16.00 12.16 -11.96
C ARG D 407 -16.38 13.61 -12.21
N MET D 408 -15.49 14.39 -12.83
CA MET D 408 -15.80 15.79 -13.09
C MET D 408 -16.88 15.94 -14.15
N LEU D 409 -16.95 15.03 -15.13
CA LEU D 409 -18.05 15.08 -16.09
C LEU D 409 -19.38 14.78 -15.40
N ALA D 410 -19.44 13.71 -14.61
CA ALA D 410 -20.68 13.36 -13.92
C ALA D 410 -21.09 14.44 -12.93
N ASN D 411 -20.13 14.98 -12.16
CA ASN D 411 -20.45 16.06 -11.22
C ASN D 411 -21.04 17.27 -11.95
N MET D 412 -20.45 17.63 -13.10
CA MET D 412 -20.91 18.80 -13.83
C MET D 412 -22.33 18.58 -14.34
N ILE D 413 -22.60 17.42 -14.93
CA ILE D 413 -23.94 17.18 -15.45
C ILE D 413 -24.93 17.12 -14.31
N VAL D 414 -24.63 16.36 -13.26
CA VAL D 414 -25.58 16.20 -12.16
C VAL D 414 -25.79 17.53 -11.41
N GLN D 415 -24.75 18.38 -11.31
CA GLN D 415 -24.89 19.63 -10.57
C GLN D 415 -25.58 20.72 -11.38
N HIS D 416 -25.42 20.73 -12.70
CA HIS D 416 -25.90 21.82 -13.53
C HIS D 416 -27.01 21.42 -14.51
N HIS D 417 -27.57 20.22 -14.43
CA HIS D 417 -28.52 19.84 -15.48
C HIS D 417 -29.90 20.46 -15.31
N ASN D 418 -30.23 20.99 -14.14
CA ASN D 418 -31.51 21.69 -13.99
C ASN D 418 -31.55 23.02 -14.72
N HIS D 419 -30.42 23.53 -15.16
CA HIS D 419 -30.38 24.88 -15.71
C HIS D 419 -30.86 24.84 -17.16
N PRO D 420 -31.97 25.51 -17.49
CA PRO D 420 -32.43 25.49 -18.90
C PRO D 420 -31.45 26.12 -19.86
N ALA D 421 -30.54 26.97 -19.37
CA ALA D 421 -29.57 27.59 -20.26
C ALA D 421 -28.64 26.58 -20.92
N VAL D 422 -28.33 25.47 -20.25
CA VAL D 422 -27.31 24.55 -20.78
C VAL D 422 -27.87 23.76 -21.96
N ILE D 423 -27.16 23.78 -23.08
CA ILE D 423 -27.50 22.94 -24.22
C ILE D 423 -26.38 21.96 -24.59
N ILE D 424 -25.16 22.15 -24.12
CA ILE D 424 -24.04 21.32 -24.57
C ILE D 424 -23.15 20.99 -23.38
N TRP D 425 -22.83 19.71 -23.22
CA TRP D 425 -21.77 19.24 -22.33
C TRP D 425 -20.51 18.97 -23.15
N GLY D 426 -19.46 19.73 -22.90
CA GLY D 426 -18.19 19.53 -23.58
C GLY D 426 -17.33 18.49 -22.86
N LEU D 427 -16.64 17.68 -23.65
CA LEU D 427 -15.80 16.61 -23.13
C LEU D 427 -14.31 16.94 -23.16
N GLY D 428 -13.90 18.03 -23.78
CA GLY D 428 -12.49 18.35 -23.83
C GLY D 428 -12.14 19.32 -24.93
N ASN D 429 -10.93 19.85 -24.84
CA ASN D 429 -10.46 20.91 -25.70
C ASN D 429 -9.04 20.61 -26.18
N GLU D 430 -8.83 20.73 -27.49
CA GLU D 430 -7.51 20.57 -28.08
C GLU D 430 -6.84 19.30 -27.56
N ASN D 431 -7.60 18.21 -27.60
CA ASN D 431 -7.04 16.94 -27.16
C ASN D 431 -6.08 16.33 -28.17
N ASP D 432 -5.84 17.00 -29.30
CA ASP D 432 -4.76 16.62 -30.21
C ASP D 432 -3.44 17.27 -29.86
N TRP D 433 -3.38 18.02 -28.75
CA TRP D 433 -2.17 18.73 -28.35
C TRP D 433 -1.34 17.82 -27.44
N PRO D 434 -0.15 17.37 -27.86
CA PRO D 434 0.59 16.36 -27.09
C PRO D 434 1.60 16.88 -26.08
N ASN D 435 2.25 15.95 -25.37
CA ASN D 435 3.53 16.13 -24.69
C ASN D 435 3.47 16.30 -23.17
N ASP D 436 2.31 16.08 -22.54
CA ASP D 436 2.34 15.88 -21.10
C ASP D 436 2.82 14.47 -20.73
N PHE D 437 3.00 13.61 -21.73
CA PHE D 437 3.51 12.26 -21.53
C PHE D 437 4.46 11.96 -22.67
N ASN D 438 5.32 10.95 -22.46
CA ASN D 438 6.25 10.59 -23.53
C ASN D 438 5.62 9.71 -24.60
N THR D 439 4.33 9.38 -24.47
CA THR D 439 3.58 8.74 -25.55
C THR D 439 2.33 9.55 -25.84
N PHE D 440 1.80 9.33 -27.05
CA PHE D 440 0.57 9.96 -27.51
C PHE D 440 -0.19 8.93 -28.34
N ASP D 441 -1.27 8.39 -27.81
CA ASP D 441 -1.97 7.25 -28.41
C ASP D 441 -3.35 7.73 -28.86
N LYS D 442 -3.49 8.00 -30.18
CA LYS D 442 -4.77 8.50 -30.68
C LYS D 442 -5.89 7.51 -30.41
N SER D 443 -5.60 6.21 -30.51
CA SER D 443 -6.65 5.23 -30.34
C SER D 443 -7.12 5.19 -28.89
N ALA D 444 -6.18 5.34 -27.94
CA ALA D 444 -6.55 5.40 -26.54
C ALA D 444 -7.39 6.64 -26.23
N ILE D 445 -7.05 7.77 -26.86
CA ILE D 445 -7.84 8.99 -26.69
C ILE D 445 -9.24 8.80 -27.26
N ARG D 446 -9.34 8.19 -28.44
CA ARG D 446 -10.67 7.94 -29.01
C ARG D 446 -11.53 7.12 -28.06
N ALA D 447 -10.95 6.07 -27.48
CA ALA D 447 -11.72 5.15 -26.65
C ALA D 447 -12.21 5.81 -25.38
N PHE D 448 -11.33 6.58 -24.70
CA PHE D 448 -11.76 7.30 -23.52
C PHE D 448 -12.75 8.41 -23.88
N MET D 449 -12.51 9.10 -25.00
CA MET D 449 -13.47 10.09 -25.47
C MET D 449 -14.85 9.46 -25.67
N LYS D 450 -14.91 8.29 -26.33
CA LYS D 450 -16.19 7.65 -26.56
C LYS D 450 -16.84 7.19 -25.25
N GLU D 451 -16.02 6.73 -24.30
CA GLU D 451 -16.53 6.35 -23.00
C GLU D 451 -17.19 7.53 -22.27
N LEU D 452 -16.55 8.70 -22.32
CA LEU D 452 -17.12 9.90 -21.72
C LEU D 452 -18.40 10.32 -22.43
N HIS D 453 -18.38 10.33 -23.76
CA HIS D 453 -19.59 10.62 -24.52
C HIS D 453 -20.73 9.70 -24.12
N ASP D 454 -20.45 8.38 -24.07
CA ASP D 454 -21.49 7.42 -23.70
C ASP D 454 -22.01 7.68 -22.29
N MET D 455 -21.10 8.05 -21.37
CA MET D 455 -21.50 8.36 -20.00
C MET D 455 -22.36 9.61 -19.97
N ALA D 456 -21.97 10.63 -20.73
CA ALA D 456 -22.76 11.86 -20.76
C ALA D 456 -24.19 11.56 -21.18
N HIS D 457 -24.38 10.71 -22.20
CA HIS D 457 -25.73 10.40 -22.66
C HIS D 457 -26.49 9.53 -21.67
N ARG D 458 -25.80 8.67 -20.91
CA ARG D 458 -26.48 7.93 -19.86
C ARG D 458 -26.97 8.85 -18.76
N LEU D 459 -26.17 9.84 -18.37
CA LEU D 459 -26.59 10.72 -17.30
C LEU D 459 -27.64 11.72 -17.78
N ASP D 460 -27.51 12.20 -19.02
CA ASP D 460 -28.41 13.25 -19.51
C ASP D 460 -28.52 13.09 -21.03
N ASP D 461 -29.58 12.43 -21.46
CA ASP D 461 -29.85 12.20 -22.89
C ASP D 461 -30.49 13.40 -23.58
N THR D 462 -30.85 14.44 -22.86
CA THR D 462 -31.55 15.58 -23.46
C THR D 462 -30.61 16.64 -23.99
N ARG D 463 -29.29 16.49 -23.83
CA ARG D 463 -28.36 17.51 -24.29
C ARG D 463 -27.29 16.88 -25.18
N MET D 464 -26.63 17.74 -25.95
CA MET D 464 -25.58 17.32 -26.88
C MET D 464 -24.22 17.34 -26.19
N THR D 465 -23.36 16.41 -26.60
CA THR D 465 -21.96 16.46 -26.25
C THR D 465 -21.16 17.15 -27.36
N ALA D 466 -20.00 17.69 -26.99
CA ALA D 466 -19.15 18.37 -27.97
C ALA D 466 -17.71 18.31 -27.52
N ILE D 467 -16.80 18.55 -28.47
CA ILE D 467 -15.42 18.88 -28.18
C ILE D 467 -14.98 19.93 -29.19
N ARG D 468 -13.84 20.55 -28.90
CA ARG D 468 -13.21 21.51 -29.79
C ARG D 468 -11.82 21.03 -30.19
N ARG D 469 -11.58 20.96 -31.50
CA ARG D 469 -10.27 20.75 -32.11
C ARG D 469 -9.63 19.44 -31.65
N CYS D 470 -10.23 18.35 -32.13
CA CYS D 470 -9.52 17.07 -32.14
C CYS D 470 -10.07 16.32 -33.35
N GLU D 471 -9.46 16.55 -34.50
CA GLU D 471 -10.05 16.05 -35.73
C GLU D 471 -10.18 14.53 -35.69
N PHE D 472 -9.18 13.84 -35.12
CA PHE D 472 -9.28 12.38 -35.12
C PHE D 472 -10.34 11.85 -34.16
N CYS D 473 -11.09 12.72 -33.48
CA CYS D 473 -12.25 12.36 -32.67
C CYS D 473 -13.55 13.00 -33.16
N ASN D 474 -13.55 13.64 -34.33
CA ASN D 474 -14.74 14.41 -34.71
C ASN D 474 -15.92 13.53 -35.08
N ASP D 475 -15.76 12.21 -35.05
CA ASP D 475 -16.90 11.33 -35.28
C ASP D 475 -17.56 10.89 -33.98
N ILE D 476 -17.03 11.25 -32.83
CA ILE D 476 -17.51 10.67 -31.57
C ILE D 476 -18.62 11.50 -30.93
N VAL D 477 -18.55 12.82 -31.02
CA VAL D 477 -19.46 13.69 -30.27
C VAL D 477 -20.62 14.13 -31.14
N ASP D 478 -21.68 14.60 -30.48
CA ASP D 478 -22.85 15.12 -31.17
C ASP D 478 -22.53 16.39 -31.95
N VAL D 479 -21.77 17.31 -31.34
CA VAL D 479 -21.48 18.63 -31.91
C VAL D 479 -19.98 18.81 -31.98
N TYR D 480 -19.48 19.33 -33.10
CA TYR D 480 -18.03 19.45 -33.25
C TYR D 480 -17.63 20.86 -33.64
N SER D 481 -16.51 21.34 -33.08
CA SER D 481 -15.90 22.60 -33.47
C SER D 481 -14.45 22.37 -33.89
N PRO D 482 -14.07 22.74 -35.11
CA PRO D 482 -12.64 22.78 -35.46
C PRO D 482 -12.01 24.04 -34.91
N SER D 483 -10.77 24.31 -35.29
CA SER D 483 -10.11 25.58 -35.02
C SER D 483 -10.15 26.44 -36.27
N ILE D 484 -10.87 27.56 -36.21
CA ILE D 484 -10.95 28.53 -37.30
C ILE D 484 -10.64 29.90 -36.70
N TRP D 485 -9.41 30.37 -36.93
CA TRP D 485 -8.95 31.67 -36.48
C TRP D 485 -8.56 32.50 -37.70
N ALA D 486 -9.54 32.76 -38.57
CA ALA D 486 -9.27 33.49 -39.80
C ALA D 486 -8.77 34.90 -39.51
N GLY D 487 -7.64 35.25 -40.12
CA GLY D 487 -7.04 36.55 -39.92
C GLY D 487 -6.18 36.69 -38.69
N TRP D 488 -6.09 35.65 -37.86
CA TRP D 488 -5.18 35.68 -36.72
C TRP D 488 -4.19 34.53 -36.80
N TYR D 489 -4.63 33.29 -36.60
CA TYR D 489 -3.70 32.17 -36.70
C TYR D 489 -3.60 31.57 -38.09
N ARG D 490 -4.51 31.89 -39.01
CA ARG D 490 -4.51 31.29 -40.33
C ARG D 490 -5.01 32.30 -41.36
N GLY D 491 -4.26 32.45 -42.45
CA GLY D 491 -4.73 33.21 -43.60
C GLY D 491 -5.20 34.63 -43.27
N VAL D 492 -6.25 35.05 -43.98
CA VAL D 492 -6.83 36.39 -43.84
C VAL D 492 -8.28 36.21 -43.42
N PHE D 493 -8.81 37.22 -42.70
CA PHE D 493 -10.17 37.02 -42.20
C PHE D 493 -11.20 37.04 -43.30
N THR D 494 -10.86 37.45 -44.52
CA THR D 494 -11.83 37.33 -45.60
C THR D 494 -12.06 35.88 -46.02
N ASP D 495 -11.20 34.95 -45.56
CA ASP D 495 -11.41 33.53 -45.75
C ASP D 495 -12.42 32.94 -44.78
N TYR D 496 -12.93 33.73 -43.84
CA TYR D 496 -13.76 33.18 -42.76
C TYR D 496 -14.91 32.33 -43.31
N LYS D 497 -15.73 32.90 -44.18
CA LYS D 497 -16.91 32.17 -44.64
C LYS D 497 -16.52 30.92 -45.42
N SER D 498 -15.54 31.05 -46.31
CA SER D 498 -15.09 29.92 -47.10
C SER D 498 -14.66 28.76 -46.20
N ILE D 499 -13.82 29.06 -45.21
CA ILE D 499 -13.34 28.02 -44.29
C ILE D 499 -14.50 27.42 -43.52
N SER D 500 -15.45 28.24 -43.08
CA SER D 500 -16.57 27.72 -42.32
C SER D 500 -17.38 26.74 -43.16
N GLU D 501 -17.66 27.09 -44.42
CA GLU D 501 -18.47 26.23 -45.27
C GLU D 501 -17.79 24.88 -45.48
N GLN D 502 -16.47 24.89 -45.68
CA GLN D 502 -15.73 23.65 -45.82
C GLN D 502 -15.78 22.84 -44.53
N GLU D 503 -15.55 23.50 -43.38
CA GLU D 503 -15.48 22.77 -42.12
C GLU D 503 -16.82 22.17 -41.75
N MET D 504 -17.91 22.91 -42.01
CA MET D 504 -19.23 22.44 -41.61
C MET D 504 -19.66 21.17 -42.32
N GLN D 505 -19.09 20.88 -43.49
CA GLN D 505 -19.44 19.67 -44.22
C GLN D 505 -18.85 18.40 -43.65
N LYS D 506 -17.87 18.50 -42.75
CA LYS D 506 -17.20 17.31 -42.25
C LYS D 506 -17.93 16.65 -41.09
N VAL D 507 -18.97 17.28 -40.55
CA VAL D 507 -19.64 16.76 -39.36
C VAL D 507 -21.13 17.02 -39.48
N LYS D 508 -21.89 16.22 -38.72
CA LYS D 508 -23.34 16.32 -38.74
C LYS D 508 -23.82 17.63 -38.13
N HIS D 509 -23.21 18.06 -37.02
CA HIS D 509 -23.58 19.29 -36.35
C HIS D 509 -22.34 20.13 -36.09
N PHE D 510 -22.18 21.18 -36.87
CA PHE D 510 -21.04 22.10 -36.79
C PHE D 510 -21.41 23.31 -35.94
N LEU D 511 -20.52 23.66 -35.01
CA LEU D 511 -20.65 24.86 -34.17
C LEU D 511 -19.27 25.41 -33.90
N HIS D 512 -19.03 26.68 -34.23
CA HIS D 512 -17.70 27.24 -34.27
C HIS D 512 -17.41 28.01 -32.97
N VAL D 513 -16.57 27.43 -32.11
CA VAL D 513 -16.17 28.08 -30.87
C VAL D 513 -14.72 28.48 -30.98
N GLU D 514 -14.44 29.76 -30.71
CA GLU D 514 -13.12 30.38 -30.67
C GLU D 514 -12.71 31.01 -31.98
N TRP D 515 -12.62 32.34 -31.99
CA TRP D 515 -12.04 33.13 -33.07
C TRP D 515 -11.77 34.53 -32.52
N GLY D 516 -10.99 35.31 -33.27
CA GLY D 516 -10.69 36.68 -32.87
C GLY D 516 -9.23 37.08 -33.07
N GLY D 517 -8.74 37.93 -32.17
CA GLY D 517 -7.37 38.40 -32.26
C GLY D 517 -7.02 39.24 -31.07
N ASP D 518 -5.73 39.32 -30.79
CA ASP D 518 -5.22 40.12 -29.67
C ASP D 518 -5.26 41.59 -30.03
N SER D 519 -5.59 42.42 -29.04
CA SER D 519 -5.37 43.85 -29.15
C SER D 519 -4.92 44.38 -27.81
N HIS D 520 -3.75 45.01 -27.80
CA HIS D 520 -3.22 45.75 -26.65
C HIS D 520 -4.08 46.99 -26.49
N ALA D 521 -5.00 46.96 -25.52
CA ALA D 521 -5.97 48.03 -25.33
C ALA D 521 -5.28 49.39 -25.25
N ARG D 522 -5.81 50.36 -26.00
CA ARG D 522 -5.29 51.73 -26.10
C ARG D 522 -4.18 51.84 -27.15
N ARG D 523 -3.87 50.77 -27.87
CA ARG D 523 -2.92 50.85 -28.97
C ARG D 523 -3.70 50.91 -30.29
N HIS D 524 -3.42 51.94 -31.10
CA HIS D 524 -4.10 52.15 -32.36
C HIS D 524 -3.08 52.29 -33.46
N SER D 525 -3.55 52.12 -34.70
CA SER D 525 -2.67 51.99 -35.86
C SER D 525 -3.28 52.73 -37.04
N GLU D 526 -2.58 53.76 -37.53
CA GLU D 526 -3.01 54.44 -38.75
C GLU D 526 -2.97 53.49 -39.95
N ASP D 527 -1.94 52.63 -40.02
CA ASP D 527 -1.81 51.72 -41.16
C ASP D 527 -2.93 50.70 -41.22
N ALA D 528 -3.68 50.53 -40.14
CA ALA D 528 -4.82 49.63 -40.20
C ALA D 528 -6.02 50.27 -40.88
N PHE D 529 -5.95 51.56 -41.20
CA PHE D 529 -7.08 52.25 -41.81
C PHE D 529 -6.83 52.53 -43.28
N TYR D 530 -7.93 52.72 -44.01
CA TYR D 530 -7.87 53.12 -45.41
C TYR D 530 -7.85 54.64 -45.47
N ASN D 531 -6.64 55.21 -45.36
CA ASN D 531 -6.43 56.65 -45.37
C ASN D 531 -6.02 57.14 -46.76
N LEU D 532 -6.58 58.28 -47.17
CA LEU D 532 -6.34 58.86 -48.49
C LEU D 532 -5.32 59.98 -48.38
N LYS D 533 -4.15 59.79 -49.00
CA LYS D 533 -3.07 60.79 -49.00
C LYS D 533 -3.58 62.18 -49.37
N PRO D 555 -5.85 48.20 -46.61
CA PRO D 555 -5.22 47.54 -45.46
C PRO D 555 -5.31 46.01 -45.56
N ARG D 556 -4.25 45.31 -45.16
CA ARG D 556 -4.24 43.86 -45.23
C ARG D 556 -5.28 43.28 -44.27
N ALA D 557 -5.80 42.11 -44.62
CA ALA D 557 -6.76 41.41 -43.78
C ALA D 557 -6.11 40.24 -43.04
N SER D 558 -4.81 40.34 -42.80
CA SER D 558 -4.08 39.32 -42.06
C SER D 558 -3.56 39.93 -40.77
N ARG D 559 -3.19 39.05 -39.84
CA ARG D 559 -2.85 39.43 -38.46
C ARG D 559 -1.98 40.67 -38.42
N ASP D 560 -2.44 41.67 -37.68
CA ASP D 560 -1.63 42.86 -37.41
C ASP D 560 -0.54 42.51 -36.41
N GLY D 561 0.70 42.44 -36.90
CA GLY D 561 1.83 42.17 -36.03
C GLY D 561 1.99 43.14 -34.89
N ASP D 562 1.27 44.26 -34.92
CA ASP D 562 1.30 45.27 -33.87
C ASP D 562 0.20 45.10 -32.84
N TRP D 563 -0.75 44.19 -33.07
CA TRP D 563 -1.78 43.90 -32.08
C TRP D 563 -2.59 45.15 -31.73
N SER D 564 -2.96 45.93 -32.74
CA SER D 564 -3.73 47.14 -32.50
C SER D 564 -5.20 46.82 -32.32
N GLU D 565 -5.88 47.65 -31.52
CA GLU D 565 -7.34 47.56 -31.51
C GLU D 565 -7.90 47.80 -32.89
N SER D 566 -7.22 48.60 -33.71
CA SER D 566 -7.74 48.98 -35.01
C SER D 566 -7.89 47.76 -35.91
N TYR D 567 -6.94 46.83 -35.86
CA TYR D 567 -7.05 45.65 -36.70
C TYR D 567 -8.16 44.72 -36.23
N VAL D 568 -8.24 44.48 -34.92
CA VAL D 568 -9.25 43.55 -34.41
C VAL D 568 -10.65 44.06 -34.69
N VAL D 569 -10.85 45.38 -34.60
CA VAL D 569 -12.17 45.96 -34.85
C VAL D 569 -12.63 45.61 -36.26
N ARG D 570 -11.73 45.67 -37.24
CA ARG D 570 -12.09 45.31 -38.60
C ARG D 570 -12.32 43.82 -38.74
N LEU D 571 -11.53 43.01 -38.03
CA LEU D 571 -11.68 41.55 -38.11
C LEU D 571 -13.04 41.14 -37.59
N ILE D 572 -13.43 41.66 -36.43
CA ILE D 572 -14.74 41.35 -35.89
C ILE D 572 -15.83 41.83 -36.84
N ASP D 573 -15.69 43.06 -37.35
CA ASP D 573 -16.61 43.64 -38.32
C ASP D 573 -16.89 42.69 -39.48
N TRP D 574 -15.83 42.18 -40.11
CA TRP D 574 -15.99 41.26 -41.24
C TRP D 574 -16.74 39.99 -40.83
N HIS D 575 -16.39 39.41 -39.68
CA HIS D 575 -17.05 38.17 -39.24
C HIS D 575 -18.55 38.36 -39.11
N LEU D 576 -18.96 39.43 -38.44
CA LEU D 576 -20.38 39.63 -38.18
C LEU D 576 -21.13 39.93 -39.47
N LYS D 577 -20.49 40.68 -40.40
CA LYS D 577 -21.17 40.92 -41.68
C LYS D 577 -21.36 39.62 -42.43
N GLU D 578 -20.35 38.75 -42.42
CA GLU D 578 -20.45 37.47 -43.12
C GLU D 578 -21.53 36.57 -42.53
N GLN D 579 -21.68 36.60 -41.21
CA GLN D 579 -22.63 35.68 -40.59
C GLN D 579 -24.06 36.01 -40.99
N GLU D 580 -24.35 37.25 -41.38
CA GLU D 580 -25.69 37.57 -41.83
C GLU D 580 -26.04 36.87 -43.15
N THR D 581 -25.03 36.35 -43.85
CA THR D 581 -25.25 35.64 -45.11
C THR D 581 -25.00 34.14 -44.99
N MET D 582 -25.08 33.58 -43.78
CA MET D 582 -24.82 32.17 -43.53
C MET D 582 -26.01 31.53 -42.84
N PRO D 583 -27.10 31.30 -43.59
CA PRO D 583 -28.33 30.79 -42.95
C PRO D 583 -28.23 29.37 -42.43
N TRP D 584 -27.24 28.60 -42.87
CA TRP D 584 -27.05 27.26 -42.34
C TRP D 584 -26.34 27.23 -40.99
N LEU D 585 -25.83 28.36 -40.51
CA LEU D 585 -24.89 28.37 -39.40
C LEU D 585 -25.62 28.28 -38.05
N THR D 586 -25.21 27.30 -37.25
CA THR D 586 -25.66 27.22 -35.86
C THR D 586 -25.29 28.50 -35.10
N GLY D 587 -24.03 28.92 -35.22
CA GLY D 587 -23.55 30.09 -34.53
C GLY D 587 -22.06 29.98 -34.28
N THR D 588 -21.52 30.96 -33.55
CA THR D 588 -20.10 30.99 -33.22
C THR D 588 -19.90 31.62 -31.85
N ALA D 589 -18.69 31.46 -31.31
CA ALA D 589 -18.33 32.07 -30.03
C ALA D 589 -16.97 32.73 -30.18
N TYR D 590 -16.95 34.06 -30.05
CA TYR D 590 -15.68 34.77 -29.99
C TYR D 590 -14.91 34.33 -28.73
N TRP D 591 -13.58 34.34 -28.84
CA TRP D 591 -12.73 33.98 -27.70
C TRP D 591 -11.79 35.13 -27.35
N PRO D 592 -11.88 35.71 -26.15
CA PRO D 592 -12.92 35.62 -25.13
C PRO D 592 -13.66 36.95 -24.96
N PHE D 593 -14.61 36.98 -24.02
CA PHE D 593 -15.24 38.24 -23.67
C PHE D 593 -14.25 39.20 -23.01
N LYS D 594 -13.44 38.71 -22.07
CA LYS D 594 -12.61 39.56 -21.24
C LYS D 594 -11.17 39.07 -21.22
N ASP D 595 -10.23 40.02 -21.34
CA ASP D 595 -8.82 39.70 -21.12
C ASP D 595 -8.67 38.87 -19.85
N PHE D 596 -7.80 37.86 -19.90
CA PHE D 596 -7.60 37.00 -18.74
C PHE D 596 -6.13 36.60 -18.70
N SER D 597 -5.69 36.19 -17.51
CA SER D 597 -4.28 35.86 -17.32
C SER D 597 -3.98 34.45 -17.81
N THR D 598 -2.77 34.27 -18.36
CA THR D 598 -2.32 32.96 -18.82
C THR D 598 -0.83 32.85 -18.54
N PRO D 599 -0.38 31.69 -18.05
CA PRO D 599 1.03 31.53 -17.64
C PRO D 599 1.99 31.33 -18.78
N VAL D 600 1.51 31.11 -20.00
CA VAL D 600 2.37 30.67 -21.09
C VAL D 600 2.75 31.82 -22.03
N ARG D 601 2.37 33.06 -21.69
CA ARG D 601 2.67 34.23 -22.52
C ARG D 601 3.36 35.31 -21.71
N PRO D 602 4.56 35.03 -21.19
CA PRO D 602 5.27 36.04 -20.40
C PRO D 602 5.62 37.31 -21.18
N ASP D 603 5.64 37.26 -22.51
CA ASP D 603 6.14 38.39 -23.30
C ASP D 603 5.02 39.18 -23.98
N ASN D 604 3.78 38.99 -23.59
CA ASN D 604 2.72 39.75 -24.21
C ASN D 604 2.86 41.23 -23.87
N PRO D 605 2.28 42.11 -24.69
CA PRO D 605 2.32 43.55 -24.38
C PRO D 605 1.95 43.83 -22.93
N VAL D 606 0.89 43.18 -22.42
CA VAL D 606 0.68 43.03 -20.99
C VAL D 606 1.18 41.64 -20.61
N PRO D 607 2.29 41.51 -19.88
CA PRO D 607 2.83 40.18 -19.56
C PRO D 607 1.78 39.28 -18.92
N TYR D 608 1.74 38.02 -19.36
CA TYR D 608 0.93 36.97 -18.75
C TYR D 608 -0.57 37.21 -18.88
N VAL D 609 -1.01 37.95 -19.92
CA VAL D 609 -2.43 38.17 -20.15
C VAL D 609 -2.76 37.83 -21.59
N ASN D 610 -3.81 37.03 -21.79
CA ASN D 610 -4.37 36.82 -23.11
C ASN D 610 -5.24 38.02 -23.46
N GLN D 611 -4.82 38.79 -24.46
CA GLN D 611 -5.40 40.09 -24.75
C GLN D 611 -6.36 40.07 -25.93
N LYS D 612 -7.00 38.93 -26.19
CA LYS D 612 -7.99 38.80 -27.25
C LYS D 612 -9.38 39.28 -26.84
N GLY D 613 -9.57 39.67 -25.57
CA GLY D 613 -10.89 40.09 -25.13
C GLY D 613 -11.34 41.37 -25.82
N VAL D 614 -12.67 41.55 -25.84
CA VAL D 614 -13.24 42.84 -26.22
C VAL D 614 -13.48 43.70 -25.00
N VAL D 615 -13.15 43.21 -23.82
CA VAL D 615 -13.25 43.92 -22.55
C VAL D 615 -11.97 43.66 -21.79
N GLU D 616 -11.43 44.70 -21.15
CA GLU D 616 -10.19 44.56 -20.41
C GLU D 616 -10.41 43.80 -19.10
N ARG D 617 -9.31 43.30 -18.53
CA ARG D 617 -9.39 42.46 -17.33
C ARG D 617 -10.05 43.17 -16.15
N ASP D 618 -10.26 44.49 -16.21
CA ASP D 618 -10.91 45.22 -15.12
C ASP D 618 -12.33 45.66 -15.45
N PHE D 619 -12.90 45.19 -16.55
CA PHE D 619 -14.27 45.47 -17.06
C PHE D 619 -14.30 46.68 -18.02
N THR D 620 -13.19 47.39 -18.23
CA THR D 620 -13.17 48.50 -19.17
C THR D 620 -13.41 48.00 -20.60
N PRO D 621 -14.41 48.49 -21.29
CA PRO D 621 -14.66 48.06 -22.67
C PRO D 621 -13.53 48.49 -23.58
N LYS D 622 -13.20 47.64 -24.55
CA LYS D 622 -12.33 48.03 -25.65
C LYS D 622 -13.16 48.57 -26.82
N GLU D 623 -12.48 49.10 -27.83
CA GLU D 623 -13.21 49.54 -29.02
C GLU D 623 -14.03 48.41 -29.61
N SER D 624 -13.50 47.19 -29.53
CA SER D 624 -14.14 46.03 -30.16
C SER D 624 -15.46 45.66 -29.49
N TYR D 625 -15.67 46.02 -28.23
CA TYR D 625 -16.96 45.74 -27.60
C TYR D 625 -18.09 46.35 -28.41
N TYR D 626 -17.90 47.59 -28.88
CA TYR D 626 -18.98 48.31 -29.55
C TYR D 626 -19.29 47.77 -30.94
N VAL D 627 -18.32 47.10 -31.58
CA VAL D 627 -18.63 46.44 -32.84
C VAL D 627 -19.73 45.40 -32.64
N PHE D 628 -19.52 44.48 -31.68
CA PHE D 628 -20.55 43.47 -31.38
C PHE D 628 -21.88 44.11 -31.05
N GLN D 629 -21.87 45.16 -30.23
CA GLN D 629 -23.11 45.77 -29.78
C GLN D 629 -23.87 46.40 -30.94
N SER D 630 -23.16 47.00 -31.89
CA SER D 630 -23.80 47.63 -33.04
C SER D 630 -24.43 46.60 -33.97
N TYR D 631 -23.96 45.36 -33.94
CA TYR D 631 -24.51 44.30 -34.79
C TYR D 631 -25.58 43.46 -34.12
N TRP D 632 -25.57 43.35 -32.78
CA TRP D 632 -26.33 42.31 -32.07
C TRP D 632 -27.42 42.85 -31.17
N THR D 633 -27.56 44.17 -31.05
CA THR D 633 -28.57 44.76 -30.17
C THR D 633 -29.45 45.72 -30.96
N GLU D 634 -30.57 46.08 -30.34
CA GLU D 634 -31.51 47.02 -30.94
C GLU D 634 -31.62 48.34 -30.20
N LYS D 635 -31.35 48.38 -28.88
CA LYS D 635 -31.31 49.64 -28.18
C LYS D 635 -30.39 50.61 -28.91
N PRO D 636 -30.86 51.78 -29.31
CA PRO D 636 -30.02 52.67 -30.13
C PRO D 636 -28.73 53.06 -29.43
N MET D 637 -27.63 52.90 -30.16
CA MET D 637 -26.32 53.32 -29.69
C MET D 637 -25.50 53.77 -30.89
N ILE D 638 -24.41 54.46 -30.60
CA ILE D 638 -23.52 55.02 -31.61
C ILE D 638 -22.16 55.21 -30.95
N HIS D 639 -21.10 54.79 -31.62
CA HIS D 639 -19.75 54.81 -31.06
C HIS D 639 -18.76 55.16 -32.16
N ILE D 640 -18.07 56.29 -32.04
CA ILE D 640 -16.96 56.62 -32.93
C ILE D 640 -15.73 55.83 -32.52
N TYR D 641 -15.09 55.17 -33.47
CA TYR D 641 -13.83 54.52 -33.14
C TYR D 641 -12.81 55.57 -32.74
N GLY D 642 -12.08 55.28 -31.67
CA GLY D 642 -10.97 56.11 -31.24
C GLY D 642 -11.10 56.80 -29.89
N HIS D 643 -12.01 56.37 -29.02
CA HIS D 643 -12.17 57.00 -27.71
C HIS D 643 -10.91 56.95 -26.87
N THR D 644 -10.07 55.93 -27.04
CA THR D 644 -8.79 55.87 -26.35
C THR D 644 -7.62 56.16 -27.30
N TRP D 645 -7.90 56.88 -28.40
CA TRP D 645 -6.89 57.25 -29.39
C TRP D 645 -6.63 58.75 -29.30
N PRO D 646 -5.66 59.21 -28.49
CA PRO D 646 -5.50 60.66 -28.27
C PRO D 646 -4.84 61.39 -29.44
N VAL D 647 -3.95 60.72 -30.17
CA VAL D 647 -3.13 61.38 -31.18
C VAL D 647 -3.14 60.54 -32.46
N ARG D 648 -3.82 61.03 -33.49
CA ARG D 648 -3.66 60.49 -34.85
C ARG D 648 -2.49 61.19 -35.55
N TRP D 649 -2.14 60.68 -36.72
CA TRP D 649 -0.98 61.20 -37.44
C TRP D 649 -1.12 60.92 -38.93
N GLY D 650 -0.28 61.60 -39.71
CA GLY D 650 -0.35 61.54 -41.16
C GLY D 650 0.17 62.83 -41.78
N GLY D 651 -0.20 63.03 -43.05
CA GLY D 651 0.16 64.24 -43.77
C GLY D 651 -0.73 65.43 -43.44
N LYS D 652 -0.23 66.63 -43.78
CA LYS D 652 -0.93 67.86 -43.42
C LYS D 652 -2.37 67.87 -43.92
N ASP D 653 -2.64 67.27 -45.08
CA ASP D 653 -3.99 67.27 -45.63
C ASP D 653 -4.46 65.87 -46.04
N ASP D 654 -3.82 64.81 -45.54
CA ASP D 654 -4.27 63.45 -45.81
C ASP D 654 -5.74 63.31 -45.46
N ARG D 655 -6.43 62.41 -46.18
CA ARG D 655 -7.84 62.12 -45.93
C ARG D 655 -7.95 60.89 -45.02
N LYS D 656 -8.10 61.15 -43.72
CA LYS D 656 -8.05 60.10 -42.71
C LYS D 656 -9.41 59.40 -42.56
N GLU D 657 -9.37 58.07 -42.45
CA GLU D 657 -10.58 57.28 -42.29
C GLU D 657 -11.13 57.37 -40.86
N ILE D 658 -12.44 57.56 -40.74
CA ILE D 658 -13.14 57.56 -39.47
C ILE D 658 -14.26 56.53 -39.55
N LEU D 659 -14.30 55.59 -38.61
CA LEU D 659 -15.34 54.57 -38.57
C LEU D 659 -16.27 54.86 -37.41
N VAL D 660 -17.57 54.65 -37.62
CA VAL D 660 -18.56 54.74 -36.56
C VAL D 660 -19.32 53.42 -36.51
N TYR D 661 -19.39 52.83 -35.32
CA TYR D 661 -20.12 51.60 -35.12
C TYR D 661 -21.43 51.92 -34.40
N SER D 662 -22.54 51.66 -35.07
CA SER D 662 -23.85 52.08 -34.59
C SER D 662 -24.88 51.17 -35.24
N ASN D 663 -25.98 50.96 -34.54
CA ASN D 663 -27.15 50.27 -35.09
C ASN D 663 -28.24 51.24 -35.55
N CYS D 664 -27.93 52.53 -35.66
CA CYS D 664 -28.90 53.51 -36.17
C CYS D 664 -29.12 53.33 -37.67
N ASP D 665 -30.29 53.75 -38.14
CA ASP D 665 -30.56 53.65 -39.57
C ASP D 665 -29.65 54.56 -40.38
N GLU D 666 -29.34 55.76 -39.85
CA GLU D 666 -28.46 56.68 -40.55
C GLU D 666 -27.70 57.53 -39.53
N VAL D 667 -26.49 57.95 -39.94
CA VAL D 667 -25.58 58.69 -39.07
C VAL D 667 -24.92 59.79 -39.89
N GLU D 668 -24.80 60.97 -39.28
CA GLU D 668 -24.07 62.10 -39.82
C GLU D 668 -22.86 62.39 -38.97
N LEU D 669 -21.71 62.59 -39.62
CA LEU D 669 -20.47 62.89 -38.94
C LEU D 669 -20.15 64.38 -39.06
N PHE D 670 -19.66 64.96 -37.96
CA PHE D 670 -19.22 66.35 -37.90
C PHE D 670 -17.75 66.38 -37.48
N VAL D 671 -16.93 67.07 -38.25
CA VAL D 671 -15.53 67.26 -37.94
C VAL D 671 -15.33 68.74 -37.66
N ASN D 672 -15.19 69.08 -36.39
CA ASN D 672 -15.00 70.48 -36.00
C ASN D 672 -16.21 71.32 -36.42
N GLY D 673 -17.40 70.76 -36.27
CA GLY D 673 -18.62 71.47 -36.59
C GLY D 673 -19.02 71.43 -38.05
N VAL D 674 -18.14 70.99 -38.94
CA VAL D 674 -18.43 70.92 -40.37
C VAL D 674 -18.99 69.54 -40.68
N SER D 675 -20.25 69.48 -41.13
CA SER D 675 -20.84 68.21 -41.51
C SER D 675 -20.02 67.55 -42.63
N GLN D 676 -19.80 66.24 -42.51
CA GLN D 676 -19.08 65.47 -43.51
C GLN D 676 -20.01 64.58 -44.33
N GLY D 677 -21.30 64.71 -44.13
CA GLY D 677 -22.26 63.95 -44.90
C GLY D 677 -22.98 62.91 -44.05
N VAL D 678 -24.25 62.68 -44.39
CA VAL D 678 -25.06 61.62 -43.79
C VAL D 678 -24.82 60.32 -44.55
N LYS D 679 -24.80 59.20 -43.83
CA LYS D 679 -24.69 57.90 -44.47
C LYS D 679 -25.67 56.93 -43.82
N ARG D 680 -26.17 56.01 -44.65
CA ARG D 680 -27.17 55.03 -44.23
C ARG D 680 -26.50 53.72 -43.86
N ARG D 681 -26.97 53.09 -42.78
CA ARG D 681 -26.34 51.86 -42.34
C ARG D 681 -26.71 50.69 -43.26
N ASN D 682 -25.73 49.85 -43.54
CA ASN D 682 -25.94 48.67 -44.36
C ASN D 682 -24.82 47.68 -44.04
N SER D 683 -25.15 46.62 -43.29
CA SER D 683 -24.14 45.68 -42.80
C SER D 683 -23.19 45.22 -43.90
N GLN D 684 -23.72 44.95 -45.10
CA GLN D 684 -22.88 44.44 -46.17
C GLN D 684 -21.98 45.50 -46.77
N ASP D 685 -22.15 46.78 -46.41
CA ASP D 685 -21.30 47.85 -46.92
C ASP D 685 -20.11 48.00 -45.98
N TYR D 686 -19.18 47.07 -46.11
CA TYR D 686 -18.05 46.93 -45.21
C TYR D 686 -16.92 47.90 -45.58
N PRO D 687 -16.23 48.48 -44.59
CA PRO D 687 -16.45 48.23 -43.17
C PRO D 687 -17.42 49.20 -42.52
N ALA D 688 -17.65 49.01 -41.23
CA ALA D 688 -18.50 49.91 -40.43
C ALA D 688 -19.93 49.94 -40.95
N ALA D 689 -20.31 48.96 -41.76
CA ALA D 689 -21.66 48.90 -42.32
C ALA D 689 -22.02 50.22 -43.01
N GLY D 690 -21.06 50.71 -43.80
CA GLY D 690 -21.22 51.95 -44.54
C GLY D 690 -20.96 53.22 -43.77
N LEU D 691 -20.86 53.16 -42.44
CA LEU D 691 -20.70 54.35 -41.63
C LEU D 691 -19.22 54.70 -41.49
N ARG D 692 -18.60 55.00 -42.63
CA ARG D 692 -17.21 55.42 -42.67
C ARG D 692 -17.09 56.68 -43.52
N TRP D 693 -16.18 57.56 -43.12
CA TRP D 693 -15.92 58.82 -43.79
C TRP D 693 -14.41 58.97 -43.93
N ASN D 694 -14.00 59.80 -44.88
CA ASN D 694 -12.60 60.23 -44.98
C ASN D 694 -12.56 61.75 -44.81
N CYS D 695 -11.91 62.21 -43.74
CA CYS D 695 -11.99 63.59 -43.32
C CYS D 695 -10.61 64.13 -43.01
N VAL D 696 -10.42 65.41 -43.31
CA VAL D 696 -9.17 66.09 -42.98
C VAL D 696 -9.18 66.48 -41.51
N TYR D 697 -8.08 66.18 -40.83
CA TYR D 697 -7.84 66.71 -39.50
C TYR D 697 -7.01 67.98 -39.66
N GLN D 698 -7.26 68.96 -38.80
CA GLN D 698 -6.38 70.11 -38.72
C GLN D 698 -5.28 69.80 -37.72
N GLU D 699 -4.11 70.41 -37.94
CA GLU D 699 -3.02 70.22 -36.99
C GLU D 699 -3.45 70.66 -35.61
N GLY D 700 -3.07 69.88 -34.59
CA GLY D 700 -3.54 70.12 -33.24
C GLY D 700 -4.86 69.45 -32.95
N MET D 701 -5.66 70.04 -32.06
CA MET D 701 -6.86 69.39 -31.55
C MET D 701 -8.01 69.42 -32.53
N ASN D 702 -8.72 68.30 -32.63
CA ASN D 702 -9.92 68.15 -33.44
C ASN D 702 -11.02 67.57 -32.59
N GLU D 703 -12.25 67.94 -32.91
CA GLU D 703 -13.43 67.40 -32.25
C GLU D 703 -14.28 66.69 -33.30
N ILE D 704 -14.60 65.42 -33.06
CA ILE D 704 -15.41 64.63 -33.97
C ILE D 704 -16.71 64.27 -33.28
N ARG D 705 -17.82 64.53 -33.96
CA ARG D 705 -19.15 64.29 -33.42
C ARG D 705 -19.93 63.46 -34.41
N ALA D 706 -20.73 62.53 -33.89
CA ALA D 706 -21.56 61.66 -34.70
C ALA D 706 -22.97 61.69 -34.15
N VAL D 707 -23.94 61.87 -35.03
CA VAL D 707 -25.34 61.93 -34.64
C VAL D 707 -26.09 60.93 -35.49
N GLY D 708 -26.79 59.99 -34.84
CA GLY D 708 -27.48 58.94 -35.54
C GLY D 708 -28.94 58.89 -35.11
N VAL D 709 -29.77 58.37 -36.00
CA VAL D 709 -31.19 58.24 -35.77
C VAL D 709 -31.62 56.81 -36.09
N LYS D 710 -32.46 56.25 -35.24
CA LYS D 710 -33.01 54.92 -35.45
C LYS D 710 -34.51 55.07 -35.69
N LYS D 711 -34.93 54.82 -36.93
CA LYS D 711 -36.30 55.12 -37.32
C LYS D 711 -37.28 54.28 -36.50
N LYS D 712 -37.01 52.98 -36.38
CA LYS D 712 -37.83 52.10 -35.55
C LYS D 712 -37.94 52.75 -34.17
N GLU D 713 -39.04 53.47 -33.95
CA GLU D 713 -39.33 54.23 -32.72
C GLU D 713 -39.27 55.71 -33.03
N LYS D 714 -38.14 56.36 -32.72
CA LYS D 714 -38.02 57.80 -32.87
C LYS D 714 -36.85 58.33 -32.05
N LYS D 715 -35.74 57.60 -32.03
CA LYS D 715 -34.63 57.93 -31.15
C LYS D 715 -33.46 58.51 -31.93
N GLU D 716 -32.80 59.49 -31.32
CA GLU D 716 -31.55 60.07 -31.80
C GLU D 716 -30.48 59.85 -30.75
N VAL D 717 -29.26 59.52 -31.19
CA VAL D 717 -28.12 59.35 -30.29
C VAL D 717 -26.90 59.98 -30.94
N SER D 718 -25.94 60.37 -30.12
CA SER D 718 -24.74 61.02 -30.63
C SER D 718 -23.53 60.58 -29.80
N ASP D 719 -22.36 60.76 -30.38
CA ASP D 719 -21.09 60.45 -29.74
C ASP D 719 -20.12 61.57 -30.09
N VAL D 720 -19.12 61.76 -29.23
CA VAL D 720 -18.12 62.81 -29.43
C VAL D 720 -16.77 62.33 -28.92
N ILE D 721 -15.72 62.54 -29.72
CA ILE D 721 -14.36 62.29 -29.29
C ILE D 721 -13.51 63.50 -29.67
N ARG D 722 -12.42 63.66 -28.93
CA ARG D 722 -11.42 64.67 -29.22
C ARG D 722 -10.11 63.97 -29.51
N GLN D 723 -9.51 64.29 -30.64
CA GLN D 723 -8.25 63.68 -31.04
C GLN D 723 -7.33 64.77 -31.52
N GLU D 724 -6.08 64.69 -31.11
CA GLU D 724 -5.09 65.53 -31.72
C GLU D 724 -4.67 64.92 -33.04
N TYR D 725 -4.26 65.78 -33.97
CA TYR D 725 -3.72 65.32 -35.25
C TYR D 725 -2.30 65.85 -35.32
N GLN D 726 -1.35 64.94 -35.43
CA GLN D 726 0.05 65.30 -35.42
C GLN D 726 0.65 65.09 -36.80
N THR D 727 1.10 66.17 -37.40
CA THR D 727 1.98 66.08 -38.55
C THR D 727 3.39 66.22 -38.00
N ALA D 728 4.36 65.75 -38.79
CA ALA D 728 5.78 65.79 -38.43
C ALA D 728 6.20 64.38 -38.03
N LYS D 729 7.32 63.95 -38.58
CA LYS D 729 7.83 62.62 -38.36
C LYS D 729 8.65 62.56 -37.08
N TRP D 730 8.77 61.35 -36.54
CA TRP D 730 9.57 61.11 -35.35
C TRP D 730 10.74 60.22 -35.72
N ASP D 731 11.84 60.42 -35.04
CA ASP D 731 13.04 59.63 -35.27
C ASP D 731 13.05 58.45 -34.29
N LYS D 732 14.20 57.81 -34.09
CA LYS D 732 14.30 56.74 -33.10
C LYS D 732 13.98 57.26 -31.71
N GLU D 733 13.50 56.37 -30.85
CA GLU D 733 13.21 56.77 -29.47
C GLU D 733 14.49 57.21 -28.77
N ALA D 734 14.40 58.31 -28.03
CA ALA D 734 15.60 58.87 -27.42
C ALA D 734 15.40 59.13 -25.93
N ALA D 735 14.17 59.36 -25.48
CA ALA D 735 13.96 59.66 -24.07
C ALA D 735 12.53 59.32 -23.66
N CYS D 736 12.34 59.13 -22.36
CA CYS D 736 11.02 58.97 -21.75
C CYS D 736 10.68 60.25 -21.03
N GLN D 737 9.58 60.89 -21.44
CA GLN D 737 9.07 62.07 -20.79
C GLN D 737 7.98 61.66 -19.81
N VAL D 738 8.20 61.98 -18.54
CA VAL D 738 7.34 61.54 -17.44
C VAL D 738 6.69 62.75 -16.81
N SER D 739 5.37 62.69 -16.61
CA SER D 739 4.64 63.82 -16.07
C SER D 739 3.42 63.32 -15.31
N LEU D 740 2.92 64.19 -14.42
CA LEU D 740 1.69 63.95 -13.67
C LEU D 740 0.50 64.36 -14.52
N LEU D 741 -0.31 63.39 -14.93
CA LEU D 741 -1.41 63.68 -15.83
C LEU D 741 -2.63 64.23 -15.09
N SER D 742 -3.01 63.61 -13.98
CA SER D 742 -4.14 64.10 -13.21
C SER D 742 -4.10 63.47 -11.81
N GLU D 743 -5.03 63.92 -10.96
CA GLU D 743 -5.13 63.44 -9.60
C GLU D 743 -6.59 63.25 -9.24
N GLU D 744 -6.83 62.26 -8.37
CA GLU D 744 -8.16 62.04 -7.80
C GLU D 744 -7.92 61.53 -6.39
N GLY D 745 -8.21 62.38 -5.40
CA GLY D 745 -7.97 61.98 -4.02
C GLY D 745 -6.50 61.69 -3.79
N ASP D 746 -6.23 60.53 -3.20
CA ASP D 746 -4.86 60.13 -2.89
C ASP D 746 -4.14 59.47 -4.08
N THR D 747 -4.76 59.44 -5.25
CA THR D 747 -4.23 58.73 -6.41
C THR D 747 -3.70 59.70 -7.45
N ALA D 748 -2.55 59.36 -8.04
CA ALA D 748 -1.94 60.13 -9.10
C ALA D 748 -1.85 59.27 -10.36
N LEU D 749 -2.24 59.84 -11.50
CA LEU D 749 -2.13 59.17 -12.79
C LEU D 749 -0.87 59.71 -13.48
N VAL D 750 0.13 58.84 -13.62
CA VAL D 750 1.41 59.20 -14.22
C VAL D 750 1.41 58.79 -15.68
N GLN D 751 1.96 59.64 -16.53
CA GLN D 751 2.04 59.38 -17.96
C GLN D 751 3.50 59.38 -18.41
N VAL D 752 3.83 58.44 -19.28
CA VAL D 752 5.12 58.34 -19.93
C VAL D 752 4.91 58.52 -21.42
N GLN D 753 5.78 59.32 -22.05
CA GLN D 753 5.73 59.52 -23.49
C GLN D 753 7.12 59.33 -24.04
N LEU D 754 7.27 58.39 -24.97
CA LEU D 754 8.52 58.22 -25.68
C LEU D 754 8.65 59.29 -26.76
N ILE D 755 9.80 59.98 -26.78
CA ILE D 755 10.06 61.06 -27.72
C ILE D 755 11.44 60.86 -28.34
N ASP D 756 11.64 61.49 -29.51
CA ASP D 756 12.92 61.37 -30.19
C ASP D 756 13.85 62.50 -29.77
N LYS D 757 15.05 62.52 -30.37
CA LYS D 757 16.05 63.51 -29.97
C LYS D 757 15.56 64.94 -30.14
N ASN D 758 14.51 65.15 -30.93
CA ASN D 758 13.97 66.48 -31.17
C ASN D 758 12.65 66.71 -30.43
N GLY D 759 12.29 65.83 -29.50
CA GLY D 759 11.09 66.04 -28.71
C GLY D 759 9.80 65.65 -29.39
N ILE D 760 9.87 64.99 -30.54
CA ILE D 760 8.67 64.54 -31.23
C ILE D 760 8.18 63.24 -30.60
N ARG D 761 6.87 63.14 -30.41
CA ARG D 761 6.27 61.91 -29.92
C ARG D 761 6.52 60.78 -30.92
N CYS D 762 6.97 59.64 -30.41
CA CYS D 762 7.14 58.44 -31.23
C CYS D 762 5.83 57.66 -31.21
N LEU D 763 4.88 58.09 -32.03
CA LEU D 763 3.50 57.63 -31.92
C LEU D 763 3.31 56.17 -32.35
N SER D 764 4.32 55.53 -32.92
CA SER D 764 4.22 54.14 -33.32
C SER D 764 4.99 53.20 -32.40
N SER D 765 5.61 53.72 -31.34
CA SER D 765 6.49 52.89 -30.53
C SER D 765 5.70 51.91 -29.68
N LYS D 766 6.28 50.72 -29.51
CA LYS D 766 5.76 49.65 -28.67
C LYS D 766 6.78 49.24 -27.61
N LYS D 767 7.82 50.05 -27.38
CA LYS D 767 8.87 49.70 -26.43
C LYS D 767 8.27 49.42 -25.05
N GLN D 768 8.86 48.45 -24.35
CA GLN D 768 8.41 48.15 -22.99
C GLN D 768 8.87 49.23 -22.01
N ILE D 769 7.96 49.64 -21.14
CA ILE D 769 8.24 50.60 -20.08
C ILE D 769 8.17 49.89 -18.73
N THR D 770 9.14 50.17 -17.87
CA THR D 770 9.19 49.62 -16.52
C THR D 770 9.04 50.74 -15.50
N PHE D 771 8.09 50.58 -14.58
CA PHE D 771 7.86 51.55 -13.51
C PHE D 771 8.45 51.04 -12.20
N GLU D 772 9.08 51.94 -11.47
CA GLU D 772 9.53 51.68 -10.11
C GLU D 772 9.11 52.84 -9.23
N ILE D 773 9.01 52.59 -7.93
CA ILE D 773 8.67 53.63 -6.98
C ILE D 773 9.47 53.42 -5.70
N ALA D 774 9.89 54.52 -5.08
CA ALA D 774 10.51 54.51 -3.77
C ALA D 774 9.92 55.67 -2.96
N GLY D 775 9.59 55.40 -1.71
CA GLY D 775 8.97 56.40 -0.87
C GLY D 775 7.67 55.87 -0.29
N ASP D 776 6.77 56.79 0.06
CA ASP D 776 5.57 56.43 0.82
C ASP D 776 4.50 55.78 -0.03
N GLY D 777 4.49 56.03 -1.34
CA GLY D 777 3.43 55.54 -2.20
C GLY D 777 3.74 54.15 -2.76
N SER D 778 2.80 53.66 -3.55
CA SER D 778 2.95 52.36 -4.19
C SER D 778 2.30 52.37 -5.55
N LEU D 779 2.88 51.60 -6.47
CA LEU D 779 2.28 51.43 -7.78
C LEU D 779 1.00 50.63 -7.65
N ILE D 780 -0.04 51.05 -8.38
CA ILE D 780 -1.24 50.26 -8.54
C ILE D 780 -1.01 49.37 -9.77
N CYS D 781 -0.44 48.19 -9.53
CA CYS D 781 0.01 47.36 -10.64
C CYS D 781 -0.42 45.91 -10.48
N ASN D 782 0.11 45.03 -11.34
CA ASN D 782 -0.28 43.63 -11.33
C ASN D 782 -1.80 43.48 -11.45
N LEU D 783 -2.42 44.36 -12.23
CA LEU D 783 -3.83 44.23 -12.52
C LEU D 783 -4.09 43.52 -13.84
N GLY D 784 -3.06 43.33 -14.67
CA GLY D 784 -3.28 42.69 -15.95
C GLY D 784 -3.96 43.57 -16.98
N THR D 785 -3.81 44.89 -16.86
CA THR D 785 -4.33 45.84 -17.84
C THR D 785 -3.20 46.74 -18.32
N SER D 786 -3.40 47.32 -19.51
CA SER D 786 -2.36 48.16 -20.10
C SER D 786 -2.10 49.46 -19.32
N THR D 787 -2.99 49.84 -18.40
CA THR D 787 -2.75 50.97 -17.51
C THR D 787 -2.53 50.54 -16.07
N GLY D 788 -2.43 49.23 -15.81
CA GLY D 788 -2.16 48.76 -14.48
C GLY D 788 -1.03 47.76 -14.43
N SER D 789 0.05 48.04 -15.15
CA SER D 789 1.15 47.09 -15.25
C SER D 789 2.46 47.85 -15.07
N ARG D 790 3.30 47.37 -14.15
CA ARG D 790 4.58 48.06 -13.92
C ARG D 790 5.60 47.72 -14.98
N LYS D 791 5.34 46.70 -15.80
CA LYS D 791 6.07 46.47 -17.04
C LYS D 791 5.04 46.28 -18.13
N VAL D 792 5.10 47.12 -19.16
CA VAL D 792 4.08 47.12 -20.20
C VAL D 792 4.68 47.68 -21.48
N GLN D 793 4.22 47.16 -22.60
CA GLN D 793 4.56 47.73 -23.89
C GLN D 793 3.81 49.04 -24.10
N ALA D 794 4.50 50.03 -24.65
CA ALA D 794 3.86 51.31 -24.93
C ALA D 794 2.77 51.14 -25.98
N TYR D 795 1.71 51.92 -25.84
CA TYR D 795 0.64 52.03 -26.82
C TYR D 795 0.74 53.42 -27.47
N ASN D 796 1.12 53.44 -28.75
CA ASN D 796 1.38 54.67 -29.48
C ASN D 796 2.41 55.54 -28.74
N GLY D 797 3.45 54.89 -28.22
CA GLY D 797 4.56 55.59 -27.62
C GLY D 797 4.33 56.07 -26.19
N ARG D 798 3.18 55.77 -25.59
CA ARG D 798 2.92 56.18 -24.21
C ARG D 798 2.55 54.99 -23.33
N ALA D 799 2.60 55.22 -22.03
CA ALA D 799 2.19 54.25 -21.01
C ALA D 799 1.69 55.03 -19.81
N LEU D 800 0.62 54.54 -19.19
CA LEU D 800 0.03 55.18 -18.02
C LEU D 800 0.02 54.22 -16.84
N ILE D 801 0.16 54.76 -15.63
CA ILE D 801 -0.07 53.98 -14.42
C ILE D 801 -0.51 54.91 -13.31
N ARG D 802 -1.34 54.40 -12.41
CA ARG D 802 -1.76 55.15 -11.23
C ARG D 802 -0.88 54.80 -10.04
N ILE D 803 -0.59 55.80 -9.22
CA ILE D 803 0.17 55.65 -7.99
C ILE D 803 -0.74 55.98 -6.81
N LYS D 804 -0.77 55.08 -5.82
CA LYS D 804 -1.39 55.35 -4.53
C LYS D 804 -0.38 56.09 -3.66
N ARG D 805 -0.64 57.36 -3.36
CA ARG D 805 0.37 58.21 -2.73
C ARG D 805 0.46 58.03 -1.22
N ASN D 806 -0.59 57.50 -0.59
CA ASN D 806 -0.59 57.33 0.87
C ASN D 806 -0.28 58.64 1.57
N GLU D 807 -0.69 59.76 0.95
CA GLU D 807 -0.56 61.10 1.52
C GLU D 807 0.88 61.41 1.91
N GLY D 808 1.83 60.82 1.20
CA GLY D 808 3.24 61.03 1.47
C GLY D 808 3.99 61.41 0.20
N ASN D 809 5.30 61.24 0.23
CA ASN D 809 6.14 61.63 -0.89
C ASN D 809 6.82 60.41 -1.50
N SER D 810 6.88 60.38 -2.82
CA SER D 810 7.50 59.29 -3.54
C SER D 810 8.32 59.84 -4.70
N VAL D 811 9.20 58.99 -5.23
CA VAL D 811 9.87 59.23 -6.50
C VAL D 811 9.62 58.01 -7.38
N VAL D 812 9.12 58.25 -8.58
CA VAL D 812 8.86 57.20 -9.57
C VAL D 812 10.03 57.19 -10.53
N ALA D 813 10.55 56.00 -10.82
CA ALA D 813 11.55 55.83 -11.86
C ALA D 813 10.92 55.10 -13.04
N VAL D 814 11.33 55.48 -14.24
CA VAL D 814 10.76 54.96 -15.48
C VAL D 814 11.91 54.50 -16.34
N LYS D 815 11.94 53.20 -16.65
CA LYS D 815 13.03 52.62 -17.41
C LYS D 815 12.52 52.16 -18.76
N SER D 816 13.42 52.15 -19.73
CA SER D 816 13.15 51.59 -21.04
C SER D 816 14.51 51.28 -21.67
N GLU D 817 14.61 50.11 -22.30
CA GLU D 817 15.91 49.63 -22.72
C GLU D 817 16.57 50.61 -23.68
N GLY D 818 17.86 50.87 -23.43
CA GLY D 818 18.65 51.76 -24.24
C GLY D 818 18.37 53.23 -24.03
N LEU D 819 17.42 53.58 -23.19
CA LEU D 819 17.19 54.98 -22.90
C LEU D 819 17.64 55.30 -21.49
N PRO D 820 18.00 56.54 -21.22
CA PRO D 820 18.35 56.92 -19.84
C PRO D 820 17.10 56.88 -18.97
N THR D 821 17.29 56.41 -17.74
CA THR D 821 16.18 56.30 -16.80
C THR D 821 15.66 57.67 -16.40
N ALA D 822 14.34 57.81 -16.38
CA ALA D 822 13.68 59.06 -16.03
C ALA D 822 13.12 59.00 -14.61
N PHE D 823 12.89 60.18 -14.03
CA PHE D 823 12.40 60.27 -12.67
C PHE D 823 11.29 61.31 -12.58
N LEU D 824 10.33 61.05 -11.71
CA LEU D 824 9.22 61.97 -11.45
C LEU D 824 8.95 62.00 -9.96
N GLU D 825 8.93 63.21 -9.40
CA GLU D 825 8.62 63.38 -7.99
C GLU D 825 7.12 63.48 -7.79
N LEU D 826 6.62 62.83 -6.74
CA LEU D 826 5.21 62.90 -6.36
C LEU D 826 5.13 63.26 -4.89
N LYS D 827 4.63 64.46 -4.60
CA LYS D 827 4.42 64.96 -3.26
C LYS D 827 2.93 65.07 -2.95
N SER D 828 2.62 65.21 -1.66
CA SER D 828 1.23 65.40 -1.24
C SER D 828 1.01 66.79 -0.65
#